data_7VZR
#
_entry.id   7VZR
#
loop_
_entity.id
_entity.type
_entity.pdbx_description
1 polymer 'Photosynthetic reaction center subunit M'
2 polymer 'Cytochrome c, mono-and diheme variants'
3 polymer PscE
4 polymer PscF
5 polymer PscG
6 polymer 'undefined polypeptide'
7 polymer 'Cytochrome c domain-containing protein'
8 non-polymer '[methyl 9-acetyl-14-ethyl-20-hydroxy-4,8,13,18-tetramethyl-3-{3-oxo-3-[(3,7,11,15-tetramethylhexadec-2-en-1-yl)oxy]propyl}-3,4,20,21-tetradehydrophorbine-21-carboxylatato(2-)-kappa~4~N~23~,N~24~,N~25~,N~26~]zinc'
9 non-polymer 'BACTERIOCHLOROPHYLL A'
10 non-polymer 'CHLOROPHYLL A'
11 non-polymer LYCOPENE
12 non-polymer 'CALCIUM ION'
13 non-polymer '[(2~{R})-2-[2-(methylamino)ethoxy-oxidanyl-phosphoryl]oxy-2-(13-methyltetradecanoyloxy)ethyl] 13-methyltetradecanoate'
14 non-polymer 'UNKNOWN LIGAND'
15 non-polymer [(2~{S})-2-[[(1~{R})-1,2-bis(13-methyltetradecanoyloxy)ethoxy]methyl]-3-oxidanyl-3-oxidanylidene-propyl]-trimethyl-azanium
16 non-polymer 'HEME C'
17 non-polymer '[(2S)-2-[2-azanylethoxy(oxidanyl)phosphoryl]oxy-2-(13-methyltetradecanoyloxy)ethyl] 13-methyltetradecanoate'
18 non-polymer 'IRON/SULFUR CLUSTER'
19 water water
#
loop_
_entity_poly.entity_id
_entity_poly.type
_entity_poly.pdbx_seq_one_letter_code
_entity_poly.pdbx_strand_id
1 'polypeptide(L)'
;MASFSSYANGVKRWYQKLELPMPPERIFGAHMMLIGGLACLIGTYFFASMTMWNDGYVNLTLRPRLISLGIYDPYDTEQI
QRVWLPLIGEFSTSKLPFFGQYPLTMTDFRLFGWGCFHIGLGLWLVYAGAAHYYGARGGATIGEIFWLLPYVPGLKGLCQ
IKWFTPEGPWYKVGLPWGSFANTPWPILRRTYADALSPHTIYIGLLFFIWGFVLWFVLDKPPVPLQPAQVMTPNGLMPLE
QAPFPYGWFDPYLNQVMHPMNTINGETTMCFVWGVLFVALGAYWWYRPPRSINITHLEDTKAVFHVHLTAIGYVSFALAI
VGFLALRNHPSYLMLNDMNVIIYGKKIVNPGRMIHNMITFNHVQVGLLYVAAGVFHGGQYLHGLNISGAYKQARSKFITW
FQNPDLQTKIVGTTMFVSFVTVVFGYGMICWNTGAELDLNFGIYQFRSFRAIQMDGEAGNIGYRVFRPKNPWDPTAGGDW
VKNPDGTAKLVKARNLQVGDRILNEELGIGSSPTYSFTTIEEINYKPEWGQPKLYAVQWGSWTHFLRKVNPLFWVDKGIW
YLQNQKTFEATRKADEAYLAAHLKAVSLLNQIDDAQTEEAKQKAQAELDKFRPELEKAHANMLEWNERLASTPAVLYSNL
RDQHRDGEINDAIFFWLMIGGWLFGFIPLLRIAFHNYQSPWYRDFEWRKQSPDFPCIGPVKGGTCGVSIQDQLWFCILFS
IKPLSAIAWYLDGGWIATMMARGNEAYYLTHNISHTGGVFLYMWNETTWIWTDNHLTAMLLLGHLIWFVSFALWFKDRGS
RAEGGDIQSRWVRLMGKRLGIKTLQEVRFPVSNLATAKLWGTVFFYTGTFVLVFLYFADGFFQNR
;
A,a
2 'polypeptide(L)'
;MKSIKIIVLGSALALLVGGCFVGSRDPNETRYPKAPMPLQNQTSTLKTAEEIRRESVAQNTPGAREAAALRDRVTPLNLQ
QVNEQDVAGNDPLGSPARVVLDEGEMYRDPVEIYREGRALFQNNCVGCHGHNGCGNVPRSTNFTDPGWQENNSDGGIYSS
IYNGKGIGNGGGAMPAYYNQLSPQQIRYLVAYLRAFKGRQCNGLPTLSDVERMVAERQNKP
;
C
3 'polypeptide(L)' MTAILLACLFVLGGYAALWGIIKFVVANTKDIAAN E,e
4 'polypeptide(L)' MWNVVGQIISVLCFFILTVGTLFGIVYVSHLLSRG F,f
5 'polypeptide(L)' MEGVAMEDISKVAWAWFGVLLAICLIGAFGNYVPKLFVKMLMFLN G,g
6 'polypeptide(L)'
;(UNK)(UNK)(UNK)(UNK)(UNK)(UNK)(UNK)(UNK)(UNK)(UNK)(UNK)(UNK)(UNK)(UNK)(UNK)(UNK)
(UNK)(UNK)(UNK)
;
H,h
7 'polypeptide(L)'
;VMATGCFVGARNASEPRLGSSSIAASRTAPAYLREAQVLYEGSTDGLPKDTPADEIAHYKAMLAELQTRNYAACAGCHQV
NGGGNKAINATNFQDAGWQANNSSPGMVTSIVNGKGKVMPAYKDKLTLQQINYLVEYIRRFEKKR
;
c
#
loop_
_chem_comp.id
_chem_comp.type
_chem_comp.name
_chem_comp.formula
2GO non-polymer '[methyl 9-acetyl-14-ethyl-20-hydroxy-4,8,13,18-tetramethyl-3-{3-oxo-3-[(3,7,11,15-tetramethylhexadec-2-en-1-yl)oxy]propyl}-3,4,20,21-tetradehydrophorbine-21-carboxylatato(2-)-kappa~4~N~23~,N~24~,N~25~,N~26~]zinc' 'C55 H70 N4 O6 Zn'
84Q non-polymer '[(2S)-2-[2-azanylethoxy(oxidanyl)phosphoryl]oxy-2-(13-methyltetradecanoyloxy)ethyl] 13-methyltetradecanoate' 'C34 H68 N O8 P'
85I non-polymer '[(2~{R})-2-[2-(methylamino)ethoxy-oxidanyl-phosphoryl]oxy-2-(13-methyltetradecanoyloxy)ethyl] 13-methyltetradecanoate' 'C35 H70 N O8 P'
85N non-polymer [(2~{S})-2-[[(1~{R})-1,2-bis(13-methyltetradecanoyloxy)ethoxy]methyl]-3-oxidanyl-3-oxidanylidene-propyl]-trimethyl-azanium 'C39 H76 N O7 1'
BCL non-polymer 'BACTERIOCHLOROPHYLL A' 'C55 H74 Mg N4 O6'
CA non-polymer 'CALCIUM ION' 'Ca 2'
CLA non-polymer 'CHLOROPHYLL A' 'C55 H72 Mg N4 O5'
HEC non-polymer 'HEME C' 'C34 H34 Fe N4 O4'
LYC non-polymer LYCOPENE 'C40 H56'
SF4 non-polymer 'IRON/SULFUR CLUSTER' 'Fe4 S4'
UNL non-polymer 'UNKNOWN LIGAND' ?
#
# COMPACT_ATOMS: atom_id res chain seq x y z
N LYS A 12 23.32 -0.03 28.13
CA LYS A 12 24.16 -0.60 29.16
C LYS A 12 25.00 -1.71 28.60
N ARG A 13 25.95 -2.16 29.41
CA ARG A 13 27.01 -3.09 28.99
C ARG A 13 26.94 -4.49 28.53
N TRP A 14 25.80 -5.03 28.21
CA TRP A 14 25.88 -6.43 27.79
C TRP A 14 26.52 -6.58 26.42
N TYR A 15 26.40 -5.58 25.54
CA TYR A 15 26.99 -5.68 24.22
C TYR A 15 28.29 -5.04 24.28
N GLN A 16 28.82 -4.85 25.47
CA GLN A 16 30.08 -4.21 25.60
C GLN A 16 31.05 -5.11 26.29
N LYS A 17 30.83 -6.39 26.20
CA LYS A 17 31.73 -7.29 26.84
C LYS A 17 33.14 -7.20 26.32
N LEU A 18 33.33 -7.36 25.02
CA LEU A 18 34.62 -7.37 24.36
C LEU A 18 34.99 -6.08 23.71
N GLU A 19 35.76 -5.22 24.33
CA GLU A 19 36.06 -3.97 23.72
C GLU A 19 37.53 -3.83 23.49
N LEU A 20 37.94 -3.17 22.42
CA LEU A 20 39.32 -2.94 22.07
C LEU A 20 40.00 -1.93 22.83
N PRO A 21 41.30 -2.00 22.96
CA PRO A 21 42.34 -2.87 22.42
C PRO A 21 42.40 -4.25 22.96
N MET A 22 42.68 -5.24 22.14
CA MET A 22 42.93 -6.57 22.60
C MET A 22 44.34 -6.92 22.20
N PRO A 23 44.84 -7.96 22.71
CA PRO A 23 46.16 -8.45 22.36
C PRO A 23 46.15 -9.19 21.07
N PRO A 24 47.23 -9.26 20.34
CA PRO A 24 47.21 -10.01 19.08
C PRO A 24 46.73 -11.47 19.13
N GLU A 25 47.12 -12.32 20.05
CA GLU A 25 46.69 -13.65 19.99
C GLU A 25 45.28 -13.91 20.18
N ARG A 26 44.60 -13.04 20.78
CA ARG A 26 43.19 -13.20 20.97
C ARG A 26 42.40 -12.78 19.72
N ILE A 27 42.82 -11.73 19.03
CA ILE A 27 42.18 -11.35 17.77
C ILE A 27 42.46 -12.40 16.72
N PHE A 28 43.72 -12.70 16.52
CA PHE A 28 44.11 -13.77 15.67
C PHE A 28 43.26 -14.99 15.88
N GLY A 29 43.26 -15.52 17.10
CA GLY A 29 42.57 -16.77 17.36
C GLY A 29 41.09 -16.71 17.11
N ALA A 30 40.46 -15.61 17.39
CA ALA A 30 39.06 -15.56 17.06
C ALA A 30 38.79 -15.41 15.59
N HIS A 31 39.58 -14.68 14.85
CA HIS A 31 39.43 -14.70 13.41
C HIS A 31 39.62 -16.10 12.86
N MET A 32 40.64 -16.82 13.29
CA MET A 32 40.84 -18.16 12.77
C MET A 32 39.67 -19.07 13.05
N MET A 33 39.14 -18.99 14.28
CA MET A 33 37.96 -19.75 14.66
C MET A 33 36.74 -19.36 13.86
N LEU A 34 36.51 -18.09 13.63
CA LEU A 34 35.40 -17.68 12.78
C LEU A 34 35.55 -18.14 11.35
N ILE A 35 36.75 -18.06 10.78
CA ILE A 35 37.02 -18.59 9.46
C ILE A 35 36.67 -20.08 9.39
N GLY A 36 37.09 -20.87 10.37
CA GLY A 36 36.72 -22.25 10.37
C GLY A 36 35.24 -22.48 10.45
N GLY A 37 34.54 -21.67 11.22
CA GLY A 37 33.11 -21.71 11.31
C GLY A 37 32.37 -21.40 10.04
N LEU A 38 32.76 -20.35 9.35
CA LEU A 38 32.25 -20.08 8.01
C LEU A 38 32.51 -21.21 7.02
N ALA A 39 33.73 -21.76 7.00
CA ALA A 39 33.95 -22.90 6.14
C ALA A 39 32.97 -24.06 6.46
N CYS A 40 32.65 -24.32 7.72
CA CYS A 40 31.60 -25.30 8.01
C CYS A 40 30.20 -24.90 7.47
N LEU A 41 29.79 -23.66 7.62
CA LEU A 41 28.51 -23.28 7.06
C LEU A 41 28.45 -23.41 5.54
N ILE A 42 29.46 -22.92 4.82
CA ILE A 42 29.56 -23.12 3.38
C ILE A 42 29.49 -24.61 3.03
N GLY A 43 30.16 -25.46 3.79
CA GLY A 43 30.04 -26.87 3.55
C GLY A 43 28.63 -27.40 3.58
N THR A 44 27.86 -26.96 4.55
CA THR A 44 26.45 -27.28 4.52
C THR A 44 25.73 -26.63 3.34
N TYR A 45 26.15 -25.49 2.86
CA TYR A 45 25.42 -24.92 1.74
C TYR A 45 25.68 -25.75 0.47
N PHE A 46 26.80 -26.41 0.42
CA PHE A 46 27.15 -27.34 -0.62
C PHE A 46 26.28 -28.56 -0.58
N PHE A 47 25.98 -29.07 0.62
CA PHE A 47 25.02 -30.16 0.76
C PHE A 47 23.60 -29.77 0.33
N ALA A 48 23.15 -28.56 0.61
CA ALA A 48 21.84 -28.09 0.26
C ALA A 48 21.68 -27.73 -1.20
N SER A 49 22.74 -27.68 -1.95
CA SER A 49 22.73 -27.50 -3.37
C SER A 49 22.41 -28.76 -4.14
N MET A 50 22.46 -29.94 -3.53
CA MET A 50 22.25 -31.19 -4.25
C MET A 50 20.83 -31.31 -4.81
N THR A 51 20.70 -32.04 -5.90
CA THR A 51 19.57 -31.90 -6.83
C THR A 51 18.30 -32.53 -6.33
N MET A 52 18.31 -33.21 -5.20
CA MET A 52 17.09 -33.80 -4.68
C MET A 52 16.23 -32.78 -3.96
N TRP A 53 16.78 -31.64 -3.60
CA TRP A 53 16.10 -30.62 -2.84
C TRP A 53 15.31 -29.69 -3.76
N ASN A 54 14.34 -29.00 -3.19
CA ASN A 54 13.77 -27.81 -3.81
C ASN A 54 14.79 -26.67 -4.00
N ASP A 55 14.55 -25.83 -4.99
CA ASP A 55 15.12 -24.49 -5.03
C ASP A 55 14.69 -23.68 -3.81
N GLY A 56 15.63 -23.03 -3.20
CA GLY A 56 15.38 -22.00 -2.24
C GLY A 56 16.37 -20.89 -2.46
N TYR A 57 16.26 -19.85 -1.64
CA TYR A 57 17.11 -18.68 -1.77
C TYR A 57 18.57 -18.96 -1.47
N VAL A 58 18.90 -19.88 -0.58
CA VAL A 58 20.28 -20.16 -0.25
C VAL A 58 20.97 -20.88 -1.42
N ASN A 59 20.36 -21.97 -1.92
CA ASN A 59 20.99 -22.73 -3.00
C ASN A 59 20.88 -22.01 -4.34
N LEU A 60 19.89 -21.15 -4.51
CA LEU A 60 19.82 -20.38 -5.72
C LEU A 60 20.90 -19.32 -5.79
N THR A 61 21.23 -18.64 -4.68
CA THR A 61 22.29 -17.64 -4.74
C THR A 61 23.66 -18.26 -4.98
N LEU A 62 23.83 -19.55 -4.75
CA LEU A 62 25.09 -20.13 -5.24
C LEU A 62 25.05 -20.87 -6.58
N ARG A 63 23.98 -21.08 -7.21
CA ARG A 63 24.09 -21.92 -8.39
C ARG A 63 24.76 -21.30 -9.63
N PRO A 64 24.56 -20.02 -9.95
CA PRO A 64 25.28 -19.50 -11.12
C PRO A 64 26.78 -19.56 -10.98
N ARG A 65 27.28 -19.49 -9.77
CA ARG A 65 28.70 -19.57 -9.59
C ARG A 65 29.21 -20.98 -9.73
N LEU A 66 28.50 -21.93 -9.18
CA LEU A 66 28.85 -23.33 -9.34
C LEU A 66 28.69 -23.85 -10.77
N ILE A 67 27.78 -23.30 -11.56
CA ILE A 67 27.75 -23.53 -13.00
C ILE A 67 29.00 -22.96 -13.67
N SER A 68 29.40 -21.73 -13.32
CA SER A 68 30.56 -21.15 -13.99
C SER A 68 31.83 -21.92 -13.66
N LEU A 69 31.86 -22.58 -12.50
CA LEU A 69 33.00 -23.35 -12.05
C LEU A 69 33.06 -24.75 -12.61
N GLY A 70 32.01 -25.24 -13.21
CA GLY A 70 31.99 -26.59 -13.68
C GLY A 70 31.53 -27.62 -12.71
N ILE A 71 31.20 -27.24 -11.49
CA ILE A 71 30.84 -28.18 -10.46
C ILE A 71 29.36 -28.53 -10.57
N TYR A 72 28.51 -27.57 -10.87
CA TYR A 72 27.11 -27.85 -11.16
C TYR A 72 26.93 -27.97 -12.65
N ASP A 73 26.47 -29.12 -13.10
CA ASP A 73 26.30 -29.38 -14.52
C ASP A 73 24.83 -29.52 -14.89
N PRO A 74 24.25 -28.59 -15.65
CA PRO A 74 22.81 -28.61 -15.87
C PRO A 74 22.33 -29.77 -16.71
N TYR A 75 23.14 -30.30 -17.59
CA TYR A 75 22.82 -31.34 -18.55
C TYR A 75 23.18 -32.72 -18.06
N ASP A 76 23.34 -32.89 -16.79
CA ASP A 76 23.76 -34.13 -16.18
C ASP A 76 22.56 -34.91 -15.71
N THR A 77 22.35 -36.08 -16.30
CA THR A 77 21.17 -36.88 -16.09
C THR A 77 21.44 -38.26 -15.56
N GLU A 78 22.59 -38.83 -15.80
CA GLU A 78 22.79 -40.21 -15.40
C GLU A 78 22.90 -40.41 -13.89
N GLN A 79 22.46 -41.55 -13.42
CA GLN A 79 22.58 -41.91 -12.03
C GLN A 79 23.71 -42.90 -11.85
N ILE A 80 24.37 -42.81 -10.72
CA ILE A 80 25.69 -43.40 -10.48
C ILE A 80 25.53 -44.54 -9.51
N GLN A 81 26.36 -45.61 -9.61
CA GLN A 81 26.34 -46.77 -8.72
C GLN A 81 27.70 -47.29 -8.23
N ARG A 82 28.80 -46.72 -8.66
CA ARG A 82 30.15 -47.09 -8.24
C ARG A 82 31.05 -46.01 -8.78
N VAL A 83 31.71 -45.28 -7.91
CA VAL A 83 32.54 -44.22 -8.43
C VAL A 83 33.90 -44.06 -7.73
N TRP A 84 33.95 -44.10 -6.40
CA TRP A 84 35.27 -44.07 -5.75
C TRP A 84 35.55 -45.47 -5.24
N LEU A 85 34.55 -46.09 -4.63
CA LEU A 85 34.73 -47.47 -4.18
C LEU A 85 33.42 -48.18 -4.16
N PRO A 86 33.45 -49.42 -4.55
CA PRO A 86 32.37 -50.40 -4.71
C PRO A 86 31.21 -50.42 -3.70
N LEU A 87 30.35 -49.41 -3.69
CA LEU A 87 29.21 -49.35 -2.76
C LEU A 87 28.30 -48.19 -3.13
N ILE A 88 28.22 -47.83 -4.40
CA ILE A 88 27.55 -46.57 -4.70
C ILE A 88 26.16 -46.35 -5.36
N GLY A 89 25.19 -47.25 -5.31
CA GLY A 89 23.89 -46.91 -5.86
C GLY A 89 23.21 -46.17 -4.73
N GLU A 90 22.64 -46.97 -3.85
CA GLU A 90 22.01 -46.68 -2.59
C GLU A 90 22.53 -47.76 -1.66
N PHE A 91 22.46 -47.76 -0.28
CA PHE A 91 22.77 -48.97 0.62
C PHE A 91 22.23 -48.65 2.01
N SER A 92 22.06 -49.69 2.85
CA SER A 92 21.68 -49.65 4.27
C SER A 92 22.49 -48.62 5.06
N THR A 93 21.85 -47.87 6.01
CA THR A 93 22.57 -46.78 6.77
C THR A 93 23.34 -45.87 5.78
N SER A 94 22.56 -45.42 4.79
CA SER A 94 22.90 -44.64 3.64
C SER A 94 23.98 -45.03 2.62
N LYS A 95 25.08 -45.67 3.09
CA LYS A 95 26.35 -45.97 2.33
C LYS A 95 27.12 -44.67 2.15
N LEU A 96 26.47 -43.54 2.43
CA LEU A 96 27.06 -42.21 2.27
C LEU A 96 26.07 -41.28 2.94
N PRO A 97 25.53 -41.73 4.08
CA PRO A 97 24.57 -41.52 5.16
C PRO A 97 23.63 -40.35 4.85
N PHE A 98 22.34 -40.65 4.89
CA PHE A 98 21.21 -39.84 4.50
C PHE A 98 21.19 -39.50 2.99
N PHE A 99 22.18 -39.87 2.18
CA PHE A 99 22.09 -39.50 0.78
C PHE A 99 21.80 -40.67 -0.13
N GLY A 100 22.02 -41.89 0.33
CA GLY A 100 21.69 -43.05 -0.46
C GLY A 100 20.21 -43.34 -0.55
N GLN A 101 19.37 -42.35 -0.38
CA GLN A 101 17.96 -42.65 -0.58
C GLN A 101 17.49 -42.31 -1.97
N TYR A 102 18.10 -41.30 -2.57
CA TYR A 102 17.67 -40.60 -3.76
C TYR A 102 18.59 -41.01 -4.89
N PRO A 103 18.21 -40.78 -6.13
CA PRO A 103 19.17 -40.94 -7.22
C PRO A 103 20.16 -39.81 -7.20
N LEU A 104 21.43 -40.15 -7.26
CA LEU A 104 22.49 -39.19 -7.25
C LEU A 104 23.13 -39.15 -8.61
N THR A 105 23.49 -37.99 -9.07
CA THR A 105 24.22 -37.82 -10.31
C THR A 105 25.65 -37.47 -10.00
N MET A 106 26.42 -37.23 -11.02
CA MET A 106 27.78 -36.75 -10.80
C MET A 106 27.83 -35.35 -10.24
N THR A 107 26.85 -34.50 -10.49
CA THR A 107 27.00 -33.21 -9.87
C THR A 107 26.66 -33.29 -8.40
N ASP A 108 25.80 -34.16 -7.99
CA ASP A 108 25.54 -34.39 -6.65
C ASP A 108 26.76 -34.90 -5.99
N PHE A 109 27.50 -35.80 -6.55
CA PHE A 109 28.70 -36.24 -5.94
C PHE A 109 29.71 -35.19 -5.86
N ARG A 110 29.85 -34.30 -6.83
CA ARG A 110 30.82 -33.23 -6.80
C ARG A 110 30.48 -32.28 -5.72
N LEU A 111 29.22 -32.05 -5.50
CA LEU A 111 28.72 -31.18 -4.46
C LEU A 111 28.96 -31.77 -3.09
N PHE A 112 28.60 -33.03 -2.90
CA PHE A 112 28.89 -33.75 -1.68
C PHE A 112 30.34 -33.61 -1.29
N GLY A 113 31.25 -33.98 -2.19
CA GLY A 113 32.67 -33.90 -1.92
C GLY A 113 33.19 -32.53 -1.53
N TRP A 114 32.79 -31.48 -2.23
CA TRP A 114 33.18 -30.12 -1.85
C TRP A 114 32.54 -29.70 -0.53
N GLY A 115 31.37 -30.22 -0.21
CA GLY A 115 30.82 -30.01 1.10
C GLY A 115 31.64 -30.63 2.21
N CYS A 116 31.94 -31.90 2.08
CA CYS A 116 32.74 -32.61 3.06
C CYS A 116 34.11 -31.97 3.21
N PHE A 117 34.75 -31.52 2.16
CA PHE A 117 35.97 -30.78 2.19
C PHE A 117 35.92 -29.43 2.95
N HIS A 118 34.87 -28.70 2.84
CA HIS A 118 34.70 -27.50 3.56
C HIS A 118 34.39 -27.73 5.02
N ILE A 119 33.78 -28.80 5.41
CA ILE A 119 33.51 -29.15 6.77
C ILE A 119 34.78 -29.74 7.42
N GLY A 120 35.55 -30.52 6.76
CA GLY A 120 36.82 -30.97 7.31
C GLY A 120 37.86 -29.87 7.51
N LEU A 121 38.05 -29.03 6.51
CA LEU A 121 38.94 -27.90 6.72
C LEU A 121 38.41 -27.02 7.83
N GLY A 122 37.15 -26.66 7.79
CA GLY A 122 36.59 -25.82 8.82
C GLY A 122 36.76 -26.33 10.23
N LEU A 123 36.60 -27.59 10.48
CA LEU A 123 36.75 -28.09 11.80
C LEU A 123 38.15 -28.05 12.26
N TRP A 124 39.09 -28.16 11.37
CA TRP A 124 40.44 -28.16 11.67
C TRP A 124 40.91 -26.77 11.97
N LEU A 125 40.39 -25.79 11.30
CA LEU A 125 40.70 -24.43 11.51
C LEU A 125 40.08 -23.99 12.76
N VAL A 126 38.91 -24.43 13.13
CA VAL A 126 38.32 -24.09 14.40
C VAL A 126 39.21 -24.61 15.50
N TYR A 127 39.69 -25.82 15.45
CA TYR A 127 40.56 -26.35 16.47
C TYR A 127 41.82 -25.54 16.61
N ALA A 128 42.48 -25.24 15.49
CA ALA A 128 43.74 -24.50 15.53
C ALA A 128 43.56 -23.07 16.01
N GLY A 129 42.54 -22.41 15.56
CA GLY A 129 42.26 -21.11 16.12
C GLY A 129 42.15 -21.11 17.63
N ALA A 130 41.40 -22.08 18.17
CA ALA A 130 41.26 -22.29 19.61
C ALA A 130 42.60 -22.52 20.29
N ALA A 131 43.48 -23.27 19.66
CA ALA A 131 44.82 -23.38 20.18
C ALA A 131 45.54 -22.04 20.32
N HIS A 132 45.40 -21.12 19.36
CA HIS A 132 46.04 -19.81 19.53
C HIS A 132 45.32 -18.95 20.55
N TYR A 133 44.01 -19.01 20.56
CA TYR A 133 43.17 -18.18 21.42
C TYR A 133 43.33 -18.57 22.88
N TYR A 134 43.11 -19.81 23.20
CA TYR A 134 43.20 -20.28 24.56
C TYR A 134 44.61 -20.60 24.97
N GLY A 135 45.46 -20.98 24.10
CA GLY A 135 46.83 -21.09 24.46
C GLY A 135 47.12 -19.71 24.14
N ALA A 136 47.31 -18.90 25.09
CA ALA A 136 47.47 -17.43 25.07
C ALA A 136 47.33 -17.20 26.51
N ARG A 137 46.27 -17.75 27.03
CA ARG A 137 46.00 -17.72 28.42
C ARG A 137 46.62 -18.86 29.13
N GLY A 138 47.50 -19.66 28.56
CA GLY A 138 48.13 -20.80 29.16
C GLY A 138 47.38 -22.07 29.19
N GLY A 139 46.29 -22.12 28.53
CA GLY A 139 45.38 -23.24 28.47
C GLY A 139 44.01 -22.87 28.95
N ALA A 140 43.12 -23.85 28.91
CA ALA A 140 41.76 -23.63 29.33
C ALA A 140 41.09 -24.96 29.50
N THR A 141 40.23 -25.11 30.46
CA THR A 141 39.64 -26.41 30.68
C THR A 141 38.41 -26.65 29.86
N ILE A 142 38.20 -27.89 29.51
CA ILE A 142 37.10 -28.31 28.68
C ILE A 142 35.77 -27.78 29.06
N GLY A 143 35.43 -27.76 30.33
CA GLY A 143 34.24 -27.12 30.80
C GLY A 143 34.13 -25.62 30.71
N GLU A 144 35.17 -24.88 30.32
CA GLU A 144 35.11 -23.43 30.12
C GLU A 144 35.13 -23.15 28.66
N ILE A 145 35.63 -24.04 27.87
CA ILE A 145 35.56 -23.89 26.48
C ILE A 145 34.09 -24.11 26.17
N PHE A 146 33.54 -25.29 26.45
CA PHE A 146 32.16 -25.58 26.09
C PHE A 146 31.07 -25.03 26.96
N TRP A 147 31.41 -24.74 28.20
CA TRP A 147 30.64 -24.10 29.26
C TRP A 147 29.22 -24.47 29.66
N LEU A 148 28.57 -25.24 28.86
CA LEU A 148 27.29 -25.74 29.30
C LEU A 148 27.48 -27.21 29.19
N LEU A 149 28.52 -27.67 29.86
CA LEU A 149 28.90 -29.07 29.85
C LEU A 149 29.04 -29.59 31.24
N PRO A 150 29.01 -28.70 32.23
CA PRO A 150 29.08 -29.17 33.60
C PRO A 150 27.67 -29.39 34.13
N TYR A 151 26.66 -29.00 33.37
CA TYR A 151 25.28 -29.15 33.75
C TYR A 151 24.86 -30.57 33.54
N VAL A 152 25.50 -31.26 32.62
CA VAL A 152 25.16 -32.65 32.46
C VAL A 152 25.73 -33.34 33.70
N PRO A 153 24.99 -34.28 34.26
CA PRO A 153 25.46 -34.92 35.47
C PRO A 153 26.24 -36.16 35.14
N GLY A 154 27.13 -36.56 36.03
CA GLY A 154 27.94 -37.75 35.87
C GLY A 154 28.89 -37.53 34.73
N LEU A 155 29.44 -36.33 34.68
CA LEU A 155 30.35 -35.90 33.65
C LEU A 155 30.86 -34.59 34.16
N LYS A 156 31.39 -34.61 35.37
CA LYS A 156 31.96 -33.41 35.94
C LYS A 156 33.41 -33.63 35.74
N GLY A 157 33.88 -34.80 36.19
CA GLY A 157 35.27 -35.19 36.03
C GLY A 157 35.74 -34.96 34.61
N LEU A 158 34.95 -35.37 33.63
CA LEU A 158 35.28 -35.15 32.23
C LEU A 158 35.63 -33.71 31.92
N CYS A 159 34.82 -32.78 32.41
CA CYS A 159 35.07 -31.38 32.11
C CYS A 159 36.04 -30.62 33.00
N GLN A 160 37.08 -31.28 33.48
CA GLN A 160 38.03 -30.56 34.25
C GLN A 160 39.42 -30.86 33.83
N ILE A 161 39.56 -31.27 32.58
CA ILE A 161 40.87 -31.47 32.04
C ILE A 161 41.29 -30.15 31.41
N LYS A 162 42.58 -29.97 31.19
CA LYS A 162 43.01 -28.74 30.61
C LYS A 162 43.49 -28.93 29.23
N TRP A 163 42.90 -28.24 28.25
CA TRP A 163 43.40 -28.38 26.91
C TRP A 163 44.24 -27.17 26.51
N PHE A 164 45.02 -27.33 25.45
CA PHE A 164 45.76 -26.22 24.85
C PHE A 164 46.78 -25.64 25.83
N THR A 165 47.46 -26.47 26.57
CA THR A 165 48.37 -26.03 27.57
C THR A 165 49.73 -25.78 27.02
N PRO A 166 50.54 -24.90 27.63
CA PRO A 166 51.81 -24.59 27.06
C PRO A 166 52.87 -25.64 27.03
N GLU A 167 52.70 -26.63 27.85
CA GLU A 167 53.45 -27.75 28.21
C GLU A 167 53.23 -29.10 27.61
N GLY A 168 51.99 -29.37 27.27
CA GLY A 168 51.52 -30.68 26.89
C GLY A 168 52.13 -31.47 25.80
N PRO A 169 51.74 -32.75 25.67
CA PRO A 169 52.21 -33.57 24.57
C PRO A 169 51.54 -33.05 23.33
N TRP A 170 52.17 -33.22 22.21
CA TRP A 170 51.69 -32.74 20.93
C TRP A 170 50.18 -32.56 20.56
N TYR A 171 49.26 -33.30 21.11
CA TYR A 171 47.89 -33.21 20.73
C TYR A 171 47.17 -32.38 21.71
N LYS A 172 47.85 -31.59 22.51
CA LYS A 172 47.17 -30.74 23.40
C LYS A 172 47.88 -29.48 23.64
N VAL A 173 48.84 -29.10 22.83
CA VAL A 173 49.49 -27.83 23.00
C VAL A 173 48.66 -26.67 22.47
N GLY A 174 48.87 -25.52 23.07
CA GLY A 174 48.45 -24.24 22.59
C GLY A 174 49.69 -23.57 22.10
N LEU A 175 50.23 -22.69 22.90
CA LEU A 175 51.37 -21.87 22.56
C LEU A 175 52.46 -22.11 23.55
N PRO A 176 53.51 -22.87 23.24
CA PRO A 176 54.48 -23.22 24.25
C PRO A 176 55.24 -22.06 24.83
N TRP A 177 55.29 -20.91 24.18
CA TRP A 177 56.05 -19.78 24.59
C TRP A 177 55.21 -18.76 25.17
N GLY A 178 53.94 -18.99 25.15
CA GLY A 178 52.99 -18.11 25.74
C GLY A 178 52.37 -17.01 24.94
N SER A 179 53.08 -16.44 23.96
CA SER A 179 52.58 -15.29 23.21
C SER A 179 53.38 -15.23 21.93
N PHE A 180 52.91 -14.46 20.95
CA PHE A 180 53.72 -14.22 19.76
C PHE A 180 54.98 -13.47 20.13
N ALA A 181 54.88 -12.54 21.03
CA ALA A 181 55.99 -11.67 21.34
C ALA A 181 57.12 -12.41 22.01
N ASN A 182 56.83 -13.46 22.75
CA ASN A 182 57.82 -14.28 23.41
C ASN A 182 58.36 -15.42 22.60
N THR A 183 57.81 -15.74 21.55
CA THR A 183 58.36 -16.90 20.88
C THR A 183 59.52 -16.48 20.00
N PRO A 184 60.61 -17.12 20.07
CA PRO A 184 61.82 -16.66 19.38
C PRO A 184 62.03 -17.26 18.00
N TRP A 185 61.05 -17.12 17.16
CA TRP A 185 61.25 -17.43 15.76
C TRP A 185 61.57 -16.13 15.08
N PRO A 186 62.77 -15.94 14.58
CA PRO A 186 63.16 -14.61 14.16
C PRO A 186 62.63 -14.22 12.80
N ILE A 187 61.74 -15.00 12.21
CA ILE A 187 60.94 -14.55 11.06
C ILE A 187 59.77 -13.70 11.51
N LEU A 188 59.31 -13.88 12.72
CA LEU A 188 58.13 -13.15 13.14
C LEU A 188 58.39 -11.66 13.23
N ARG A 189 57.51 -10.90 12.61
CA ARG A 189 57.47 -9.46 12.64
C ARG A 189 56.90 -9.01 13.96
N ARG A 190 57.29 -7.85 14.41
CA ARG A 190 56.90 -7.48 15.76
C ARG A 190 55.94 -6.32 15.92
N THR A 191 55.55 -5.61 14.87
CA THR A 191 54.58 -4.52 14.96
C THR A 191 53.61 -4.64 13.80
N TYR A 192 52.41 -4.08 13.94
CA TYR A 192 51.38 -4.24 12.92
C TYR A 192 51.80 -3.67 11.59
N ALA A 193 52.68 -2.71 11.57
CA ALA A 193 53.21 -2.21 10.30
C ALA A 193 54.21 -3.18 9.69
N ASP A 194 55.09 -3.70 10.51
CA ASP A 194 55.92 -4.79 10.03
C ASP A 194 55.11 -6.01 9.66
N ALA A 195 54.01 -6.28 10.32
CA ALA A 195 53.22 -7.41 9.88
C ALA A 195 52.51 -7.12 8.59
N LEU A 196 52.29 -5.87 8.23
CA LEU A 196 51.71 -5.60 6.92
C LEU A 196 52.54 -6.21 5.82
N SER A 197 53.77 -6.44 6.05
CA SER A 197 54.32 -7.11 4.84
C SER A 197 54.05 -8.63 4.69
N PRO A 198 54.27 -9.46 5.71
CA PRO A 198 53.87 -10.85 5.57
C PRO A 198 52.39 -11.08 5.28
N HIS A 199 51.47 -10.25 5.74
CA HIS A 199 50.04 -10.50 5.54
C HIS A 199 49.65 -10.40 4.08
N THR A 200 50.33 -9.58 3.31
CA THR A 200 50.04 -9.45 1.90
C THR A 200 50.85 -10.41 1.06
N ILE A 201 52.01 -10.87 1.49
CA ILE A 201 52.56 -12.01 0.78
C ILE A 201 51.63 -13.22 0.94
N TYR A 202 51.03 -13.35 2.08
CA TYR A 202 50.18 -14.39 2.41
C TYR A 202 48.99 -14.34 1.56
N ILE A 203 48.27 -13.26 1.50
CA ILE A 203 47.21 -13.09 0.54
C ILE A 203 47.69 -13.38 -0.93
N GLY A 204 48.86 -13.00 -1.37
CA GLY A 204 49.35 -13.41 -2.65
C GLY A 204 49.33 -14.92 -2.78
N LEU A 205 49.85 -15.65 -1.84
CA LEU A 205 49.79 -17.09 -1.82
C LEU A 205 48.43 -17.69 -1.92
N LEU A 206 47.42 -17.12 -1.35
CA LEU A 206 46.06 -17.50 -1.51
C LEU A 206 45.55 -17.38 -2.93
N PHE A 207 45.93 -16.35 -3.63
CA PHE A 207 45.63 -16.15 -5.02
C PHE A 207 46.28 -17.22 -5.89
N PHE A 208 47.46 -17.68 -5.59
CA PHE A 208 48.07 -18.76 -6.29
C PHE A 208 47.34 -20.04 -6.01
N ILE A 209 47.04 -20.41 -4.79
CA ILE A 209 46.20 -21.54 -4.49
C ILE A 209 44.97 -21.55 -5.33
N TRP A 210 44.14 -20.55 -5.33
CA TRP A 210 42.99 -20.49 -6.16
C TRP A 210 43.23 -20.67 -7.61
N GLY A 211 44.27 -20.11 -8.18
CA GLY A 211 44.64 -20.32 -9.56
C GLY A 211 45.04 -21.72 -9.90
N PHE A 212 45.65 -22.41 -8.97
CA PHE A 212 46.05 -23.79 -9.23
C PHE A 212 44.91 -24.75 -9.08
N VAL A 213 44.00 -24.48 -8.18
CA VAL A 213 42.78 -25.26 -8.05
C VAL A 213 41.90 -25.10 -9.27
N LEU A 214 41.79 -23.91 -9.81
CA LEU A 214 41.01 -23.68 -11.00
C LEU A 214 41.65 -24.34 -12.21
N TRP A 215 42.96 -24.24 -12.36
CA TRP A 215 43.62 -24.82 -13.50
C TRP A 215 43.61 -26.34 -13.46
N PHE A 216 43.96 -26.94 -12.34
CA PHE A 216 44.23 -28.37 -12.33
C PHE A 216 43.20 -29.23 -11.65
N VAL A 217 42.43 -28.72 -10.71
CA VAL A 217 41.37 -29.50 -10.09
C VAL A 217 40.06 -29.31 -10.81
N LEU A 218 39.68 -28.08 -11.09
CA LEU A 218 38.48 -27.75 -11.81
C LEU A 218 38.66 -27.78 -13.33
N ASP A 219 39.88 -27.81 -13.82
CA ASP A 219 40.22 -27.93 -15.25
C ASP A 219 39.71 -26.77 -16.10
N LYS A 220 40.14 -25.59 -15.75
CA LYS A 220 39.85 -24.37 -16.47
C LYS A 220 41.15 -23.63 -16.58
N PRO A 221 42.05 -23.99 -17.53
CA PRO A 221 43.31 -23.27 -17.56
C PRO A 221 43.17 -21.85 -17.97
N PRO A 222 44.14 -21.07 -17.62
CA PRO A 222 44.31 -19.64 -17.82
C PRO A 222 44.52 -19.18 -19.28
N VAL A 223 43.99 -18.06 -19.66
CA VAL A 223 44.23 -17.49 -20.95
C VAL A 223 45.72 -17.04 -20.90
N PRO A 224 46.51 -17.36 -21.84
CA PRO A 224 46.23 -17.83 -23.15
C PRO A 224 46.47 -19.30 -23.28
N LEU A 225 46.29 -20.14 -22.31
CA LEU A 225 46.54 -21.52 -22.46
C LEU A 225 45.29 -22.41 -22.46
N GLN A 226 44.13 -21.92 -22.88
CA GLN A 226 42.88 -22.65 -22.92
C GLN A 226 42.93 -23.65 -24.02
N PRO A 227 42.24 -24.77 -23.88
CA PRO A 227 42.25 -25.84 -24.85
C PRO A 227 41.60 -25.59 -26.17
N ALA A 228 42.02 -26.33 -27.16
CA ALA A 228 41.36 -26.23 -28.45
C ALA A 228 40.02 -26.92 -28.42
N GLN A 229 39.87 -27.91 -27.60
CA GLN A 229 38.72 -28.78 -27.55
C GLN A 229 38.18 -28.90 -26.15
N VAL A 230 36.91 -29.06 -26.01
CA VAL A 230 36.32 -29.29 -24.73
C VAL A 230 35.17 -30.14 -24.93
N MET A 231 34.95 -31.04 -24.01
CA MET A 231 33.83 -31.93 -23.95
C MET A 231 32.49 -31.32 -23.63
N THR A 232 31.46 -31.51 -24.40
CA THR A 232 30.14 -30.96 -24.11
C THR A 232 29.10 -32.07 -24.02
N PRO A 233 27.86 -31.83 -23.65
CA PRO A 233 26.86 -32.92 -23.68
C PRO A 233 26.54 -33.45 -25.11
N ASN A 234 26.81 -32.72 -26.16
CA ASN A 234 26.62 -33.09 -27.53
C ASN A 234 27.89 -33.47 -28.16
N GLY A 235 28.83 -33.98 -27.43
CA GLY A 235 30.10 -34.34 -28.02
C GLY A 235 31.23 -33.39 -27.81
N LEU A 236 32.36 -33.63 -28.45
CA LEU A 236 33.53 -32.83 -28.28
C LEU A 236 33.51 -31.74 -29.30
N MET A 237 33.61 -30.52 -28.88
CA MET A 237 33.55 -29.44 -29.76
C MET A 237 34.73 -28.53 -29.69
N PRO A 238 34.84 -27.55 -30.55
CA PRO A 238 35.98 -26.64 -30.43
C PRO A 238 35.67 -25.53 -29.48
N LEU A 239 36.55 -25.11 -28.62
CA LEU A 239 36.27 -24.07 -27.65
C LEU A 239 35.40 -22.90 -28.01
N GLU A 240 35.61 -22.30 -29.16
CA GLU A 240 34.82 -21.18 -29.58
C GLU A 240 33.40 -21.49 -30.02
N GLN A 241 33.05 -22.73 -30.25
CA GLN A 241 31.65 -23.03 -30.57
C GLN A 241 30.94 -23.75 -29.45
N ALA A 242 31.65 -24.27 -28.46
CA ALA A 242 31.04 -24.90 -27.36
C ALA A 242 30.29 -23.88 -26.51
N PRO A 243 29.01 -24.01 -26.28
CA PRO A 243 28.22 -23.18 -25.40
C PRO A 243 28.71 -23.09 -23.91
N PHE A 244 28.47 -21.96 -23.31
CA PHE A 244 28.86 -21.42 -22.04
C PHE A 244 29.42 -22.19 -20.99
N PRO A 245 28.70 -23.23 -20.45
CA PRO A 245 29.48 -23.77 -19.37
C PRO A 245 30.57 -24.53 -19.96
N TYR A 246 30.52 -25.16 -21.09
CA TYR A 246 31.60 -25.91 -21.60
C TYR A 246 32.61 -25.13 -22.27
N GLY A 247 32.26 -24.24 -23.15
CA GLY A 247 33.18 -23.49 -23.93
C GLY A 247 32.85 -22.06 -23.88
N TRP A 248 33.19 -21.34 -24.92
CA TRP A 248 33.05 -19.93 -24.96
C TRP A 248 31.95 -19.37 -25.74
N PHE A 249 31.10 -20.16 -26.34
CA PHE A 249 30.03 -19.65 -27.07
C PHE A 249 28.94 -19.21 -26.12
N ASP A 250 28.52 -17.98 -26.12
CA ASP A 250 27.41 -17.51 -25.30
C ASP A 250 26.11 -17.78 -26.04
N PRO A 251 25.26 -18.70 -25.56
CA PRO A 251 24.06 -19.05 -26.33
C PRO A 251 22.89 -18.15 -26.14
N TYR A 252 22.90 -17.22 -25.21
CA TYR A 252 21.85 -16.23 -25.06
C TYR A 252 22.05 -15.03 -25.94
N LEU A 253 23.26 -14.54 -26.08
CA LEU A 253 23.51 -13.35 -26.85
C LEU A 253 23.97 -13.67 -28.24
N ASN A 254 24.27 -14.93 -28.49
CA ASN A 254 24.72 -15.43 -29.79
C ASN A 254 26.11 -15.00 -30.20
N GLN A 255 27.02 -14.84 -29.27
CA GLN A 255 28.35 -14.34 -29.59
C GLN A 255 29.36 -15.24 -28.97
N VAL A 256 30.57 -15.24 -29.51
CA VAL A 256 31.72 -15.75 -28.80
C VAL A 256 32.09 -14.77 -27.69
N MET A 257 32.36 -15.30 -26.52
CA MET A 257 32.75 -14.47 -25.40
C MET A 257 34.19 -14.00 -25.54
N HIS A 258 34.42 -12.77 -25.13
CA HIS A 258 35.75 -12.22 -24.85
C HIS A 258 36.49 -13.15 -23.89
N PRO A 259 37.78 -13.37 -24.05
CA PRO A 259 38.45 -14.36 -23.22
C PRO A 259 38.45 -14.01 -21.75
N MET A 260 38.49 -12.73 -21.38
CA MET A 260 38.42 -12.29 -20.02
C MET A 260 37.01 -12.17 -19.52
N ASN A 261 36.02 -12.55 -20.28
CA ASN A 261 34.67 -12.71 -19.80
C ASN A 261 34.29 -14.16 -19.52
N THR A 262 35.23 -15.08 -19.58
CA THR A 262 35.09 -16.49 -19.23
C THR A 262 35.72 -16.75 -17.89
N ILE A 263 35.56 -17.95 -17.35
CA ILE A 263 36.29 -18.29 -16.12
C ILE A 263 37.74 -18.54 -16.38
N ASN A 264 38.13 -18.94 -17.57
CA ASN A 264 39.55 -19.02 -17.87
C ASN A 264 40.23 -17.66 -17.69
N GLY A 265 39.49 -16.57 -17.82
CA GLY A 265 40.02 -15.27 -17.53
C GLY A 265 40.27 -15.01 -16.07
N GLU A 266 39.35 -15.41 -15.24
CA GLU A 266 39.52 -15.40 -13.85
C GLU A 266 40.67 -16.31 -13.40
N THR A 267 41.01 -17.38 -14.03
CA THR A 267 42.16 -18.13 -13.57
C THR A 267 43.48 -17.45 -13.98
N THR A 268 43.48 -16.75 -15.08
CA THR A 268 44.71 -16.02 -15.38
C THR A 268 44.90 -14.84 -14.44
N MET A 269 43.82 -14.24 -13.93
CA MET A 269 43.99 -13.14 -12.99
C MET A 269 44.43 -13.61 -11.62
N CYS A 270 44.03 -14.78 -11.19
CA CYS A 270 44.64 -15.47 -10.06
C CYS A 270 46.15 -15.35 -10.10
N PHE A 271 46.73 -15.53 -11.27
CA PHE A 271 48.19 -15.39 -11.25
C PHE A 271 48.67 -13.95 -11.36
N VAL A 272 47.93 -13.09 -12.04
CA VAL A 272 48.31 -11.68 -12.15
C VAL A 272 48.25 -10.99 -10.78
N TRP A 273 47.15 -11.16 -10.07
CA TRP A 273 47.00 -10.55 -8.77
C TRP A 273 47.91 -11.19 -7.76
N GLY A 274 48.22 -12.47 -7.90
CA GLY A 274 49.05 -13.09 -6.91
C GLY A 274 50.48 -12.66 -7.03
N VAL A 275 50.92 -12.36 -8.24
CA VAL A 275 52.28 -11.86 -8.43
C VAL A 275 52.40 -10.45 -7.90
N LEU A 276 51.34 -9.65 -8.11
CA LEU A 276 51.38 -8.27 -7.65
C LEU A 276 51.40 -8.17 -6.13
N PHE A 277 50.60 -8.99 -5.43
CA PHE A 277 50.59 -8.99 -3.97
C PHE A 277 51.89 -9.53 -3.40
N VAL A 278 52.45 -10.55 -4.00
CA VAL A 278 53.73 -11.01 -3.50
C VAL A 278 54.80 -9.92 -3.62
N ALA A 279 54.79 -9.11 -4.68
CA ALA A 279 55.85 -8.14 -4.86
C ALA A 279 55.66 -6.88 -4.03
N LEU A 280 54.44 -6.41 -3.88
CA LEU A 280 54.18 -5.33 -2.96
C LEU A 280 54.44 -5.73 -1.51
N GLY A 281 54.24 -6.99 -1.14
CA GLY A 281 54.60 -7.48 0.17
C GLY A 281 56.07 -7.66 0.40
N ALA A 282 56.84 -7.94 -0.63
CA ALA A 282 58.26 -8.02 -0.46
C ALA A 282 58.92 -6.66 -0.44
N TYR A 283 58.27 -5.69 -1.04
CA TYR A 283 58.72 -4.33 -0.94
C TYR A 283 58.54 -3.82 0.47
N TRP A 284 57.35 -4.02 1.03
CA TRP A 284 57.12 -3.64 2.41
C TRP A 284 57.96 -4.44 3.37
N TRP A 285 58.38 -5.63 3.03
CA TRP A 285 59.31 -6.28 3.90
C TRP A 285 60.56 -5.46 4.12
N TYR A 286 60.97 -4.72 3.11
CA TYR A 286 62.25 -4.05 3.19
C TYR A 286 62.11 -2.58 3.50
N ARG A 287 61.01 -1.97 3.20
CA ARG A 287 60.82 -0.62 3.61
C ARG A 287 59.44 -0.53 4.13
N PRO A 288 59.15 -1.09 5.30
CA PRO A 288 57.83 -1.09 5.97
C PRO A 288 57.37 0.33 6.26
N PRO A 289 56.06 0.57 6.39
CA PRO A 289 55.59 1.93 6.64
C PRO A 289 56.10 2.49 7.93
N ARG A 290 56.49 3.74 7.92
CA ARG A 290 57.16 4.31 9.05
C ARG A 290 56.72 5.72 9.43
N SER A 291 55.77 6.31 8.75
CA SER A 291 55.46 7.69 8.98
C SER A 291 55.10 7.97 10.42
N ILE A 292 55.42 9.18 10.87
CA ILE A 292 54.88 9.73 12.10
C ILE A 292 53.37 9.86 12.04
N ASN A 293 52.80 9.98 10.88
CA ASN A 293 51.36 10.07 10.79
C ASN A 293 50.67 8.75 10.95
N ILE A 294 51.39 7.68 11.13
CA ILE A 294 50.88 6.37 11.19
C ILE A 294 51.09 5.73 12.49
N THR A 295 52.10 6.07 13.22
CA THR A 295 52.38 5.45 14.48
C THR A 295 51.33 5.28 15.55
N HIS A 296 50.23 5.99 15.60
CA HIS A 296 49.24 5.82 16.63
C HIS A 296 48.30 4.70 16.31
N LEU A 297 48.32 4.24 15.09
CA LEU A 297 47.57 3.18 14.56
C LEU A 297 47.97 1.82 15.02
N GLU A 298 49.01 1.60 15.77
CA GLU A 298 49.31 0.40 16.47
C GLU A 298 48.31 0.04 17.56
N ASP A 299 47.56 0.95 18.10
CA ASP A 299 46.57 0.69 19.02
C ASP A 299 45.41 0.16 18.20
N THR A 300 44.87 -0.96 18.49
CA THR A 300 43.83 -1.62 17.73
C THR A 300 42.52 -0.86 17.74
N LYS A 301 42.25 -0.01 18.73
CA LYS A 301 41.07 0.85 18.68
C LYS A 301 41.10 1.81 17.48
N ALA A 302 42.25 2.43 17.26
CA ALA A 302 42.43 3.31 16.14
C ALA A 302 42.41 2.57 14.77
N VAL A 303 43.24 1.54 14.57
CA VAL A 303 43.17 0.82 13.30
C VAL A 303 41.78 0.26 13.05
N PHE A 304 41.04 -0.19 14.05
CA PHE A 304 39.74 -0.75 13.84
C PHE A 304 38.87 0.09 13.02
N HIS A 305 38.92 1.41 13.21
CA HIS A 305 38.26 2.42 12.41
C HIS A 305 38.67 2.38 10.95
N VAL A 306 39.94 2.34 10.69
CA VAL A 306 40.50 2.36 9.39
C VAL A 306 40.13 1.16 8.64
N HIS A 307 40.20 0.01 9.19
CA HIS A 307 39.94 -1.22 8.57
C HIS A 307 38.51 -1.53 8.35
N LEU A 308 37.66 -1.24 9.29
CA LEU A 308 36.27 -1.46 9.17
C LEU A 308 35.64 -0.49 8.15
N THR A 309 36.03 0.74 8.08
CA THR A 309 35.51 1.65 7.08
C THR A 309 36.03 1.33 5.66
N ALA A 310 37.26 0.94 5.49
CA ALA A 310 37.76 0.47 4.26
C ALA A 310 37.01 -0.71 3.70
N ILE A 311 36.68 -1.68 4.51
CA ILE A 311 36.00 -2.86 4.23
C ILE A 311 34.61 -2.60 3.75
N GLY A 312 33.92 -1.75 4.40
CA GLY A 312 32.70 -1.17 3.89
C GLY A 312 32.78 -0.55 2.50
N TYR A 313 33.81 0.20 2.20
CA TYR A 313 34.01 0.72 0.86
C TYR A 313 34.24 -0.38 -0.17
N VAL A 314 34.99 -1.41 0.23
CA VAL A 314 35.23 -2.60 -0.56
C VAL A 314 33.92 -3.29 -0.92
N SER A 315 33.01 -3.41 0.03
CA SER A 315 31.72 -3.98 -0.25
C SER A 315 30.94 -3.15 -1.26
N PHE A 316 30.80 -1.86 -1.03
CA PHE A 316 30.21 -1.00 -2.05
C PHE A 316 30.77 -1.29 -3.44
N ALA A 317 32.09 -1.37 -3.58
CA ALA A 317 32.71 -1.63 -4.86
C ALA A 317 32.48 -3.04 -5.37
N LEU A 318 32.35 -4.01 -4.50
CA LEU A 318 31.85 -5.30 -4.94
C LEU A 318 30.47 -5.18 -5.55
N ALA A 319 29.59 -4.44 -4.95
CA ALA A 319 28.29 -4.26 -5.54
C ALA A 319 28.34 -3.65 -6.93
N ILE A 320 28.98 -2.52 -7.11
CA ILE A 320 29.05 -1.91 -8.43
C ILE A 320 29.72 -2.84 -9.44
N VAL A 321 30.88 -3.42 -9.10
CA VAL A 321 31.61 -4.22 -10.07
C VAL A 321 30.84 -5.47 -10.42
N GLY A 322 30.28 -6.12 -9.42
CA GLY A 322 29.57 -7.33 -9.65
C GLY A 322 28.31 -7.07 -10.41
N PHE A 323 27.66 -5.94 -10.17
CA PHE A 323 26.43 -5.72 -10.88
C PHE A 323 26.64 -5.54 -12.36
N LEU A 324 27.68 -4.84 -12.77
CA LEU A 324 27.76 -4.57 -14.18
C LEU A 324 28.29 -5.79 -14.93
N ALA A 325 29.39 -6.30 -14.38
CA ALA A 325 30.05 -7.49 -14.87
C ALA A 325 29.11 -8.67 -14.98
N LEU A 326 28.12 -8.79 -14.17
CA LEU A 326 27.36 -9.99 -14.22
C LEU A 326 25.93 -9.77 -14.63
N ARG A 327 25.45 -8.55 -14.80
CA ARG A 327 24.05 -8.31 -15.31
C ARG A 327 23.56 -9.09 -16.51
N ASN A 328 24.36 -9.35 -17.50
CA ASN A 328 24.04 -10.05 -18.65
C ASN A 328 24.95 -11.20 -18.87
N HIS A 329 25.46 -11.88 -17.91
CA HIS A 329 26.38 -12.98 -18.09
C HIS A 329 25.65 -14.30 -18.19
N PRO A 330 26.12 -15.22 -18.98
CA PRO A 330 25.38 -16.47 -19.06
C PRO A 330 25.26 -17.29 -17.82
N SER A 331 26.01 -17.09 -16.74
CA SER A 331 25.75 -17.92 -15.58
C SER A 331 24.36 -17.66 -14.96
N TYR A 332 23.92 -16.40 -14.86
CA TYR A 332 22.57 -16.11 -14.36
C TYR A 332 21.45 -16.39 -15.39
N LEU A 333 21.70 -16.11 -16.65
CA LEU A 333 20.67 -16.32 -17.66
C LEU A 333 20.35 -17.80 -17.78
N MET A 334 21.33 -18.63 -17.50
CA MET A 334 21.14 -20.05 -17.47
C MET A 334 20.11 -20.45 -16.45
N LEU A 335 20.10 -19.80 -15.29
CA LEU A 335 18.96 -19.98 -14.39
C LEU A 335 17.60 -19.83 -15.05
N ASN A 336 17.44 -18.81 -15.88
CA ASN A 336 16.14 -18.71 -16.59
C ASN A 336 15.83 -19.91 -17.47
N ASP A 337 16.79 -20.74 -17.78
CA ASP A 337 16.38 -21.91 -18.53
C ASP A 337 16.08 -23.15 -17.71
N MET A 338 16.26 -23.15 -16.42
CA MET A 338 16.10 -24.37 -15.63
C MET A 338 14.67 -24.30 -15.16
N ASN A 339 14.18 -25.03 -14.34
CA ASN A 339 12.73 -24.77 -14.24
C ASN A 339 12.58 -24.43 -12.77
N VAL A 340 12.91 -23.19 -12.45
CA VAL A 340 13.05 -22.69 -11.08
C VAL A 340 11.67 -22.52 -10.47
N ILE A 341 11.46 -23.20 -9.37
CA ILE A 341 10.20 -23.26 -8.64
C ILE A 341 10.53 -23.03 -7.18
N ILE A 342 10.01 -21.95 -6.63
CA ILE A 342 10.22 -21.60 -5.23
C ILE A 342 8.88 -21.51 -4.54
N TYR A 343 8.75 -22.12 -3.36
CA TYR A 343 7.49 -22.32 -2.63
C TYR A 343 6.32 -22.57 -3.56
N GLY A 344 6.41 -23.65 -4.30
CA GLY A 344 5.57 -23.97 -5.42
C GLY A 344 5.32 -22.98 -6.54
N LYS A 345 6.06 -21.92 -6.77
CA LYS A 345 5.57 -21.09 -7.85
C LYS A 345 6.13 -21.32 -9.25
N LYS A 346 7.00 -20.52 -9.74
CA LYS A 346 7.75 -20.60 -11.01
C LYS A 346 8.17 -19.18 -11.20
N ILE A 347 9.42 -18.87 -11.23
CA ILE A 347 9.82 -17.49 -11.09
C ILE A 347 10.00 -16.91 -12.47
N VAL A 348 9.63 -15.65 -12.62
CA VAL A 348 9.86 -14.86 -13.81
C VAL A 348 11.25 -14.28 -13.73
N ASN A 349 12.09 -14.65 -14.66
CA ASN A 349 13.47 -14.23 -14.70
C ASN A 349 14.21 -14.44 -13.36
N PRO A 350 14.43 -15.68 -12.96
CA PRO A 350 15.25 -15.93 -11.78
C PRO A 350 16.68 -15.43 -11.87
N GLY A 351 17.27 -15.39 -13.04
CA GLY A 351 18.60 -14.92 -13.26
C GLY A 351 18.90 -13.58 -12.69
N ARG A 352 18.13 -12.61 -13.14
CA ARG A 352 18.17 -11.26 -12.66
C ARG A 352 17.70 -11.14 -11.22
N MET A 353 16.81 -11.98 -10.74
CA MET A 353 16.44 -11.91 -9.33
C MET A 353 17.62 -12.26 -8.41
N ILE A 354 18.36 -13.32 -8.69
CA ILE A 354 19.45 -13.73 -7.82
C ILE A 354 20.63 -12.78 -7.95
N HIS A 355 20.88 -12.30 -9.16
CA HIS A 355 21.87 -11.29 -9.40
C HIS A 355 21.61 -10.00 -8.60
N ASN A 356 20.38 -9.50 -8.59
CA ASN A 356 19.94 -8.35 -7.81
C ASN A 356 20.04 -8.56 -6.31
N MET A 357 19.73 -9.75 -5.83
CA MET A 357 19.88 -10.07 -4.43
C MET A 357 21.33 -9.96 -3.97
N ILE A 358 22.24 -10.61 -4.67
CA ILE A 358 23.67 -10.56 -4.32
C ILE A 358 24.24 -9.14 -4.33
N THR A 359 23.86 -8.31 -5.33
CA THR A 359 24.42 -6.98 -5.34
C THR A 359 23.76 -6.13 -4.25
N PHE A 360 22.47 -6.30 -3.99
CA PHE A 360 21.91 -5.45 -2.95
C PHE A 360 22.39 -5.88 -1.59
N ASN A 361 22.73 -7.15 -1.38
CA ASN A 361 23.33 -7.69 -0.16
C ASN A 361 24.57 -6.97 0.24
N HIS A 362 25.45 -6.77 -0.70
CA HIS A 362 26.69 -6.11 -0.68
C HIS A 362 26.54 -4.64 -0.50
N VAL A 363 25.55 -4.03 -1.09
CA VAL A 363 25.30 -2.62 -0.79
C VAL A 363 24.83 -2.41 0.66
N GLN A 364 24.07 -3.27 1.23
CA GLN A 364 23.74 -3.19 2.56
C GLN A 364 24.90 -3.29 3.45
N VAL A 365 25.74 -4.26 3.20
CA VAL A 365 26.94 -4.48 3.99
C VAL A 365 27.91 -3.30 3.92
N GLY A 366 28.11 -2.72 2.73
CA GLY A 366 28.77 -1.49 2.47
C GLY A 366 28.37 -0.34 3.38
N LEU A 367 27.14 0.08 3.32
CA LEU A 367 26.64 1.04 4.27
C LEU A 367 26.89 0.69 5.75
N LEU A 368 26.39 -0.43 6.22
CA LEU A 368 26.57 -0.81 7.61
C LEU A 368 28.03 -0.75 8.08
N TYR A 369 29.00 -1.08 7.22
CA TYR A 369 30.36 -1.07 7.72
C TYR A 369 31.01 0.30 7.62
N VAL A 370 30.63 1.15 6.67
CA VAL A 370 31.18 2.51 6.62
C VAL A 370 30.67 3.31 7.82
N ALA A 371 29.37 3.22 8.08
CA ALA A 371 28.74 3.86 9.23
C ALA A 371 29.29 3.36 10.54
N ALA A 372 29.39 2.05 10.73
CA ALA A 372 29.95 1.54 11.95
C ALA A 372 31.42 1.89 12.12
N GLY A 373 32.22 1.73 11.08
CA GLY A 373 33.63 2.09 11.13
C GLY A 373 33.89 3.51 11.55
N VAL A 374 33.06 4.43 11.08
CA VAL A 374 33.16 5.81 11.52
C VAL A 374 32.73 5.96 12.96
N PHE A 375 31.67 5.32 13.40
CA PHE A 375 31.32 5.35 14.81
C PHE A 375 32.47 4.88 15.71
N HIS A 376 33.14 3.76 15.36
CA HIS A 376 34.30 3.27 16.11
C HIS A 376 35.51 4.22 16.05
N GLY A 377 35.77 4.84 14.94
CA GLY A 377 36.48 6.09 14.93
C GLY A 377 36.20 7.24 15.89
N GLY A 378 34.95 7.58 16.08
CA GLY A 378 34.48 8.60 17.00
C GLY A 378 34.66 8.21 18.43
N GLN A 379 34.58 6.91 18.71
CA GLN A 379 34.96 6.37 20.00
C GLN A 379 36.43 6.50 20.33
N TYR A 380 37.31 6.26 19.39
CA TYR A 380 38.72 6.49 19.69
C TYR A 380 39.03 7.97 19.93
N LEU A 381 38.45 8.88 19.14
CA LEU A 381 38.62 10.32 19.33
C LEU A 381 38.02 10.85 20.63
N HIS A 382 36.83 10.40 20.96
CA HIS A 382 36.23 10.77 22.22
C HIS A 382 37.09 10.37 23.39
N GLY A 383 37.65 9.18 23.36
CA GLY A 383 38.57 8.84 24.40
C GLY A 383 39.83 9.70 24.44
N LEU A 384 40.27 10.18 23.31
CA LEU A 384 41.41 11.10 23.34
C LEU A 384 41.01 12.42 24.01
N ASN A 385 39.79 12.89 23.79
CA ASN A 385 39.29 14.11 24.40
C ASN A 385 39.05 13.94 25.89
N ILE A 386 38.51 12.82 26.31
CA ILE A 386 38.29 12.55 27.72
C ILE A 386 39.61 12.58 28.47
N SER A 387 40.61 11.94 27.94
CA SER A 387 41.86 11.73 28.62
C SER A 387 42.83 12.89 28.45
N GLY A 388 42.43 13.95 27.76
CA GLY A 388 43.24 15.12 27.52
C GLY A 388 44.28 15.01 26.44
N ALA A 389 44.21 14.03 25.56
CA ALA A 389 45.32 13.76 24.66
C ALA A 389 45.02 14.23 23.25
N TYR A 390 43.76 14.44 22.88
CA TYR A 390 43.39 15.01 21.60
C TYR A 390 44.28 16.17 21.22
N LYS A 391 44.41 17.14 22.09
CA LYS A 391 45.25 18.30 21.89
C LYS A 391 46.71 17.97 21.68
N GLN A 392 47.18 16.80 22.09
CA GLN A 392 48.58 16.41 21.94
C GLN A 392 48.87 15.61 20.69
N ALA A 393 47.84 15.09 20.02
CA ALA A 393 48.02 14.17 18.91
C ALA A 393 48.94 14.71 17.83
N ARG A 394 49.73 13.84 17.26
CA ARG A 394 50.74 14.26 16.31
C ARG A 394 50.49 13.89 14.87
N SER A 395 49.59 13.00 14.58
CA SER A 395 49.36 12.64 13.21
C SER A 395 48.56 13.73 12.50
N LYS A 396 48.94 14.02 11.28
CA LYS A 396 48.13 14.90 10.45
C LYS A 396 46.75 14.40 10.21
N PHE A 397 46.51 13.12 10.28
CA PHE A 397 45.18 12.70 9.99
C PHE A 397 44.22 13.04 11.11
N ILE A 398 44.71 13.32 12.30
CA ILE A 398 43.89 13.96 13.32
C ILE A 398 43.99 15.47 13.24
N THR A 399 45.19 16.05 13.21
CA THR A 399 45.30 17.49 13.38
C THR A 399 44.73 18.26 12.22
N TRP A 400 44.67 17.70 11.01
CA TRP A 400 44.10 18.45 9.90
C TRP A 400 42.69 18.91 10.17
N PHE A 401 42.01 18.33 11.15
CA PHE A 401 40.58 18.55 11.34
C PHE A 401 40.29 19.07 12.71
N GLN A 402 41.27 19.63 13.37
CA GLN A 402 41.08 19.97 14.76
C GLN A 402 40.41 21.30 14.93
N ASN A 403 40.49 22.15 13.95
CA ASN A 403 39.95 23.51 14.00
C ASN A 403 38.41 23.54 13.92
N PRO A 404 37.70 24.14 14.86
CA PRO A 404 36.24 24.10 14.78
C PRO A 404 35.61 24.95 13.71
N ASP A 405 36.23 26.06 13.33
CA ASP A 405 35.78 26.90 12.24
C ASP A 405 35.85 26.21 10.89
N LEU A 406 36.91 25.47 10.63
CA LEU A 406 36.93 24.55 9.50
C LEU A 406 35.89 23.44 9.60
N GLN A 407 35.63 22.87 10.77
CA GLN A 407 34.60 21.84 10.82
C GLN A 407 33.23 22.38 10.47
N THR A 408 32.86 23.57 10.95
CA THR A 408 31.57 24.10 10.58
C THR A 408 31.51 24.44 9.10
N LYS A 409 32.61 24.88 8.50
CA LYS A 409 32.50 25.07 7.07
C LYS A 409 32.41 23.75 6.32
N ILE A 410 33.13 22.71 6.71
CA ILE A 410 32.95 21.43 6.04
C ILE A 410 31.48 20.97 6.11
N VAL A 411 30.86 20.96 7.30
CA VAL A 411 29.52 20.38 7.49
C VAL A 411 28.47 21.22 6.79
N GLY A 412 28.62 22.54 6.85
CA GLY A 412 27.63 23.41 6.28
C GLY A 412 27.66 23.45 4.78
N THR A 413 28.83 23.38 4.18
CA THR A 413 28.77 23.24 2.76
C THR A 413 28.40 21.84 2.29
N THR A 414 28.55 20.80 3.06
CA THR A 414 27.94 19.63 2.48
C THR A 414 26.46 19.56 2.71
N MET A 415 25.95 20.15 3.77
CA MET A 415 24.51 20.36 3.90
C MET A 415 23.94 21.15 2.74
N PHE A 416 24.60 22.22 2.32
CA PHE A 416 24.09 22.98 1.19
C PHE A 416 24.08 22.14 -0.09
N VAL A 417 25.15 21.42 -0.38
CA VAL A 417 25.22 20.65 -1.63
C VAL A 417 24.19 19.57 -1.65
N SER A 418 23.94 18.97 -0.50
CA SER A 418 22.82 18.07 -0.32
C SER A 418 21.47 18.75 -0.56
N PHE A 419 21.25 19.90 0.04
CA PHE A 419 20.02 20.64 -0.12
C PHE A 419 19.68 20.90 -1.58
N VAL A 420 20.65 21.35 -2.33
CA VAL A 420 20.41 21.71 -3.71
C VAL A 420 20.19 20.49 -4.59
N THR A 421 20.93 19.42 -4.40
CA THR A 421 20.69 18.26 -5.25
C THR A 421 19.40 17.54 -4.89
N VAL A 422 19.01 17.54 -3.64
CA VAL A 422 17.81 16.84 -3.26
C VAL A 422 16.60 17.69 -3.61
N VAL A 423 16.70 19.01 -3.52
CA VAL A 423 15.60 19.84 -3.97
C VAL A 423 15.42 19.71 -5.47
N PHE A 424 16.49 19.70 -6.26
CA PHE A 424 16.34 19.47 -7.67
C PHE A 424 15.67 18.12 -7.98
N GLY A 425 16.16 17.00 -7.46
CA GLY A 425 15.56 15.70 -7.71
C GLY A 425 14.16 15.47 -7.21
N TYR A 426 13.92 15.80 -5.97
CA TYR A 426 12.60 15.60 -5.43
C TYR A 426 11.62 16.58 -6.04
N GLY A 427 12.05 17.79 -6.34
CA GLY A 427 11.19 18.73 -7.04
C GLY A 427 10.87 18.31 -8.46
N MET A 428 11.80 17.68 -9.15
CA MET A 428 11.47 17.19 -10.48
C MET A 428 10.57 15.98 -10.47
N ILE A 429 10.70 15.11 -9.49
CA ILE A 429 9.77 14.03 -9.29
C ILE A 429 8.38 14.56 -9.05
N CYS A 430 8.25 15.54 -8.18
CA CYS A 430 6.95 16.09 -7.88
C CYS A 430 6.32 16.73 -9.11
N TRP A 431 7.09 17.49 -9.88
CA TRP A 431 6.64 18.11 -11.09
C TRP A 431 6.05 17.08 -12.07
N ASN A 432 6.84 16.10 -12.42
CA ASN A 432 6.37 15.13 -13.40
C ASN A 432 5.30 14.19 -12.88
N THR A 433 5.16 13.99 -11.58
CA THR A 433 3.96 13.31 -11.13
C THR A 433 2.73 14.18 -11.22
N GLY A 434 2.84 15.46 -10.96
CA GLY A 434 1.79 16.38 -11.32
C GLY A 434 1.40 16.33 -12.77
N ALA A 435 2.39 16.24 -13.67
CA ALA A 435 2.14 16.21 -15.10
C ALA A 435 1.42 14.94 -15.53
N GLU A 436 1.90 13.79 -15.10
CA GLU A 436 1.27 12.54 -15.41
C GLU A 436 -0.13 12.43 -14.82
N LEU A 437 -0.46 13.16 -13.76
CA LEU A 437 -1.80 13.05 -13.21
C LEU A 437 -2.79 14.10 -13.70
N ASP A 438 -2.35 15.12 -14.45
CA ASP A 438 -3.16 16.20 -15.08
C ASP A 438 -3.80 17.13 -14.07
N LEU A 439 -3.09 17.48 -13.02
CA LEU A 439 -3.69 18.13 -11.87
C LEU A 439 -3.87 19.62 -12.05
N ASN A 440 -5.06 20.08 -11.82
CA ASN A 440 -5.39 21.49 -11.95
C ASN A 440 -5.19 22.13 -10.58
N PHE A 441 -4.36 23.13 -10.54
CA PHE A 441 -4.15 23.88 -9.32
C PHE A 441 -4.80 25.25 -9.34
N GLY A 442 -5.67 25.51 -10.25
CA GLY A 442 -6.23 26.81 -10.26
C GLY A 442 -5.30 27.72 -10.97
N ILE A 443 -4.10 27.89 -10.41
CA ILE A 443 -3.07 28.69 -11.07
C ILE A 443 -2.32 27.97 -12.19
N TYR A 444 -2.55 26.70 -12.44
CA TYR A 444 -1.81 25.98 -13.45
C TYR A 444 -2.56 24.69 -13.71
N GLN A 445 -2.66 24.30 -14.93
CA GLN A 445 -3.15 22.99 -15.32
C GLN A 445 -1.96 22.16 -15.73
N PHE A 446 -1.65 21.12 -14.98
CA PHE A 446 -0.70 20.12 -15.44
C PHE A 446 -1.26 19.33 -16.61
N ARG A 447 -0.42 19.01 -17.59
CA ARG A 447 -0.84 18.25 -18.75
C ARG A 447 0.09 17.07 -19.00
N SER A 448 -0.51 15.96 -19.38
CA SER A 448 0.06 14.68 -19.71
C SER A 448 0.74 14.62 -21.09
N PHE A 449 1.52 13.56 -21.31
CA PHE A 449 2.02 13.19 -22.62
C PHE A 449 0.96 12.38 -23.34
N ARG A 450 0.66 12.72 -24.58
CA ARG A 450 -0.18 11.88 -25.42
C ARG A 450 0.35 11.89 -26.83
N ALA A 451 0.26 10.79 -27.53
CA ALA A 451 0.76 10.69 -28.90
C ALA A 451 -0.30 10.09 -29.81
N ILE A 452 -0.21 10.39 -31.08
CA ILE A 452 -1.12 9.95 -32.11
C ILE A 452 -0.27 9.74 -33.33
N GLN A 453 -0.34 8.56 -33.91
CA GLN A 453 0.50 8.22 -35.03
C GLN A 453 0.04 8.91 -36.30
N MET A 454 0.98 9.46 -37.03
CA MET A 454 0.68 10.26 -38.18
C MET A 454 0.94 9.54 -39.48
N ASP A 455 1.70 8.47 -39.46
CA ASP A 455 2.12 7.78 -40.65
C ASP A 455 1.46 6.42 -40.75
N GLY A 456 1.65 5.78 -41.87
CA GLY A 456 1.00 4.52 -42.18
C GLY A 456 -0.51 4.59 -42.10
N GLU A 457 -1.12 3.45 -41.84
CA GLU A 457 -2.58 3.34 -41.86
C GLU A 457 -3.23 4.20 -40.80
N ALA A 458 -2.67 4.23 -39.61
CA ALA A 458 -3.13 5.12 -38.57
C ALA A 458 -3.31 6.56 -39.05
N GLY A 459 -2.43 7.05 -39.87
CA GLY A 459 -2.53 8.39 -40.39
C GLY A 459 -3.72 8.72 -41.25
N ASN A 460 -4.61 7.78 -41.51
CA ASN A 460 -5.82 8.05 -42.23
C ASN A 460 -7.05 8.03 -41.35
N ILE A 461 -6.92 7.95 -40.04
CA ILE A 461 -8.06 8.11 -39.14
C ILE A 461 -8.33 9.60 -38.95
N GLY A 462 -9.58 10.04 -39.07
CA GLY A 462 -9.94 11.45 -38.89
C GLY A 462 -10.43 11.83 -37.50
N TYR A 463 -10.27 13.11 -37.15
CA TYR A 463 -10.76 13.72 -35.92
C TYR A 463 -11.38 15.05 -36.25
N ARG A 464 -12.24 15.54 -35.37
CA ARG A 464 -12.70 16.92 -35.41
C ARG A 464 -11.70 17.84 -34.74
N VAL A 465 -11.40 18.95 -35.35
CA VAL A 465 -10.34 19.82 -34.86
C VAL A 465 -10.90 21.21 -34.65
N PHE A 466 -10.59 21.73 -33.45
CA PHE A 466 -10.79 23.16 -33.14
C PHE A 466 -9.41 23.74 -33.45
N ARG A 467 -9.32 24.68 -34.36
CA ARG A 467 -8.11 25.19 -34.91
C ARG A 467 -8.05 26.68 -34.67
N PRO A 468 -7.05 27.20 -34.01
CA PRO A 468 -7.09 28.63 -33.69
C PRO A 468 -6.72 29.48 -34.89
N LYS A 469 -7.12 30.72 -34.86
CA LYS A 469 -6.84 31.58 -35.96
C LYS A 469 -5.43 32.04 -36.04
N ASN A 470 -4.94 32.54 -34.95
CA ASN A 470 -3.57 33.05 -34.96
C ASN A 470 -3.13 33.02 -33.59
N PRO A 471 -2.54 31.96 -33.20
CA PRO A 471 -2.00 31.72 -31.86
C PRO A 471 -1.28 32.92 -31.26
N TRP A 472 -0.33 33.48 -32.00
CA TRP A 472 0.51 34.59 -31.58
C TRP A 472 -0.14 35.87 -31.18
N ASP A 473 -1.36 36.14 -31.57
CA ASP A 473 -1.99 37.31 -31.09
C ASP A 473 -3.17 36.86 -30.29
N PRO A 474 -3.34 37.51 -29.15
CA PRO A 474 -4.35 37.59 -28.10
C PRO A 474 -5.47 38.37 -28.75
N THR A 475 -6.70 38.19 -28.27
CA THR A 475 -7.97 38.62 -28.97
C THR A 475 -7.89 37.71 -30.22
N ALA A 476 -7.69 36.42 -29.94
CA ALA A 476 -7.48 35.34 -30.80
C ALA A 476 -8.76 34.83 -31.30
N GLY A 477 -9.13 33.63 -30.94
CA GLY A 477 -10.33 33.02 -31.45
C GLY A 477 -9.92 31.83 -32.29
N GLY A 478 -10.83 30.91 -32.47
CA GLY A 478 -10.63 29.74 -33.24
C GLY A 478 -11.94 29.25 -33.68
N ASP A 479 -11.88 28.23 -34.46
CA ASP A 479 -13.06 27.68 -35.00
C ASP A 479 -12.85 26.32 -35.35
N TRP A 480 -13.92 25.56 -35.36
CA TRP A 480 -13.85 24.19 -35.76
C TRP A 480 -13.56 24.12 -37.22
N VAL A 481 -12.93 23.11 -37.71
CA VAL A 481 -12.58 23.01 -39.11
C VAL A 481 -13.80 22.52 -39.87
N LYS A 482 -14.20 23.20 -40.88
CA LYS A 482 -15.42 22.83 -41.55
C LYS A 482 -15.29 22.51 -42.98
N ASN A 483 -16.37 22.13 -43.59
CA ASN A 483 -16.39 21.97 -45.03
C ASN A 483 -16.85 23.29 -45.61
N PRO A 484 -16.85 23.40 -46.94
CA PRO A 484 -17.30 24.61 -47.63
C PRO A 484 -18.81 24.87 -47.40
N ASP A 485 -19.61 23.83 -47.24
CA ASP A 485 -21.02 23.97 -46.89
C ASP A 485 -21.29 24.19 -45.42
N GLY A 486 -20.31 23.98 -44.56
CA GLY A 486 -20.49 24.26 -43.16
C GLY A 486 -20.64 23.21 -42.11
N THR A 487 -20.36 22.00 -42.48
CA THR A 487 -20.39 20.88 -41.59
C THR A 487 -19.02 20.64 -41.00
N ALA A 488 -18.89 20.04 -39.84
CA ALA A 488 -17.59 19.82 -39.24
C ALA A 488 -16.85 18.73 -39.93
N LYS A 489 -15.76 19.02 -40.56
CA LYS A 489 -14.97 18.12 -41.34
C LYS A 489 -14.03 17.34 -40.46
N LEU A 490 -13.79 16.10 -40.82
CA LEU A 490 -12.87 15.23 -40.13
C LEU A 490 -11.45 15.34 -40.68
N VAL A 491 -10.50 15.68 -39.83
CA VAL A 491 -9.12 15.92 -40.21
C VAL A 491 -8.32 14.65 -40.02
N LYS A 492 -7.63 14.20 -41.05
CA LYS A 492 -6.88 12.97 -40.98
C LYS A 492 -5.60 13.18 -40.21
N ALA A 493 -5.31 12.31 -39.23
CA ALA A 493 -4.12 12.47 -38.41
C ALA A 493 -2.87 12.85 -39.19
N ARG A 494 -2.63 12.29 -40.37
CA ARG A 494 -1.57 12.79 -41.23
C ARG A 494 -1.58 14.29 -41.49
N ASN A 495 -2.71 14.96 -41.38
CA ASN A 495 -2.79 16.39 -41.67
C ASN A 495 -2.87 17.29 -40.44
N LEU A 496 -2.66 16.79 -39.25
CA LEU A 496 -2.62 17.65 -38.07
C LEU A 496 -1.48 18.67 -38.10
N GLN A 497 -1.70 19.80 -37.44
CA GLN A 497 -0.77 20.90 -37.29
C GLN A 497 -0.58 21.30 -35.84
N VAL A 498 0.49 22.04 -35.60
CA VAL A 498 0.76 22.52 -34.26
C VAL A 498 -0.25 23.60 -33.89
N GLY A 499 -0.82 23.47 -32.72
CA GLY A 499 -1.91 24.27 -32.27
C GLY A 499 -3.27 23.62 -32.35
N ASP A 500 -3.53 22.59 -33.06
CA ASP A 500 -4.87 21.97 -33.08
C ASP A 500 -5.36 21.36 -31.83
N ARG A 501 -6.63 21.37 -31.56
CA ARG A 501 -7.15 20.74 -30.41
C ARG A 501 -8.11 19.72 -30.66
N ILE A 502 -7.91 18.59 -30.11
CA ILE A 502 -8.80 17.51 -30.31
C ILE A 502 -9.42 17.28 -28.95
N LEU A 503 -10.70 17.05 -28.89
CA LEU A 503 -11.46 16.73 -27.70
C LEU A 503 -10.96 15.47 -26.99
N ASN A 504 -10.81 15.53 -25.66
CA ASN A 504 -10.27 14.39 -24.92
C ASN A 504 -11.18 13.18 -25.01
N GLU A 505 -12.49 13.38 -25.02
CA GLU A 505 -13.48 12.33 -25.04
C GLU A 505 -13.45 11.51 -26.32
N GLU A 506 -13.24 12.15 -27.42
CA GLU A 506 -13.09 11.50 -28.70
C GLU A 506 -11.77 10.76 -28.86
N LEU A 507 -10.73 11.12 -28.19
CA LEU A 507 -9.60 10.22 -28.11
C LEU A 507 -9.84 9.11 -27.12
N GLY A 508 -10.99 9.06 -26.49
CA GLY A 508 -11.31 8.09 -25.48
C GLY A 508 -10.56 8.21 -24.18
N ILE A 509 -10.29 9.42 -23.69
CA ILE A 509 -9.54 9.68 -22.48
C ILE A 509 -10.51 10.22 -21.43
N GLY A 510 -10.74 9.45 -20.38
CA GLY A 510 -11.18 9.96 -19.14
C GLY A 510 -9.96 10.36 -18.36
N SER A 511 -10.09 10.39 -17.10
CA SER A 511 -8.86 10.59 -16.32
C SER A 511 -8.22 11.94 -16.48
N SER A 512 -8.65 12.80 -17.37
CA SER A 512 -8.25 14.21 -17.30
C SER A 512 -9.46 15.12 -17.34
N PRO A 513 -10.33 15.04 -16.34
CA PRO A 513 -11.61 15.75 -16.40
C PRO A 513 -11.56 17.29 -16.29
N THR A 514 -10.48 17.92 -15.89
CA THR A 514 -10.52 19.35 -15.64
C THR A 514 -10.33 20.18 -16.91
N TYR A 515 -9.92 19.61 -18.00
CA TYR A 515 -9.83 20.29 -19.26
C TYR A 515 -10.41 19.37 -20.30
N SER A 516 -10.56 19.86 -21.49
CA SER A 516 -11.36 19.33 -22.58
C SER A 516 -10.58 18.87 -23.80
N PHE A 517 -9.51 19.52 -24.15
CA PHE A 517 -8.80 19.27 -25.41
C PHE A 517 -7.41 18.72 -25.18
N THR A 518 -6.90 17.95 -26.12
CA THR A 518 -5.47 17.73 -26.17
C THR A 518 -4.93 18.58 -27.29
N THR A 519 -3.75 19.14 -27.12
CA THR A 519 -3.21 20.12 -28.06
C THR A 519 -2.06 19.51 -28.82
N ILE A 520 -2.00 19.71 -30.11
CA ILE A 520 -0.86 19.26 -30.85
C ILE A 520 0.27 20.28 -30.68
N GLU A 521 1.39 19.83 -30.15
CA GLU A 521 2.56 20.62 -29.89
C GLU A 521 3.71 20.35 -30.80
N GLU A 522 3.85 19.18 -31.32
CA GLU A 522 4.86 18.81 -32.29
C GLU A 522 4.20 17.85 -33.25
N ILE A 523 4.51 17.94 -34.52
CA ILE A 523 4.03 16.99 -35.52
C ILE A 523 5.20 16.30 -36.22
N ASN A 524 4.92 15.12 -36.73
CA ASN A 524 5.86 14.19 -37.37
C ASN A 524 7.06 13.87 -36.50
N TYR A 525 6.85 13.64 -35.23
CA TYR A 525 7.88 13.43 -34.23
C TYR A 525 8.37 12.01 -34.32
N LYS A 526 9.66 11.81 -34.28
CA LYS A 526 10.23 10.48 -34.25
C LYS A 526 11.07 10.41 -33.02
N PRO A 527 10.80 9.53 -32.07
CA PRO A 527 11.66 9.44 -30.89
C PRO A 527 13.12 9.29 -31.25
N GLU A 528 13.96 10.08 -30.64
CA GLU A 528 15.37 9.72 -30.54
C GLU A 528 15.38 8.49 -29.64
N TRP A 529 15.74 7.34 -30.12
CA TRP A 529 15.46 6.14 -29.31
C TRP A 529 14.02 5.75 -28.92
N GLY A 530 13.38 4.98 -29.75
CA GLY A 530 12.06 4.46 -29.45
C GLY A 530 11.47 3.77 -30.63
N GLN A 531 10.29 3.95 -30.85
CA GLN A 531 9.58 3.27 -31.91
C GLN A 531 9.82 3.96 -33.25
N PRO A 532 9.90 3.24 -34.29
CA PRO A 532 10.19 3.84 -35.60
C PRO A 532 8.91 4.23 -36.34
N LYS A 533 8.26 5.22 -35.80
CA LYS A 533 6.94 5.71 -36.12
C LYS A 533 6.95 7.22 -36.06
N LEU A 534 5.94 7.83 -36.59
CA LEU A 534 5.76 9.27 -36.62
C LEU A 534 4.52 9.71 -35.88
N TYR A 535 4.66 10.65 -34.97
CA TYR A 535 3.57 11.07 -34.11
C TYR A 535 3.27 12.54 -34.19
N ALA A 536 2.04 12.87 -33.97
CA ALA A 536 1.64 14.15 -33.40
C ALA A 536 1.60 13.99 -31.90
N VAL A 537 2.03 15.00 -31.18
CA VAL A 537 2.24 14.86 -29.75
C VAL A 537 1.69 16.06 -28.96
N GLN A 538 1.16 15.87 -27.75
CA GLN A 538 1.03 16.84 -26.73
C GLN A 538 2.28 16.60 -25.79
N TRP A 539 3.13 17.54 -25.53
CA TRP A 539 4.20 17.36 -24.53
C TRP A 539 3.65 17.68 -23.18
N GLY A 540 2.69 18.58 -23.07
CA GLY A 540 2.02 19.07 -21.92
C GLY A 540 3.03 19.57 -20.98
N SER A 541 3.07 19.09 -19.75
CA SER A 541 4.04 19.44 -18.80
C SER A 541 5.17 18.47 -18.64
N TRP A 542 5.09 17.27 -19.17
CA TRP A 542 6.07 16.18 -19.19
C TRP A 542 7.48 16.50 -19.67
N THR A 543 8.38 16.66 -18.79
CA THR A 543 9.75 16.99 -19.11
C THR A 543 10.67 15.90 -19.70
N HIS A 544 10.51 15.47 -20.90
CA HIS A 544 11.34 14.49 -21.59
C HIS A 544 12.77 14.97 -21.82
N PHE A 545 13.00 16.27 -21.90
CA PHE A 545 14.35 16.79 -21.95
C PHE A 545 15.21 16.51 -20.70
N LEU A 546 14.62 16.18 -19.55
CA LEU A 546 15.34 16.00 -18.31
C LEU A 546 16.24 14.77 -18.33
N ARG A 547 16.11 13.91 -19.31
CA ARG A 547 16.98 12.75 -19.43
C ARG A 547 18.42 13.18 -19.75
N LYS A 548 18.61 14.36 -20.21
CA LYS A 548 19.80 14.96 -20.76
C LYS A 548 20.53 15.81 -19.81
N VAL A 549 20.04 15.76 -18.59
CA VAL A 549 20.47 16.61 -17.50
C VAL A 549 21.12 15.63 -16.56
N ASN A 550 22.00 14.87 -17.07
CA ASN A 550 22.62 13.65 -16.60
C ASN A 550 23.93 13.58 -17.34
N PRO A 551 25.06 13.65 -16.65
CA PRO A 551 26.36 13.57 -17.30
C PRO A 551 26.62 12.23 -17.93
N LEU A 552 26.05 11.20 -17.33
CA LEU A 552 26.10 9.83 -17.77
C LEU A 552 25.28 9.52 -19.00
N PHE A 553 24.24 10.29 -19.33
CA PHE A 553 23.61 10.22 -20.64
C PHE A 553 24.63 10.49 -21.71
N TRP A 554 25.37 11.57 -21.57
CA TRP A 554 26.25 12.06 -22.62
C TRP A 554 27.49 11.21 -22.78
N VAL A 555 28.03 10.68 -21.70
CA VAL A 555 29.21 9.87 -21.81
C VAL A 555 28.85 8.54 -22.44
N ASP A 556 27.76 7.94 -21.99
CA ASP A 556 27.25 6.70 -22.52
C ASP A 556 26.95 6.81 -23.98
N LYS A 557 26.23 7.85 -24.39
CA LYS A 557 25.83 8.00 -25.76
C LYS A 557 26.98 8.43 -26.65
N GLY A 558 27.95 9.14 -26.12
CA GLY A 558 29.10 9.49 -26.93
C GLY A 558 30.00 8.32 -27.25
N ILE A 559 30.40 7.54 -26.29
CA ILE A 559 31.21 6.37 -26.50
C ILE A 559 30.46 5.45 -27.45
N TRP A 560 29.21 5.24 -27.17
CA TRP A 560 28.42 4.47 -28.02
C TRP A 560 28.30 4.98 -29.40
N TYR A 561 28.12 6.26 -29.66
CA TYR A 561 28.11 6.75 -31.00
C TYR A 561 29.46 6.46 -31.65
N LEU A 562 30.57 6.75 -31.03
CA LEU A 562 31.88 6.53 -31.62
C LEU A 562 32.12 5.10 -31.99
N GLN A 563 31.49 4.17 -31.34
CA GLN A 563 31.74 2.77 -31.61
C GLN A 563 30.83 2.22 -32.70
N ASN A 564 29.81 2.92 -33.08
CA ASN A 564 28.74 2.44 -33.91
C ASN A 564 28.42 3.44 -35.00
N GLN A 565 29.39 4.22 -35.42
CA GLN A 565 29.13 5.47 -36.08
C GLN A 565 28.63 5.27 -37.50
N LYS A 566 28.98 4.17 -38.12
CA LYS A 566 28.54 3.92 -39.48
C LYS A 566 27.12 3.46 -39.55
N THR A 567 26.73 2.56 -38.68
CA THR A 567 25.34 2.22 -38.71
C THR A 567 24.50 3.33 -38.15
N PHE A 568 24.99 4.16 -37.26
CA PHE A 568 24.25 5.34 -36.83
C PHE A 568 24.00 6.31 -37.96
N GLU A 569 25.00 6.57 -38.76
CA GLU A 569 24.89 7.41 -39.93
C GLU A 569 23.96 6.86 -41.00
N ALA A 570 23.98 5.56 -41.25
CA ALA A 570 23.06 4.97 -42.21
C ALA A 570 21.64 4.93 -41.71
N THR A 571 21.43 4.74 -40.40
CA THR A 571 20.13 4.86 -39.81
C THR A 571 19.56 6.26 -39.97
N ARG A 572 20.36 7.27 -39.64
CA ARG A 572 19.91 8.65 -39.76
C ARG A 572 19.49 8.93 -41.18
N LYS A 573 20.24 8.44 -42.13
CA LYS A 573 19.95 8.76 -43.52
C LYS A 573 18.71 8.03 -44.04
N ALA A 574 18.41 6.87 -43.47
CA ALA A 574 17.24 6.07 -43.82
C ALA A 574 15.96 6.65 -43.24
N ASP A 575 16.07 7.21 -42.05
CA ASP A 575 15.00 8.02 -41.46
C ASP A 575 14.68 9.25 -42.30
N GLU A 576 15.71 9.94 -42.76
CA GLU A 576 15.49 11.13 -43.53
C GLU A 576 14.82 10.81 -44.86
N ALA A 577 15.23 9.72 -45.50
CA ALA A 577 14.56 9.31 -46.72
C ALA A 577 13.12 8.88 -46.49
N TYR A 578 12.84 8.18 -45.40
CA TYR A 578 11.47 7.82 -45.16
C TYR A 578 10.59 9.02 -44.86
N LEU A 579 11.07 9.98 -44.09
CA LEU A 579 10.27 11.15 -43.86
C LEU A 579 9.92 11.86 -45.18
N ALA A 580 10.87 12.04 -46.08
CA ALA A 580 10.52 12.68 -47.35
C ALA A 580 9.49 11.87 -48.11
N ALA A 581 9.60 10.55 -48.10
CA ALA A 581 8.65 9.73 -48.85
C ALA A 581 7.27 9.75 -48.21
N HIS A 582 7.19 9.77 -46.90
CA HIS A 582 5.90 9.88 -46.24
C HIS A 582 5.25 11.22 -46.52
N LEU A 583 6.04 12.28 -46.58
CA LEU A 583 5.51 13.59 -46.82
C LEU A 583 4.92 13.69 -48.21
N LYS A 584 5.55 13.09 -49.17
CA LYS A 584 5.03 13.09 -50.53
C LYS A 584 3.82 12.15 -50.69
N ALA A 585 3.80 11.06 -49.98
CA ALA A 585 2.59 10.28 -49.95
C ALA A 585 1.42 11.08 -49.40
N VAL A 586 1.65 11.93 -48.41
CA VAL A 586 0.54 12.65 -47.83
C VAL A 586 0.04 13.69 -48.80
N SER A 587 0.92 14.34 -49.52
CA SER A 587 0.47 15.15 -50.65
C SER A 587 -0.43 14.40 -51.59
N LEU A 588 -0.03 13.21 -52.04
CA LEU A 588 -0.80 12.51 -53.04
C LEU A 588 -2.15 12.06 -52.47
N LEU A 589 -2.17 11.54 -51.27
CA LEU A 589 -3.43 11.18 -50.64
C LEU A 589 -4.38 12.36 -50.50
N ASN A 590 -3.88 13.51 -50.12
CA ASN A 590 -4.66 14.74 -50.07
C ASN A 590 -5.19 15.17 -51.42
N GLN A 591 -4.41 15.07 -52.49
CA GLN A 591 -4.95 15.41 -53.81
C GLN A 591 -6.10 14.50 -54.16
N ILE A 592 -5.96 13.25 -53.84
CA ILE A 592 -7.06 12.33 -54.02
C ILE A 592 -8.26 12.87 -53.28
N ASP A 593 -8.17 13.04 -51.96
CA ASP A 593 -9.32 13.39 -51.12
C ASP A 593 -9.96 14.70 -51.51
N ASP A 594 -9.19 15.67 -51.97
CA ASP A 594 -9.69 16.94 -52.46
C ASP A 594 -9.81 16.97 -53.98
N ALA A 595 -10.15 15.86 -54.62
CA ALA A 595 -10.29 15.88 -56.10
C ALA A 595 -11.46 16.74 -56.57
N GLN A 596 -12.69 16.35 -56.26
CA GLN A 596 -13.93 16.88 -56.87
C GLN A 596 -14.30 16.46 -58.31
N THR A 597 -13.41 15.84 -59.07
CA THR A 597 -13.81 15.33 -60.39
C THR A 597 -13.45 13.87 -60.51
N GLU A 598 -14.46 13.03 -60.72
CA GLU A 598 -14.22 11.60 -60.84
C GLU A 598 -13.03 11.32 -61.76
N GLU A 599 -12.81 12.17 -62.76
CA GLU A 599 -11.56 12.07 -63.51
C GLU A 599 -10.36 12.49 -62.68
N ALA A 600 -10.44 13.62 -62.00
CA ALA A 600 -9.29 14.12 -61.25
C ALA A 600 -8.97 13.20 -60.07
N LYS A 601 -10.00 12.62 -59.49
CA LYS A 601 -9.84 11.57 -58.50
C LYS A 601 -9.08 10.41 -59.09
N GLN A 602 -9.51 9.97 -60.26
CA GLN A 602 -8.97 8.74 -60.80
C GLN A 602 -7.53 8.91 -61.18
N LYS A 603 -7.18 10.06 -61.75
CA LYS A 603 -5.80 10.31 -62.08
C LYS A 603 -4.93 10.46 -60.84
N ALA A 604 -5.43 11.09 -59.77
CA ALA A 604 -4.64 11.18 -58.56
C ALA A 604 -4.38 9.80 -57.98
N GLN A 605 -5.39 8.99 -58.01
CA GLN A 605 -5.27 7.68 -57.49
C GLN A 605 -4.32 6.90 -58.28
N ALA A 606 -4.08 7.28 -59.51
CA ALA A 606 -3.20 6.58 -60.32
C ALA A 606 -1.84 6.92 -59.94
N GLU A 607 -1.58 8.13 -59.54
CA GLU A 607 -0.23 8.48 -59.20
C GLU A 607 0.21 8.11 -57.79
N LEU A 608 -0.69 7.85 -56.87
CA LEU A 608 -0.26 7.37 -55.58
C LEU A 608 -0.03 5.89 -55.81
N ASP A 609 -0.79 5.24 -56.67
CA ASP A 609 -0.53 3.84 -56.96
C ASP A 609 0.82 3.54 -57.54
N LYS A 610 1.35 4.44 -58.31
CA LYS A 610 2.63 4.25 -58.84
C LYS A 610 3.70 4.87 -57.96
N PHE A 611 3.36 5.37 -56.81
CA PHE A 611 4.36 5.82 -55.90
C PHE A 611 4.30 4.91 -54.72
N ARG A 612 3.30 4.09 -54.52
CA ARG A 612 3.22 3.18 -53.39
C ARG A 612 4.46 2.32 -53.29
N PRO A 613 4.82 1.64 -54.35
CA PRO A 613 6.09 0.96 -54.28
C PRO A 613 7.15 2.03 -54.31
N GLU A 614 8.13 1.90 -53.43
CA GLU A 614 9.04 2.97 -53.03
C GLU A 614 8.59 3.88 -51.89
N LEU A 615 7.34 3.90 -51.51
CA LEU A 615 7.07 4.24 -50.13
C LEU A 615 7.24 2.99 -49.29
N GLU A 616 6.78 1.87 -49.81
CA GLU A 616 7.01 0.58 -49.18
C GLU A 616 8.48 0.36 -48.96
N LYS A 617 9.30 0.69 -49.95
CA LYS A 617 10.71 0.45 -49.89
C LYS A 617 11.42 1.34 -48.91
N ALA A 618 11.03 2.60 -48.83
CA ALA A 618 11.60 3.50 -47.87
C ALA A 618 11.24 3.10 -46.44
N HIS A 619 10.07 2.54 -46.24
CA HIS A 619 9.68 2.07 -44.91
C HIS A 619 10.39 0.76 -44.52
N ALA A 620 10.48 -0.19 -45.42
CA ALA A 620 11.31 -1.36 -45.15
C ALA A 620 12.73 -0.97 -44.82
N ASN A 621 13.33 -0.08 -45.59
CA ASN A 621 14.69 0.32 -45.33
C ASN A 621 14.91 0.98 -43.99
N MET A 622 13.96 1.78 -43.59
CA MET A 622 14.05 2.45 -42.33
C MET A 622 13.90 1.49 -41.17
N LEU A 623 12.90 0.62 -41.23
CA LEU A 623 12.68 -0.43 -40.23
C LEU A 623 13.90 -1.32 -40.05
N GLU A 624 14.52 -1.73 -41.12
CA GLU A 624 15.64 -2.63 -40.94
C GLU A 624 16.87 -1.91 -40.42
N TRP A 625 17.08 -0.66 -40.81
CA TRP A 625 18.24 0.03 -40.24
C TRP A 625 18.01 0.35 -38.78
N ASN A 626 16.80 0.63 -38.37
CA ASN A 626 16.53 0.87 -36.96
C ASN A 626 16.70 -0.38 -36.13
N GLU A 627 16.28 -1.52 -36.65
CA GLU A 627 16.51 -2.79 -35.97
C GLU A 627 17.99 -3.07 -35.78
N ARG A 628 18.81 -2.90 -36.82
CA ARG A 628 20.26 -3.04 -36.65
C ARG A 628 20.83 -2.13 -35.60
N LEU A 629 20.53 -0.81 -35.67
CA LEU A 629 21.08 0.11 -34.70
C LEU A 629 20.72 -0.26 -33.28
N ALA A 630 19.57 -0.79 -33.03
CA ALA A 630 19.19 -1.14 -31.70
C ALA A 630 19.73 -2.50 -31.19
N SER A 631 20.65 -3.11 -31.87
CA SER A 631 21.29 -4.33 -31.58
C SER A 631 22.71 -4.14 -31.39
N THR A 632 23.20 -2.94 -31.25
CA THR A 632 24.54 -2.69 -31.02
C THR A 632 24.83 -2.90 -29.51
N PRO A 633 26.03 -3.32 -29.16
CA PRO A 633 26.41 -3.48 -27.75
C PRO A 633 26.36 -2.32 -26.80
N ALA A 634 25.97 -2.59 -25.62
CA ALA A 634 25.88 -1.59 -24.60
C ALA A 634 27.24 -1.12 -24.07
N VAL A 635 27.27 0.13 -23.66
CA VAL A 635 28.36 0.75 -22.90
C VAL A 635 28.00 0.82 -21.43
N LEU A 636 27.17 1.74 -20.99
CA LEU A 636 26.77 1.80 -19.60
C LEU A 636 25.31 1.42 -19.43
N TYR A 637 24.43 2.08 -20.09
CA TYR A 637 23.04 1.78 -20.04
C TYR A 637 22.66 0.64 -20.98
N SER A 638 22.13 -0.41 -20.44
CA SER A 638 21.75 -1.57 -21.16
C SER A 638 20.35 -2.01 -20.99
N ASN A 639 19.93 -2.79 -21.93
CA ASN A 639 18.74 -3.69 -22.09
C ASN A 639 18.84 -4.98 -21.25
N LEU A 640 17.89 -5.86 -21.32
CA LEU A 640 17.94 -7.18 -20.68
C LEU A 640 18.65 -8.14 -21.45
N ARG A 641 19.03 -7.83 -22.68
CA ARG A 641 19.86 -8.50 -23.66
C ARG A 641 21.18 -7.84 -23.38
N ASP A 642 22.01 -7.46 -24.30
CA ASP A 642 23.05 -6.61 -23.75
C ASP A 642 23.28 -5.45 -24.72
N GLN A 643 22.20 -4.83 -25.05
CA GLN A 643 22.14 -3.91 -26.16
C GLN A 643 21.99 -2.51 -25.62
N HIS A 644 22.36 -1.53 -26.39
CA HIS A 644 22.22 -0.14 -26.01
C HIS A 644 20.80 0.23 -25.67
N ARG A 645 20.62 0.94 -24.62
CA ARG A 645 19.43 1.78 -24.52
C ARG A 645 19.87 3.20 -24.31
N ASP A 646 19.10 4.16 -24.77
CA ASP A 646 19.37 5.54 -24.36
C ASP A 646 18.99 5.77 -22.92
N GLY A 647 19.69 6.68 -22.28
CA GLY A 647 19.32 7.12 -20.96
C GLY A 647 17.93 7.74 -20.92
N GLU A 648 17.33 7.62 -19.79
CA GLU A 648 15.96 7.96 -19.54
C GLU A 648 15.89 9.00 -18.45
N ILE A 649 14.74 9.60 -18.25
CA ILE A 649 14.45 10.40 -17.06
C ILE A 649 14.79 9.61 -15.78
N ASN A 650 14.33 8.36 -15.66
CA ASN A 650 14.81 7.42 -14.62
C ASN A 650 16.33 7.47 -14.32
N ASP A 651 17.18 7.38 -15.35
CA ASP A 651 18.61 7.37 -15.10
C ASP A 651 19.14 8.73 -14.63
N ALA A 652 18.65 9.83 -15.18
CA ALA A 652 19.00 11.15 -14.67
C ALA A 652 18.57 11.36 -13.22
N ILE A 653 17.39 10.91 -12.85
CA ILE A 653 16.95 11.17 -11.49
C ILE A 653 17.77 10.36 -10.54
N PHE A 654 18.08 9.10 -10.88
CA PHE A 654 18.98 8.26 -10.10
C PHE A 654 20.34 8.90 -9.89
N PHE A 655 20.87 9.50 -10.87
CA PHE A 655 22.08 10.19 -10.78
C PHE A 655 22.05 11.37 -9.78
N TRP A 656 21.06 12.21 -9.81
CA TRP A 656 20.97 13.32 -8.90
C TRP A 656 20.65 12.79 -7.50
N LEU A 657 19.98 11.73 -7.33
CA LEU A 657 19.59 11.19 -6.12
C LEU A 657 20.70 10.51 -5.46
N MET A 658 21.68 9.98 -6.17
CA MET A 658 22.80 9.35 -5.52
C MET A 658 23.69 10.39 -4.90
N ILE A 659 23.96 11.47 -5.62
CA ILE A 659 24.71 12.57 -5.03
C ILE A 659 24.02 13.12 -3.78
N GLY A 660 22.80 13.60 -3.93
CA GLY A 660 22.16 14.26 -2.83
C GLY A 660 21.79 13.37 -1.67
N GLY A 661 21.42 12.12 -1.93
CA GLY A 661 20.91 11.28 -0.90
C GLY A 661 22.00 10.60 -0.10
N TRP A 662 23.12 10.31 -0.73
CA TRP A 662 24.23 9.88 0.08
C TRP A 662 24.82 11.00 0.91
N LEU A 663 24.74 12.25 0.48
CA LEU A 663 25.17 13.27 1.43
C LEU A 663 24.22 13.40 2.60
N PHE A 664 22.91 13.33 2.34
CA PHE A 664 21.94 13.32 3.41
C PHE A 664 22.24 12.21 4.42
N GLY A 665 22.57 11.03 3.93
CA GLY A 665 22.88 9.94 4.82
C GLY A 665 24.21 10.06 5.57
N PHE A 666 25.19 10.72 5.01
CA PHE A 666 26.54 10.71 5.53
C PHE A 666 26.90 11.93 6.33
N ILE A 667 26.08 12.97 6.29
CA ILE A 667 26.29 14.12 7.17
C ILE A 667 26.39 13.76 8.66
N PRO A 668 25.51 12.93 9.25
CA PRO A 668 25.80 12.43 10.62
C PRO A 668 27.16 11.73 10.85
N LEU A 669 27.83 11.20 9.83
CA LEU A 669 29.14 10.61 10.01
C LEU A 669 30.21 11.67 10.19
N LEU A 670 30.09 12.76 9.49
CA LEU A 670 30.88 13.95 9.65
C LEU A 670 30.70 14.57 11.01
N ARG A 671 29.46 14.61 11.49
CA ARG A 671 29.19 15.07 12.84
C ARG A 671 29.80 14.15 13.88
N ILE A 672 29.75 12.83 13.70
CA ILE A 672 30.50 11.93 14.56
C ILE A 672 31.98 12.27 14.54
N ALA A 673 32.54 12.54 13.39
CA ALA A 673 33.96 12.80 13.27
C ALA A 673 34.36 14.11 13.91
N PHE A 674 33.54 15.14 13.87
CA PHE A 674 33.96 16.45 14.35
C PHE A 674 33.45 16.76 15.73
N HIS A 675 32.28 16.30 16.06
CA HIS A 675 31.56 16.83 17.19
C HIS A 675 31.26 15.75 18.20
N ASN A 676 32.09 14.75 18.29
CA ASN A 676 31.93 13.71 19.29
C ASN A 676 32.03 14.24 20.73
N TYR A 677 32.67 15.37 20.92
CA TYR A 677 32.97 15.93 22.22
C TYR A 677 32.35 17.30 22.42
N GLN A 678 32.49 18.17 21.45
CA GLN A 678 31.91 19.49 21.44
C GLN A 678 31.43 19.82 20.04
N SER A 679 30.26 20.30 19.89
CA SER A 679 29.84 20.87 18.66
C SER A 679 29.70 22.38 18.87
N PRO A 680 29.44 23.17 17.82
CA PRO A 680 29.19 24.58 18.06
C PRO A 680 27.99 24.92 18.99
N TRP A 681 26.92 24.17 19.00
CA TRP A 681 25.87 24.36 19.97
C TRP A 681 26.45 24.18 21.35
N TYR A 682 27.03 23.05 21.66
CA TYR A 682 27.72 22.79 22.94
C TYR A 682 28.76 23.71 23.40
N ARG A 683 29.60 24.17 22.56
CA ARG A 683 30.74 25.00 22.91
C ARG A 683 30.28 26.37 23.36
N ASP A 684 29.19 26.81 22.79
CA ASP A 684 28.58 28.09 23.10
C ASP A 684 28.01 28.14 24.50
N PHE A 685 27.52 27.03 25.01
CA PHE A 685 27.01 26.88 26.36
C PHE A 685 28.05 26.37 27.34
N GLU A 686 29.21 26.00 26.85
CA GLU A 686 30.29 25.29 27.52
C GLU A 686 29.88 23.93 28.04
N TRP A 687 29.54 23.02 27.15
CA TRP A 687 29.06 21.77 27.62
C TRP A 687 29.82 20.50 27.64
N ARG A 688 30.43 20.00 26.57
CA ARG A 688 31.12 18.66 26.55
C ARG A 688 30.33 17.37 26.69
N LYS A 689 30.43 16.47 25.75
CA LYS A 689 29.75 15.23 25.77
C LYS A 689 30.58 14.26 26.57
N GLN A 690 30.08 13.85 27.71
CA GLN A 690 30.74 13.00 28.65
C GLN A 690 30.88 11.52 28.36
N SER A 691 30.07 11.00 27.53
CA SER A 691 30.19 9.68 27.08
C SER A 691 29.87 9.63 25.58
N PRO A 692 30.12 8.53 24.98
CA PRO A 692 29.64 8.39 23.61
C PRO A 692 28.22 7.89 23.47
N ASP A 693 27.45 7.72 24.49
CA ASP A 693 26.14 7.20 24.24
C ASP A 693 25.04 7.75 25.10
N PHE A 694 25.20 8.84 25.77
CA PHE A 694 24.14 9.37 26.59
C PHE A 694 22.94 9.75 25.71
N PRO A 695 21.71 9.62 26.22
CA PRO A 695 20.53 9.96 25.40
C PRO A 695 20.21 11.43 25.29
N CYS A 696 20.63 12.24 26.22
CA CYS A 696 20.26 13.67 26.41
C CYS A 696 20.83 14.09 27.72
N ILE A 697 20.55 15.29 28.03
CA ILE A 697 20.83 15.91 29.28
C ILE A 697 19.63 16.69 29.73
N GLY A 698 18.49 16.27 29.31
CA GLY A 698 17.31 16.90 29.65
C GLY A 698 16.66 18.04 28.90
N PRO A 699 15.64 18.58 29.53
CA PRO A 699 14.84 19.62 28.94
C PRO A 699 15.48 20.98 28.81
N VAL A 700 16.69 21.25 29.25
CA VAL A 700 17.24 22.59 29.20
C VAL A 700 17.46 23.04 27.85
N LYS A 701 17.33 24.33 27.61
CA LYS A 701 17.47 24.99 26.31
C LYS A 701 16.53 24.57 25.24
N GLY A 702 15.38 24.03 25.59
CA GLY A 702 14.43 23.58 24.65
C GLY A 702 14.37 22.09 24.61
N GLY A 703 15.46 21.39 24.80
CA GLY A 703 15.45 19.92 24.75
C GLY A 703 16.74 19.45 24.20
N THR A 704 17.35 18.39 24.66
CA THR A 704 18.64 18.04 24.10
C THR A 704 18.80 16.59 23.76
N CYS A 705 17.77 15.93 23.27
CA CYS A 705 17.90 14.55 22.95
C CYS A 705 18.67 14.36 21.73
N GLY A 706 19.42 13.31 21.61
CA GLY A 706 20.05 12.99 20.36
C GLY A 706 21.29 13.55 19.79
N VAL A 707 22.09 14.20 20.59
CA VAL A 707 23.38 14.79 20.31
C VAL A 707 24.53 13.79 20.37
N SER A 708 24.44 12.65 21.06
CA SER A 708 25.65 11.81 21.23
C SER A 708 26.06 11.11 19.94
N ILE A 709 27.23 10.55 19.90
CA ILE A 709 27.70 9.80 18.75
C ILE A 709 27.01 8.50 18.52
N GLN A 710 26.59 7.72 19.49
CA GLN A 710 25.70 6.59 19.25
C GLN A 710 24.36 6.99 18.60
N ASP A 711 23.80 8.11 19.01
CA ASP A 711 22.58 8.57 18.38
C ASP A 711 22.78 9.06 16.95
N GLN A 712 23.87 9.77 16.72
CA GLN A 712 24.26 10.18 15.38
C GLN A 712 24.46 8.99 14.48
N LEU A 713 25.03 7.89 15.01
CA LEU A 713 25.07 6.61 14.31
C LEU A 713 23.69 6.13 13.86
N TRP A 714 22.71 6.05 14.78
CA TRP A 714 21.32 5.70 14.40
C TRP A 714 20.71 6.63 13.36
N PHE A 715 21.01 7.91 13.42
CA PHE A 715 20.45 8.79 12.42
C PHE A 715 21.07 8.53 11.07
N CYS A 716 22.37 8.30 10.98
CA CYS A 716 22.92 7.99 9.68
C CYS A 716 22.18 6.80 9.09
N ILE A 717 21.93 5.80 9.88
CA ILE A 717 21.34 4.58 9.34
C ILE A 717 19.93 4.83 8.84
N LEU A 718 19.14 5.58 9.58
CA LEU A 718 17.80 5.79 9.10
C LEU A 718 17.78 6.63 7.82
N PHE A 719 18.55 7.68 7.82
CA PHE A 719 18.63 8.57 6.68
C PHE A 719 19.10 7.82 5.44
N SER A 720 19.99 6.88 5.60
CA SER A 720 20.50 6.08 4.52
C SER A 720 19.53 5.07 3.99
N ILE A 721 18.56 4.68 4.78
CA ILE A 721 17.44 3.93 4.25
C ILE A 721 16.94 4.54 2.96
N LYS A 722 16.89 5.86 2.89
CA LYS A 722 16.47 6.51 1.62
C LYS A 722 17.32 6.34 0.33
N PRO A 723 18.63 6.61 0.28
CA PRO A 723 19.37 6.18 -0.92
C PRO A 723 19.37 4.65 -1.15
N LEU A 724 19.17 3.87 -0.11
CA LEU A 724 19.19 2.44 -0.25
C LEU A 724 17.92 1.87 -0.88
N SER A 725 16.79 2.49 -0.60
CA SER A 725 15.54 2.19 -1.29
C SER A 725 15.52 2.71 -2.70
N ALA A 726 16.10 3.86 -2.96
CA ALA A 726 16.23 4.26 -4.35
C ALA A 726 17.05 3.23 -5.15
N ILE A 727 18.18 2.77 -4.62
CA ILE A 727 18.88 1.67 -5.25
C ILE A 727 18.00 0.41 -5.40
N ALA A 728 17.20 0.02 -4.41
CA ALA A 728 16.45 -1.22 -4.56
C ALA A 728 15.41 -1.15 -5.67
N TRP A 729 14.70 -0.02 -5.73
CA TRP A 729 13.67 0.27 -6.70
C TRP A 729 14.25 0.31 -8.11
N TYR A 730 15.46 0.88 -8.26
CA TYR A 730 16.14 0.97 -9.54
C TYR A 730 16.66 -0.39 -10.01
N LEU A 731 17.18 -1.17 -9.15
CA LEU A 731 17.64 -2.48 -9.50
C LEU A 731 16.56 -3.35 -9.96
N ASP A 732 15.46 -3.36 -9.31
CA ASP A 732 14.36 -4.13 -9.60
C ASP A 732 13.36 -3.72 -10.69
N GLY A 733 13.59 -2.65 -11.35
CA GLY A 733 12.80 -2.23 -12.41
C GLY A 733 11.76 -1.23 -12.13
N GLY A 734 11.72 -0.60 -11.01
CA GLY A 734 10.87 0.53 -10.83
C GLY A 734 11.20 1.90 -11.54
N TRP A 735 10.26 2.78 -11.77
CA TRP A 735 10.47 4.08 -12.33
C TRP A 735 10.63 5.01 -11.12
N ILE A 736 11.68 5.74 -11.07
CA ILE A 736 11.91 6.50 -9.87
C ILE A 736 11.68 7.96 -10.07
N ALA A 737 11.46 8.38 -11.30
CA ALA A 737 11.36 9.72 -11.78
C ALA A 737 9.99 10.35 -11.52
N THR A 738 8.95 9.57 -11.27
CA THR A 738 7.65 10.03 -10.79
C THR A 738 7.16 9.12 -9.67
N MET A 739 6.03 9.42 -9.12
CA MET A 739 5.36 8.62 -8.16
C MET A 739 4.24 7.74 -8.69
N MET A 740 3.66 8.06 -9.79
CA MET A 740 2.48 7.41 -10.21
C MET A 740 2.54 6.77 -11.52
N ALA A 741 3.67 6.75 -12.17
CA ALA A 741 3.80 6.13 -13.46
C ALA A 741 3.25 4.67 -13.66
N ARG A 742 2.53 4.37 -14.69
CA ARG A 742 2.19 2.96 -14.97
C ARG A 742 3.02 2.44 -16.12
N GLY A 743 3.37 1.19 -16.17
CA GLY A 743 4.06 0.62 -17.33
C GLY A 743 3.35 0.77 -18.67
N ASN A 744 2.07 0.47 -18.72
CA ASN A 744 1.33 0.54 -19.95
C ASN A 744 0.78 1.93 -20.12
N GLU A 745 1.59 2.80 -20.67
CA GLU A 745 1.06 4.06 -21.16
C GLU A 745 1.92 4.56 -22.30
N ALA A 746 1.35 5.54 -23.00
CA ALA A 746 1.81 5.98 -24.30
C ALA A 746 3.26 6.47 -24.29
N TYR A 747 3.68 7.28 -23.32
CA TYR A 747 5.08 7.72 -23.26
C TYR A 747 6.06 6.56 -23.26
N TYR A 748 5.78 5.53 -22.47
CA TYR A 748 6.67 4.41 -22.21
C TYR A 748 6.65 3.41 -23.32
N LEU A 749 5.59 3.28 -24.07
CA LEU A 749 5.52 2.37 -25.19
C LEU A 749 6.10 2.99 -26.46
N THR A 750 5.84 4.25 -26.71
CA THR A 750 6.48 4.94 -27.80
C THR A 750 7.98 5.10 -27.60
N HIS A 751 8.44 5.14 -26.39
CA HIS A 751 9.88 5.28 -26.28
C HIS A 751 10.58 3.99 -25.94
N ASN A 752 9.89 2.87 -26.04
CA ASN A 752 10.41 1.52 -25.76
C ASN A 752 10.96 1.33 -24.34
N ILE A 753 10.33 1.88 -23.35
CA ILE A 753 10.74 1.85 -21.96
C ILE A 753 9.87 0.81 -21.32
N SER A 754 10.46 -0.06 -20.51
CA SER A 754 9.84 -1.00 -19.60
C SER A 754 10.12 -0.66 -18.15
N HIS A 755 9.11 -0.67 -17.32
CA HIS A 755 9.32 -0.44 -15.91
C HIS A 755 8.18 -1.11 -15.17
N THR A 756 8.30 -1.27 -13.92
CA THR A 756 7.25 -1.90 -13.14
C THR A 756 6.48 -1.02 -12.28
N GLY A 757 6.70 0.23 -12.28
CA GLY A 757 6.06 1.15 -11.44
C GLY A 757 5.94 2.57 -11.27
N GLY A 758 6.86 3.31 -10.74
CA GLY A 758 6.49 4.72 -10.38
C GLY A 758 6.49 4.79 -8.86
N VAL A 759 7.13 5.62 -8.06
CA VAL A 759 7.38 5.28 -6.61
C VAL A 759 6.32 4.55 -5.76
N PHE A 760 5.19 5.10 -5.69
CA PHE A 760 4.05 4.51 -5.00
C PHE A 760 3.47 3.37 -5.82
N LEU A 761 3.28 3.64 -7.11
CA LEU A 761 2.68 2.70 -8.04
C LEU A 761 3.47 1.40 -8.09
N TYR A 762 4.78 1.46 -8.03
CA TYR A 762 5.58 0.25 -7.80
C TYR A 762 5.21 -0.58 -6.57
N MET A 763 4.98 0.10 -5.45
CA MET A 763 4.58 -0.62 -4.26
C MET A 763 3.34 -1.48 -4.47
N TRP A 764 2.29 -0.99 -4.98
CA TRP A 764 1.14 -1.71 -5.32
C TRP A 764 1.35 -2.79 -6.43
N ASN A 765 2.02 -2.46 -7.47
CA ASN A 765 2.16 -3.35 -8.60
C ASN A 765 3.01 -4.59 -8.29
N GLU A 766 4.20 -4.41 -7.72
CA GLU A 766 4.95 -5.54 -7.24
C GLU A 766 4.19 -6.38 -6.23
N THR A 767 3.38 -5.77 -5.37
CA THR A 767 2.66 -6.61 -4.41
C THR A 767 1.61 -7.50 -5.08
N THR A 768 0.99 -7.10 -6.20
CA THR A 768 0.26 -8.14 -6.94
C THR A 768 1.10 -9.41 -7.09
N TRP A 769 2.39 -9.24 -7.37
CA TRP A 769 3.18 -10.49 -7.50
C TRP A 769 3.47 -11.16 -6.16
N ILE A 770 3.89 -10.41 -5.15
CA ILE A 770 4.05 -10.93 -3.79
C ILE A 770 2.85 -11.72 -3.29
N TRP A 771 1.66 -11.29 -3.59
CA TRP A 771 0.48 -11.93 -3.08
C TRP A 771 0.34 -13.33 -3.64
N THR A 772 0.91 -13.63 -4.82
CA THR A 772 0.79 -15.02 -5.29
C THR A 772 1.49 -16.09 -4.44
N ASP A 773 2.34 -15.76 -3.45
CA ASP A 773 3.20 -16.66 -2.65
C ASP A 773 2.86 -16.54 -1.18
N ASN A 774 2.39 -17.60 -0.56
CA ASN A 774 1.98 -17.61 0.86
C ASN A 774 3.07 -17.44 1.88
N HIS A 775 4.27 -17.94 1.62
CA HIS A 775 5.47 -17.71 2.34
C HIS A 775 5.97 -16.27 2.19
N LEU A 776 5.98 -15.67 1.04
CA LEU A 776 6.27 -14.28 0.90
C LEU A 776 5.23 -13.39 1.64
N THR A 777 3.94 -13.74 1.70
CA THR A 777 3.01 -12.87 2.37
C THR A 777 3.09 -12.97 3.89
N ALA A 778 3.43 -14.14 4.41
CA ALA A 778 3.71 -14.26 5.82
C ALA A 778 4.94 -13.42 6.22
N MET A 779 5.99 -13.46 5.44
CA MET A 779 7.09 -12.52 5.65
C MET A 779 6.61 -11.07 5.61
N LEU A 780 5.76 -10.69 4.66
CA LEU A 780 5.22 -9.36 4.60
C LEU A 780 4.51 -8.98 5.92
N LEU A 781 3.64 -9.84 6.44
CA LEU A 781 2.91 -9.53 7.68
C LEU A 781 3.86 -9.27 8.85
N LEU A 782 4.88 -10.10 8.97
CA LEU A 782 5.77 -10.06 10.10
C LEU A 782 6.72 -8.88 10.04
N GLY A 783 7.24 -8.61 8.88
CA GLY A 783 8.13 -7.53 8.76
C GLY A 783 7.41 -6.27 8.98
N HIS A 784 6.11 -6.23 8.93
CA HIS A 784 5.40 -5.02 9.14
C HIS A 784 5.12 -4.91 10.60
N LEU A 785 5.12 -5.98 11.35
CA LEU A 785 4.86 -5.94 12.74
C LEU A 785 6.07 -5.46 13.47
N ILE A 786 7.22 -5.90 13.12
CA ILE A 786 8.54 -5.48 13.62
C ILE A 786 8.78 -3.94 13.51
N TRP A 787 8.63 -3.38 12.31
CA TRP A 787 8.80 -1.93 12.13
C TRP A 787 7.97 -1.04 13.10
N PHE A 788 6.66 -1.24 13.13
CA PHE A 788 5.92 -0.17 13.81
C PHE A 788 6.14 -0.26 15.34
N VAL A 789 6.55 -1.45 15.82
CA VAL A 789 6.88 -1.53 17.24
C VAL A 789 8.10 -0.69 17.62
N SER A 790 8.97 -0.49 16.66
CA SER A 790 10.06 0.49 16.84
C SER A 790 9.57 1.88 17.26
N PHE A 791 8.43 2.32 16.75
CA PHE A 791 7.84 3.59 17.25
C PHE A 791 7.60 3.60 18.76
N ALA A 792 7.07 2.52 19.32
CA ALA A 792 7.08 2.46 20.81
C ALA A 792 8.45 2.77 21.45
N LEU A 793 9.53 2.47 20.77
CA LEU A 793 10.83 2.78 21.40
C LEU A 793 11.46 4.11 21.03
N TRP A 794 11.08 4.74 19.94
CA TRP A 794 11.73 5.96 19.50
C TRP A 794 11.04 7.25 19.92
N PHE A 795 9.77 7.23 20.18
CA PHE A 795 9.01 8.40 20.57
C PHE A 795 9.46 8.87 21.94
N LYS A 796 9.32 10.16 22.22
CA LYS A 796 9.56 10.80 23.52
C LYS A 796 8.48 10.35 24.49
N ASP A 797 8.62 9.21 25.01
CA ASP A 797 7.52 8.51 25.66
C ASP A 797 7.94 7.61 26.80
N ARG A 798 9.19 7.58 27.15
CA ARG A 798 9.66 6.52 28.02
C ARG A 798 9.21 6.72 29.46
N GLY A 799 9.01 7.95 29.87
CA GLY A 799 8.47 8.24 31.17
C GLY A 799 7.06 7.73 31.40
N SER A 800 6.14 8.02 30.49
CA SER A 800 4.85 7.37 30.39
C SER A 800 4.95 5.85 30.53
N ARG A 801 5.85 5.22 29.79
CA ARG A 801 5.92 3.77 29.83
C ARG A 801 6.37 3.27 31.20
N ALA A 802 7.32 3.95 31.83
CA ALA A 802 7.78 3.55 33.16
C ALA A 802 6.75 3.80 34.26
N GLU A 803 6.11 4.95 34.24
CA GLU A 803 4.97 5.23 35.09
C GLU A 803 3.84 4.22 34.95
N GLY A 804 3.46 3.85 33.72
CA GLY A 804 2.46 2.83 33.52
C GLY A 804 2.90 1.41 33.85
N GLY A 805 4.18 1.10 33.72
CA GLY A 805 4.66 -0.22 34.08
C GLY A 805 4.75 -0.39 35.57
N ASP A 806 4.92 0.71 36.27
CA ASP A 806 4.78 0.74 37.70
C ASP A 806 3.33 0.49 38.14
N ILE A 807 2.36 1.09 37.45
CA ILE A 807 0.96 0.75 37.78
C ILE A 807 0.68 -0.76 37.58
N GLN A 808 1.14 -1.34 36.47
CA GLN A 808 1.00 -2.77 36.19
C GLN A 808 1.70 -3.66 37.22
N SER A 809 2.91 -3.32 37.62
CA SER A 809 3.58 -4.07 38.64
C SER A 809 2.79 -4.09 39.93
N ARG A 810 2.35 -2.97 40.41
CA ARG A 810 1.55 -2.89 41.55
C ARG A 810 0.33 -3.75 41.52
N TRP A 811 -0.45 -3.77 40.46
CA TRP A 811 -1.65 -4.52 40.30
C TRP A 811 -1.44 -6.00 40.36
N VAL A 812 -0.48 -6.50 39.62
CA VAL A 812 -0.03 -7.86 39.62
C VAL A 812 0.44 -8.27 40.98
N ARG A 813 1.11 -7.48 41.76
CA ARG A 813 1.52 -7.92 43.08
C ARG A 813 0.33 -7.94 44.03
N LEU A 814 -0.72 -7.21 43.72
CA LEU A 814 -1.92 -7.20 44.52
C LEU A 814 -2.65 -8.52 44.35
N MET A 815 -2.86 -8.89 43.14
CA MET A 815 -3.41 -10.14 42.75
C MET A 815 -2.66 -11.27 43.38
N GLY A 816 -1.36 -11.29 43.27
CA GLY A 816 -0.63 -12.26 44.00
C GLY A 816 -0.86 -12.26 45.49
N LYS A 817 -0.98 -11.15 46.20
CA LYS A 817 -1.29 -11.26 47.61
C LYS A 817 -2.67 -11.77 47.84
N ARG A 818 -3.63 -11.36 47.05
CA ARG A 818 -4.99 -11.77 47.25
C ARG A 818 -5.19 -13.23 46.94
N LEU A 819 -4.46 -13.71 45.98
CA LEU A 819 -4.67 -15.01 45.40
C LEU A 819 -3.81 -16.06 46.01
N GLY A 820 -2.72 -15.72 46.67
CA GLY A 820 -1.84 -16.71 47.24
C GLY A 820 -0.66 -17.10 46.38
N ILE A 821 -0.32 -16.33 45.35
CA ILE A 821 0.61 -16.79 44.34
C ILE A 821 1.97 -16.21 44.66
N LYS A 822 2.77 -16.90 45.45
CA LYS A 822 4.07 -16.37 45.77
C LYS A 822 4.92 -15.85 44.67
N THR A 823 4.85 -16.39 43.46
CA THR A 823 5.78 -15.89 42.46
C THR A 823 5.31 -14.58 41.85
N LEU A 824 4.04 -14.26 41.97
CA LEU A 824 3.46 -13.02 41.49
C LEU A 824 3.60 -11.88 42.46
N GLN A 825 4.00 -12.15 43.70
CA GLN A 825 3.89 -11.18 44.76
C GLN A 825 5.08 -10.28 44.83
N GLU A 826 6.15 -10.60 44.16
CA GLU A 826 7.15 -9.61 43.88
C GLU A 826 7.50 -9.71 42.39
N VAL A 827 6.71 -9.03 41.57
CA VAL A 827 6.95 -8.87 40.15
C VAL A 827 7.18 -7.40 39.92
N ARG A 828 8.17 -7.02 39.09
CA ARG A 828 8.46 -5.68 38.66
C ARG A 828 8.73 -5.72 37.22
N PHE A 829 7.90 -5.17 36.37
CA PHE A 829 8.14 -5.21 34.95
C PHE A 829 9.34 -4.34 34.56
N PRO A 830 10.26 -4.83 33.75
CA PRO A 830 11.38 -3.99 33.33
C PRO A 830 10.93 -3.03 32.22
N VAL A 831 11.25 -1.76 32.36
CA VAL A 831 10.98 -0.82 31.30
C VAL A 831 12.33 -0.33 30.76
N SER A 832 12.50 -0.46 29.47
CA SER A 832 13.67 0.04 28.77
C SER A 832 14.00 1.48 29.09
N ASN A 833 15.21 1.75 29.54
CA ASN A 833 15.71 3.11 29.64
C ASN A 833 16.05 3.65 28.25
N LEU A 834 16.37 4.95 28.20
CA LEU A 834 16.41 5.78 26.98
C LEU A 834 17.45 5.32 25.94
N ALA A 835 18.71 5.07 26.33
CA ALA A 835 19.70 4.54 25.38
C ALA A 835 19.34 3.17 24.76
N THR A 836 18.95 2.20 25.59
CA THR A 836 18.62 0.86 25.13
C THR A 836 17.34 0.83 24.33
N ALA A 837 16.46 1.79 24.56
CA ALA A 837 15.35 2.02 23.66
C ALA A 837 15.79 2.54 22.31
N LYS A 838 16.69 3.50 22.24
CA LYS A 838 17.06 4.00 20.92
C LYS A 838 17.77 2.93 20.13
N LEU A 839 18.56 2.10 20.81
CA LEU A 839 19.22 1.02 20.12
C LEU A 839 18.19 0.00 19.62
N TRP A 840 17.30 -0.46 20.46
CA TRP A 840 16.43 -1.49 19.95
C TRP A 840 15.39 -0.97 18.99
N GLY A 841 15.00 0.28 19.13
CA GLY A 841 14.14 0.90 18.17
C GLY A 841 14.74 1.02 16.80
N THR A 842 16.06 1.19 16.72
CA THR A 842 16.74 1.28 15.45
C THR A 842 16.94 -0.07 14.81
N VAL A 843 17.28 -1.06 15.63
CA VAL A 843 17.26 -2.44 15.22
C VAL A 843 15.91 -2.86 14.68
N PHE A 844 14.83 -2.49 15.32
CA PHE A 844 13.53 -2.93 14.85
C PHE A 844 13.17 -2.23 13.57
N PHE A 845 13.38 -0.90 13.49
CA PHE A 845 13.11 -0.09 12.31
C PHE A 845 13.87 -0.61 11.08
N TYR A 846 15.14 -0.95 11.25
CA TYR A 846 15.95 -1.46 10.16
C TYR A 846 15.58 -2.89 9.74
N THR A 847 15.35 -3.83 10.66
CA THR A 847 15.02 -5.16 10.21
C THR A 847 13.60 -5.26 9.66
N GLY A 848 12.65 -4.53 10.22
CA GLY A 848 11.35 -4.37 9.59
C GLY A 848 11.37 -3.87 8.15
N THR A 849 12.12 -2.82 7.88
CA THR A 849 12.13 -2.35 6.49
C THR A 849 12.81 -3.36 5.56
N PHE A 850 13.97 -3.84 5.89
CA PHE A 850 14.67 -4.62 4.90
C PHE A 850 14.23 -6.08 4.80
N VAL A 851 13.47 -6.65 5.76
CA VAL A 851 12.71 -7.85 5.39
C VAL A 851 11.61 -7.52 4.35
N LEU A 852 11.01 -6.37 4.39
CA LEU A 852 10.02 -6.06 3.35
C LEU A 852 10.69 -5.83 1.97
N VAL A 853 11.90 -5.23 1.89
CA VAL A 853 12.63 -4.98 0.63
C VAL A 853 13.10 -6.28 -0.02
N PHE A 854 13.52 -7.24 0.81
CA PHE A 854 13.76 -8.57 0.30
C PHE A 854 12.59 -9.07 -0.51
N LEU A 855 11.40 -8.78 -0.06
CA LEU A 855 10.25 -9.27 -0.80
C LEU A 855 10.16 -8.68 -2.19
N TYR A 856 10.43 -7.39 -2.33
CA TYR A 856 10.45 -6.78 -3.66
C TYR A 856 11.40 -7.48 -4.63
N PHE A 857 12.63 -7.79 -4.24
CA PHE A 857 13.46 -8.64 -5.10
C PHE A 857 12.88 -10.05 -5.34
N ALA A 858 12.37 -10.72 -4.33
CA ALA A 858 12.02 -12.13 -4.35
C ALA A 858 10.73 -12.47 -5.11
N ASP A 859 9.87 -11.51 -5.46
CA ASP A 859 8.75 -11.87 -6.31
C ASP A 859 9.17 -12.15 -7.75
N GLY A 860 10.38 -11.92 -8.15
CA GLY A 860 10.82 -12.13 -9.50
C GLY A 860 11.16 -10.78 -10.14
N PHE A 861 11.66 -10.67 -11.28
CA PHE A 861 12.04 -9.47 -11.94
C PHE A 861 11.19 -9.33 -13.19
N PHE A 862 10.42 -8.28 -13.35
CA PHE A 862 9.44 -8.20 -14.42
C PHE A 862 9.69 -7.11 -15.44
N GLN A 863 10.86 -6.57 -15.56
CA GLN A 863 11.09 -5.67 -16.66
C GLN A 863 11.18 -6.45 -17.99
N ASN A 864 10.53 -5.96 -18.99
CA ASN A 864 10.64 -6.48 -20.35
C ASN A 864 12.07 -6.55 -20.84
N ARG A 865 12.32 -7.51 -21.68
CA ARG A 865 13.63 -7.97 -21.94
C ARG A 865 14.27 -7.29 -23.12
N GLY B 18 14.87 -18.96 8.50
CA GLY B 18 14.55 -19.34 7.14
C GLY B 18 15.68 -19.58 6.15
N GLY B 19 15.92 -20.86 5.82
CA GLY B 19 16.89 -21.24 4.86
C GLY B 19 17.30 -22.67 4.96
N CYS B 20 17.59 -23.38 3.93
CA CYS B 20 18.01 -24.76 3.81
C CYS B 20 16.97 -25.79 3.85
N PHE B 21 16.15 -25.87 4.84
CA PHE B 21 15.13 -26.88 4.95
C PHE B 21 13.84 -26.64 4.21
N VAL B 22 14.00 -26.55 2.93
CA VAL B 22 13.04 -26.49 1.87
C VAL B 22 12.70 -27.98 1.63
N GLY B 23 11.79 -28.38 0.83
CA GLY B 23 11.68 -29.85 0.79
C GLY B 23 12.59 -30.52 -0.21
N SER B 24 12.34 -31.79 -0.45
CA SER B 24 12.60 -32.54 -1.70
C SER B 24 11.80 -31.97 -2.90
N ARG B 25 12.46 -31.88 -4.07
CA ARG B 25 11.81 -31.41 -5.33
C ARG B 25 10.97 -32.56 -5.91
N ASP B 26 9.80 -32.25 -6.46
CA ASP B 26 8.95 -33.29 -7.10
C ASP B 26 9.65 -33.87 -8.32
N PRO B 27 9.83 -35.20 -8.39
CA PRO B 27 10.51 -35.84 -9.51
C PRO B 27 9.95 -35.41 -10.88
N ASN B 28 8.67 -35.16 -11.03
CA ASN B 28 8.03 -34.62 -12.18
C ASN B 28 8.34 -33.20 -12.58
N GLU B 29 8.94 -32.39 -11.78
CA GLU B 29 9.42 -31.12 -12.24
C GLU B 29 10.90 -31.20 -12.64
N THR B 30 11.31 -31.58 -13.83
CA THR B 30 12.74 -31.64 -14.19
C THR B 30 13.39 -30.32 -14.24
N ARG B 31 14.64 -30.29 -14.02
CA ARG B 31 15.43 -29.15 -14.16
C ARG B 31 16.14 -29.22 -15.49
N TYR B 32 15.99 -30.24 -16.29
CA TYR B 32 16.67 -30.40 -17.56
C TYR B 32 16.38 -29.23 -18.49
N PRO B 33 17.38 -28.65 -19.09
CA PRO B 33 17.24 -27.26 -19.53
C PRO B 33 16.56 -27.08 -20.86
N LYS B 34 15.72 -26.06 -20.96
CA LYS B 34 15.04 -25.69 -22.18
C LYS B 34 15.98 -24.89 -23.05
N ALA B 35 15.71 -24.74 -24.34
CA ALA B 35 16.51 -23.87 -25.18
C ALA B 35 16.34 -22.41 -24.78
N PRO B 36 17.37 -21.61 -24.98
CA PRO B 36 17.31 -20.21 -24.57
C PRO B 36 16.37 -19.38 -25.39
N MET B 37 15.84 -18.35 -24.73
CA MET B 37 14.91 -17.42 -25.41
C MET B 37 15.69 -16.75 -26.56
N PRO B 38 15.17 -16.73 -27.81
CA PRO B 38 15.84 -16.06 -28.93
C PRO B 38 16.19 -14.56 -28.74
N LEU B 39 17.41 -14.15 -29.11
CA LEU B 39 17.80 -12.72 -29.06
C LEU B 39 16.97 -11.92 -30.06
N GLN B 40 16.76 -12.46 -31.26
CA GLN B 40 16.01 -11.79 -32.34
C GLN B 40 14.59 -11.49 -31.88
N ASN B 41 14.07 -10.33 -32.24
CA ASN B 41 12.65 -10.03 -31.93
C ASN B 41 11.72 -10.95 -32.74
N GLN B 42 10.61 -11.38 -32.15
CA GLN B 42 9.58 -12.18 -32.86
C GLN B 42 8.99 -11.34 -33.99
N THR B 43 9.09 -10.01 -33.87
CA THR B 43 8.52 -9.07 -34.85
C THR B 43 9.63 -8.54 -35.78
N SER B 44 10.76 -9.23 -35.85
CA SER B 44 11.92 -8.81 -36.69
C SER B 44 11.59 -8.84 -38.18
N THR B 45 12.00 -7.83 -38.93
CA THR B 45 11.82 -7.86 -40.40
C THR B 45 13.22 -8.07 -40.96
N LEU B 46 14.16 -8.18 -40.09
CA LEU B 46 15.54 -8.32 -40.45
C LEU B 46 15.69 -9.64 -41.08
N LYS B 47 15.36 -10.68 -40.38
CA LYS B 47 15.45 -11.98 -40.96
C LYS B 47 14.38 -12.99 -40.55
N THR B 48 13.31 -12.45 -39.96
CA THR B 48 11.99 -13.01 -39.55
C THR B 48 11.46 -13.03 -38.11
N ALA B 49 11.05 -14.18 -37.58
CA ALA B 49 10.48 -14.20 -36.22
C ALA B 49 11.20 -14.83 -35.07
N ALA B 58 16.68 -34.44 -26.77
CA ALA B 58 18.05 -34.60 -26.22
C ALA B 58 18.74 -35.88 -26.69
N GLN B 59 20.05 -36.00 -26.36
CA GLN B 59 20.93 -37.13 -26.68
C GLN B 59 20.58 -38.46 -26.17
N ASN B 60 21.46 -39.42 -26.41
CA ASN B 60 21.13 -40.77 -25.90
C ASN B 60 21.72 -41.00 -24.51
N THR B 61 22.51 -40.06 -23.99
CA THR B 61 23.21 -40.25 -22.69
C THR B 61 22.22 -40.83 -21.65
N PRO B 62 22.56 -41.86 -20.83
CA PRO B 62 21.60 -42.54 -19.96
C PRO B 62 20.18 -42.00 -19.76
N GLY B 63 19.98 -40.87 -19.06
CA GLY B 63 18.57 -40.45 -18.97
C GLY B 63 18.12 -39.21 -19.71
N ALA B 64 18.83 -38.86 -20.77
CA ALA B 64 18.67 -37.53 -21.32
C ALA B 64 17.41 -37.42 -22.16
N ARG B 65 16.89 -38.56 -22.62
CA ARG B 65 15.70 -38.55 -23.44
C ARG B 65 14.44 -38.51 -22.60
N GLU B 66 14.40 -39.24 -21.51
CA GLU B 66 13.33 -39.05 -20.54
C GLU B 66 13.31 -37.66 -19.99
N ALA B 67 14.46 -37.03 -19.79
CA ALA B 67 14.42 -35.70 -19.22
C ALA B 67 13.95 -34.69 -20.24
N ALA B 68 14.33 -34.82 -21.49
CA ALA B 68 13.86 -33.90 -22.51
C ALA B 68 12.36 -34.03 -22.72
N ALA B 69 11.86 -35.26 -22.83
CA ALA B 69 10.43 -35.52 -22.93
C ALA B 69 9.68 -35.01 -21.74
N LEU B 70 10.23 -35.10 -20.58
CA LEU B 70 9.63 -34.52 -19.44
C LEU B 70 9.71 -33.01 -19.44
N ARG B 71 10.78 -32.38 -19.91
CA ARG B 71 10.74 -30.94 -19.99
C ARG B 71 9.81 -30.34 -20.94
N ASP B 72 9.56 -31.04 -21.99
CA ASP B 72 8.58 -30.75 -23.03
C ASP B 72 7.15 -30.70 -22.51
N ARG B 73 6.76 -31.25 -21.38
CA ARG B 73 5.49 -31.01 -20.82
C ARG B 73 5.43 -30.09 -19.69
N VAL B 74 6.47 -29.94 -18.93
CA VAL B 74 6.33 -29.21 -17.70
C VAL B 74 6.99 -27.87 -17.71
N THR B 75 8.04 -27.67 -18.46
CA THR B 75 8.71 -26.42 -18.22
C THR B 75 8.26 -25.43 -19.25
N PRO B 76 7.77 -24.34 -18.78
CA PRO B 76 7.23 -23.35 -19.65
C PRO B 76 8.31 -22.60 -20.47
N LEU B 77 8.02 -22.26 -21.73
CA LEU B 77 8.83 -21.55 -22.74
C LEU B 77 8.58 -20.05 -22.95
N ASN B 78 7.42 -19.53 -22.65
CA ASN B 78 7.01 -18.13 -22.81
C ASN B 78 6.48 -17.49 -21.55
N LEU B 79 7.17 -17.64 -20.44
CA LEU B 79 6.86 -17.11 -19.13
C LEU B 79 7.57 -15.84 -18.87
N GLN B 80 8.74 -15.73 -19.42
CA GLN B 80 9.58 -14.55 -19.19
C GLN B 80 9.01 -13.34 -19.90
N GLN B 81 9.05 -12.20 -19.23
CA GLN B 81 8.77 -10.97 -19.95
C GLN B 81 9.54 -11.00 -21.25
N VAL B 82 9.03 -10.35 -22.24
CA VAL B 82 9.32 -10.59 -23.62
C VAL B 82 10.07 -9.38 -24.10
N ASN B 83 10.79 -9.45 -25.20
CA ASN B 83 11.54 -8.28 -25.64
C ASN B 83 10.58 -7.12 -25.79
N GLU B 84 11.04 -5.93 -25.53
CA GLU B 84 10.26 -4.71 -25.62
C GLU B 84 9.66 -4.46 -27.02
N GLN B 85 10.33 -4.82 -28.10
CA GLN B 85 9.76 -4.63 -29.45
C GLN B 85 8.71 -5.70 -29.74
N ASP B 86 8.55 -6.68 -28.85
CA ASP B 86 7.64 -7.81 -29.04
C ASP B 86 6.32 -7.72 -28.29
N VAL B 87 6.20 -6.82 -27.37
CA VAL B 87 4.99 -6.51 -26.65
C VAL B 87 3.88 -6.18 -27.64
N ALA B 88 2.65 -6.51 -27.32
CA ALA B 88 1.48 -6.39 -28.19
C ALA B 88 1.17 -4.96 -28.72
N GLY B 89 1.36 -3.94 -27.92
CA GLY B 89 1.29 -2.56 -28.34
C GLY B 89 2.41 -2.19 -29.26
N ASN B 90 3.53 -2.88 -29.31
CA ASN B 90 4.58 -2.52 -30.24
C ASN B 90 4.60 -3.46 -31.45
N ASP B 91 3.88 -4.55 -31.42
CA ASP B 91 3.75 -5.53 -32.50
C ASP B 91 2.75 -5.05 -33.54
N PRO B 92 3.13 -5.01 -34.81
CA PRO B 92 2.19 -4.61 -35.88
C PRO B 92 0.93 -5.42 -35.96
N LEU B 93 0.91 -6.63 -35.47
CA LEU B 93 -0.25 -7.50 -35.51
C LEU B 93 -0.72 -7.90 -34.12
N GLY B 94 -0.83 -6.98 -33.22
CA GLY B 94 -1.00 -7.30 -31.86
C GLY B 94 -2.09 -6.48 -31.31
N SER B 95 -2.58 -5.51 -32.08
CA SER B 95 -3.76 -4.71 -31.70
C SER B 95 -4.98 -5.63 -31.67
N PRO B 96 -6.03 -5.32 -30.90
CA PRO B 96 -7.26 -6.14 -30.91
C PRO B 96 -7.87 -6.25 -32.32
N ALA B 97 -7.84 -5.17 -33.10
CA ALA B 97 -8.35 -5.16 -34.49
C ALA B 97 -7.56 -6.07 -35.43
N ARG B 98 -6.25 -6.25 -35.24
CA ARG B 98 -5.44 -7.00 -36.24
C ARG B 98 -4.95 -8.39 -35.79
N VAL B 99 -5.06 -8.76 -34.51
CA VAL B 99 -4.53 -10.06 -34.05
C VAL B 99 -5.24 -11.22 -34.72
N VAL B 100 -4.51 -12.31 -34.93
CA VAL B 100 -5.11 -13.52 -35.52
C VAL B 100 -5.52 -14.50 -34.41
N LEU B 101 -6.79 -14.74 -34.24
CA LEU B 101 -7.24 -15.75 -33.27
C LEU B 101 -7.65 -16.97 -34.09
N ASP B 102 -6.67 -17.74 -34.54
CA ASP B 102 -6.94 -18.98 -35.32
C ASP B 102 -7.31 -20.05 -34.31
N GLU B 103 -8.54 -20.53 -34.35
CA GLU B 103 -9.02 -21.51 -33.33
C GLU B 103 -8.26 -22.84 -33.44
N GLY B 104 -7.90 -23.25 -34.65
CA GLY B 104 -7.12 -24.48 -34.80
C GLY B 104 -5.77 -24.40 -34.13
N GLU B 105 -5.02 -23.30 -34.31
CA GLU B 105 -3.74 -23.14 -33.58
C GLU B 105 -3.98 -22.91 -32.09
N MET B 106 -4.99 -22.13 -31.72
CA MET B 106 -5.23 -21.74 -30.30
C MET B 106 -5.67 -22.90 -29.40
N TYR B 107 -6.49 -23.81 -29.90
CA TYR B 107 -7.01 -24.93 -29.08
C TYR B 107 -6.42 -26.24 -29.61
N ARG B 108 -5.21 -26.20 -30.14
CA ARG B 108 -4.55 -27.35 -30.73
C ARG B 108 -4.03 -28.38 -29.72
N ASP B 109 -3.52 -27.93 -28.62
CA ASP B 109 -2.69 -28.75 -27.75
C ASP B 109 -3.01 -28.44 -26.28
N PRO B 110 -3.64 -29.29 -25.59
CA PRO B 110 -3.93 -28.97 -24.21
C PRO B 110 -2.72 -28.95 -23.31
N VAL B 111 -1.70 -29.76 -23.55
CA VAL B 111 -0.49 -29.75 -22.76
C VAL B 111 0.03 -28.35 -22.78
N GLU B 112 0.06 -27.78 -23.92
CA GLU B 112 0.59 -26.53 -24.08
C GLU B 112 -0.17 -25.40 -23.51
N ILE B 113 -1.48 -25.45 -23.58
CA ILE B 113 -2.29 -24.46 -22.97
C ILE B 113 -2.14 -24.54 -21.48
N TYR B 114 -2.11 -25.73 -20.94
CA TYR B 114 -1.90 -25.87 -19.59
C TYR B 114 -0.50 -25.48 -19.13
N ARG B 115 0.54 -25.83 -19.81
CA ARG B 115 1.84 -25.52 -19.44
C ARG B 115 2.10 -24.05 -19.37
N GLU B 116 1.71 -23.35 -20.35
CA GLU B 116 1.81 -21.95 -20.44
C GLU B 116 0.85 -21.04 -19.74
N GLY B 117 -0.43 -21.22 -19.89
CA GLY B 117 -1.38 -20.44 -19.19
C GLY B 117 -1.42 -20.60 -17.72
N ARG B 118 -1.20 -21.75 -17.13
CA ARG B 118 -1.13 -21.80 -15.69
C ARG B 118 0.09 -21.04 -15.16
N ALA B 119 1.28 -21.13 -15.80
CA ALA B 119 2.40 -20.31 -15.32
C ALA B 119 2.14 -18.83 -15.43
N LEU B 120 1.59 -18.38 -16.56
CA LEU B 120 1.31 -16.98 -16.69
C LEU B 120 0.22 -16.52 -15.74
N PHE B 121 -0.87 -17.25 -15.59
CA PHE B 121 -1.96 -16.92 -14.74
C PHE B 121 -1.60 -16.86 -13.26
N GLN B 122 -0.89 -17.84 -12.71
CA GLN B 122 -0.38 -17.95 -11.38
C GLN B 122 0.54 -16.83 -11.01
N ASN B 123 1.26 -16.31 -11.91
CA ASN B 123 2.05 -15.20 -11.72
C ASN B 123 1.36 -13.87 -11.76
N ASN B 124 0.69 -13.57 -12.79
CA ASN B 124 0.10 -12.30 -13.06
C ASN B 124 -1.25 -11.95 -12.74
N CYS B 125 -2.10 -12.92 -12.67
CA CYS B 125 -3.49 -12.75 -12.51
C CYS B 125 -4.12 -13.18 -11.23
N VAL B 126 -3.47 -13.94 -10.35
CA VAL B 126 -3.95 -14.48 -9.08
C VAL B 126 -4.18 -13.46 -8.01
N GLY B 127 -3.31 -12.51 -7.85
CA GLY B 127 -3.38 -11.41 -7.00
C GLY B 127 -4.74 -10.76 -6.91
N CYS B 128 -5.30 -10.37 -7.99
CA CYS B 128 -6.61 -9.76 -8.12
C CYS B 128 -7.77 -10.72 -8.39
N HIS B 129 -7.58 -11.81 -9.06
CA HIS B 129 -8.66 -12.72 -9.32
C HIS B 129 -8.82 -13.92 -8.46
N GLY B 130 -8.06 -14.05 -7.44
CA GLY B 130 -7.91 -15.10 -6.48
C GLY B 130 -7.06 -16.28 -6.83
N HIS B 131 -6.64 -17.07 -5.85
CA HIS B 131 -6.07 -18.40 -6.04
C HIS B 131 -7.03 -19.40 -6.62
N ASN B 132 -8.31 -19.19 -6.51
CA ASN B 132 -9.31 -19.97 -7.20
C ASN B 132 -9.79 -19.34 -8.49
N GLY B 133 -9.38 -18.13 -8.79
CA GLY B 133 -9.83 -17.55 -10.01
C GLY B 133 -11.28 -17.18 -10.03
N CYS B 134 -11.85 -16.94 -8.86
CA CYS B 134 -13.25 -16.63 -8.64
C CYS B 134 -13.46 -15.19 -8.23
N GLY B 135 -12.43 -14.37 -8.18
CA GLY B 135 -12.53 -12.96 -7.87
C GLY B 135 -11.87 -12.59 -6.57
N ASN B 136 -10.81 -11.81 -6.54
CA ASN B 136 -10.48 -11.28 -5.24
C ASN B 136 -10.82 -9.80 -5.12
N VAL B 137 -10.22 -8.93 -5.90
CA VAL B 137 -10.35 -7.49 -5.80
C VAL B 137 -11.80 -7.14 -6.07
N PRO B 138 -12.41 -6.20 -5.37
CA PRO B 138 -13.81 -5.82 -5.58
C PRO B 138 -14.22 -5.61 -7.01
N ARG B 139 -15.28 -6.29 -7.39
CA ARG B 139 -15.87 -6.36 -8.68
C ARG B 139 -15.03 -7.13 -9.70
N SER B 140 -14.00 -7.83 -9.39
CA SER B 140 -13.13 -8.49 -10.35
C SER B 140 -13.72 -9.60 -11.00
N THR B 141 -13.31 -9.95 -12.17
CA THR B 141 -14.02 -11.03 -12.89
C THR B 141 -14.39 -12.38 -12.40
N ASN B 142 -13.87 -13.34 -11.69
CA ASN B 142 -14.72 -14.70 -11.70
C ASN B 142 -15.01 -15.49 -12.97
N PHE B 143 -13.98 -16.04 -13.47
CA PHE B 143 -13.88 -16.87 -14.59
C PHE B 143 -14.62 -18.19 -14.49
N THR B 144 -15.17 -18.67 -13.39
CA THR B 144 -15.90 -19.94 -13.41
C THR B 144 -17.33 -19.74 -13.80
N ASP B 145 -17.79 -18.51 -13.84
CA ASP B 145 -19.17 -18.22 -14.07
C ASP B 145 -19.56 -18.46 -15.51
N PRO B 146 -20.46 -19.34 -15.76
CA PRO B 146 -20.96 -19.67 -17.08
C PRO B 146 -21.58 -18.56 -17.86
N GLY B 147 -22.25 -17.65 -17.26
CA GLY B 147 -22.87 -16.54 -17.84
C GLY B 147 -21.86 -15.60 -18.34
N TRP B 148 -20.78 -15.43 -17.66
CA TRP B 148 -19.68 -14.67 -18.10
C TRP B 148 -18.98 -15.39 -19.28
N GLN B 149 -18.79 -16.67 -19.25
CA GLN B 149 -18.18 -17.41 -20.32
C GLN B 149 -18.92 -17.34 -21.62
N GLU B 150 -20.21 -17.50 -21.58
CA GLU B 150 -21.06 -17.52 -22.75
C GLU B 150 -21.16 -16.19 -23.48
N ASN B 151 -20.80 -15.10 -22.86
CA ASN B 151 -21.14 -13.80 -23.39
C ASN B 151 -19.90 -13.03 -23.76
N ASN B 152 -18.77 -13.70 -23.68
CA ASN B 152 -17.48 -13.21 -24.09
C ASN B 152 -16.94 -14.00 -25.25
N SER B 153 -16.51 -13.36 -26.30
CA SER B 153 -15.70 -13.93 -27.35
C SER B 153 -14.31 -14.15 -26.88
N ASP B 154 -13.54 -14.91 -27.63
CA ASP B 154 -12.09 -14.92 -27.49
C ASP B 154 -11.43 -13.59 -27.82
N GLY B 155 -11.84 -12.94 -28.90
CA GLY B 155 -11.43 -11.62 -29.27
C GLY B 155 -11.83 -10.54 -28.29
N GLY B 156 -13.00 -10.66 -27.70
CA GLY B 156 -13.40 -9.85 -26.57
C GLY B 156 -12.49 -9.94 -25.37
N ILE B 157 -12.13 -11.16 -24.99
CA ILE B 157 -11.17 -11.41 -23.91
C ILE B 157 -9.80 -10.80 -24.23
N TYR B 158 -9.31 -10.92 -25.46
CA TYR B 158 -8.07 -10.21 -25.90
C TYR B 158 -8.19 -8.68 -25.71
N SER B 159 -9.22 -8.02 -26.25
CA SER B 159 -9.47 -6.61 -26.05
C SER B 159 -9.36 -6.18 -24.62
N SER B 160 -10.08 -6.80 -23.70
CA SER B 160 -9.94 -6.43 -22.29
C SER B 160 -8.59 -6.73 -21.66
N ILE B 161 -7.83 -7.70 -22.16
CA ILE B 161 -6.50 -7.76 -21.61
C ILE B 161 -5.63 -6.66 -22.19
N TYR B 162 -5.71 -6.37 -23.44
CA TYR B 162 -4.92 -5.41 -24.07
C TYR B 162 -5.27 -4.00 -23.61
N ASN B 163 -6.52 -3.63 -23.55
CA ASN B 163 -6.92 -2.34 -23.14
C ASN B 163 -7.03 -2.03 -21.70
N GLY B 164 -7.30 -3.00 -20.90
CA GLY B 164 -7.69 -2.86 -19.54
C GLY B 164 -9.21 -2.62 -19.52
N LYS B 165 -9.83 -2.44 -18.43
CA LYS B 165 -11.29 -2.19 -18.22
C LYS B 165 -11.49 -1.20 -17.28
N GLY B 166 -12.20 -0.16 -17.62
CA GLY B 166 -12.49 0.95 -16.73
C GLY B 166 -11.66 2.15 -17.06
N ILE B 167 -12.00 3.34 -16.65
CA ILE B 167 -11.23 4.54 -16.89
C ILE B 167 -10.04 4.70 -15.89
N GLY B 168 -8.87 5.09 -16.28
CA GLY B 168 -7.72 5.36 -15.46
C GLY B 168 -6.46 5.41 -16.29
N ASN B 169 -5.34 5.77 -15.72
CA ASN B 169 -4.08 5.79 -16.33
C ASN B 169 -3.61 4.35 -16.40
N GLY B 170 -3.18 3.84 -17.55
CA GLY B 170 -2.75 2.49 -17.66
C GLY B 170 -3.86 1.48 -17.57
N GLY B 171 -5.04 1.78 -17.99
CA GLY B 171 -6.20 0.88 -17.81
C GLY B 171 -6.95 1.24 -16.55
N GLY B 172 -8.00 0.58 -16.13
CA GLY B 172 -8.68 0.93 -14.96
C GLY B 172 -8.41 0.05 -13.85
N ALA B 173 -9.42 -0.40 -13.17
CA ALA B 173 -9.20 -1.35 -12.11
C ALA B 173 -8.70 -2.72 -12.65
N MET B 174 -9.07 -3.11 -13.86
CA MET B 174 -8.57 -4.20 -14.61
C MET B 174 -7.48 -3.46 -15.37
N PRO B 175 -6.22 -3.62 -15.02
CA PRO B 175 -5.13 -2.93 -15.80
C PRO B 175 -4.85 -3.39 -17.24
N ALA B 176 -4.39 -2.55 -18.11
CA ALA B 176 -4.03 -2.82 -19.45
C ALA B 176 -2.72 -3.56 -19.50
N TYR B 177 -2.49 -4.37 -20.47
CA TYR B 177 -1.31 -5.11 -20.64
C TYR B 177 -0.56 -4.78 -21.96
N TYR B 178 -0.93 -3.87 -22.87
CA TYR B 178 -0.22 -3.62 -24.12
C TYR B 178 1.29 -3.29 -24.18
N ASN B 179 1.92 -2.87 -23.12
CA ASN B 179 3.34 -2.79 -22.92
C ASN B 179 3.52 -4.22 -22.24
N GLN B 180 4.01 -4.57 -21.17
CA GLN B 180 3.84 -5.91 -20.49
C GLN B 180 3.73 -7.30 -21.21
N LEU B 181 2.72 -7.65 -21.94
CA LEU B 181 2.59 -8.99 -22.49
C LEU B 181 2.69 -9.05 -23.93
N SER B 182 3.02 -10.16 -24.52
CA SER B 182 3.03 -10.32 -25.98
C SER B 182 1.64 -10.81 -26.64
N PRO B 183 1.39 -10.83 -27.99
CA PRO B 183 0.12 -11.33 -28.47
C PRO B 183 -0.03 -12.81 -28.29
N GLN B 184 1.08 -13.48 -28.37
CA GLN B 184 1.19 -14.88 -28.09
C GLN B 184 1.04 -15.26 -26.61
N GLN B 185 1.52 -14.48 -25.70
CA GLN B 185 1.27 -14.68 -24.34
C GLN B 185 -0.23 -14.43 -24.04
N ILE B 186 -0.91 -13.39 -24.54
CA ILE B 186 -2.33 -13.13 -24.32
C ILE B 186 -3.19 -14.27 -24.86
N ARG B 187 -2.84 -14.88 -25.96
CA ARG B 187 -3.53 -16.01 -26.47
C ARG B 187 -3.43 -17.26 -25.62
N TYR B 188 -2.37 -17.53 -24.89
CA TYR B 188 -2.37 -18.63 -24.00
C TYR B 188 -3.28 -18.28 -22.86
N LEU B 189 -3.27 -17.09 -22.37
CA LEU B 189 -4.15 -16.66 -21.39
C LEU B 189 -5.64 -16.82 -21.79
N VAL B 190 -6.06 -16.41 -22.97
CA VAL B 190 -7.37 -16.57 -23.47
C VAL B 190 -7.74 -18.02 -23.41
N ALA B 191 -7.06 -19.00 -24.01
CA ALA B 191 -7.40 -20.36 -23.91
C ALA B 191 -7.44 -21.00 -22.56
N TYR B 192 -6.68 -20.56 -21.61
CA TYR B 192 -6.60 -21.09 -20.31
C TYR B 192 -7.75 -20.68 -19.58
N LEU B 193 -8.14 -19.42 -19.68
CA LEU B 193 -9.31 -18.86 -19.05
C LEU B 193 -10.60 -19.61 -19.43
N ARG B 194 -10.70 -20.20 -20.61
CA ARG B 194 -11.92 -20.98 -20.85
C ARG B 194 -11.96 -22.33 -20.14
N ALA B 195 -10.87 -22.83 -19.56
CA ALA B 195 -10.89 -23.99 -18.67
C ALA B 195 -11.49 -23.70 -17.30
N PHE B 196 -11.71 -22.47 -16.94
CA PHE B 196 -12.32 -22.17 -15.67
C PHE B 196 -13.80 -22.52 -15.66
N LYS B 197 -14.46 -22.56 -16.80
CA LYS B 197 -15.94 -22.72 -16.89
C LYS B 197 -16.48 -23.86 -16.02
N GLY B 198 -17.36 -23.48 -15.09
CA GLY B 198 -18.22 -24.38 -14.30
C GLY B 198 -17.43 -25.19 -13.30
N ARG B 199 -16.20 -24.79 -12.97
CA ARG B 199 -15.36 -25.46 -11.95
C ARG B 199 -15.79 -24.96 -10.57
N GLN B 200 -15.41 -25.67 -9.51
CA GLN B 200 -15.67 -25.25 -8.11
C GLN B 200 -14.57 -24.29 -7.64
N CYS B 201 -14.75 -23.63 -6.49
CA CYS B 201 -13.80 -22.59 -6.00
C CYS B 201 -12.64 -23.15 -5.17
N ASN B 202 -11.91 -24.13 -5.70
CA ASN B 202 -10.68 -24.68 -5.08
C ASN B 202 -9.73 -24.44 -6.24
N GLY B 203 -8.44 -24.24 -6.07
CA GLY B 203 -7.60 -23.54 -7.02
C GLY B 203 -7.78 -23.53 -8.50
N LEU B 204 -6.80 -23.77 -9.31
CA LEU B 204 -6.79 -23.41 -10.72
C LEU B 204 -7.12 -24.57 -11.64
N PRO B 205 -7.48 -24.36 -12.87
CA PRO B 205 -7.72 -25.52 -13.75
C PRO B 205 -6.52 -26.41 -13.94
N THR B 206 -6.72 -27.70 -13.86
CA THR B 206 -5.69 -28.72 -14.01
C THR B 206 -5.52 -29.12 -15.46
N LEU B 207 -4.64 -30.05 -15.71
CA LEU B 207 -4.36 -30.57 -17.03
C LEU B 207 -5.58 -31.25 -17.57
N SER B 208 -6.38 -31.86 -16.74
CA SER B 208 -7.57 -32.49 -17.30
C SER B 208 -8.78 -31.60 -17.39
N ASP B 209 -8.77 -30.46 -16.72
CA ASP B 209 -9.73 -29.46 -17.04
C ASP B 209 -9.45 -28.87 -18.38
N VAL B 210 -8.21 -28.65 -18.71
CA VAL B 210 -7.92 -28.07 -19.99
C VAL B 210 -8.32 -29.09 -21.04
N GLU B 211 -8.13 -30.35 -20.77
CA GLU B 211 -8.40 -31.33 -21.79
C GLU B 211 -9.88 -31.54 -22.01
N ARG B 212 -10.68 -31.55 -20.97
CA ARG B 212 -12.11 -31.64 -21.20
C ARG B 212 -12.67 -30.40 -21.88
N MET B 213 -12.13 -29.21 -21.60
CA MET B 213 -12.43 -27.98 -22.33
C MET B 213 -12.09 -28.05 -23.80
N VAL B 214 -10.98 -28.61 -24.14
CA VAL B 214 -10.63 -28.69 -25.49
C VAL B 214 -11.41 -29.78 -26.20
N ALA B 215 -11.92 -30.81 -25.58
CA ALA B 215 -12.66 -31.83 -26.27
C ALA B 215 -14.03 -31.43 -26.56
N GLU B 216 -14.58 -30.59 -25.75
CA GLU B 216 -15.91 -30.07 -25.93
C GLU B 216 -16.03 -28.86 -26.83
N ARG B 217 -15.00 -28.71 -27.64
CA ARG B 217 -14.69 -27.70 -28.63
C ARG B 217 -14.46 -26.50 -27.89
N GLN B 218 -13.23 -26.22 -27.77
CA GLN B 218 -12.63 -25.12 -27.11
C GLN B 218 -13.34 -23.88 -26.48
N MET C 1 34.21 -4.04 -19.09
CA MET C 1 35.20 -3.18 -18.51
C MET C 1 34.88 -1.69 -18.60
N THR C 2 34.48 -1.17 -19.73
CA THR C 2 34.10 0.17 -19.87
C THR C 2 33.04 0.66 -18.88
N ALA C 3 31.93 0.06 -18.70
CA ALA C 3 30.89 0.50 -17.75
C ALA C 3 31.42 0.45 -16.32
N ILE C 4 32.19 -0.58 -15.98
CA ILE C 4 32.74 -0.72 -14.61
C ILE C 4 33.62 0.50 -14.30
N LEU C 5 34.53 0.82 -15.22
CA LEU C 5 35.45 1.97 -15.02
C LEU C 5 34.63 3.25 -14.93
N LEU C 6 33.63 3.42 -15.78
CA LEU C 6 32.84 4.66 -15.78
C LEU C 6 32.16 4.82 -14.42
N ALA C 7 31.52 3.77 -13.91
CA ALA C 7 30.77 3.88 -12.64
C ALA C 7 31.69 4.25 -11.46
N CYS C 8 32.76 3.57 -11.41
CA CYS C 8 33.74 3.73 -10.41
C CYS C 8 34.31 5.07 -10.43
N LEU C 9 34.65 5.56 -11.59
CA LEU C 9 35.15 6.88 -11.70
C LEU C 9 34.11 7.92 -11.42
N PHE C 10 32.86 7.65 -11.64
CA PHE C 10 31.84 8.59 -11.35
C PHE C 10 31.58 8.73 -9.87
N VAL C 11 31.82 7.73 -9.08
CA VAL C 11 31.69 7.74 -7.66
C VAL C 11 32.95 8.41 -7.17
N LEU C 12 34.11 8.07 -7.67
CA LEU C 12 35.33 8.70 -7.18
C LEU C 12 35.37 10.14 -7.49
N GLY C 13 34.81 10.59 -8.60
CA GLY C 13 34.65 11.95 -8.96
C GLY C 13 33.57 12.63 -8.19
N GLY C 14 32.67 11.94 -7.60
CA GLY C 14 31.67 12.50 -6.73
C GLY C 14 32.33 13.01 -5.46
N TYR C 15 33.39 12.37 -4.97
CA TYR C 15 34.10 12.71 -3.77
C TYR C 15 35.06 13.70 -4.01
N ALA C 16 35.74 13.65 -5.13
CA ALA C 16 36.69 14.60 -5.55
C ALA C 16 36.05 15.90 -5.85
N ALA C 17 34.84 15.89 -6.38
CA ALA C 17 34.10 17.06 -6.68
C ALA C 17 33.81 17.80 -5.46
N LEU C 18 33.21 17.19 -4.47
CA LEU C 18 32.88 17.75 -3.16
C LEU C 18 34.01 18.38 -2.42
N TRP C 19 35.14 17.73 -2.29
CA TRP C 19 36.38 18.26 -1.69
C TRP C 19 36.76 19.59 -2.33
N GLY C 20 36.69 19.69 -3.65
CA GLY C 20 37.07 20.88 -4.44
C GLY C 20 36.14 22.01 -4.08
N ILE C 21 34.89 21.78 -3.97
CA ILE C 21 33.93 22.69 -3.57
C ILE C 21 34.21 23.19 -2.20
N ILE C 22 34.49 22.31 -1.28
CA ILE C 22 34.82 22.61 0.05
C ILE C 22 36.13 23.37 0.08
N LYS C 23 37.09 23.07 -0.73
CA LYS C 23 38.29 23.81 -0.75
C LYS C 23 38.16 25.19 -1.21
N PHE C 24 37.23 25.50 -2.10
CA PHE C 24 36.92 26.77 -2.58
C PHE C 24 36.25 27.59 -1.52
N VAL C 25 35.32 27.04 -0.82
CA VAL C 25 34.74 27.75 0.29
C VAL C 25 35.72 28.08 1.36
N VAL C 26 36.62 27.23 1.70
CA VAL C 26 37.59 27.48 2.80
C VAL C 26 38.54 28.60 2.37
N ALA C 27 39.15 28.52 1.21
CA ALA C 27 40.01 29.57 0.76
C ALA C 27 39.39 30.92 0.57
N ASN C 28 38.17 31.00 0.12
CA ASN C 28 37.58 32.25 -0.15
C ASN C 28 36.83 32.88 0.96
N THR C 29 36.95 32.36 2.14
CA THR C 29 36.34 32.81 3.35
C THR C 29 37.31 32.66 4.43
N LYS C 30 38.55 32.81 4.08
CA LYS C 30 39.56 32.89 5.06
C LYS C 30 39.39 34.26 5.63
N ASP C 31 39.59 34.41 6.90
CA ASP C 31 39.33 35.69 7.56
C ASP C 31 37.85 36.15 7.78
N ILE C 32 36.91 35.22 7.83
CA ILE C 32 35.53 35.42 8.22
C ILE C 32 35.41 34.19 9.11
N ALA C 33 35.19 34.35 10.39
CA ALA C 33 35.07 33.18 11.25
C ALA C 33 33.87 32.30 11.29
N ALA C 34 32.65 32.69 11.05
CA ALA C 34 31.42 31.76 11.23
C ALA C 34 30.99 31.49 12.65
N ASN C 35 30.66 32.57 13.32
CA ASN C 35 30.22 32.58 14.66
C ASN C 35 28.71 32.76 14.68
N MET D 1 11.76 22.93 -29.09
CA MET D 1 12.58 24.11 -29.20
C MET D 1 11.89 25.19 -28.48
N TRP D 2 10.63 25.33 -28.76
CA TRP D 2 9.83 26.30 -28.12
C TRP D 2 9.02 25.63 -27.07
N ASN D 3 8.90 24.32 -27.08
CA ASN D 3 8.13 23.67 -26.06
C ASN D 3 9.01 23.55 -24.93
N VAL D 4 10.24 23.28 -25.22
CA VAL D 4 11.21 23.11 -24.19
C VAL D 4 11.41 24.40 -23.33
N VAL D 5 11.60 25.52 -23.94
CA VAL D 5 11.73 26.79 -23.30
C VAL D 5 10.51 27.08 -22.42
N GLY D 6 9.29 26.80 -22.87
CA GLY D 6 8.06 26.96 -22.17
C GLY D 6 7.92 26.11 -20.95
N GLN D 7 8.52 24.98 -20.95
CA GLN D 7 8.48 24.05 -19.93
C GLN D 7 9.49 24.42 -18.87
N ILE D 8 10.66 24.95 -19.22
CA ILE D 8 11.66 25.39 -18.37
C ILE D 8 11.12 26.57 -17.59
N ILE D 9 10.39 27.47 -18.23
CA ILE D 9 9.78 28.52 -17.51
C ILE D 9 8.73 28.06 -16.48
N SER D 10 7.90 27.08 -16.74
CA SER D 10 7.01 26.59 -15.72
C SER D 10 7.65 25.95 -14.53
N VAL D 11 8.68 25.17 -14.69
CA VAL D 11 9.46 24.47 -13.74
C VAL D 11 10.20 25.47 -12.85
N LEU D 12 10.72 26.55 -13.40
CA LEU D 12 11.40 27.60 -12.66
C LEU D 12 10.42 28.21 -11.74
N CYS D 13 9.30 28.68 -12.25
CA CYS D 13 8.23 29.20 -11.43
C CYS D 13 7.80 28.26 -10.30
N PHE D 14 7.68 26.96 -10.54
CA PHE D 14 7.35 26.04 -9.51
C PHE D 14 8.42 25.96 -8.42
N PHE D 15 9.66 25.88 -8.74
CA PHE D 15 10.75 25.95 -7.81
C PHE D 15 10.74 27.29 -7.09
N ILE D 16 10.40 28.41 -7.68
CA ILE D 16 10.35 29.68 -7.01
C ILE D 16 9.19 29.78 -6.06
N LEU D 17 8.10 29.15 -6.35
CA LEU D 17 7.00 29.15 -5.54
C LEU D 17 7.05 28.14 -4.44
N THR D 18 7.56 26.96 -4.65
CA THR D 18 7.64 26.00 -3.57
C THR D 18 8.81 26.23 -2.63
N VAL D 19 9.98 26.62 -3.09
CA VAL D 19 11.07 26.88 -2.19
C VAL D 19 10.80 28.19 -1.50
N GLY D 20 10.25 29.10 -2.23
CA GLY D 20 9.91 30.38 -1.73
C GLY D 20 8.93 30.29 -0.64
N THR D 21 7.95 29.40 -0.75
CA THR D 21 6.88 29.17 0.22
C THR D 21 7.43 28.49 1.43
N LEU D 22 8.20 27.45 1.29
CA LEU D 22 8.88 26.86 2.39
C LEU D 22 9.69 27.80 3.26
N PHE D 23 10.38 28.78 2.74
CA PHE D 23 11.16 29.69 3.53
C PHE D 23 10.31 30.68 4.22
N GLY D 24 9.18 30.98 3.65
CA GLY D 24 8.22 31.79 4.29
C GLY D 24 7.60 31.07 5.43
N ILE D 25 7.45 29.80 5.42
CA ILE D 25 6.97 29.09 6.54
C ILE D 25 7.95 29.21 7.66
N VAL D 26 9.25 29.11 7.46
CA VAL D 26 10.31 29.28 8.43
C VAL D 26 10.32 30.68 9.01
N TYR D 27 10.25 31.72 8.21
CA TYR D 27 10.21 33.04 8.66
C TYR D 27 8.99 33.26 9.54
N VAL D 28 7.86 32.77 9.16
CA VAL D 28 6.69 32.89 9.94
C VAL D 28 6.79 32.11 11.21
N SER D 29 7.42 30.96 11.20
CA SER D 29 7.64 30.22 12.38
C SER D 29 8.51 31.10 13.25
N HIS D 30 9.59 31.63 12.75
CA HIS D 30 10.42 32.52 13.50
C HIS D 30 9.72 33.75 14.16
N LEU D 31 8.89 34.50 13.45
CA LEU D 31 8.19 35.64 14.00
C LEU D 31 7.23 35.29 15.10
N LEU D 32 6.56 34.17 15.02
CA LEU D 32 5.63 33.77 16.05
C LEU D 32 6.40 33.45 17.26
N SER D 33 7.17 32.38 17.23
CA SER D 33 7.99 31.95 18.34
C SER D 33 8.80 33.01 18.98
N ARG D 34 9.44 33.87 18.21
CA ARG D 34 10.18 34.99 18.78
C ARG D 34 10.22 36.31 18.05
N GLY D 35 11.41 36.76 17.69
CA GLY D 35 11.56 38.04 17.03
C GLY D 35 10.63 38.40 15.90
N ASP E 8 5.79 41.71 12.02
CA ASP E 8 6.95 42.49 12.17
C ASP E 8 7.82 42.36 10.83
N ILE E 9 7.22 41.79 9.75
CA ILE E 9 7.84 41.54 8.41
C ILE E 9 8.89 42.57 7.80
N SER E 10 9.85 42.09 7.04
CA SER E 10 10.77 42.99 6.39
C SER E 10 10.22 43.43 5.10
N LYS E 11 10.94 44.35 4.51
CA LYS E 11 10.61 44.81 3.19
C LYS E 11 10.97 43.66 2.33
N VAL E 12 12.18 43.14 2.52
CA VAL E 12 12.71 42.01 1.79
C VAL E 12 11.74 40.85 1.65
N ALA E 13 11.07 40.47 2.75
CA ALA E 13 10.04 39.48 2.83
C ALA E 13 8.72 39.89 2.15
N TRP E 14 8.39 41.17 2.13
CA TRP E 14 7.16 41.64 1.53
C TRP E 14 7.22 41.51 0.09
N ALA E 15 8.39 41.88 -0.39
CA ALA E 15 8.80 41.82 -1.74
C ALA E 15 8.92 40.40 -2.20
N TRP E 16 9.26 39.46 -1.34
CA TRP E 16 9.33 38.11 -1.80
C TRP E 16 7.91 37.70 -2.02
N PHE E 17 7.04 38.03 -1.06
CA PHE E 17 5.61 37.75 -1.06
C PHE E 17 4.89 38.40 -2.25
N GLY E 18 5.35 39.52 -2.75
CA GLY E 18 4.71 40.08 -3.90
C GLY E 18 5.11 39.27 -5.08
N VAL E 19 6.35 38.86 -5.15
CA VAL E 19 6.85 38.08 -6.27
C VAL E 19 6.17 36.72 -6.32
N LEU E 20 5.87 36.11 -5.19
CA LEU E 20 5.13 34.88 -5.27
C LEU E 20 3.66 35.15 -5.54
N LEU E 21 3.12 36.35 -5.39
CA LEU E 21 1.72 36.58 -5.69
C LEU E 21 1.51 36.72 -7.19
N ALA E 22 2.55 37.18 -7.86
CA ALA E 22 2.60 37.42 -9.28
C ALA E 22 2.59 36.13 -10.04
N ILE E 23 3.50 35.20 -9.73
CA ILE E 23 3.59 33.86 -10.30
C ILE E 23 2.24 33.21 -10.17
N CYS E 24 1.64 33.28 -8.99
CA CYS E 24 0.34 32.78 -8.75
C CYS E 24 -0.71 33.31 -9.64
N LEU E 25 -0.85 34.60 -9.73
CA LEU E 25 -1.86 35.13 -10.58
C LEU E 25 -1.52 34.94 -12.04
N ILE E 26 -0.29 35.11 -12.47
CA ILE E 26 0.10 34.85 -13.87
C ILE E 26 -0.38 33.43 -14.20
N GLY E 27 -0.04 32.43 -13.41
CA GLY E 27 -0.57 31.12 -13.61
C GLY E 27 -2.07 30.99 -13.74
N ALA E 28 -2.85 31.76 -13.00
CA ALA E 28 -4.30 31.63 -12.97
C ALA E 28 -4.92 32.19 -14.21
N PHE E 29 -4.48 33.36 -14.58
CA PHE E 29 -4.82 33.99 -15.81
C PHE E 29 -4.61 33.06 -16.99
N GLY E 30 -3.48 32.42 -17.10
CA GLY E 30 -3.27 31.50 -18.18
C GLY E 30 -4.20 30.32 -18.14
N ASN E 31 -4.53 29.78 -16.98
CA ASN E 31 -5.43 28.64 -16.77
C ASN E 31 -6.91 29.00 -17.04
N TYR E 32 -7.37 30.08 -16.45
CA TYR E 32 -8.77 30.47 -16.62
C TYR E 32 -9.17 31.50 -17.67
N VAL E 33 -8.25 32.11 -18.40
CA VAL E 33 -8.69 33.11 -19.35
C VAL E 33 -9.06 32.61 -20.69
N PRO E 34 -8.33 31.66 -21.25
CA PRO E 34 -8.79 31.16 -22.53
C PRO E 34 -10.03 30.32 -22.44
N LYS E 35 -10.21 29.65 -21.32
CA LYS E 35 -11.32 28.74 -21.12
C LYS E 35 -12.63 29.40 -20.95
N LEU E 36 -12.62 30.49 -20.23
CA LEU E 36 -13.85 31.13 -19.97
C LEU E 36 -14.14 32.36 -20.76
N PHE E 37 -13.42 32.62 -21.85
CA PHE E 37 -13.54 33.80 -22.77
C PHE E 37 -13.30 33.53 -24.21
N VAL E 38 -12.62 32.43 -24.48
CA VAL E 38 -12.22 31.91 -25.79
C VAL E 38 -11.24 32.74 -26.56
N LYS E 39 -10.29 33.33 -25.83
CA LYS E 39 -9.23 34.22 -26.37
C LYS E 39 -7.89 33.92 -25.85
N MET E 40 -6.83 34.43 -26.46
CA MET E 40 -5.45 34.23 -26.01
C MET E 40 -5.32 32.70 -26.02
N LEU E 41 -5.53 32.18 -27.21
CA LEU E 41 -5.59 30.78 -27.49
C LEU E 41 -4.33 29.97 -27.43
N MET E 42 -3.18 30.53 -27.12
CA MET E 42 -1.95 29.82 -26.95
C MET E 42 -1.90 28.98 -25.63
N PHE E 43 -2.78 29.28 -24.68
CA PHE E 43 -2.78 28.62 -23.39
C PHE E 43 -4.00 27.83 -23.10
N LEU E 44 -4.76 27.62 -24.10
CA LEU E 44 -5.93 26.87 -23.98
C LEU E 44 -5.68 25.34 -23.97
N ASN E 45 -6.43 24.60 -23.16
CA ASN E 45 -6.27 23.12 -23.01
C ASN E 45 -7.65 22.44 -22.86
N UNK F 1 2.43 21.35 1.84
CA UNK F 1 1.47 20.38 1.38
C UNK F 1 0.55 20.94 0.28
N UNK F 2 -0.72 20.67 0.47
CA UNK F 2 -1.88 20.96 -0.34
C UNK F 2 -2.12 21.85 -1.57
N UNK F 3 -3.28 21.61 -2.10
CA UNK F 3 -3.87 22.42 -3.17
C UNK F 3 -5.20 22.03 -3.40
N UNK F 4 -5.74 22.74 -4.29
CA UNK F 4 -6.99 22.57 -4.86
C UNK F 4 -6.97 23.39 -6.05
N UNK F 5 -8.05 23.34 -6.71
CA UNK F 5 -8.25 24.08 -7.87
C UNK F 5 -9.60 24.10 -8.13
N UNK F 6 -10.08 25.23 -8.48
CA UNK F 6 -11.40 25.36 -8.80
C UNK F 6 -11.54 24.83 -10.21
N UNK F 7 -12.53 24.02 -10.42
CA UNK F 7 -12.82 23.44 -11.70
C UNK F 7 -13.68 24.34 -12.48
N UNK F 8 -13.47 24.42 -13.75
CA UNK F 8 -14.28 25.27 -14.57
C UNK F 8 -14.56 24.64 -15.88
N UNK F 9 -15.81 24.64 -16.31
CA UNK F 9 -16.16 24.12 -17.63
C UNK F 9 -15.82 25.19 -18.65
N UNK F 10 -15.08 24.83 -19.68
CA UNK F 10 -14.63 25.67 -20.79
C UNK F 10 -15.78 26.19 -21.54
N UNK F 11 -15.68 27.36 -22.10
CA UNK F 11 -16.77 27.89 -22.91
C UNK F 11 -16.61 27.77 -24.44
N UNK F 12 -15.91 26.80 -24.98
CA UNK F 12 -15.60 26.74 -26.44
C UNK F 12 -16.58 26.84 -27.62
N UNK F 13 -17.72 26.20 -27.50
CA UNK F 13 -18.84 25.99 -28.42
C UNK F 13 -18.73 24.60 -28.91
N UNK F 14 -19.81 23.87 -28.76
CA UNK F 14 -19.86 22.54 -29.22
C UNK F 14 -19.40 22.32 -30.69
N UNK F 15 -18.94 21.11 -30.91
CA UNK F 15 -18.29 20.66 -32.07
C UNK F 15 -18.65 20.92 -33.51
N UNK F 16 -19.62 21.75 -33.82
CA UNK F 16 -20.25 22.19 -35.09
C UNK F 16 -21.41 21.26 -35.29
N UNK F 17 -21.62 20.61 -36.42
CA UNK F 17 -22.76 19.69 -36.67
C UNK F 17 -22.45 18.97 -37.98
N UNK F 18 -22.29 17.66 -38.03
CA UNK F 18 -21.93 17.00 -39.27
C UNK F 18 -22.93 16.89 -40.39
N UNK F 19 -24.21 17.16 -40.16
CA UNK F 19 -25.29 17.09 -41.18
C UNK F 19 -25.48 18.33 -42.07
N ALA G 8 7.67 28.45 27.67
CA ALA G 8 6.68 29.44 28.08
C ALA G 8 7.18 30.82 27.71
N ASN G 9 7.47 30.98 26.43
CA ASN G 9 8.02 32.19 25.89
C ASN G 9 7.99 32.17 24.38
N GLY G 10 7.79 30.99 23.84
CA GLY G 10 7.79 30.87 22.43
C GLY G 10 6.42 30.95 21.89
N VAL G 11 6.05 29.91 21.17
CA VAL G 11 4.75 29.88 20.49
C VAL G 11 3.63 29.50 21.42
N LYS G 12 3.92 29.00 22.62
CA LYS G 12 2.94 28.62 23.61
C LYS G 12 1.91 29.66 23.95
N ARG G 13 2.19 30.93 23.87
CA ARG G 13 1.20 31.92 24.15
C ARG G 13 0.35 32.32 22.96
N TRP G 14 0.20 31.51 21.93
CA TRP G 14 -0.62 31.92 20.84
C TRP G 14 -1.78 31.03 20.86
N TYR G 15 -1.63 29.71 21.03
CA TYR G 15 -2.80 28.84 21.06
C TYR G 15 -3.36 28.62 22.45
N GLN G 16 -3.10 29.55 23.34
CA GLN G 16 -3.53 29.57 24.72
C GLN G 16 -3.90 31.01 25.04
N LYS G 17 -4.20 31.83 24.06
CA LYS G 17 -4.50 33.21 24.37
C LYS G 17 -5.87 33.47 24.98
N LEU G 18 -6.77 32.48 24.84
CA LEU G 18 -8.13 32.63 25.33
C LEU G 18 -8.59 31.58 26.19
N GLU G 19 -8.13 31.59 27.41
CA GLU G 19 -8.40 30.63 28.40
C GLU G 19 -9.47 30.92 29.45
N LEU G 20 -9.96 29.91 30.13
CA LEU G 20 -11.05 29.92 31.10
C LEU G 20 -10.54 30.14 32.50
N PRO G 21 -11.32 30.70 33.36
CA PRO G 21 -12.66 31.19 33.22
C PRO G 21 -12.78 32.45 32.49
N MET G 22 -13.94 32.76 31.97
CA MET G 22 -14.25 33.99 31.27
C MET G 22 -15.54 34.49 31.78
N PRO G 23 -15.84 35.78 31.66
CA PRO G 23 -17.14 36.37 31.94
C PRO G 23 -18.22 35.84 31.01
N PRO G 24 -19.49 35.82 31.43
CA PRO G 24 -20.53 35.31 30.53
C PRO G 24 -20.78 36.09 29.27
N GLU G 25 -20.77 37.42 29.25
CA GLU G 25 -21.07 38.12 28.02
C GLU G 25 -20.08 37.77 26.98
N ARG G 26 -18.91 37.36 27.37
CA ARG G 26 -17.91 37.01 26.44
C ARG G 26 -18.12 35.66 25.90
N ILE G 27 -18.57 34.69 26.68
CA ILE G 27 -18.89 33.41 26.14
C ILE G 27 -20.11 33.53 25.23
N PHE G 28 -21.11 34.27 25.62
CA PHE G 28 -22.42 34.34 24.96
C PHE G 28 -22.32 35.02 23.60
N GLY G 29 -21.67 36.15 23.55
CA GLY G 29 -21.55 36.81 22.30
C GLY G 29 -20.70 36.07 21.30
N ALA G 30 -19.60 35.47 21.75
CA ALA G 30 -18.77 34.64 20.88
C ALA G 30 -19.49 33.41 20.32
N HIS G 31 -20.29 32.72 21.12
CA HIS G 31 -21.13 31.63 20.60
C HIS G 31 -22.15 32.16 19.60
N MET G 32 -22.81 33.24 19.92
CA MET G 32 -23.75 33.82 18.97
C MET G 32 -23.10 34.23 17.66
N MET G 33 -21.87 34.68 17.70
CA MET G 33 -21.21 34.98 16.47
C MET G 33 -20.83 33.73 15.71
N LEU G 34 -20.40 32.68 16.38
CA LEU G 34 -20.15 31.42 15.70
C LEU G 34 -21.42 30.84 15.07
N ILE G 35 -22.53 30.89 15.78
CA ILE G 35 -23.80 30.49 15.19
C ILE G 35 -24.05 31.28 13.88
N GLY G 36 -23.99 32.59 13.93
CA GLY G 36 -24.16 33.35 12.71
C GLY G 36 -23.20 33.02 11.58
N GLY G 37 -21.94 32.80 11.91
CA GLY G 37 -21.01 32.35 10.91
C GLY G 37 -21.33 30.99 10.32
N LEU G 38 -21.71 30.03 11.15
CA LEU G 38 -22.10 28.73 10.65
C LEU G 38 -23.38 28.78 9.80
N ALA G 39 -24.30 29.69 10.07
CA ALA G 39 -25.45 29.87 9.17
C ALA G 39 -25.09 30.53 7.84
N CYS G 40 -24.08 31.39 7.79
CA CYS G 40 -23.65 31.91 6.49
C CYS G 40 -22.98 30.83 5.64
N LEU G 41 -22.14 30.01 6.26
CA LEU G 41 -21.52 28.86 5.58
C LEU G 41 -22.53 27.86 5.03
N ILE G 42 -23.55 27.51 5.79
CA ILE G 42 -24.61 26.62 5.29
C ILE G 42 -25.39 27.29 4.15
N GLY G 43 -25.70 28.57 4.27
CA GLY G 43 -26.15 29.31 3.12
C GLY G 43 -25.40 28.98 1.86
N THR G 44 -24.09 29.15 1.87
CA THR G 44 -23.32 28.83 0.67
C THR G 44 -23.44 27.37 0.30
N TYR G 45 -23.63 26.47 1.23
CA TYR G 45 -23.75 25.06 0.84
C TYR G 45 -25.06 24.82 0.06
N PHE G 46 -26.13 25.51 0.41
CA PHE G 46 -27.33 25.51 -0.41
C PHE G 46 -27.07 25.99 -1.83
N PHE G 47 -26.30 27.07 -2.00
CA PHE G 47 -25.94 27.45 -3.37
C PHE G 47 -25.14 26.36 -4.07
N ALA G 48 -24.25 25.73 -3.38
CA ALA G 48 -23.44 24.67 -3.93
C ALA G 48 -24.22 23.40 -4.24
N SER G 49 -25.48 23.30 -3.91
CA SER G 49 -26.29 22.14 -4.16
C SER G 49 -27.21 22.26 -5.36
N MET G 50 -27.26 23.38 -6.06
CA MET G 50 -28.12 23.54 -7.20
C MET G 50 -27.73 22.62 -8.35
N THR G 51 -28.62 22.50 -9.30
CA THR G 51 -28.55 21.37 -10.21
C THR G 51 -27.61 21.59 -11.37
N MET G 52 -27.05 22.76 -11.52
CA MET G 52 -26.07 22.96 -12.55
C MET G 52 -24.66 22.53 -12.12
N TRP G 53 -24.46 22.17 -10.87
CA TRP G 53 -23.09 21.87 -10.46
C TRP G 53 -22.80 20.36 -10.53
N ASN G 54 -21.57 20.04 -10.81
CA ASN G 54 -21.03 18.71 -10.59
C ASN G 54 -21.37 18.16 -9.19
N ASP G 55 -21.43 16.86 -9.12
CA ASP G 55 -21.39 16.20 -7.82
C ASP G 55 -20.05 16.40 -7.17
N GLY G 56 -20.07 16.64 -5.88
CA GLY G 56 -18.89 16.65 -5.06
C GLY G 56 -19.23 16.16 -3.67
N TYR G 57 -18.25 16.07 -2.80
CA TYR G 57 -18.57 15.50 -1.49
C TYR G 57 -19.35 16.45 -0.57
N VAL G 58 -19.38 17.76 -0.79
CA VAL G 58 -20.22 18.63 0.03
C VAL G 58 -21.72 18.51 -0.33
N ASN G 59 -22.07 18.68 -1.59
CA ASN G 59 -23.47 18.70 -1.99
C ASN G 59 -24.10 17.31 -1.97
N LEU G 60 -23.28 16.30 -2.03
CA LEU G 60 -23.74 14.95 -1.87
C LEU G 60 -24.02 14.60 -0.44
N THR G 61 -23.26 15.11 0.54
CA THR G 61 -23.64 14.80 1.91
C THR G 61 -24.90 15.51 2.31
N LEU G 62 -25.20 16.62 1.67
CA LEU G 62 -26.48 17.23 1.95
C LEU G 62 -27.67 16.67 1.19
N ARG G 63 -27.53 16.13 -0.02
CA ARG G 63 -28.67 15.74 -0.83
C ARG G 63 -29.69 14.71 -0.26
N PRO G 64 -29.34 13.54 0.29
CA PRO G 64 -30.36 12.68 0.89
C PRO G 64 -31.34 13.36 1.84
N ARG G 65 -30.86 14.20 2.73
CA ARG G 65 -31.67 14.99 3.60
C ARG G 65 -32.50 16.06 2.88
N LEU G 66 -31.92 16.78 1.96
CA LEU G 66 -32.68 17.72 1.17
C LEU G 66 -33.80 17.05 0.38
N ILE G 67 -33.59 15.85 -0.17
CA ILE G 67 -34.65 15.03 -0.75
C ILE G 67 -35.73 14.70 0.25
N SER G 68 -35.37 14.08 1.37
CA SER G 68 -36.31 13.78 2.43
C SER G 68 -37.14 14.98 2.87
N LEU G 69 -36.58 16.18 2.88
CA LEU G 69 -37.37 17.34 3.21
C LEU G 69 -38.26 17.86 2.07
N GLY G 70 -38.11 17.35 0.88
CA GLY G 70 -38.83 17.81 -0.25
C GLY G 70 -38.35 19.07 -0.90
N ILE G 71 -37.21 19.59 -0.48
CA ILE G 71 -36.63 20.77 -1.08
C ILE G 71 -36.00 20.44 -2.41
N TYR G 72 -35.23 19.39 -2.44
CA TYR G 72 -34.64 18.86 -3.64
C TYR G 72 -35.54 17.82 -4.24
N ASP G 73 -36.17 18.13 -5.37
CA ASP G 73 -37.05 17.21 -6.06
C ASP G 73 -36.26 16.33 -7.00
N PRO G 74 -36.25 15.03 -6.82
CA PRO G 74 -35.49 14.16 -7.72
C PRO G 74 -36.00 14.07 -9.15
N TYR G 75 -37.26 14.36 -9.45
CA TYR G 75 -37.83 14.13 -10.77
C TYR G 75 -38.36 15.40 -11.39
N ASP G 76 -37.63 16.47 -11.33
CA ASP G 76 -38.11 17.74 -11.79
C ASP G 76 -37.12 18.27 -12.81
N THR G 77 -37.54 18.36 -14.04
CA THR G 77 -36.68 18.81 -15.11
C THR G 77 -37.15 20.08 -15.76
N GLU G 78 -38.35 20.54 -15.48
CA GLU G 78 -38.91 21.65 -16.22
C GLU G 78 -38.15 22.93 -15.94
N GLN G 79 -37.72 23.64 -16.96
CA GLN G 79 -36.97 24.85 -16.77
C GLN G 79 -37.89 26.01 -16.56
N ILE G 80 -37.52 26.93 -15.73
CA ILE G 80 -38.30 28.10 -15.34
C ILE G 80 -37.72 29.31 -16.03
N GLN G 81 -38.62 30.18 -16.48
CA GLN G 81 -38.31 31.37 -17.21
C GLN G 81 -38.93 32.69 -16.79
N ARG G 82 -39.62 32.77 -15.64
CA ARG G 82 -40.21 34.04 -15.20
C ARG G 82 -40.54 34.21 -13.70
N VAL G 83 -41.04 33.14 -13.08
CA VAL G 83 -41.49 32.99 -11.66
C VAL G 83 -42.15 34.10 -10.89
N TRP G 84 -41.37 35.10 -10.51
CA TRP G 84 -41.91 36.22 -9.74
C TRP G 84 -42.04 37.51 -10.56
N LEU G 85 -41.17 38.49 -10.33
CA LEU G 85 -41.23 39.73 -11.07
C LEU G 85 -41.10 39.48 -12.56
N PRO G 86 -41.92 40.19 -13.34
CA PRO G 86 -42.12 40.25 -14.80
C PRO G 86 -40.88 40.14 -15.68
N LEU G 87 -40.93 39.36 -16.76
CA LEU G 87 -39.84 39.21 -17.72
C LEU G 87 -38.40 38.88 -17.26
N ILE G 88 -38.01 37.60 -17.22
CA ILE G 88 -36.66 37.29 -16.76
C ILE G 88 -35.74 36.21 -17.43
N GLY G 89 -35.61 36.28 -18.75
CA GLY G 89 -34.64 35.52 -19.53
C GLY G 89 -33.27 35.47 -18.85
N GLU G 90 -32.67 36.62 -18.61
CA GLU G 90 -31.52 36.80 -17.75
C GLU G 90 -31.19 38.29 -17.69
N PHE G 91 -30.58 38.74 -16.58
CA PHE G 91 -30.37 40.17 -16.31
C PHE G 91 -28.90 40.50 -16.06
N SER G 92 -28.66 41.67 -15.47
CA SER G 92 -27.43 41.92 -14.71
C SER G 92 -27.44 40.93 -13.55
N THR G 93 -26.25 40.55 -13.08
CA THR G 93 -25.90 39.13 -12.92
C THR G 93 -27.19 38.41 -12.57
N SER G 94 -27.55 37.40 -13.35
CA SER G 94 -28.74 37.52 -14.20
C SER G 94 -30.00 36.86 -13.69
N LYS G 95 -31.05 37.62 -13.40
CA LYS G 95 -32.34 37.08 -12.91
C LYS G 95 -32.15 36.41 -11.56
N LEU G 96 -30.94 35.97 -11.30
CA LEU G 96 -30.35 35.81 -10.00
C LEU G 96 -28.90 36.22 -10.20
N PRO G 97 -28.21 36.84 -9.25
CA PRO G 97 -26.79 37.17 -9.49
C PRO G 97 -25.97 35.97 -9.95
N PHE G 98 -25.55 36.00 -11.20
CA PHE G 98 -24.61 35.05 -11.82
C PHE G 98 -25.21 33.69 -12.10
N PHE G 99 -26.35 33.35 -11.52
CA PHE G 99 -27.05 32.10 -11.78
C PHE G 99 -27.92 32.21 -13.00
N GLY G 100 -27.62 33.10 -13.92
CA GLY G 100 -28.58 33.42 -14.94
C GLY G 100 -28.26 32.77 -16.27
N GLN G 101 -26.96 32.65 -16.57
CA GLN G 101 -26.52 31.83 -17.68
C GLN G 101 -26.91 30.38 -17.54
N TYR G 102 -27.48 29.99 -16.43
CA TYR G 102 -27.78 28.57 -16.33
C TYR G 102 -29.28 28.35 -16.48
N PRO G 103 -29.67 27.18 -16.92
CA PRO G 103 -31.10 26.82 -16.86
C PRO G 103 -31.48 26.37 -15.47
N LEU G 104 -32.59 26.88 -14.97
CA LEU G 104 -32.97 26.60 -13.59
C LEU G 104 -34.32 25.96 -13.47
N THR G 105 -34.44 25.02 -12.55
CA THR G 105 -35.68 24.38 -12.18
C THR G 105 -36.20 24.95 -10.86
N MET G 106 -37.37 24.47 -10.46
CA MET G 106 -37.97 24.87 -9.21
C MET G 106 -37.11 24.50 -8.01
N THR G 107 -36.43 23.38 -8.05
CA THR G 107 -35.60 23.03 -6.93
C THR G 107 -34.35 23.92 -6.85
N ASP G 108 -33.97 24.58 -7.92
CA ASP G 108 -32.88 25.55 -7.79
C ASP G 108 -33.38 26.78 -7.09
N PHE G 109 -34.63 27.15 -7.30
CA PHE G 109 -35.17 28.29 -6.63
C PHE G 109 -35.40 28.03 -5.18
N ARG G 110 -35.88 26.85 -4.84
CA ARG G 110 -36.01 26.54 -3.44
C ARG G 110 -34.64 26.58 -2.78
N LEU G 111 -33.62 26.14 -3.48
CA LEU G 111 -32.32 26.04 -2.88
C LEU G 111 -31.70 27.39 -2.70
N PHE G 112 -31.96 28.28 -3.65
CA PHE G 112 -31.55 29.66 -3.56
C PHE G 112 -32.33 30.39 -2.48
N GLY G 113 -33.61 30.14 -2.35
CA GLY G 113 -34.35 30.74 -1.26
C GLY G 113 -33.81 30.38 0.09
N TRP G 114 -33.55 29.11 0.31
CA TRP G 114 -33.08 28.65 1.61
C TRP G 114 -31.68 29.11 1.88
N GLY G 115 -30.87 29.20 0.84
CA GLY G 115 -29.53 29.75 0.92
C GLY G 115 -29.47 31.21 1.29
N CYS G 116 -30.31 32.01 0.77
CA CYS G 116 -30.42 33.38 1.11
C CYS G 116 -30.87 33.60 2.47
N PHE G 117 -31.91 32.96 2.94
CA PHE G 117 -32.35 33.02 4.32
C PHE G 117 -31.20 32.73 5.28
N HIS G 118 -30.52 31.62 5.17
CA HIS G 118 -29.40 31.27 5.94
C HIS G 118 -28.37 32.41 5.98
N ILE G 119 -28.02 33.03 4.90
CA ILE G 119 -27.11 34.11 4.84
C ILE G 119 -27.61 35.34 5.48
N GLY G 120 -28.84 35.68 5.30
CA GLY G 120 -29.42 36.82 5.97
C GLY G 120 -29.49 36.69 7.47
N LEU G 121 -30.06 35.58 7.95
CA LEU G 121 -30.16 35.31 9.38
C LEU G 121 -28.81 35.07 10.03
N GLY G 122 -27.89 34.49 9.32
CA GLY G 122 -26.53 34.43 9.80
C GLY G 122 -25.85 35.76 9.98
N LEU G 123 -25.88 36.63 8.99
CA LEU G 123 -25.25 37.93 9.11
C LEU G 123 -25.84 38.73 10.25
N TRP G 124 -27.14 38.65 10.44
CA TRP G 124 -27.75 39.38 11.54
C TRP G 124 -27.41 38.75 12.88
N LEU G 125 -27.21 37.45 12.93
CA LEU G 125 -26.84 36.85 14.18
C LEU G 125 -25.40 37.21 14.52
N VAL G 126 -24.53 37.34 13.53
CA VAL G 126 -23.17 37.79 13.73
C VAL G 126 -23.16 39.19 14.32
N TYR G 127 -23.98 40.09 13.78
CA TYR G 127 -24.02 41.43 14.31
C TYR G 127 -24.49 41.47 15.75
N ALA G 128 -25.61 40.81 16.07
CA ALA G 128 -26.17 40.81 17.41
C ALA G 128 -25.24 40.13 18.43
N GLY G 129 -24.46 39.21 17.95
CA GLY G 129 -23.49 38.58 18.76
C GLY G 129 -22.34 39.47 19.09
N ALA G 130 -21.89 40.27 18.14
CA ALA G 130 -20.91 41.30 18.39
C ALA G 130 -21.45 42.41 19.26
N ALA G 131 -22.72 42.71 19.18
CA ALA G 131 -23.30 43.64 20.14
C ALA G 131 -23.15 43.14 21.59
N HIS G 132 -23.34 41.86 21.86
CA HIS G 132 -23.11 41.40 23.24
C HIS G 132 -21.63 41.31 23.55
N TYR G 133 -20.84 40.77 22.65
CA TYR G 133 -19.43 40.58 22.88
C TYR G 133 -18.67 41.87 23.10
N TYR G 134 -18.75 42.84 22.21
CA TYR G 134 -18.05 44.08 22.34
C TYR G 134 -18.74 44.94 23.24
N GLY G 135 -20.02 44.79 23.40
CA GLY G 135 -20.77 45.62 24.27
C GLY G 135 -20.52 45.52 25.72
N ALA G 136 -20.02 44.39 26.17
CA ALA G 136 -19.64 44.16 27.54
C ALA G 136 -18.48 45.12 27.87
N ARG G 137 -17.44 45.12 27.06
CA ARG G 137 -16.33 46.05 27.17
C ARG G 137 -16.59 47.51 27.02
N GLY G 138 -17.80 47.99 27.06
CA GLY G 138 -18.07 49.36 26.84
C GLY G 138 -18.26 49.73 25.39
N GLY G 139 -17.71 48.98 24.42
CA GLY G 139 -17.81 49.21 23.01
C GLY G 139 -16.46 49.05 22.35
N ALA G 140 -16.38 49.29 21.10
CA ALA G 140 -15.13 49.13 20.36
C ALA G 140 -15.10 50.03 19.13
N THR G 141 -14.01 49.98 18.38
CA THR G 141 -13.87 50.78 17.18
C THR G 141 -13.81 49.91 15.94
N ILE G 142 -14.20 50.48 14.79
CA ILE G 142 -14.11 49.71 13.56
C ILE G 142 -12.69 49.20 13.33
N GLY G 143 -11.71 49.86 13.93
CA GLY G 143 -10.35 49.47 13.69
C GLY G 143 -9.91 48.34 14.61
N GLU G 144 -10.53 48.24 15.78
CA GLU G 144 -10.23 47.10 16.65
C GLU G 144 -11.08 45.90 16.29
N ILE G 145 -12.27 46.14 15.76
CA ILE G 145 -13.15 45.01 15.44
C ILE G 145 -12.57 44.22 14.30
N PHE G 146 -12.18 44.98 13.31
CA PHE G 146 -11.64 44.42 12.12
C PHE G 146 -10.17 44.36 12.14
N TRP G 147 -9.49 45.28 12.78
CA TRP G 147 -8.02 45.29 12.91
C TRP G 147 -7.02 45.31 11.72
N LEU G 148 -7.49 45.06 10.51
CA LEU G 148 -6.68 45.04 9.35
C LEU G 148 -7.06 46.20 8.50
N LEU G 149 -7.43 47.30 9.12
CA LEU G 149 -7.85 48.48 8.39
C LEU G 149 -6.93 49.62 8.67
N PRO G 150 -6.02 49.45 9.63
CA PRO G 150 -5.06 50.50 9.86
C PRO G 150 -4.19 50.61 8.61
N TYR G 151 -3.74 49.45 8.10
CA TYR G 151 -2.91 49.37 6.91
C TYR G 151 -3.69 49.31 5.61
N VAL G 152 -4.65 50.21 5.44
CA VAL G 152 -5.43 50.36 4.24
C VAL G 152 -5.64 51.84 4.33
N PRO G 153 -4.55 52.61 4.16
CA PRO G 153 -4.60 54.07 4.24
C PRO G 153 -5.73 54.68 3.40
N GLY G 154 -6.32 55.69 4.00
CA GLY G 154 -7.44 56.36 3.43
C GLY G 154 -8.38 56.12 4.57
N LEU G 155 -8.97 54.92 4.58
CA LEU G 155 -9.91 54.51 5.59
C LEU G 155 -9.31 54.52 6.98
N LYS G 156 -9.22 55.71 7.55
CA LYS G 156 -8.73 55.92 8.91
C LYS G 156 -9.65 56.91 9.63
N GLY G 157 -10.46 57.61 8.87
CA GLY G 157 -11.42 58.54 9.41
C GLY G 157 -12.67 57.77 9.80
N LEU G 158 -12.86 56.60 9.22
CA LEU G 158 -14.00 55.76 9.54
C LEU G 158 -13.50 54.53 10.25
N CYS G 159 -12.41 54.68 10.96
CA CYS G 159 -11.81 53.61 11.72
C CYS G 159 -11.47 54.17 13.09
N GLN G 160 -12.29 55.11 13.54
CA GLN G 160 -12.13 55.76 14.82
C GLN G 160 -13.51 55.88 15.39
N ILE G 161 -14.50 55.54 14.57
CA ILE G 161 -15.85 55.52 14.99
C ILE G 161 -15.99 54.40 16.04
N LYS G 162 -16.75 54.63 17.07
CA LYS G 162 -16.95 53.64 18.11
C LYS G 162 -18.29 52.96 17.91
N TRP G 163 -18.35 51.64 18.02
CA TRP G 163 -19.62 50.97 17.87
C TRP G 163 -20.00 50.27 19.16
N PHE G 164 -21.25 49.83 19.26
CA PHE G 164 -21.72 48.98 20.34
C PHE G 164 -21.61 49.65 21.69
N THR G 165 -21.83 50.90 21.72
CA THR G 165 -21.61 51.65 22.94
C THR G 165 -22.83 51.63 23.84
N PRO G 166 -22.70 52.05 25.09
CA PRO G 166 -23.80 51.89 26.03
C PRO G 166 -24.96 52.85 25.83
N GLU G 167 -24.75 54.03 25.36
CA GLU G 167 -25.86 54.96 25.32
C GLU G 167 -26.12 55.42 23.92
N GLY G 168 -25.58 54.74 22.95
CA GLY G 168 -25.54 55.25 21.62
C GLY G 168 -26.94 55.37 21.11
N PRO G 169 -27.09 56.09 20.01
CA PRO G 169 -28.34 56.00 19.28
C PRO G 169 -28.56 54.53 18.96
N TRP G 170 -29.81 54.15 18.89
CA TRP G 170 -30.19 52.77 18.75
C TRP G 170 -29.46 51.86 17.84
N TYR G 171 -28.87 52.39 16.82
CA TYR G 171 -28.34 51.53 15.79
C TYR G 171 -26.89 51.25 16.04
N LYS G 172 -26.30 51.85 17.05
CA LYS G 172 -24.98 51.41 17.43
C LYS G 172 -24.88 51.09 18.90
N VAL G 173 -25.99 50.86 19.59
CA VAL G 173 -25.87 50.47 20.99
C VAL G 173 -25.26 49.11 21.11
N GLY G 174 -24.77 48.80 22.31
CA GLY G 174 -24.30 47.50 22.70
C GLY G 174 -25.11 46.95 23.83
N LEU G 175 -24.57 47.03 25.04
CA LEU G 175 -25.26 46.60 26.24
C LEU G 175 -25.45 47.75 27.20
N PRO G 176 -26.56 48.49 27.20
CA PRO G 176 -26.57 49.76 27.94
C PRO G 176 -26.28 49.67 29.44
N TRP G 177 -26.61 48.58 30.17
CA TRP G 177 -26.18 48.44 31.56
C TRP G 177 -24.90 47.68 31.68
N GLY G 178 -24.14 47.54 30.62
CA GLY G 178 -22.82 47.06 30.80
C GLY G 178 -22.59 45.58 30.82
N SER G 179 -23.49 44.81 31.39
CA SER G 179 -23.31 43.36 31.57
C SER G 179 -24.63 42.79 31.98
N PHE G 180 -24.78 41.47 31.81
CA PHE G 180 -25.99 40.82 32.22
C PHE G 180 -26.29 41.11 33.67
N ALA G 181 -25.28 41.12 34.53
CA ALA G 181 -25.55 41.16 35.96
C ALA G 181 -26.12 42.51 36.38
N ASN G 182 -25.67 43.60 35.80
CA ASN G 182 -26.28 44.90 36.06
C ASN G 182 -27.62 45.13 35.38
N THR G 183 -28.08 44.32 34.56
CA THR G 183 -29.26 44.93 33.97
C THR G 183 -30.47 44.59 34.78
N PRO G 184 -31.25 45.50 35.11
CA PRO G 184 -32.26 45.32 36.14
C PRO G 184 -33.55 44.74 35.62
N TRP G 185 -33.46 43.66 34.87
CA TRP G 185 -34.66 42.96 34.44
C TRP G 185 -34.82 41.75 35.34
N PRO G 186 -35.94 41.61 36.03
CA PRO G 186 -36.07 40.49 36.97
C PRO G 186 -36.22 39.14 36.32
N ILE G 187 -36.67 39.03 35.09
CA ILE G 187 -36.83 37.70 34.52
C ILE G 187 -35.50 36.99 34.38
N LEU G 188 -34.41 37.73 34.41
CA LEU G 188 -33.11 37.20 34.09
C LEU G 188 -32.50 36.42 35.24
N ARG G 189 -31.91 35.29 34.94
CA ARG G 189 -31.39 34.43 35.97
C ARG G 189 -29.94 34.75 36.24
N ARG G 190 -29.55 34.60 37.51
CA ARG G 190 -28.30 35.13 38.03
C ARG G 190 -27.18 34.11 38.15
N THR G 191 -27.44 32.83 38.12
CA THR G 191 -26.34 31.87 38.16
C THR G 191 -26.48 30.92 37.01
N TYR G 192 -25.57 29.96 36.93
CA TYR G 192 -25.56 29.00 35.86
C TYR G 192 -26.52 27.84 36.09
N ALA G 193 -26.72 27.41 37.31
CA ALA G 193 -27.80 26.50 37.69
C ALA G 193 -29.18 27.08 37.40
N ASP G 194 -29.43 28.24 37.96
CA ASP G 194 -30.65 28.95 37.64
C ASP G 194 -30.87 29.05 36.15
N ALA G 195 -29.84 29.37 35.39
CA ALA G 195 -29.99 29.51 33.96
C ALA G 195 -30.21 28.21 33.27
N LEU G 196 -29.88 27.07 33.86
CA LEU G 196 -30.22 25.83 33.20
C LEU G 196 -31.71 25.77 32.95
N SER G 197 -32.46 26.39 33.74
CA SER G 197 -33.89 26.30 33.34
C SER G 197 -34.43 27.06 32.09
N PRO G 198 -34.13 28.35 31.91
CA PRO G 198 -34.56 29.03 30.68
C PRO G 198 -33.91 28.53 29.42
N HIS G 199 -32.68 28.05 29.47
CA HIS G 199 -32.00 27.35 28.39
C HIS G 199 -32.75 26.12 27.88
N THR G 200 -33.34 25.31 28.75
CA THR G 200 -34.04 24.12 28.26
C THR G 200 -35.45 24.47 27.86
N ILE G 201 -36.01 25.56 28.34
CA ILE G 201 -37.20 26.07 27.70
C ILE G 201 -36.93 26.61 26.29
N TYR G 202 -35.81 27.31 26.08
CA TYR G 202 -35.43 27.86 24.78
C TYR G 202 -35.21 26.75 23.77
N ILE G 203 -34.55 25.70 24.20
CA ILE G 203 -34.39 24.56 23.31
C ILE G 203 -35.73 23.90 22.98
N GLY G 204 -36.60 23.71 23.95
CA GLY G 204 -37.90 23.20 23.60
C GLY G 204 -38.61 23.99 22.54
N LEU G 205 -38.48 25.32 22.60
CA LEU G 205 -39.03 26.20 21.58
C LEU G 205 -38.36 26.04 20.21
N LEU G 206 -37.09 25.77 20.15
CA LEU G 206 -36.47 25.55 18.85
C LEU G 206 -37.05 24.30 18.19
N PHE G 207 -37.34 23.27 18.99
CA PHE G 207 -38.09 22.13 18.47
C PHE G 207 -39.43 22.55 17.91
N PHE G 208 -40.19 23.34 18.66
CA PHE G 208 -41.52 23.70 18.20
C PHE G 208 -41.45 24.47 16.90
N ILE G 209 -40.42 25.30 16.73
CA ILE G 209 -40.19 26.05 15.51
C ILE G 209 -39.94 25.10 14.33
N TRP G 210 -39.06 24.10 14.52
CA TRP G 210 -38.80 23.15 13.44
C TRP G 210 -40.02 22.37 13.01
N GLY G 211 -40.92 22.08 13.93
CA GLY G 211 -42.12 21.36 13.59
C GLY G 211 -43.16 22.21 12.92
N PHE G 212 -43.22 23.46 13.24
CA PHE G 212 -44.10 24.33 12.51
C PHE G 212 -43.60 24.56 11.10
N VAL G 213 -42.30 24.68 10.91
CA VAL G 213 -41.71 24.79 9.60
C VAL G 213 -41.91 23.53 8.78
N LEU G 214 -41.67 22.37 9.36
CA LEU G 214 -42.00 21.11 8.72
C LEU G 214 -43.46 21.06 8.32
N TRP G 215 -44.36 21.38 9.20
CA TRP G 215 -45.78 21.24 8.92
C TRP G 215 -46.26 22.21 7.84
N PHE G 216 -46.04 23.49 8.05
CA PHE G 216 -46.71 24.52 7.27
C PHE G 216 -45.84 25.21 6.26
N VAL G 217 -44.53 25.00 6.25
CA VAL G 217 -43.69 25.57 5.23
C VAL G 217 -43.14 24.51 4.31
N LEU G 218 -42.85 23.36 4.82
CA LEU G 218 -42.43 22.29 3.99
C LEU G 218 -43.55 21.32 3.69
N ASP G 219 -44.65 21.40 4.42
CA ASP G 219 -45.87 20.67 4.11
C ASP G 219 -45.73 19.17 4.44
N LYS G 220 -45.10 18.90 5.56
CA LYS G 220 -45.04 17.56 6.12
C LYS G 220 -45.82 17.62 7.42
N PRO G 221 -47.10 17.27 7.41
CA PRO G 221 -47.85 17.27 8.64
C PRO G 221 -47.39 16.14 9.56
N PRO G 222 -47.60 16.29 10.83
CA PRO G 222 -47.22 15.21 11.72
C PRO G 222 -48.22 14.07 11.76
N VAL G 223 -47.76 12.88 11.98
CA VAL G 223 -48.59 11.74 12.22
C VAL G 223 -49.33 12.02 13.47
N PRO G 224 -50.59 11.79 13.52
CA PRO G 224 -51.49 11.11 12.63
C PRO G 224 -52.33 12.00 11.80
N LEU G 225 -51.88 13.16 11.46
CA LEU G 225 -52.58 14.08 10.70
C LEU G 225 -52.06 14.11 9.30
N GLN G 226 -51.46 13.05 8.81
CA GLN G 226 -50.97 12.98 7.45
C GLN G 226 -52.11 13.03 6.42
N PRO G 227 -51.83 13.56 5.24
CA PRO G 227 -52.82 13.62 4.17
C PRO G 227 -53.19 12.25 3.60
N ALA G 228 -54.43 12.16 3.18
CA ALA G 228 -54.91 10.99 2.48
C ALA G 228 -54.32 10.82 1.09
N GLN G 229 -53.91 11.89 0.42
CA GLN G 229 -53.30 11.84 -0.91
C GLN G 229 -52.18 12.83 -1.04
N VAL G 230 -51.27 12.59 -1.95
CA VAL G 230 -50.22 13.56 -2.24
C VAL G 230 -50.02 13.69 -3.73
N MET G 231 -49.47 14.82 -4.13
CA MET G 231 -49.10 15.07 -5.51
C MET G 231 -47.76 14.44 -5.87
N THR G 232 -47.72 13.74 -6.96
CA THR G 232 -46.54 13.07 -7.46
C THR G 232 -46.33 13.41 -8.93
N PRO G 233 -45.14 13.13 -9.50
CA PRO G 233 -44.96 13.32 -10.93
C PRO G 233 -45.95 12.60 -11.80
N ASN G 234 -46.68 11.62 -11.27
CA ASN G 234 -47.81 11.03 -11.98
C ASN G 234 -49.16 11.47 -11.45
N GLY G 235 -49.32 12.67 -10.96
CA GLY G 235 -50.64 13.05 -10.52
C GLY G 235 -50.82 12.82 -9.06
N LEU G 236 -52.08 12.78 -8.64
CA LEU G 236 -52.46 12.78 -7.24
C LEU G 236 -52.76 11.35 -6.82
N MET G 237 -52.11 10.88 -5.78
CA MET G 237 -52.00 9.47 -5.42
C MET G 237 -52.28 9.26 -3.95
N PRO G 238 -52.89 8.15 -3.59
CA PRO G 238 -53.02 7.82 -2.17
C PRO G 238 -51.65 7.67 -1.52
N LEU G 239 -51.54 8.22 -0.30
CA LEU G 239 -50.29 8.34 0.47
C LEU G 239 -49.54 7.05 0.59
N GLU G 240 -50.24 5.96 0.68
CA GLU G 240 -49.60 4.69 0.92
C GLU G 240 -49.04 4.06 -0.34
N GLN G 241 -49.41 4.55 -1.51
CA GLN G 241 -48.90 4.11 -2.78
C GLN G 241 -48.01 5.08 -3.49
N ALA G 242 -48.00 6.31 -3.11
CA ALA G 242 -47.15 7.31 -3.64
C ALA G 242 -45.72 6.98 -3.23
N PRO G 243 -44.76 6.99 -4.13
CA PRO G 243 -43.39 6.60 -3.80
C PRO G 243 -42.63 7.61 -2.93
N PHE G 244 -41.46 7.19 -2.48
CA PHE G 244 -40.89 7.68 -1.23
C PHE G 244 -40.84 9.16 -1.10
N PRO G 245 -40.24 9.94 -1.99
CA PRO G 245 -40.09 11.36 -1.60
C PRO G 245 -41.44 11.96 -1.41
N TYR G 246 -42.41 11.53 -2.17
CA TYR G 246 -43.75 12.08 -2.10
C TYR G 246 -44.63 11.43 -1.06
N GLY G 247 -44.59 10.11 -0.91
CA GLY G 247 -45.44 9.38 0.01
C GLY G 247 -44.71 8.31 0.77
N TRP G 248 -45.43 7.35 1.27
CA TRP G 248 -44.89 6.33 2.09
C TRP G 248 -44.47 5.06 1.42
N PHE G 249 -44.59 4.92 0.14
CA PHE G 249 -44.21 3.65 -0.45
C PHE G 249 -42.74 3.64 -0.81
N ASP G 250 -41.98 2.78 -0.19
CA ASP G 250 -40.59 2.61 -0.51
C ASP G 250 -40.41 1.84 -1.82
N PRO G 251 -39.83 2.42 -2.87
CA PRO G 251 -39.71 1.68 -4.12
C PRO G 251 -38.61 0.64 -4.10
N TYR G 252 -37.51 0.87 -3.42
CA TYR G 252 -36.35 0.00 -3.49
C TYR G 252 -36.44 -1.19 -2.57
N LEU G 253 -37.39 -1.22 -1.67
CA LEU G 253 -37.74 -2.39 -0.91
C LEU G 253 -39.14 -2.83 -1.19
N ASN G 254 -39.92 -2.00 -1.83
CA ASN G 254 -41.19 -2.40 -2.35
C ASN G 254 -42.15 -2.73 -1.23
N GLN G 255 -42.26 -1.82 -0.25
CA GLN G 255 -43.16 -1.94 0.88
C GLN G 255 -43.57 -0.58 1.39
N VAL G 256 -44.74 -0.53 2.01
CA VAL G 256 -45.18 0.64 2.74
C VAL G 256 -44.28 0.85 3.92
N MET G 257 -43.89 2.09 4.16
CA MET G 257 -43.00 2.43 5.26
C MET G 257 -43.81 2.60 6.54
N HIS G 258 -43.25 2.15 7.66
CA HIS G 258 -43.76 2.51 8.97
C HIS G 258 -43.98 4.03 9.03
N PRO G 259 -45.00 4.50 9.73
CA PRO G 259 -45.23 5.95 9.83
C PRO G 259 -44.15 6.77 10.51
N MET G 260 -43.38 6.23 11.44
CA MET G 260 -42.25 6.89 12.06
C MET G 260 -40.94 6.71 11.34
N ASN G 261 -40.94 6.03 10.23
CA ASN G 261 -39.82 5.99 9.32
C ASN G 261 -39.95 7.03 8.21
N THR G 262 -40.76 8.05 8.37
CA THR G 262 -41.04 9.04 7.34
C THR G 262 -40.74 10.42 7.89
N ILE G 263 -40.61 11.43 7.05
CA ILE G 263 -40.37 12.74 7.65
C ILE G 263 -41.54 13.24 8.46
N ASN G 264 -42.72 12.70 8.24
CA ASN G 264 -43.88 13.03 9.05
C ASN G 264 -43.71 12.52 10.45
N GLY G 265 -43.11 11.35 10.58
CA GLY G 265 -42.76 10.85 11.89
C GLY G 265 -41.89 11.79 12.67
N GLU G 266 -40.98 12.41 11.96
CA GLU G 266 -40.09 13.45 12.43
C GLU G 266 -40.82 14.73 12.81
N THR G 267 -41.84 15.16 12.10
CA THR G 267 -42.51 16.33 12.63
C THR G 267 -43.36 16.00 13.87
N THR G 268 -43.82 14.76 14.04
CA THR G 268 -44.54 14.48 15.29
C THR G 268 -43.59 14.41 16.48
N MET G 269 -42.39 13.90 16.27
CA MET G 269 -41.40 13.93 17.31
C MET G 269 -40.94 15.33 17.64
N CYS G 270 -40.96 16.25 16.70
CA CYS G 270 -40.68 17.65 17.03
C CYS G 270 -41.60 18.14 18.11
N PHE G 271 -42.87 17.85 17.96
CA PHE G 271 -43.76 18.34 19.00
C PHE G 271 -43.63 17.58 20.30
N VAL G 272 -43.34 16.28 20.24
CA VAL G 272 -43.11 15.47 21.44
C VAL G 272 -41.92 15.98 22.22
N TRP G 273 -40.76 16.04 21.58
CA TRP G 273 -39.54 16.48 22.25
C TRP G 273 -39.69 17.88 22.80
N GLY G 274 -40.30 18.77 22.04
CA GLY G 274 -40.53 20.11 22.49
C GLY G 274 -41.34 20.19 23.74
N VAL G 275 -42.44 19.46 23.84
CA VAL G 275 -43.20 19.43 25.08
C VAL G 275 -42.39 18.90 26.25
N LEU G 276 -41.60 17.87 26.04
CA LEU G 276 -40.81 17.36 27.14
C LEU G 276 -39.82 18.38 27.68
N PHE G 277 -39.01 19.00 26.81
CA PHE G 277 -38.03 20.04 27.14
C PHE G 277 -38.66 21.27 27.79
N VAL G 278 -39.80 21.69 27.33
CA VAL G 278 -40.46 22.80 27.98
C VAL G 278 -40.92 22.43 29.37
N ALA G 279 -41.38 21.21 29.57
CA ALA G 279 -41.83 20.85 30.91
C ALA G 279 -40.67 20.70 31.90
N LEU G 280 -39.59 20.08 31.49
CA LEU G 280 -38.36 19.98 32.26
C LEU G 280 -37.78 21.36 32.62
N GLY G 281 -37.85 22.30 31.70
CA GLY G 281 -37.49 23.64 32.04
C GLY G 281 -38.41 24.32 33.02
N ALA G 282 -39.70 24.08 32.91
CA ALA G 282 -40.60 24.61 33.92
C ALA G 282 -40.35 24.02 35.29
N TYR G 283 -40.04 22.74 35.34
CA TYR G 283 -39.71 22.14 36.62
C TYR G 283 -38.46 22.79 37.20
N TRP G 284 -37.40 22.90 36.42
CA TRP G 284 -36.19 23.49 36.95
C TRP G 284 -36.34 24.96 37.25
N TRP G 285 -37.38 25.60 36.78
CA TRP G 285 -37.56 26.99 37.15
C TRP G 285 -37.93 27.15 38.60
N TYR G 286 -38.63 26.19 39.18
CA TYR G 286 -38.97 26.20 40.59
C TYR G 286 -37.99 25.46 41.47
N ARG G 287 -37.35 24.45 40.92
CA ARG G 287 -36.35 23.63 41.59
C ARG G 287 -35.06 23.56 40.80
N PRO G 288 -34.25 24.59 40.83
CA PRO G 288 -32.98 24.52 40.16
C PRO G 288 -32.02 23.59 40.88
N PRO G 289 -31.02 23.05 40.19
CA PRO G 289 -29.99 22.29 40.90
C PRO G 289 -29.35 23.05 42.04
N ARG G 290 -29.11 22.34 43.12
CA ARG G 290 -28.62 23.02 44.30
C ARG G 290 -27.54 22.29 45.12
N SER G 291 -27.30 21.01 44.94
CA SER G 291 -26.46 20.34 45.92
C SER G 291 -25.04 20.84 45.88
N ILE G 292 -24.39 20.72 47.05
CA ILE G 292 -23.00 21.06 47.22
C ILE G 292 -22.12 20.31 46.28
N ASN G 293 -22.58 19.18 45.80
CA ASN G 293 -21.83 18.43 44.85
C ASN G 293 -21.66 19.17 43.55
N ILE G 294 -22.39 20.24 43.34
CA ILE G 294 -22.46 20.81 42.01
C ILE G 294 -22.06 22.24 41.99
N THR G 295 -21.85 22.89 43.13
CA THR G 295 -21.64 24.33 43.12
C THR G 295 -20.21 24.75 42.77
N HIS G 296 -19.26 23.86 42.71
CA HIS G 296 -18.03 24.26 42.06
C HIS G 296 -18.17 24.39 40.54
N LEU G 297 -19.22 23.88 39.93
CA LEU G 297 -19.41 23.97 38.50
C LEU G 297 -19.81 25.35 38.01
N GLU G 298 -20.18 26.28 38.88
CA GLU G 298 -20.23 27.69 38.47
C GLU G 298 -18.93 28.26 37.91
N ASP G 299 -17.76 27.72 38.20
CA ASP G 299 -16.54 28.13 37.52
C ASP G 299 -16.57 27.56 36.10
N THR G 300 -16.39 28.37 35.06
CA THR G 300 -16.61 27.87 33.71
C THR G 300 -15.53 26.93 33.25
N LYS G 301 -14.35 27.02 33.81
CA LYS G 301 -13.32 26.01 33.61
C LYS G 301 -13.75 24.58 34.02
N ALA G 302 -14.45 24.44 35.16
CA ALA G 302 -14.96 23.13 35.56
C ALA G 302 -16.16 22.64 34.71
N VAL G 303 -17.19 23.46 34.50
CA VAL G 303 -18.26 22.96 33.64
C VAL G 303 -17.79 22.71 32.24
N PHE G 304 -16.74 23.37 31.80
CA PHE G 304 -16.23 23.11 30.47
C PHE G 304 -15.85 21.66 30.30
N HIS G 305 -15.30 21.03 31.31
CA HIS G 305 -15.05 19.65 31.26
C HIS G 305 -16.34 18.90 31.18
N VAL G 306 -17.38 19.16 31.90
CA VAL G 306 -18.55 18.36 31.87
C VAL G 306 -19.22 18.42 30.49
N HIS G 307 -19.40 19.59 29.98
CA HIS G 307 -20.11 19.88 28.75
C HIS G 307 -19.51 19.36 27.53
N LEU G 308 -18.23 19.52 27.35
CA LEU G 308 -17.47 19.04 26.30
C LEU G 308 -17.37 17.54 26.28
N THR G 309 -17.10 16.84 27.38
CA THR G 309 -17.05 15.40 27.15
C THR G 309 -18.46 14.83 27.07
N ALA G 310 -19.43 15.53 27.60
CA ALA G 310 -20.79 15.17 27.28
C ALA G 310 -21.09 15.27 25.79
N ILE G 311 -20.66 16.33 25.15
CA ILE G 311 -21.00 16.48 23.73
C ILE G 311 -20.29 15.41 22.94
N GLY G 312 -19.12 14.99 23.39
CA GLY G 312 -18.47 13.89 22.75
C GLY G 312 -19.33 12.66 22.75
N TYR G 313 -19.92 12.34 23.88
CA TYR G 313 -20.75 11.16 23.98
C TYR G 313 -22.00 11.29 23.12
N VAL G 314 -22.59 12.46 23.07
CA VAL G 314 -23.67 12.78 22.15
C VAL G 314 -23.30 12.53 20.69
N SER G 315 -22.14 12.96 20.26
CA SER G 315 -21.61 12.68 18.93
C SER G 315 -21.44 11.18 18.61
N PHE G 316 -20.88 10.41 19.54
CA PHE G 316 -20.80 8.95 19.40
C PHE G 316 -22.20 8.36 19.22
N ALA G 317 -23.16 8.89 19.94
CA ALA G 317 -24.53 8.40 19.93
C ALA G 317 -25.28 8.77 18.65
N LEU G 318 -25.04 9.94 18.12
CA LEU G 318 -25.46 10.30 16.78
C LEU G 318 -24.91 9.36 15.74
N ALA G 319 -23.61 9.10 15.75
CA ALA G 319 -23.08 8.10 14.84
C ALA G 319 -23.85 6.78 14.92
N ILE G 320 -24.02 6.20 16.09
CA ILE G 320 -24.67 4.91 16.20
C ILE G 320 -26.13 4.96 15.71
N VAL G 321 -26.91 5.88 16.26
CA VAL G 321 -28.29 5.98 15.92
C VAL G 321 -28.48 6.25 14.44
N GLY G 322 -27.73 7.20 13.89
CA GLY G 322 -27.76 7.51 12.49
C GLY G 322 -27.39 6.34 11.62
N PHE G 323 -26.30 5.68 11.91
CA PHE G 323 -25.98 4.49 11.16
C PHE G 323 -27.18 3.55 11.02
N LEU G 324 -27.72 3.09 12.10
CA LEU G 324 -28.76 2.10 11.97
C LEU G 324 -30.02 2.62 11.24
N ALA G 325 -30.60 3.65 11.82
CA ALA G 325 -31.78 4.33 11.30
C ALA G 325 -31.71 4.57 9.83
N LEU G 326 -30.58 4.89 9.30
CA LEU G 326 -30.55 5.25 7.92
C LEU G 326 -29.76 4.31 7.01
N ARG G 327 -29.15 3.23 7.49
CA ARG G 327 -28.43 2.32 6.59
C ARG G 327 -29.36 1.85 5.51
N ASN G 328 -30.62 1.67 5.81
CA ASN G 328 -31.33 1.25 4.59
C ASN G 328 -32.45 2.20 4.14
N HIS G 329 -32.40 3.39 4.41
CA HIS G 329 -33.48 4.34 4.21
C HIS G 329 -33.53 4.81 2.78
N PRO G 330 -34.71 5.02 2.16
CA PRO G 330 -34.74 5.44 0.74
C PRO G 330 -34.11 6.80 0.37
N SER G 331 -33.62 7.60 1.29
CA SER G 331 -32.88 8.84 1.02
C SER G 331 -31.56 8.61 0.32
N TYR G 332 -30.87 7.66 0.81
CA TYR G 332 -29.57 7.27 0.40
C TYR G 332 -29.64 6.33 -0.81
N LEU G 333 -30.56 5.39 -0.82
CA LEU G 333 -30.67 4.50 -1.97
C LEU G 333 -31.06 5.28 -3.25
N MET G 334 -31.84 6.31 -3.06
CA MET G 334 -32.17 7.22 -4.13
C MET G 334 -30.94 7.85 -4.74
N LEU G 335 -29.88 8.10 -3.98
CA LEU G 335 -28.65 8.52 -4.67
C LEU G 335 -28.13 7.46 -5.64
N ASN G 336 -28.26 6.20 -5.29
CA ASN G 336 -27.81 5.23 -6.31
C ASN G 336 -28.56 5.33 -7.66
N ASP G 337 -29.64 6.00 -7.89
CA ASP G 337 -30.18 6.15 -9.25
C ASP G 337 -29.95 7.51 -9.86
N MET G 338 -29.11 8.37 -9.37
CA MET G 338 -29.00 9.70 -9.88
C MET G 338 -27.83 9.98 -10.77
N ASN G 339 -27.29 8.99 -11.43
CA ASN G 339 -26.14 8.99 -12.26
C ASN G 339 -25.03 9.87 -11.58
N VAL G 340 -24.51 9.45 -10.46
CA VAL G 340 -23.55 10.23 -9.67
C VAL G 340 -22.15 10.16 -10.27
N ILE G 341 -21.60 11.30 -10.61
CA ILE G 341 -20.32 11.37 -11.26
C ILE G 341 -19.40 12.29 -10.49
N ILE G 342 -18.28 11.79 -10.06
CA ILE G 342 -17.30 12.55 -9.29
C ILE G 342 -15.95 12.49 -9.96
N TYR G 343 -15.37 13.67 -10.17
CA TYR G 343 -14.11 13.92 -10.86
C TYR G 343 -14.07 13.13 -12.16
N GLY G 344 -15.17 13.19 -12.84
CA GLY G 344 -15.49 12.39 -13.97
C GLY G 344 -15.78 10.91 -13.82
N LYS G 345 -16.29 10.33 -12.76
CA LYS G 345 -16.08 8.90 -12.86
C LYS G 345 -17.25 7.91 -12.93
N LYS G 346 -18.19 7.87 -12.01
CA LYS G 346 -19.33 6.82 -11.80
C LYS G 346 -18.98 6.03 -10.63
N ILE G 347 -19.72 6.09 -9.59
CA ILE G 347 -19.38 5.56 -8.29
C ILE G 347 -20.19 4.32 -8.02
N VAL G 348 -19.58 3.29 -7.45
CA VAL G 348 -20.34 2.15 -6.96
C VAL G 348 -21.01 2.50 -5.64
N ASN G 349 -22.32 2.46 -5.61
CA ASN G 349 -23.12 2.66 -4.40
C ASN G 349 -22.85 3.96 -3.63
N PRO G 350 -23.00 5.11 -4.29
CA PRO G 350 -22.79 6.38 -3.60
C PRO G 350 -23.69 6.64 -2.41
N GLY G 351 -24.93 6.14 -2.38
CA GLY G 351 -25.74 6.12 -1.19
C GLY G 351 -25.05 5.70 0.07
N ARG G 352 -24.54 4.48 0.06
CA ARG G 352 -23.89 3.97 1.23
C ARG G 352 -22.60 4.71 1.50
N MET G 353 -21.81 5.02 0.49
CA MET G 353 -20.61 5.80 0.69
C MET G 353 -20.86 7.08 1.51
N ILE G 354 -21.81 7.90 1.07
CA ILE G 354 -22.16 9.14 1.74
C ILE G 354 -22.66 8.90 3.14
N HIS G 355 -23.47 7.86 3.33
CA HIS G 355 -23.94 7.51 4.63
C HIS G 355 -22.76 7.16 5.53
N ASN G 356 -21.80 6.42 5.00
CA ASN G 356 -20.67 5.98 5.79
C ASN G 356 -19.83 7.15 6.26
N MET G 357 -19.75 8.19 5.43
CA MET G 357 -18.92 9.36 5.66
C MET G 357 -19.49 10.24 6.73
N ILE G 358 -20.82 10.38 6.75
CA ILE G 358 -21.51 11.08 7.82
C ILE G 358 -21.39 10.33 9.16
N THR G 359 -21.45 9.01 9.13
CA THR G 359 -21.44 8.38 10.42
C THR G 359 -20.02 8.37 10.96
N PHE G 360 -19.01 8.32 10.10
CA PHE G 360 -17.67 8.22 10.60
C PHE G 360 -17.13 9.59 10.95
N ASN G 361 -17.75 10.59 10.42
CA ASN G 361 -17.47 11.92 10.76
C ASN G 361 -17.98 12.25 12.10
N HIS G 362 -19.03 11.70 12.62
CA HIS G 362 -19.54 11.88 13.90
C HIS G 362 -18.84 11.10 14.96
N VAL G 363 -18.32 9.95 14.59
CA VAL G 363 -17.54 9.07 15.33
C VAL G 363 -16.21 9.75 15.65
N GLN G 364 -15.61 10.47 14.69
CA GLN G 364 -14.40 11.08 14.84
C GLN G 364 -14.52 12.35 15.69
N VAL G 365 -15.61 12.99 15.67
CA VAL G 365 -15.84 14.14 16.48
C VAL G 365 -16.00 13.72 17.92
N GLY G 366 -16.61 12.56 18.14
CA GLY G 366 -16.87 11.99 19.44
C GLY G 366 -15.64 11.63 20.22
N LEU G 367 -14.77 10.90 19.59
CA LEU G 367 -13.46 10.69 20.15
C LEU G 367 -12.71 12.00 20.50
N LEU G 368 -12.52 12.91 19.56
CA LEU G 368 -11.87 14.17 19.90
C LEU G 368 -12.53 14.89 21.10
N TYR G 369 -13.78 15.18 21.05
CA TYR G 369 -14.36 15.90 22.16
C TYR G 369 -14.36 15.14 23.49
N VAL G 370 -14.57 13.84 23.56
CA VAL G 370 -14.39 13.13 24.82
C VAL G 370 -12.98 13.33 25.34
N ALA G 371 -11.99 13.05 24.53
CA ALA G 371 -10.60 13.17 24.96
C ALA G 371 -10.28 14.58 25.41
N ALA G 372 -10.58 15.57 24.58
CA ALA G 372 -10.35 16.94 24.95
C ALA G 372 -11.18 17.37 26.17
N GLY G 373 -12.39 16.91 26.35
CA GLY G 373 -13.06 17.22 27.57
C GLY G 373 -12.34 16.65 28.77
N VAL G 374 -11.83 15.45 28.68
CA VAL G 374 -11.14 14.91 29.82
C VAL G 374 -9.87 15.69 30.12
N PHE G 375 -9.05 16.04 29.12
CA PHE G 375 -7.89 16.87 29.17
C PHE G 375 -8.13 18.17 29.85
N HIS G 376 -9.20 18.81 29.55
CA HIS G 376 -9.61 20.03 30.08
C HIS G 376 -10.03 19.85 31.45
N GLY G 377 -10.63 18.76 31.83
CA GLY G 377 -10.91 18.53 33.20
C GLY G 377 -9.66 18.35 34.02
N GLY G 378 -8.66 17.68 33.53
CA GLY G 378 -7.35 17.52 34.08
C GLY G 378 -6.67 18.83 34.32
N GLN G 379 -6.89 19.79 33.46
CA GLN G 379 -6.43 21.13 33.77
C GLN G 379 -7.12 21.79 34.97
N TYR G 380 -8.41 21.62 35.13
CA TYR G 380 -9.01 22.13 36.37
C TYR G 380 -8.38 21.48 37.60
N LEU G 381 -8.19 20.16 37.57
CA LEU G 381 -7.75 19.46 38.76
C LEU G 381 -6.29 19.73 39.07
N HIS G 382 -5.44 19.83 38.07
CA HIS G 382 -4.09 20.28 38.29
C HIS G 382 -4.05 21.66 38.90
N GLY G 383 -4.86 22.58 38.41
CA GLY G 383 -4.94 23.85 39.05
C GLY G 383 -5.24 23.75 40.51
N LEU G 384 -6.24 22.98 40.87
CA LEU G 384 -6.56 22.80 42.27
C LEU G 384 -5.38 22.28 43.07
N ASN G 385 -4.66 21.29 42.59
CA ASN G 385 -3.54 20.78 43.35
C ASN G 385 -2.44 21.80 43.54
N ILE G 386 -2.23 22.65 42.57
CA ILE G 386 -1.02 23.42 42.59
C ILE G 386 -1.22 24.69 43.40
N SER G 387 -2.44 24.95 43.83
CA SER G 387 -2.75 26.07 44.71
C SER G 387 -3.25 25.64 46.07
N GLY G 388 -3.29 24.35 46.36
CA GLY G 388 -3.60 23.93 47.68
C GLY G 388 -5.01 23.49 47.95
N ALA G 389 -5.96 23.68 47.04
CA ALA G 389 -7.37 23.55 47.42
C ALA G 389 -7.96 22.25 46.90
N TYR G 390 -7.16 21.39 46.32
CA TYR G 390 -7.64 20.09 45.92
C TYR G 390 -8.01 19.25 47.11
N LYS G 391 -7.20 19.30 48.14
CA LYS G 391 -7.42 18.55 49.36
C LYS G 391 -8.62 19.01 50.13
N GLN G 392 -9.27 20.07 49.73
CA GLN G 392 -10.43 20.47 50.48
C GLN G 392 -11.58 20.78 49.61
N ALA G 393 -11.65 20.05 48.49
CA ALA G 393 -12.80 20.06 47.59
C ALA G 393 -13.94 19.38 48.31
N ARG G 394 -15.13 19.86 48.10
CA ARG G 394 -16.22 19.27 48.79
C ARG G 394 -17.13 18.44 48.05
N SER G 395 -17.17 18.52 46.76
CA SER G 395 -18.10 17.67 46.07
C SER G 395 -17.56 16.28 46.01
N LYS G 396 -18.44 15.32 46.22
CA LYS G 396 -18.12 13.94 46.07
C LYS G 396 -17.73 13.58 44.66
N PHE G 397 -18.06 14.35 43.66
CA PHE G 397 -17.55 13.95 42.36
C PHE G 397 -16.04 14.15 42.25
N ILE G 398 -15.46 15.03 43.03
CA ILE G 398 -14.02 15.06 43.17
C ILE G 398 -13.55 14.04 44.19
N THR G 399 -14.16 14.01 45.38
CA THR G 399 -13.58 13.29 46.50
C THR G 399 -13.73 11.77 46.39
N TRP G 400 -14.70 11.28 45.62
CA TRP G 400 -14.86 9.86 45.38
C TRP G 400 -13.63 9.22 44.82
N PHE G 401 -12.75 9.97 44.21
CA PHE G 401 -11.59 9.41 43.58
C PHE G 401 -10.28 9.94 44.12
N GLN G 402 -10.20 10.41 45.35
CA GLN G 402 -8.97 11.01 45.84
C GLN G 402 -7.98 9.99 46.37
N ASN G 403 -8.45 8.92 46.96
CA ASN G 403 -7.58 7.90 47.49
C ASN G 403 -6.65 7.33 46.41
N PRO G 404 -5.32 7.41 46.58
CA PRO G 404 -4.42 6.97 45.51
C PRO G 404 -4.43 5.50 45.28
N ASP G 405 -4.84 4.70 46.26
CA ASP G 405 -4.81 3.27 46.13
C ASP G 405 -6.02 2.76 45.35
N LEU G 406 -7.21 3.30 45.61
CA LEU G 406 -8.30 3.15 44.67
C LEU G 406 -7.91 3.57 43.25
N GLN G 407 -7.16 4.65 43.06
CA GLN G 407 -6.80 5.03 41.71
C GLN G 407 -5.94 3.96 41.03
N THR G 408 -4.96 3.36 41.74
CA THR G 408 -4.22 2.26 41.09
C THR G 408 -5.08 1.00 40.93
N LYS G 409 -6.01 0.70 41.81
CA LYS G 409 -6.89 -0.43 41.55
C LYS G 409 -7.77 -0.21 40.31
N ILE G 410 -8.42 0.93 40.17
CA ILE G 410 -9.21 1.23 38.98
C ILE G 410 -8.40 1.04 37.71
N VAL G 411 -7.26 1.71 37.61
CA VAL G 411 -6.46 1.70 36.40
C VAL G 411 -5.93 0.32 36.08
N GLY G 412 -5.37 -0.36 37.06
CA GLY G 412 -4.80 -1.66 36.82
C GLY G 412 -5.81 -2.72 36.42
N THR G 413 -7.01 -2.66 36.96
CA THR G 413 -7.95 -3.61 36.43
C THR G 413 -8.52 -3.26 35.06
N THR G 414 -8.57 -1.99 34.68
CA THR G 414 -8.91 -1.72 33.29
C THR G 414 -7.79 -2.01 32.31
N MET G 415 -6.55 -2.03 32.75
CA MET G 415 -5.49 -2.60 31.94
C MET G 415 -5.61 -4.10 31.82
N PHE G 416 -5.89 -4.80 32.91
CA PHE G 416 -6.10 -6.22 32.79
C PHE G 416 -7.26 -6.54 31.87
N VAL G 417 -8.34 -5.79 31.92
CA VAL G 417 -9.47 -6.13 31.06
C VAL G 417 -9.13 -5.86 29.60
N SER G 418 -8.49 -4.74 29.33
CA SER G 418 -7.98 -4.46 28.00
C SER G 418 -7.08 -5.57 27.50
N PHE G 419 -6.18 -6.08 28.35
CA PHE G 419 -5.18 -7.05 27.96
C PHE G 419 -5.84 -8.33 27.53
N VAL G 420 -6.71 -8.83 28.36
CA VAL G 420 -7.39 -10.07 28.06
C VAL G 420 -8.18 -9.98 26.76
N THR G 421 -8.94 -8.93 26.55
CA THR G 421 -9.84 -8.95 25.40
C THR G 421 -9.12 -8.62 24.11
N VAL G 422 -8.03 -7.84 24.14
CA VAL G 422 -7.20 -7.56 22.98
C VAL G 422 -6.38 -8.78 22.62
N VAL G 423 -5.86 -9.48 23.62
CA VAL G 423 -5.15 -10.72 23.36
C VAL G 423 -6.08 -11.74 22.71
N PHE G 424 -7.30 -11.86 23.17
CA PHE G 424 -8.26 -12.72 22.52
C PHE G 424 -8.52 -12.29 21.09
N GLY G 425 -8.89 -11.06 20.84
CA GLY G 425 -9.20 -10.60 19.52
C GLY G 425 -8.07 -10.77 18.53
N TYR G 426 -6.98 -10.11 18.80
CA TYR G 426 -5.80 -10.19 17.97
C TYR G 426 -5.28 -11.60 17.87
N GLY G 427 -5.31 -12.39 18.93
CA GLY G 427 -4.88 -13.74 18.83
C GLY G 427 -5.72 -14.60 17.91
N MET G 428 -7.02 -14.46 17.94
CA MET G 428 -7.88 -15.08 16.93
C MET G 428 -7.64 -14.58 15.51
N ILE G 429 -7.40 -13.32 15.30
CA ILE G 429 -7.09 -12.87 13.96
C ILE G 429 -5.86 -13.56 13.44
N CYS G 430 -4.84 -13.67 14.26
CA CYS G 430 -3.62 -14.34 13.88
C CYS G 430 -3.81 -15.83 13.60
N TRP G 431 -4.52 -16.55 14.46
CA TRP G 431 -4.81 -17.96 14.21
C TRP G 431 -5.45 -18.19 12.84
N ASN G 432 -6.48 -17.43 12.52
CA ASN G 432 -7.12 -17.64 11.25
C ASN G 432 -6.38 -17.05 10.04
N THR G 433 -5.44 -16.12 10.19
CA THR G 433 -4.63 -15.87 8.99
C THR G 433 -3.59 -16.96 8.77
N GLY G 434 -3.10 -17.57 9.85
CA GLY G 434 -2.36 -18.79 9.71
C GLY G 434 -3.12 -19.90 9.00
N ALA G 435 -4.39 -20.07 9.33
CA ALA G 435 -5.24 -21.08 8.68
C ALA G 435 -5.45 -20.80 7.22
N GLU G 436 -5.86 -19.59 6.89
CA GLU G 436 -6.14 -19.24 5.53
C GLU G 436 -4.91 -19.30 4.65
N LEU G 437 -3.73 -19.07 5.17
CA LEU G 437 -2.55 -19.10 4.34
C LEU G 437 -1.84 -20.45 4.28
N ASP G 438 -2.36 -21.50 4.91
CA ASP G 438 -1.84 -22.89 5.06
C ASP G 438 -0.39 -23.01 5.49
N LEU G 439 0.09 -22.13 6.35
CA LEU G 439 1.47 -22.02 6.82
C LEU G 439 1.92 -23.23 7.63
N ASN G 440 3.10 -23.74 7.35
CA ASN G 440 3.73 -24.80 8.11
C ASN G 440 4.70 -24.20 9.12
N PHE G 441 4.57 -24.50 10.39
CA PHE G 441 5.52 -24.02 11.37
C PHE G 441 6.45 -25.13 11.81
N GLY G 442 6.34 -26.32 11.23
CA GLY G 442 7.14 -27.43 11.65
C GLY G 442 6.56 -28.11 12.85
N ILE G 443 6.30 -27.31 13.87
CA ILE G 443 5.58 -27.75 15.06
C ILE G 443 4.09 -27.95 14.80
N TYR G 444 3.53 -27.39 13.74
CA TYR G 444 2.11 -27.53 13.44
C TYR G 444 1.88 -27.10 11.99
N GLN G 445 0.94 -27.69 11.31
CA GLN G 445 0.55 -27.23 9.99
C GLN G 445 -0.83 -26.62 10.06
N PHE G 446 -0.96 -25.36 9.72
CA PHE G 446 -2.25 -24.70 9.54
C PHE G 446 -2.93 -25.19 8.27
N ARG G 447 -4.24 -25.38 8.31
CA ARG G 447 -4.98 -25.83 7.13
C ARG G 447 -6.22 -25.00 6.87
N SER G 448 -6.46 -24.69 5.63
CA SER G 448 -7.51 -23.85 5.04
C SER G 448 -8.85 -24.57 4.92
N PHE G 449 -9.95 -23.80 4.87
CA PHE G 449 -11.27 -24.29 4.43
C PHE G 449 -11.27 -24.66 2.94
N ARG G 450 -11.89 -25.78 2.60
CA ARG G 450 -12.09 -26.21 1.24
C ARG G 450 -13.34 -27.03 1.20
N ALA G 451 -14.11 -26.85 0.14
CA ALA G 451 -15.43 -27.40 0.00
C ALA G 451 -15.62 -27.97 -1.39
N ILE G 452 -16.21 -29.14 -1.45
CA ILE G 452 -16.49 -29.86 -2.68
C ILE G 452 -17.98 -30.16 -2.67
N GLN G 453 -18.72 -29.65 -3.65
CA GLN G 453 -20.16 -29.91 -3.72
C GLN G 453 -20.48 -31.39 -3.91
N MET G 454 -21.48 -31.87 -3.20
CA MET G 454 -21.78 -33.27 -3.12
C MET G 454 -23.11 -33.65 -3.72
N ASP G 455 -23.94 -32.69 -4.03
CA ASP G 455 -25.20 -32.86 -4.74
C ASP G 455 -25.17 -32.02 -6.00
N GLY G 456 -26.23 -32.08 -6.76
CA GLY G 456 -26.15 -31.45 -8.05
C GLY G 456 -25.71 -32.40 -9.13
N GLU G 457 -25.15 -31.84 -10.18
CA GLU G 457 -24.37 -32.62 -11.12
C GLU G 457 -22.93 -32.63 -10.68
N ALA G 458 -22.50 -31.63 -9.96
CA ALA G 458 -21.16 -31.70 -9.38
C ALA G 458 -21.00 -32.84 -8.41
N GLY G 459 -22.07 -33.41 -7.90
CA GLY G 459 -21.81 -34.54 -7.05
C GLY G 459 -21.53 -35.82 -7.78
N ASN G 460 -21.51 -35.81 -9.09
CA ASN G 460 -21.16 -36.93 -9.92
C ASN G 460 -19.77 -36.83 -10.49
N ILE G 461 -18.94 -35.90 -10.06
CA ILE G 461 -17.55 -35.81 -10.49
C ILE G 461 -16.69 -36.77 -9.70
N GLY G 462 -15.75 -37.43 -10.35
CA GLY G 462 -14.90 -38.39 -9.68
C GLY G 462 -13.59 -37.84 -9.15
N TYR G 463 -13.07 -38.46 -8.14
CA TYR G 463 -11.79 -38.12 -7.50
C TYR G 463 -11.08 -39.37 -7.08
N ARG G 464 -9.76 -39.34 -7.14
CA ARG G 464 -8.94 -40.40 -6.59
C ARG G 464 -8.78 -40.20 -5.09
N VAL G 465 -9.01 -41.23 -4.32
CA VAL G 465 -9.14 -41.09 -2.88
C VAL G 465 -8.20 -42.03 -2.19
N PHE G 466 -7.44 -41.51 -1.23
CA PHE G 466 -6.60 -42.35 -0.34
C PHE G 466 -7.40 -42.49 0.95
N ARG G 467 -7.82 -43.69 1.27
CA ARG G 467 -8.72 -44.00 2.35
C ARG G 467 -8.02 -44.69 3.50
N PRO G 468 -7.97 -44.13 4.69
CA PRO G 468 -7.45 -44.89 5.83
C PRO G 468 -8.37 -46.04 6.19
N LYS G 469 -7.80 -47.07 6.78
CA LYS G 469 -8.64 -48.14 7.28
C LYS G 469 -9.19 -47.83 8.64
N ASN G 470 -8.35 -47.44 9.55
CA ASN G 470 -8.82 -47.30 10.91
C ASN G 470 -7.98 -46.22 11.57
N PRO G 471 -8.39 -44.97 11.42
CA PRO G 471 -7.65 -43.87 12.02
C PRO G 471 -7.37 -44.04 13.49
N TRP G 472 -8.01 -45.00 14.15
CA TRP G 472 -7.92 -45.13 15.60
C TRP G 472 -6.88 -46.17 16.01
N ASP G 473 -6.52 -47.00 15.08
CA ASP G 473 -5.29 -47.69 15.35
C ASP G 473 -4.14 -46.88 14.80
N PRO G 474 -3.36 -46.21 15.63
CA PRO G 474 -2.07 -45.70 15.15
C PRO G 474 -1.29 -46.90 14.73
N THR G 475 -0.55 -46.78 13.64
CA THR G 475 0.03 -47.91 12.92
C THR G 475 -1.01 -48.63 12.06
N ALA G 476 -2.04 -47.94 11.60
CA ALA G 476 -2.90 -48.55 10.58
C ALA G 476 -2.33 -48.36 9.19
N GLY G 477 -2.21 -47.15 8.70
CA GLY G 477 -2.03 -46.96 7.26
C GLY G 477 -3.32 -47.03 6.47
N GLY G 478 -3.22 -46.77 5.16
CA GLY G 478 -4.40 -46.70 4.29
C GLY G 478 -4.14 -47.33 2.94
N ASP G 479 -5.13 -47.29 2.05
CA ASP G 479 -4.81 -47.57 0.68
C ASP G 479 -5.61 -46.68 -0.27
N TRP G 480 -5.14 -46.66 -1.50
CA TRP G 480 -5.84 -45.92 -2.56
C TRP G 480 -7.05 -46.75 -2.92
N VAL G 481 -8.18 -46.12 -3.09
CA VAL G 481 -9.38 -46.82 -3.55
C VAL G 481 -9.18 -47.29 -4.98
N LYS G 482 -9.48 -48.53 -5.22
CA LYS G 482 -9.22 -49.14 -6.48
C LYS G 482 -10.29 -49.93 -7.18
N ASN G 483 -10.02 -50.43 -8.35
CA ASN G 483 -10.96 -51.33 -9.01
C ASN G 483 -10.50 -52.77 -8.69
N PRO G 484 -11.17 -53.80 -9.23
CA PRO G 484 -10.69 -55.17 -9.02
C PRO G 484 -9.53 -55.46 -9.99
N ASP G 485 -9.56 -54.72 -11.08
CA ASP G 485 -8.64 -54.64 -12.17
C ASP G 485 -7.36 -53.90 -11.82
N GLY G 486 -7.20 -53.36 -10.60
CA GLY G 486 -6.00 -52.64 -10.22
C GLY G 486 -5.92 -51.15 -10.46
N THR G 487 -6.74 -50.55 -11.29
CA THR G 487 -6.57 -49.14 -11.51
C THR G 487 -7.34 -48.25 -10.58
N ALA G 488 -6.83 -47.09 -10.27
CA ALA G 488 -7.53 -46.17 -9.41
C ALA G 488 -8.97 -45.94 -9.67
N LYS G 489 -9.84 -46.28 -8.75
CA LYS G 489 -11.25 -45.98 -8.81
C LYS G 489 -11.44 -44.49 -8.60
N LEU G 490 -12.31 -43.91 -9.37
CA LEU G 490 -12.74 -42.55 -9.18
C LEU G 490 -13.99 -42.53 -8.31
N VAL G 491 -13.89 -41.95 -7.14
CA VAL G 491 -14.99 -41.87 -6.23
C VAL G 491 -15.79 -40.63 -6.59
N LYS G 492 -17.08 -40.78 -6.78
CA LYS G 492 -17.89 -39.63 -7.05
C LYS G 492 -18.12 -38.83 -5.79
N ALA G 493 -18.02 -37.52 -5.88
CA ALA G 493 -18.28 -36.64 -4.75
C ALA G 493 -19.44 -37.04 -3.86
N ARG G 494 -20.54 -37.57 -4.38
CA ARG G 494 -21.62 -38.05 -3.55
C ARG G 494 -21.21 -39.14 -2.57
N ASN G 495 -20.17 -39.92 -2.87
CA ASN G 495 -19.76 -41.02 -2.02
C ASN G 495 -18.51 -40.72 -1.20
N LEU G 496 -18.05 -39.51 -1.14
CA LEU G 496 -16.98 -39.12 -0.24
C LEU G 496 -17.36 -39.44 1.19
N GLN G 497 -16.44 -40.05 1.94
CA GLN G 497 -16.66 -40.20 3.35
C GLN G 497 -15.63 -39.51 4.18
N VAL G 498 -15.99 -39.37 5.45
CA VAL G 498 -15.20 -38.65 6.41
C VAL G 498 -13.95 -39.47 6.72
N GLY G 499 -12.81 -38.86 6.51
CA GLY G 499 -11.54 -39.46 6.59
C GLY G 499 -10.74 -39.47 5.32
N ASP G 500 -11.41 -39.31 4.20
CA ASP G 500 -10.85 -39.43 2.86
C ASP G 500 -9.84 -38.35 2.54
N ARG G 501 -8.74 -38.74 1.90
CA ARG G 501 -7.76 -37.75 1.46
C ARG G 501 -7.74 -37.68 -0.07
N ILE G 502 -7.74 -36.48 -0.62
CA ILE G 502 -7.65 -36.25 -2.05
C ILE G 502 -6.42 -35.39 -2.28
N LEU G 503 -5.67 -35.71 -3.27
CA LEU G 503 -4.47 -34.98 -3.63
C LEU G 503 -4.76 -33.54 -4.02
N ASN G 504 -3.94 -32.61 -3.53
CA ASN G 504 -4.19 -31.19 -3.71
C ASN G 504 -4.10 -30.81 -5.17
N GLU G 505 -3.32 -31.55 -5.89
CA GLU G 505 -3.00 -31.22 -7.25
C GLU G 505 -4.01 -31.82 -8.23
N GLU G 506 -4.75 -32.83 -7.83
CA GLU G 506 -5.98 -33.20 -8.50
C GLU G 506 -7.08 -32.16 -8.32
N LEU G 507 -7.01 -31.32 -7.32
CA LEU G 507 -7.95 -30.24 -7.14
C LEU G 507 -7.42 -28.91 -7.62
N GLY G 508 -6.18 -28.84 -8.05
CA GLY G 508 -5.71 -27.69 -8.71
C GLY G 508 -5.02 -26.72 -7.82
N ILE G 509 -4.92 -27.02 -6.54
CA ILE G 509 -4.44 -26.12 -5.49
C ILE G 509 -2.92 -26.02 -5.56
N GLY G 510 -2.43 -24.87 -5.84
CA GLY G 510 -1.03 -24.59 -5.85
C GLY G 510 -0.58 -23.73 -4.72
N SER G 511 -1.48 -23.23 -3.96
CA SER G 511 -1.14 -22.37 -2.89
C SER G 511 -0.72 -23.02 -1.57
N SER G 512 -0.98 -24.26 -1.38
CA SER G 512 -0.48 -24.97 -0.25
C SER G 512 0.64 -26.00 -0.58
N PRO G 513 1.90 -25.63 -1.00
CA PRO G 513 2.92 -26.59 -1.39
C PRO G 513 3.58 -27.32 -0.26
N THR G 514 3.14 -27.21 0.94
CA THR G 514 3.83 -27.71 2.08
C THR G 514 3.16 -28.99 2.62
N TYR G 515 1.91 -29.22 2.27
CA TYR G 515 1.23 -30.48 2.54
C TYR G 515 0.58 -31.01 1.27
N SER G 516 0.19 -32.21 1.28
CA SER G 516 -0.10 -32.91 0.05
C SER G 516 -1.58 -33.21 -0.22
N PHE G 517 -2.42 -33.31 0.78
CA PHE G 517 -3.77 -33.81 0.62
C PHE G 517 -4.82 -32.93 1.31
N THR G 518 -5.99 -32.86 0.75
CA THR G 518 -7.10 -32.33 1.50
C THR G 518 -7.84 -33.46 2.16
N THR G 519 -8.20 -33.26 3.41
CA THR G 519 -8.95 -34.24 4.15
C THR G 519 -10.40 -33.87 4.20
N ILE G 520 -11.26 -34.82 3.95
CA ILE G 520 -12.68 -34.56 4.10
C ILE G 520 -12.99 -34.72 5.59
N GLU G 521 -13.48 -33.66 6.20
CA GLU G 521 -13.83 -33.71 7.60
C GLU G 521 -15.32 -33.71 7.90
N GLU G 522 -16.18 -33.43 6.95
CA GLU G 522 -17.62 -33.39 7.17
C GLU G 522 -18.32 -33.56 5.83
N ILE G 523 -19.23 -34.48 5.75
CA ILE G 523 -19.95 -34.74 4.51
C ILE G 523 -21.39 -34.31 4.65
N ASN G 524 -22.02 -34.09 3.51
CA ASN G 524 -23.39 -33.61 3.38
C ASN G 524 -23.66 -32.37 4.22
N TYR G 525 -22.77 -31.43 4.18
CA TYR G 525 -22.89 -30.26 5.01
C TYR G 525 -23.70 -29.18 4.31
N LYS G 526 -24.69 -28.68 5.00
CA LYS G 526 -25.41 -27.52 4.52
C LYS G 526 -25.15 -26.36 5.44
N PRO G 527 -24.56 -25.33 4.98
CA PRO G 527 -24.39 -24.14 5.86
C PRO G 527 -25.59 -23.63 6.60
N GLU G 528 -25.55 -23.54 7.90
CA GLU G 528 -26.58 -22.85 8.68
C GLU G 528 -26.39 -21.49 8.10
N TRP G 529 -27.29 -20.83 7.44
CA TRP G 529 -26.90 -19.55 6.73
C TRP G 529 -25.86 -19.61 5.60
N GLY G 530 -26.27 -19.73 4.38
CA GLY G 530 -25.30 -19.79 3.29
C GLY G 530 -25.96 -20.28 2.05
N GLN G 531 -25.33 -21.00 1.25
CA GLN G 531 -25.83 -21.53 0.00
C GLN G 531 -26.71 -22.75 0.18
N PRO G 532 -27.74 -22.90 -0.59
CA PRO G 532 -28.57 -24.12 -0.46
C PRO G 532 -27.98 -25.34 -1.17
N LYS G 533 -26.86 -25.81 -0.69
CA LYS G 533 -26.26 -27.00 -1.26
C LYS G 533 -25.73 -27.89 -0.17
N LEU G 534 -25.14 -28.97 -0.59
CA LEU G 534 -24.63 -30.02 0.27
C LEU G 534 -23.17 -30.16 -0.05
N TYR G 535 -22.31 -30.27 0.93
CA TYR G 535 -20.89 -30.17 0.64
C TYR G 535 -20.08 -31.19 1.39
N ALA G 536 -18.89 -31.49 0.89
CA ALA G 536 -17.80 -32.10 1.65
C ALA G 536 -16.71 -31.10 2.01
N VAL G 537 -16.31 -31.07 3.25
CA VAL G 537 -15.43 -30.02 3.75
C VAL G 537 -14.20 -30.32 4.46
N GLN G 538 -13.15 -29.62 4.18
CA GLN G 538 -12.01 -29.61 5.03
C GLN G 538 -12.24 -28.32 5.83
N TRP G 539 -12.51 -28.41 7.11
CA TRP G 539 -12.46 -27.31 8.06
C TRP G 539 -11.01 -27.38 8.46
N GLY G 540 -9.93 -26.78 8.10
CA GLY G 540 -8.56 -27.13 8.74
C GLY G 540 -8.55 -26.59 10.15
N SER G 541 -7.94 -25.45 10.20
CA SER G 541 -7.80 -24.74 11.35
C SER G 541 -8.76 -23.61 11.33
N TRP G 542 -9.61 -23.44 10.33
CA TRP G 542 -10.45 -22.33 10.22
C TRP G 542 -11.52 -22.42 11.23
N THR G 543 -11.72 -21.46 12.10
CA THR G 543 -12.63 -21.63 13.23
C THR G 543 -13.97 -20.95 13.06
N HIS G 544 -14.78 -21.54 12.26
CA HIS G 544 -16.14 -21.15 11.97
C HIS G 544 -16.99 -21.02 13.26
N PHE G 545 -16.76 -21.84 14.28
CA PHE G 545 -17.45 -21.70 15.56
C PHE G 545 -17.28 -20.33 16.20
N LEU G 546 -16.26 -19.59 15.86
CA LEU G 546 -15.96 -18.33 16.49
C LEU G 546 -17.00 -17.25 16.24
N ARG G 547 -17.84 -17.35 15.22
CA ARG G 547 -18.98 -16.48 15.02
C ARG G 547 -19.96 -16.52 16.19
N LYS G 548 -20.04 -17.57 16.90
CA LYS G 548 -20.98 -17.74 18.01
C LYS G 548 -20.47 -17.32 19.30
N VAL G 549 -19.29 -16.74 19.37
CA VAL G 549 -18.64 -16.32 20.58
C VAL G 549 -18.84 -14.82 20.61
N ASN G 550 -20.02 -14.40 20.50
CA ASN G 550 -20.51 -13.06 20.24
C ASN G 550 -21.88 -12.93 20.87
N PRO G 551 -22.04 -12.16 21.94
CA PRO G 551 -23.37 -12.04 22.52
C PRO G 551 -24.39 -11.41 21.59
N LEU G 552 -23.95 -10.63 20.64
CA LEU G 552 -24.77 -10.06 19.60
C LEU G 552 -25.22 -11.04 18.51
N PHE G 553 -24.50 -12.14 18.26
CA PHE G 553 -24.99 -13.23 17.41
C PHE G 553 -26.30 -13.74 17.94
N TRP G 554 -26.36 -13.92 19.25
CA TRP G 554 -27.40 -14.69 19.90
C TRP G 554 -28.62 -13.86 20.15
N VAL G 555 -28.48 -12.59 20.49
CA VAL G 555 -29.64 -11.73 20.67
C VAL G 555 -30.36 -11.55 19.34
N ASP G 556 -29.61 -11.28 18.30
CA ASP G 556 -30.09 -11.09 16.96
C ASP G 556 -30.75 -12.34 16.42
N LYS G 557 -30.09 -13.48 16.53
CA LYS G 557 -30.75 -14.64 15.98
C LYS G 557 -31.96 -15.06 16.78
N GLY G 558 -31.95 -14.90 18.10
CA GLY G 558 -33.11 -15.28 18.87
C GLY G 558 -34.29 -14.40 18.57
N ILE G 559 -34.07 -13.11 18.41
CA ILE G 559 -35.21 -12.24 18.19
C ILE G 559 -35.76 -12.47 16.81
N TRP G 560 -34.92 -12.60 15.80
CA TRP G 560 -35.35 -12.94 14.50
C TRP G 560 -36.07 -14.28 14.43
N TYR G 561 -35.60 -15.38 15.02
CA TYR G 561 -36.32 -16.62 15.12
C TYR G 561 -37.69 -16.41 15.72
N LEU G 562 -37.78 -15.69 16.80
CA LEU G 562 -39.07 -15.43 17.37
C LEU G 562 -40.00 -14.66 16.44
N GLN G 563 -39.51 -13.72 15.66
CA GLN G 563 -40.46 -13.04 14.80
C GLN G 563 -40.84 -13.85 13.58
N ASN G 564 -40.05 -14.82 13.21
CA ASN G 564 -40.12 -15.55 11.97
C ASN G 564 -40.27 -17.04 12.21
N GLN G 565 -40.83 -17.45 13.32
CA GLN G 565 -40.69 -18.81 13.82
C GLN G 565 -41.22 -19.85 12.84
N LYS G 566 -42.30 -19.59 12.15
CA LYS G 566 -42.94 -20.67 11.46
C LYS G 566 -42.48 -20.81 10.00
N THR G 567 -42.03 -19.73 9.37
CA THR G 567 -41.23 -19.93 8.17
C THR G 567 -39.86 -20.55 8.48
N PHE G 568 -39.17 -20.22 9.57
CA PHE G 568 -38.01 -20.97 10.05
C PHE G 568 -38.25 -22.45 10.15
N GLU G 569 -39.32 -22.81 10.77
CA GLU G 569 -39.71 -24.18 10.97
C GLU G 569 -40.03 -24.94 9.71
N ALA G 570 -40.80 -24.37 8.81
CA ALA G 570 -41.04 -24.98 7.51
C ALA G 570 -39.81 -25.07 6.64
N THR G 571 -38.87 -24.14 6.78
CA THR G 571 -37.66 -24.20 5.99
C THR G 571 -36.78 -25.34 6.48
N ARG G 572 -36.85 -25.60 7.77
CA ARG G 572 -36.18 -26.72 8.40
C ARG G 572 -36.76 -28.06 7.96
N LYS G 573 -38.09 -28.16 7.88
CA LYS G 573 -38.70 -29.38 7.38
C LYS G 573 -38.44 -29.60 5.89
N ALA G 574 -38.28 -28.53 5.13
CA ALA G 574 -37.98 -28.72 3.73
C ALA G 574 -36.57 -29.23 3.54
N ASP G 575 -35.58 -28.58 4.15
CA ASP G 575 -34.23 -29.15 4.18
C ASP G 575 -34.25 -30.63 4.51
N GLU G 576 -34.95 -31.00 5.56
CA GLU G 576 -35.01 -32.39 6.00
C GLU G 576 -35.50 -33.34 4.92
N ALA G 577 -36.67 -33.06 4.33
CA ALA G 577 -37.18 -33.87 3.25
C ALA G 577 -36.21 -33.93 2.08
N TYR G 578 -35.52 -32.84 1.81
CA TYR G 578 -34.59 -32.86 0.70
C TYR G 578 -33.39 -33.75 0.97
N LEU G 579 -32.73 -33.58 2.10
CA LEU G 579 -31.62 -34.46 2.43
C LEU G 579 -31.99 -35.94 2.34
N ALA G 580 -33.19 -36.31 2.74
CA ALA G 580 -33.58 -37.70 2.61
C ALA G 580 -33.73 -38.10 1.15
N ALA G 581 -34.26 -37.23 0.30
CA ALA G 581 -34.37 -37.55 -1.11
C ALA G 581 -33.00 -37.63 -1.79
N HIS G 582 -32.09 -36.72 -1.46
CA HIS G 582 -30.74 -36.83 -2.00
C HIS G 582 -30.13 -38.15 -1.64
N LEU G 583 -30.21 -38.55 -0.38
CA LEU G 583 -29.59 -39.78 0.06
C LEU G 583 -30.14 -41.00 -0.65
N LYS G 584 -31.44 -41.06 -0.82
CA LYS G 584 -32.01 -42.20 -1.48
C LYS G 584 -31.71 -42.21 -2.99
N ALA G 585 -31.64 -41.03 -3.60
CA ALA G 585 -31.28 -40.94 -5.01
C ALA G 585 -29.82 -41.29 -5.22
N VAL G 586 -28.98 -41.01 -4.25
CA VAL G 586 -27.60 -41.42 -4.36
C VAL G 586 -27.49 -42.94 -4.30
N SER G 587 -28.26 -43.61 -3.47
CA SER G 587 -28.20 -45.07 -3.51
C SER G 587 -28.69 -45.64 -4.82
N LEU G 588 -29.71 -45.06 -5.41
CA LEU G 588 -30.15 -45.53 -6.72
C LEU G 588 -29.10 -45.32 -7.80
N LEU G 589 -28.44 -44.16 -7.80
CA LEU G 589 -27.39 -43.92 -8.77
C LEU G 589 -26.26 -44.90 -8.55
N ASN G 590 -25.99 -45.26 -7.32
CA ASN G 590 -24.91 -46.17 -7.09
C ASN G 590 -25.23 -47.56 -7.59
N GLN G 591 -26.47 -48.00 -7.46
CA GLN G 591 -26.82 -49.30 -8.00
C GLN G 591 -26.73 -49.32 -9.51
N ILE G 592 -26.99 -48.20 -10.14
CA ILE G 592 -26.70 -48.16 -11.57
C ILE G 592 -25.21 -48.30 -11.83
N ASP G 593 -24.38 -47.53 -11.14
CA ASP G 593 -22.93 -47.59 -11.38
C ASP G 593 -22.38 -48.99 -11.21
N ASP G 594 -22.75 -49.68 -10.14
CA ASP G 594 -22.27 -51.00 -9.82
C ASP G 594 -23.22 -52.11 -10.22
N ALA G 595 -24.07 -51.91 -11.21
CA ALA G 595 -25.16 -52.86 -11.43
C ALA G 595 -24.67 -54.23 -11.83
N GLN G 596 -23.62 -54.28 -12.66
CA GLN G 596 -22.91 -55.49 -13.08
C GLN G 596 -23.53 -56.38 -14.15
N THR G 597 -24.81 -56.24 -14.45
CA THR G 597 -25.37 -56.99 -15.56
C THR G 597 -26.64 -56.31 -16.05
N GLU G 598 -26.75 -56.17 -17.38
CA GLU G 598 -27.74 -55.27 -17.95
C GLU G 598 -29.15 -55.54 -17.43
N GLU G 599 -29.44 -56.74 -16.97
CA GLU G 599 -30.73 -56.92 -16.33
C GLU G 599 -30.82 -56.07 -15.07
N ALA G 600 -29.81 -56.15 -14.23
CA ALA G 600 -29.71 -55.29 -13.06
C ALA G 600 -29.64 -53.83 -13.46
N LYS G 601 -28.95 -53.53 -14.55
CA LYS G 601 -28.75 -52.15 -14.94
C LYS G 601 -30.04 -51.51 -15.47
N GLN G 602 -30.92 -52.30 -16.07
CA GLN G 602 -32.19 -51.75 -16.51
C GLN G 602 -33.09 -51.54 -15.34
N LYS G 603 -33.20 -52.56 -14.49
CA LYS G 603 -33.96 -52.40 -13.28
C LYS G 603 -33.53 -51.15 -12.51
N ALA G 604 -32.23 -50.95 -12.34
CA ALA G 604 -31.75 -49.78 -11.61
C ALA G 604 -32.12 -48.49 -12.33
N GLN G 605 -31.87 -48.42 -13.62
CA GLN G 605 -32.10 -47.17 -14.32
C GLN G 605 -33.58 -46.84 -14.33
N ALA G 606 -34.41 -47.85 -14.30
CA ALA G 606 -35.84 -47.62 -14.25
C ALA G 606 -36.28 -47.16 -12.87
N GLU G 607 -35.57 -47.57 -11.82
CA GLU G 607 -35.92 -47.07 -10.49
C GLU G 607 -35.52 -45.61 -10.31
N LEU G 608 -34.34 -45.25 -10.79
CA LEU G 608 -33.96 -43.86 -10.74
C LEU G 608 -34.91 -43.03 -11.58
N ASP G 609 -35.28 -43.53 -12.75
CA ASP G 609 -36.18 -42.81 -13.63
C ASP G 609 -37.54 -42.63 -12.98
N LYS G 610 -37.95 -43.55 -12.13
CA LYS G 610 -39.19 -43.35 -11.40
C LYS G 610 -39.09 -42.46 -10.17
N PHE G 611 -37.89 -42.30 -9.63
CA PHE G 611 -37.77 -41.46 -8.45
C PHE G 611 -37.45 -40.03 -8.82
N ARG G 612 -37.00 -39.78 -9.97
CA ARG G 612 -36.64 -38.49 -10.34
C ARG G 612 -37.58 -37.34 -10.23
N PRO G 613 -38.83 -37.47 -10.67
CA PRO G 613 -39.75 -36.38 -10.46
C PRO G 613 -39.82 -36.02 -9.03
N GLU G 614 -40.04 -36.94 -8.13
CA GLU G 614 -40.03 -36.71 -6.71
C GLU G 614 -38.75 -36.10 -6.11
N LEU G 615 -37.59 -36.26 -6.71
CA LEU G 615 -36.40 -35.63 -6.21
C LEU G 615 -36.31 -34.21 -6.69
N GLU G 616 -37.10 -33.79 -7.64
CA GLU G 616 -37.05 -32.50 -8.22
C GLU G 616 -38.01 -31.64 -7.46
N LYS G 617 -39.06 -32.26 -7.04
CA LYS G 617 -40.01 -31.61 -6.20
C LYS G 617 -39.42 -31.22 -4.87
N ALA G 618 -38.67 -32.12 -4.25
CA ALA G 618 -38.06 -31.85 -2.97
C ALA G 618 -36.99 -30.80 -3.09
N HIS G 619 -36.23 -30.78 -4.17
CA HIS G 619 -35.26 -29.72 -4.35
C HIS G 619 -35.93 -28.35 -4.58
N ALA G 620 -36.96 -28.25 -5.40
CA ALA G 620 -37.55 -26.96 -5.64
C ALA G 620 -38.26 -26.45 -4.41
N ASN G 621 -38.84 -27.35 -3.66
CA ASN G 621 -39.37 -27.03 -2.34
C ASN G 621 -38.34 -26.46 -1.39
N MET G 622 -37.19 -27.07 -1.28
CA MET G 622 -36.15 -26.56 -0.42
C MET G 622 -35.66 -25.21 -0.88
N LEU G 623 -35.35 -25.09 -2.17
CA LEU G 623 -34.93 -23.82 -2.74
C LEU G 623 -35.90 -22.70 -2.39
N GLU G 624 -37.18 -22.92 -2.56
CA GLU G 624 -38.06 -21.79 -2.36
C GLU G 624 -38.37 -21.52 -0.89
N TRP G 625 -38.29 -22.51 -0.01
CA TRP G 625 -38.31 -22.16 1.41
C TRP G 625 -37.05 -21.42 1.85
N ASN G 626 -35.89 -21.80 1.37
CA ASN G 626 -34.65 -21.10 1.76
C ASN G 626 -34.56 -19.71 1.20
N GLU G 627 -35.28 -19.44 0.12
CA GLU G 627 -35.32 -18.10 -0.43
C GLU G 627 -36.31 -17.24 0.30
N ARG G 628 -37.41 -17.82 0.70
CA ARG G 628 -38.33 -17.11 1.56
C ARG G 628 -37.74 -16.81 2.92
N LEU G 629 -36.97 -17.72 3.48
CA LEU G 629 -36.32 -17.44 4.76
C LEU G 629 -35.30 -16.33 4.63
N ALA G 630 -34.59 -16.24 3.53
CA ALA G 630 -33.53 -15.26 3.42
C ALA G 630 -34.01 -13.87 3.04
N SER G 631 -35.30 -13.67 2.85
CA SER G 631 -35.85 -12.41 2.62
C SER G 631 -36.70 -11.87 3.79
N THR G 632 -36.53 -12.32 5.00
CA THR G 632 -37.25 -11.87 6.17
C THR G 632 -36.58 -10.60 6.70
N PRO G 633 -37.30 -9.71 7.35
CA PRO G 633 -36.65 -8.45 7.80
C PRO G 633 -35.48 -8.48 8.81
N ALA G 634 -34.42 -7.73 8.66
CA ALA G 634 -33.36 -7.67 9.60
C ALA G 634 -33.76 -7.14 10.97
N VAL G 635 -33.01 -7.51 11.98
CA VAL G 635 -33.06 -7.05 13.35
C VAL G 635 -31.80 -6.22 13.59
N LEU G 636 -30.64 -6.84 13.81
CA LEU G 636 -29.41 -6.08 13.96
C LEU G 636 -28.40 -6.29 12.83
N TYR G 637 -28.23 -7.49 12.29
CA TYR G 637 -27.29 -7.75 11.20
C TYR G 637 -28.04 -7.78 9.90
N SER G 638 -27.62 -6.97 8.97
CA SER G 638 -28.43 -6.65 7.81
C SER G 638 -27.65 -6.83 6.53
N ASN G 639 -28.37 -7.21 5.51
CA ASN G 639 -28.16 -6.98 4.09
C ASN G 639 -28.10 -5.54 3.64
N LEU G 640 -27.83 -5.40 2.38
CA LEU G 640 -28.11 -4.17 1.66
C LEU G 640 -29.59 -4.02 1.32
N ARG G 641 -30.41 -5.04 1.46
CA ARG G 641 -31.83 -4.80 1.32
C ARG G 641 -32.66 -5.07 2.55
N ASP G 642 -32.10 -4.74 3.70
CA ASP G 642 -32.73 -4.80 5.00
C ASP G 642 -33.29 -6.20 5.28
N GLN G 643 -32.50 -7.19 4.98
CA GLN G 643 -32.88 -8.56 5.24
C GLN G 643 -31.87 -9.14 6.20
N HIS G 644 -32.34 -10.08 6.97
CA HIS G 644 -31.50 -10.81 7.90
C HIS G 644 -30.28 -11.42 7.26
N ARG G 645 -29.21 -11.36 7.99
CA ARG G 645 -28.02 -12.17 7.81
C ARG G 645 -27.62 -12.70 9.18
N ASP G 646 -27.12 -13.91 9.24
CA ASP G 646 -26.48 -14.38 10.46
C ASP G 646 -25.25 -13.54 10.78
N GLY G 647 -24.90 -13.43 12.07
CA GLY G 647 -23.59 -12.85 12.40
C GLY G 647 -22.42 -13.68 11.91
N GLU G 648 -21.32 -13.04 11.69
CA GLU G 648 -20.17 -13.62 11.01
C GLU G 648 -18.98 -13.60 11.95
N ILE G 649 -17.88 -14.22 11.54
CA ILE G 649 -16.67 -14.17 12.36
C ILE G 649 -16.18 -12.75 12.48
N ASN G 650 -16.30 -12.01 11.39
CA ASN G 650 -16.19 -10.57 11.32
C ASN G 650 -16.97 -9.79 12.40
N ASP G 651 -18.24 -10.09 12.63
CA ASP G 651 -19.03 -9.37 13.62
C ASP G 651 -18.63 -9.70 15.03
N ALA G 652 -18.21 -10.91 15.24
CA ALA G 652 -17.76 -11.34 16.53
C ALA G 652 -16.41 -10.73 16.89
N ILE G 653 -15.52 -10.63 15.91
CA ILE G 653 -14.24 -10.00 16.14
C ILE G 653 -14.44 -8.53 16.45
N PHE G 654 -15.34 -7.85 15.70
CA PHE G 654 -15.70 -6.46 15.94
C PHE G 654 -16.29 -6.24 17.33
N PHE G 655 -17.04 -7.17 17.85
CA PHE G 655 -17.48 -7.01 19.22
C PHE G 655 -16.29 -6.97 20.19
N TRP G 656 -15.41 -7.90 20.12
CA TRP G 656 -14.31 -7.95 21.01
C TRP G 656 -13.32 -6.86 20.89
N LEU G 657 -13.08 -6.46 19.69
CA LEU G 657 -12.22 -5.34 19.43
C LEU G 657 -12.82 -4.03 19.88
N MET G 658 -14.12 -3.86 19.91
CA MET G 658 -14.64 -2.62 20.47
C MET G 658 -14.36 -2.56 21.96
N ILE G 659 -14.49 -3.66 22.66
CA ILE G 659 -14.20 -3.60 24.11
C ILE G 659 -12.72 -3.34 24.34
N GLY G 660 -11.89 -4.19 23.79
CA GLY G 660 -10.50 -4.09 24.08
C GLY G 660 -9.91 -2.80 23.60
N GLY G 661 -10.13 -2.46 22.34
CA GLY G 661 -9.56 -1.28 21.78
C GLY G 661 -10.09 0.03 22.33
N TRP G 662 -11.35 0.11 22.76
CA TRP G 662 -11.70 1.37 23.39
C TRP G 662 -11.09 1.51 24.78
N LEU G 663 -10.87 0.40 25.48
CA LEU G 663 -10.18 0.50 26.76
C LEU G 663 -8.69 0.78 26.59
N PHE G 664 -8.05 0.16 25.61
CA PHE G 664 -6.69 0.52 25.24
C PHE G 664 -6.59 2.03 24.98
N GLY G 665 -7.52 2.57 24.24
CA GLY G 665 -7.49 3.97 23.91
C GLY G 665 -7.87 4.91 25.02
N PHE G 666 -8.57 4.45 26.03
CA PHE G 666 -9.04 5.28 27.12
C PHE G 666 -8.31 5.16 28.41
N ILE G 667 -7.41 4.25 28.58
CA ILE G 667 -6.56 4.21 29.79
C ILE G 667 -5.66 5.44 29.95
N PRO G 668 -5.18 6.09 28.89
CA PRO G 668 -4.52 7.39 29.10
C PRO G 668 -5.42 8.46 29.65
N LEU G 669 -6.73 8.36 29.48
CA LEU G 669 -7.64 9.38 29.98
C LEU G 669 -7.89 9.25 31.47
N LEU G 670 -7.88 8.03 31.96
CA LEU G 670 -7.90 7.74 33.38
C LEU G 670 -6.59 8.17 34.04
N ARG G 671 -5.50 8.01 33.34
CA ARG G 671 -4.26 8.56 33.84
C ARG G 671 -4.31 10.10 33.94
N ILE G 672 -4.93 10.80 32.99
CA ILE G 672 -5.12 12.24 33.12
C ILE G 672 -5.95 12.58 34.34
N ALA G 673 -7.08 11.91 34.53
CA ALA G 673 -7.99 12.17 35.63
C ALA G 673 -7.39 11.88 37.01
N PHE G 674 -6.55 10.89 37.15
CA PHE G 674 -6.02 10.58 38.47
C PHE G 674 -4.62 11.10 38.69
N HIS G 675 -3.81 11.13 37.67
CA HIS G 675 -2.39 11.31 37.81
C HIS G 675 -1.88 12.60 37.22
N ASN G 676 -2.68 13.65 37.26
CA ASN G 676 -2.28 14.95 36.74
C ASN G 676 -1.23 15.63 37.60
N TYR G 677 -1.17 15.26 38.86
CA TYR G 677 -0.23 15.87 39.77
C TYR G 677 0.79 14.88 40.30
N GLN G 678 0.38 13.66 40.53
CA GLN G 678 1.21 12.63 41.09
C GLN G 678 0.67 11.30 40.65
N SER G 679 1.52 10.49 40.13
CA SER G 679 1.24 9.11 39.88
C SER G 679 1.90 8.35 41.00
N PRO G 680 1.75 7.04 41.10
CA PRO G 680 2.46 6.31 42.16
C PRO G 680 3.96 6.18 41.92
N TRP G 681 4.43 6.30 40.69
CA TRP G 681 5.85 6.33 40.34
C TRP G 681 6.41 7.68 40.76
N TYR G 682 5.71 8.77 40.53
CA TYR G 682 6.15 10.07 41.01
C TYR G 682 6.17 10.13 42.52
N ARG G 683 5.17 9.55 43.17
CA ARG G 683 5.00 9.64 44.61
C ARG G 683 6.01 8.80 45.39
N ASP G 684 6.59 7.77 44.78
CA ASP G 684 7.70 7.08 45.44
C ASP G 684 8.95 7.94 45.46
N PHE G 685 9.11 8.79 44.49
CA PHE G 685 10.29 9.62 44.40
C PHE G 685 10.11 10.97 45.08
N GLU G 686 8.91 11.31 45.51
CA GLU G 686 8.51 12.70 45.82
C GLU G 686 8.62 13.64 44.63
N TRP G 687 7.82 13.46 43.58
CA TRP G 687 8.12 14.36 42.49
C TRP G 687 7.17 15.52 42.23
N ARG G 688 5.87 15.37 42.10
CA ARG G 688 5.02 16.54 41.78
C ARG G 688 5.10 17.18 40.41
N LYS G 689 4.17 16.92 39.53
CA LYS G 689 4.23 17.47 38.21
C LYS G 689 3.93 18.90 38.28
N GLN G 690 4.82 19.76 37.85
CA GLN G 690 4.57 21.17 38.00
C GLN G 690 3.72 21.93 37.04
N SER G 691 3.32 21.35 35.93
CA SER G 691 2.42 21.98 34.97
C SER G 691 1.80 20.95 34.11
N PRO G 692 0.75 21.28 33.42
CA PRO G 692 0.10 20.31 32.55
C PRO G 692 0.80 20.00 31.25
N ASP G 693 1.75 20.77 30.78
CA ASP G 693 2.31 20.42 29.49
C ASP G 693 3.82 20.21 29.38
N PHE G 694 4.56 20.08 30.46
CA PHE G 694 6.00 19.94 30.40
C PHE G 694 6.41 18.68 29.63
N PRO G 695 7.55 18.70 28.93
CA PRO G 695 7.91 17.56 28.09
C PRO G 695 8.46 16.35 28.86
N CYS G 696 9.14 16.60 29.93
CA CYS G 696 9.89 15.64 30.75
C CYS G 696 10.57 16.37 31.82
N ILE G 697 11.38 15.66 32.50
CA ILE G 697 12.26 16.15 33.44
C ILE G 697 13.54 15.36 33.31
N GLY G 698 13.64 14.34 32.44
CA GLY G 698 14.70 13.27 32.35
C GLY G 698 15.86 13.68 31.67
N PRO G 699 16.98 12.95 31.77
CA PRO G 699 17.40 11.56 31.82
C PRO G 699 17.35 10.84 33.21
N VAL G 700 17.01 11.42 34.35
CA VAL G 700 16.89 10.67 35.60
C VAL G 700 15.97 9.44 35.61
N LYS G 701 16.38 8.44 36.38
CA LYS G 701 15.71 7.18 36.60
C LYS G 701 15.47 6.42 35.31
N GLY G 702 16.33 6.52 34.33
CA GLY G 702 16.11 5.98 33.03
C GLY G 702 15.43 6.88 32.07
N GLY G 703 14.82 7.91 32.54
CA GLY G 703 14.22 8.81 31.60
C GLY G 703 12.78 9.00 31.84
N THR G 704 12.26 10.19 31.69
CA THR G 704 10.88 10.39 32.00
C THR G 704 10.00 11.00 30.95
N CYS G 705 10.26 10.87 29.66
CA CYS G 705 9.42 11.61 28.69
C CYS G 705 7.96 11.19 28.43
N GLY G 706 6.98 12.04 28.78
CA GLY G 706 5.64 11.72 28.42
C GLY G 706 4.74 11.54 29.60
N VAL G 707 5.11 12.04 30.77
CA VAL G 707 4.26 11.91 31.93
C VAL G 707 3.22 13.02 32.06
N SER G 708 3.40 14.21 31.48
CA SER G 708 2.42 15.28 31.64
C SER G 708 1.04 14.94 31.06
N ILE G 709 0.12 15.79 31.40
CA ILE G 709 -1.27 15.59 30.99
C ILE G 709 -1.44 15.88 29.53
N GLN G 710 -0.75 16.87 29.01
CA GLN G 710 -0.76 17.11 27.57
C GLN G 710 -0.33 15.90 26.77
N ASP G 711 0.72 15.21 27.22
CA ASP G 711 1.23 14.03 26.55
C ASP G 711 0.28 12.85 26.64
N GLN G 712 -0.36 12.63 27.77
CA GLN G 712 -1.37 11.61 27.90
C GLN G 712 -2.53 11.88 26.96
N LEU G 713 -2.93 13.13 26.80
CA LEU G 713 -3.84 13.46 25.72
C LEU G 713 -3.33 13.02 24.35
N TRP G 714 -2.07 13.31 24.02
CA TRP G 714 -1.61 12.84 22.71
C TRP G 714 -1.60 11.31 22.58
N PHE G 715 -1.31 10.58 23.66
CA PHE G 715 -1.25 9.13 23.59
C PHE G 715 -2.65 8.52 23.50
N CYS G 716 -3.64 9.06 24.17
CA CYS G 716 -5.03 8.79 23.84
C CYS G 716 -5.30 8.92 22.34
N ILE G 717 -4.97 10.05 21.72
CA ILE G 717 -5.30 10.26 20.30
C ILE G 717 -4.66 9.19 19.41
N LEU G 718 -3.40 8.90 19.61
CA LEU G 718 -2.79 7.81 18.86
C LEU G 718 -3.44 6.42 19.15
N PHE G 719 -3.45 5.98 20.40
CA PHE G 719 -4.03 4.68 20.74
C PHE G 719 -5.45 4.57 20.17
N SER G 720 -6.19 5.63 20.16
CA SER G 720 -7.53 5.58 19.63
C SER G 720 -7.58 5.43 18.12
N ILE G 721 -6.58 5.86 17.40
CA ILE G 721 -6.48 5.48 16.00
C ILE G 721 -6.73 3.99 15.78
N LYS G 722 -6.32 3.13 16.67
CA LYS G 722 -6.56 1.70 16.39
C LYS G 722 -8.05 1.23 16.45
N PRO G 723 -8.87 1.54 17.48
CA PRO G 723 -10.31 1.18 17.37
C PRO G 723 -11.10 1.94 16.29
N LEU G 724 -10.74 3.17 16.02
CA LEU G 724 -11.32 3.96 14.95
C LEU G 724 -11.15 3.32 13.58
N SER G 725 -10.00 2.71 13.31
CA SER G 725 -9.73 2.06 12.02
C SER G 725 -10.37 0.71 11.94
N ALA G 726 -10.49 0.01 13.07
CA ALA G 726 -11.49 -1.04 13.13
C ALA G 726 -12.89 -0.57 12.68
N ILE G 727 -13.36 0.57 13.16
CA ILE G 727 -14.66 1.07 12.77
C ILE G 727 -14.69 1.41 11.29
N ALA G 728 -13.64 2.03 10.75
CA ALA G 728 -13.65 2.39 9.35
C ALA G 728 -13.65 1.16 8.44
N TRP G 729 -12.75 0.19 8.67
CA TRP G 729 -12.74 -1.02 7.85
C TRP G 729 -14.09 -1.72 7.87
N TYR G 730 -14.72 -1.83 9.05
CA TYR G 730 -16.00 -2.49 9.21
C TYR G 730 -17.14 -1.75 8.51
N LEU G 731 -17.26 -0.47 8.58
CA LEU G 731 -18.22 0.30 7.78
C LEU G 731 -18.11 0.20 6.29
N ASP G 732 -16.98 0.11 5.74
CA ASP G 732 -16.75 0.14 4.38
C ASP G 732 -16.65 -1.21 3.67
N GLY G 733 -16.87 -2.17 4.42
CA GLY G 733 -16.88 -3.62 4.16
C GLY G 733 -15.60 -4.42 4.24
N GLY G 734 -14.57 -4.11 5.08
CA GLY G 734 -13.47 -5.02 5.10
C GLY G 734 -13.81 -6.14 6.03
N TRP G 735 -13.11 -7.23 5.88
CA TRP G 735 -13.14 -8.36 6.78
C TRP G 735 -12.03 -8.20 7.79
N ILE G 736 -12.39 -8.21 9.04
CA ILE G 736 -11.47 -7.84 10.07
C ILE G 736 -11.01 -9.01 10.89
N ALA G 737 -11.46 -10.21 10.60
CA ALA G 737 -11.21 -11.34 11.45
C ALA G 737 -9.96 -12.06 11.06
N THR G 738 -9.38 -11.71 9.91
CA THR G 738 -8.09 -12.20 9.46
C THR G 738 -7.37 -11.06 8.74
N MET G 739 -6.15 -11.27 8.39
CA MET G 739 -5.35 -10.38 7.63
C MET G 739 -5.33 -10.51 6.08
N MET G 740 -5.62 -11.68 5.49
CA MET G 740 -5.56 -11.97 4.02
C MET G 740 -6.78 -12.59 3.45
N ALA G 741 -7.96 -12.40 3.99
CA ALA G 741 -9.16 -12.94 3.35
C ALA G 741 -9.28 -12.44 1.90
N ARG G 742 -9.48 -13.27 0.97
CA ARG G 742 -9.81 -12.93 -0.39
C ARG G 742 -11.24 -12.83 -0.54
N GLY G 743 -11.75 -11.99 -1.43
CA GLY G 743 -13.15 -11.72 -1.65
C GLY G 743 -14.00 -12.95 -1.84
N ASN G 744 -13.76 -13.71 -2.89
CA ASN G 744 -14.46 -14.96 -3.12
C ASN G 744 -13.60 -16.19 -2.86
N GLU G 745 -13.11 -16.34 -1.65
CA GLU G 745 -12.62 -17.64 -1.23
C GLU G 745 -13.76 -18.58 -0.93
N ALA G 746 -13.54 -19.87 -1.15
CA ALA G 746 -14.52 -20.92 -0.90
C ALA G 746 -15.34 -20.70 0.38
N TYR G 747 -14.76 -20.26 1.47
CA TYR G 747 -15.57 -20.08 2.65
C TYR G 747 -16.61 -18.99 2.45
N TYR G 748 -16.22 -17.88 1.90
CA TYR G 748 -17.10 -16.74 1.75
C TYR G 748 -18.18 -17.04 0.76
N LEU G 749 -17.85 -17.71 -0.32
CA LEU G 749 -18.81 -18.16 -1.29
C LEU G 749 -19.78 -19.16 -0.74
N THR G 750 -19.36 -20.13 0.08
CA THR G 750 -20.31 -21.12 0.52
C THR G 750 -21.20 -20.57 1.59
N HIS G 751 -20.75 -19.57 2.31
CA HIS G 751 -21.59 -19.04 3.35
C HIS G 751 -22.17 -17.68 3.03
N ASN G 752 -22.26 -17.30 1.75
CA ASN G 752 -22.86 -16.04 1.28
C ASN G 752 -22.38 -14.84 2.04
N ILE G 753 -21.09 -14.65 2.17
CA ILE G 753 -20.51 -13.49 2.77
C ILE G 753 -19.84 -12.62 1.72
N SER G 754 -20.11 -11.37 1.80
CA SER G 754 -19.54 -10.35 0.95
C SER G 754 -18.58 -9.46 1.71
N HIS G 755 -17.35 -9.38 1.30
CA HIS G 755 -16.40 -8.50 1.95
C HIS G 755 -15.44 -7.99 0.89
N THR G 756 -14.74 -6.94 1.24
CA THR G 756 -13.82 -6.34 0.38
C THR G 756 -12.44 -6.62 0.56
N GLY G 757 -12.06 -7.23 1.64
CA GLY G 757 -10.77 -7.64 1.85
C GLY G 757 -10.11 -8.28 2.91
N GLY G 758 -10.27 -8.13 4.13
CA GLY G 758 -9.32 -8.79 5.11
C GLY G 758 -8.21 -7.80 5.51
N VAL G 759 -7.99 -7.38 6.71
CA VAL G 759 -6.95 -6.36 7.11
C VAL G 759 -5.93 -5.69 6.14
N PHE G 760 -4.90 -6.31 5.77
CA PHE G 760 -3.88 -5.92 4.77
C PHE G 760 -4.38 -6.00 3.33
N LEU G 761 -5.03 -7.10 2.98
CA LEU G 761 -5.55 -7.30 1.64
C LEU G 761 -6.57 -6.21 1.27
N TYR G 762 -7.49 -5.88 2.19
CA TYR G 762 -8.34 -4.70 2.07
C TYR G 762 -7.63 -3.46 1.60
N MET G 763 -6.50 -3.14 2.12
CA MET G 763 -5.65 -2.03 1.80
C MET G 763 -5.19 -1.95 0.35
N TRP G 764 -4.76 -3.05 -0.28
CA TRP G 764 -4.35 -3.16 -1.58
C TRP G 764 -5.53 -3.29 -2.50
N ASN G 765 -6.65 -3.88 -2.07
CA ASN G 765 -7.88 -4.10 -2.80
C ASN G 765 -8.65 -2.84 -3.05
N GLU G 766 -8.75 -2.00 -2.08
CA GLU G 766 -9.39 -0.73 -2.19
C GLU G 766 -8.53 0.25 -2.95
N THR G 767 -7.22 0.23 -2.75
CA THR G 767 -6.34 1.13 -3.49
C THR G 767 -6.29 0.81 -4.99
N THR G 768 -6.65 -0.35 -5.43
CA THR G 768 -6.76 -0.42 -6.89
C THR G 768 -7.97 0.35 -7.39
N TRP G 769 -8.95 0.51 -6.62
CA TRP G 769 -10.02 1.35 -6.96
C TRP G 769 -9.62 2.76 -6.75
N ILE G 770 -8.83 3.09 -5.74
CA ILE G 770 -8.41 4.47 -5.50
C ILE G 770 -7.54 5.01 -6.64
N TRP G 771 -6.68 4.17 -7.19
CA TRP G 771 -5.82 4.55 -8.30
C TRP G 771 -6.59 4.96 -9.54
N THR G 772 -7.79 4.45 -9.78
CA THR G 772 -8.53 4.92 -10.95
C THR G 772 -9.08 6.38 -10.88
N ASP G 773 -8.85 7.11 -9.82
CA ASP G 773 -9.28 8.51 -9.70
C ASP G 773 -8.06 9.41 -9.46
N ASN G 774 -7.84 10.40 -10.29
CA ASN G 774 -6.64 11.16 -10.13
C ASN G 774 -6.71 12.20 -9.11
N HIS G 775 -7.84 12.46 -8.55
CA HIS G 775 -7.90 13.42 -7.52
C HIS G 775 -7.68 12.67 -6.28
N LEU G 776 -8.13 11.45 -6.16
CA LEU G 776 -7.92 10.70 -4.98
C LEU G 776 -6.52 10.23 -4.89
N THR G 777 -5.79 10.06 -5.97
CA THR G 777 -4.39 9.65 -5.87
C THR G 777 -3.50 10.81 -5.46
N ALA G 778 -3.87 12.05 -5.82
CA ALA G 778 -3.17 13.24 -5.31
C ALA G 778 -3.34 13.40 -3.80
N MET G 779 -4.55 13.15 -3.31
CA MET G 779 -4.85 13.14 -1.89
C MET G 779 -4.07 12.05 -1.17
N LEU G 780 -3.91 10.91 -1.81
CA LEU G 780 -3.16 9.82 -1.23
C LEU G 780 -1.69 10.22 -1.03
N LEU G 781 -1.09 10.90 -2.00
CA LEU G 781 0.31 11.34 -1.95
C LEU G 781 0.57 12.38 -0.85
N LEU G 782 -0.29 13.38 -0.77
CA LEU G 782 -0.20 14.42 0.25
C LEU G 782 -0.42 13.88 1.66
N GLY G 783 -1.25 12.91 1.85
CA GLY G 783 -1.57 12.29 3.07
C GLY G 783 -0.40 11.54 3.54
N HIS G 784 0.26 10.75 2.75
CA HIS G 784 1.44 10.08 3.16
C HIS G 784 2.55 10.97 3.56
N LEU G 785 2.70 12.13 2.95
CA LEU G 785 3.79 12.98 3.31
C LEU G 785 3.57 13.70 4.62
N ILE G 786 2.39 14.07 4.96
CA ILE G 786 2.10 14.76 6.21
C ILE G 786 2.45 13.85 7.40
N TRP G 787 2.13 12.58 7.25
CA TRP G 787 2.30 11.64 8.33
C TRP G 787 3.78 11.38 8.67
N PHE G 788 4.54 10.85 7.74
CA PHE G 788 5.91 10.48 8.11
C PHE G 788 6.70 11.69 8.62
N VAL G 789 6.38 12.89 8.15
CA VAL G 789 7.02 14.04 8.81
C VAL G 789 6.70 14.16 10.31
N SER G 790 5.55 13.67 10.75
CA SER G 790 5.38 13.65 12.20
C SER G 790 6.52 12.94 12.91
N PHE G 791 7.16 11.98 12.26
CA PHE G 791 8.29 11.24 12.92
C PHE G 791 9.46 12.16 13.21
N ALA G 792 9.81 13.01 12.27
CA ALA G 792 10.78 14.05 12.66
C ALA G 792 10.44 14.69 14.02
N LEU G 793 9.20 15.08 14.19
CA LEU G 793 8.83 15.74 15.43
C LEU G 793 8.64 14.84 16.66
N TRP G 794 8.45 13.54 16.54
CA TRP G 794 8.13 12.71 17.69
C TRP G 794 9.30 11.87 18.18
N PHE G 795 10.32 11.58 17.37
CA PHE G 795 11.50 10.81 17.79
C PHE G 795 12.32 11.61 18.82
N LYS G 796 13.06 10.98 19.69
CA LYS G 796 13.99 11.57 20.63
C LYS G 796 15.18 12.09 19.93
N ASP G 797 15.06 13.26 19.46
CA ASP G 797 16.02 13.78 18.53
C ASP G 797 16.08 15.28 18.53
N ARG G 798 15.47 15.99 19.48
CA ARG G 798 15.36 17.45 19.32
C ARG G 798 16.69 18.16 19.46
N GLY G 799 17.56 17.67 20.35
CA GLY G 799 18.92 18.16 20.49
C GLY G 799 19.76 18.02 19.23
N SER G 800 19.72 16.86 18.57
CA SER G 800 20.36 16.74 17.28
C SER G 800 19.89 17.84 16.30
N ARG G 801 18.58 17.98 16.11
CA ARG G 801 17.99 19.05 15.31
C ARG G 801 18.36 20.48 15.78
N ALA G 802 18.52 20.73 17.07
CA ALA G 802 18.96 22.05 17.51
C ALA G 802 20.43 22.33 17.19
N GLU G 803 21.26 21.33 17.27
CA GLU G 803 22.69 21.50 17.09
C GLU G 803 23.05 21.55 15.60
N GLY G 804 22.25 20.89 14.77
CA GLY G 804 22.40 21.01 13.34
C GLY G 804 21.82 22.28 12.78
N GLY G 805 20.63 22.66 13.20
CA GLY G 805 20.15 23.97 12.91
C GLY G 805 21.16 25.06 13.21
N ASP G 806 21.82 24.97 14.33
CA ASP G 806 22.88 25.92 14.67
C ASP G 806 24.05 25.95 13.67
N ILE G 807 24.50 24.79 13.20
CA ILE G 807 25.50 24.74 12.15
C ILE G 807 24.97 25.39 10.87
N GLN G 808 23.71 25.15 10.53
CA GLN G 808 23.06 25.78 9.40
C GLN G 808 23.00 27.29 9.52
N SER G 809 22.64 27.80 10.67
CA SER G 809 22.64 29.25 10.84
C SER G 809 24.04 29.84 10.68
N ARG G 810 25.06 29.20 11.25
CA ARG G 810 26.39 29.77 11.13
C ARG G 810 26.83 29.85 9.70
N TRP G 811 26.56 28.85 8.95
CA TRP G 811 26.90 28.76 7.61
C TRP G 811 26.19 29.78 6.81
N VAL G 812 24.94 29.98 6.96
CA VAL G 812 24.22 30.97 6.18
C VAL G 812 24.68 32.36 6.53
N ARG G 813 25.11 32.58 7.76
CA ARG G 813 25.59 33.90 8.08
C ARG G 813 26.95 34.13 7.50
N LEU G 814 27.75 33.09 7.37
CA LEU G 814 29.04 33.18 6.68
C LEU G 814 28.85 33.54 5.23
N MET G 815 27.83 32.99 4.59
CA MET G 815 27.56 33.30 3.21
C MET G 815 27.10 34.70 3.11
N GLY G 816 26.21 35.16 3.96
CA GLY G 816 25.83 36.56 3.96
C GLY G 816 27.03 37.49 4.09
N LYS G 817 27.84 37.31 5.14
CA LYS G 817 29.01 38.16 5.29
C LYS G 817 29.94 38.10 4.08
N ARG G 818 30.15 36.94 3.49
CA ARG G 818 31.04 36.90 2.36
C ARG G 818 30.48 37.58 1.17
N LEU G 819 29.22 37.32 0.85
CA LEU G 819 28.64 37.88 -0.36
C LEU G 819 28.03 39.26 -0.19
N GLY G 820 28.15 39.89 0.97
CA GLY G 820 27.63 41.21 1.18
C GLY G 820 26.13 41.32 1.16
N ILE G 821 25.41 40.31 1.63
CA ILE G 821 23.97 40.24 1.53
C ILE G 821 23.36 40.47 2.89
N LYS G 822 22.91 41.68 3.15
CA LYS G 822 22.46 42.05 4.47
C LYS G 822 21.28 41.36 5.07
N THR G 823 20.43 40.79 4.28
CA THR G 823 19.29 40.08 4.82
C THR G 823 19.69 38.76 5.43
N LEU G 824 20.91 38.35 5.20
CA LEU G 824 21.32 37.01 5.57
C LEU G 824 22.48 36.98 6.54
N GLN G 825 22.92 38.11 7.05
CA GLN G 825 24.02 38.04 7.99
C GLN G 825 23.55 37.89 9.41
N GLU G 826 22.27 37.94 9.66
CA GLU G 826 21.77 37.44 10.92
C GLU G 826 20.59 36.51 10.70
N VAL G 827 20.83 35.32 10.21
CA VAL G 827 19.80 34.29 10.11
C VAL G 827 19.98 33.36 11.31
N ARG G 828 18.87 32.97 11.88
CA ARG G 828 18.87 32.04 12.94
C ARG G 828 17.68 31.23 12.63
N PHE G 829 17.91 29.98 12.33
CA PHE G 829 16.83 29.06 12.02
C PHE G 829 16.06 28.66 13.28
N PRO G 830 14.73 28.68 13.27
CA PRO G 830 13.99 28.32 14.47
C PRO G 830 13.77 26.81 14.55
N VAL G 831 14.03 26.22 15.70
CA VAL G 831 13.96 24.78 15.91
C VAL G 831 13.00 24.58 17.08
N SER G 832 11.88 23.90 16.86
CA SER G 832 10.86 23.69 17.88
C SER G 832 11.40 23.05 19.17
N ASN G 833 10.95 23.50 20.33
CA ASN G 833 11.28 22.79 21.57
C ASN G 833 10.40 21.56 21.67
N LEU G 834 10.59 20.77 22.75
CA LEU G 834 10.08 19.41 22.85
C LEU G 834 8.55 19.37 22.94
N ALA G 835 7.96 20.23 23.77
CA ALA G 835 6.52 20.39 23.87
C ALA G 835 5.85 20.76 22.55
N THR G 836 6.35 21.77 21.86
CA THR G 836 5.75 22.07 20.58
C THR G 836 6.04 21.02 19.55
N ALA G 837 7.19 20.40 19.58
CA ALA G 837 7.38 19.25 18.70
C ALA G 837 6.36 18.13 18.94
N LYS G 838 5.96 17.86 20.17
CA LYS G 838 4.97 16.82 20.41
C LYS G 838 3.59 17.20 19.97
N LEU G 839 3.23 18.47 20.14
CA LEU G 839 1.97 18.96 19.65
C LEU G 839 1.87 18.84 18.12
N TRP G 840 2.81 19.43 17.38
CA TRP G 840 2.73 19.40 15.93
C TRP G 840 2.96 17.99 15.39
N GLY G 841 3.67 17.14 16.13
CA GLY G 841 3.82 15.78 15.71
C GLY G 841 2.56 14.97 15.79
N THR G 842 1.73 15.24 16.78
CA THR G 842 0.42 14.63 16.88
C THR G 842 -0.52 15.20 15.86
N VAL G 843 -0.47 16.50 15.66
CA VAL G 843 -1.26 17.06 14.58
C VAL G 843 -0.90 16.42 13.26
N PHE G 844 0.38 16.34 12.88
CA PHE G 844 0.73 15.80 11.57
C PHE G 844 0.40 14.31 11.44
N PHE G 845 0.51 13.54 12.54
CA PHE G 845 0.22 12.11 12.52
C PHE G 845 -1.24 11.85 12.28
N TYR G 846 -2.11 12.51 13.07
CA TYR G 846 -3.55 12.47 12.93
C TYR G 846 -4.04 12.88 11.56
N THR G 847 -3.57 13.98 11.02
CA THR G 847 -4.19 14.43 9.80
C THR G 847 -3.76 13.59 8.62
N GLY G 848 -2.48 13.21 8.56
CA GLY G 848 -2.09 12.19 7.63
C GLY G 848 -2.99 10.98 7.62
N THR G 849 -3.23 10.40 8.78
CA THR G 849 -3.95 9.14 8.76
C THR G 849 -5.35 9.32 8.28
N PHE G 850 -5.99 10.39 8.66
CA PHE G 850 -7.40 10.48 8.43
C PHE G 850 -7.75 11.15 7.10
N VAL G 851 -6.82 11.85 6.44
CA VAL G 851 -7.05 12.05 5.01
C VAL G 851 -6.94 10.73 4.22
N LEU G 852 -6.00 9.94 4.54
CA LEU G 852 -5.91 8.72 3.92
C LEU G 852 -7.14 7.85 4.12
N VAL G 853 -7.90 7.83 5.25
CA VAL G 853 -9.08 7.03 5.58
C VAL G 853 -10.29 7.55 4.81
N PHE G 854 -10.33 8.85 4.61
CA PHE G 854 -11.35 9.44 3.77
C PHE G 854 -11.36 8.77 2.41
N LEU G 855 -10.20 8.43 1.93
CA LEU G 855 -10.09 7.76 0.65
C LEU G 855 -10.73 6.38 0.68
N TYR G 856 -10.58 5.64 1.77
CA TYR G 856 -11.23 4.32 1.75
C TYR G 856 -12.75 4.46 1.65
N PHE G 857 -13.31 5.51 2.18
CA PHE G 857 -14.72 5.77 1.96
C PHE G 857 -15.00 6.34 0.58
N ALA G 858 -14.18 7.26 0.11
CA ALA G 858 -14.41 7.98 -1.14
C ALA G 858 -14.29 7.10 -2.35
N ASP G 859 -13.62 6.00 -2.26
CA ASP G 859 -13.44 5.16 -3.41
C ASP G 859 -14.75 4.52 -3.87
N GLY G 860 -15.78 4.33 -3.09
CA GLY G 860 -16.94 3.55 -3.41
C GLY G 860 -17.32 2.54 -2.31
N PHE G 861 -18.48 1.95 -2.24
CA PHE G 861 -18.74 0.91 -1.26
C PHE G 861 -18.84 -0.33 -2.12
N PHE G 862 -17.92 -1.28 -2.02
CA PHE G 862 -17.93 -2.36 -2.99
C PHE G 862 -18.59 -3.64 -2.52
N GLN G 863 -19.14 -3.67 -1.33
CA GLN G 863 -19.84 -4.79 -0.77
C GLN G 863 -21.03 -5.03 -1.58
N ASN G 864 -21.16 -6.19 -2.08
CA ASN G 864 -22.24 -6.45 -2.97
C ASN G 864 -23.39 -7.03 -2.46
N ARG G 865 -23.39 -7.33 -1.18
CA ARG G 865 -24.48 -7.94 -0.47
C ARG G 865 -24.86 -9.28 -1.08
N VAL H 1 -14.13 28.08 8.08
CA VAL H 1 -14.54 28.22 6.71
C VAL H 1 -13.52 27.67 5.76
N MET H 2 -14.01 27.24 4.61
CA MET H 2 -13.26 26.77 3.50
C MET H 2 -14.29 26.67 2.42
N ALA H 3 -14.99 25.55 2.32
CA ALA H 3 -15.73 25.19 1.15
C ALA H 3 -16.77 26.07 1.11
N THR H 4 -16.82 26.96 0.19
CA THR H 4 -17.87 27.97 0.27
C THR H 4 -18.72 27.41 -0.72
N GLY H 5 -19.26 26.28 -0.49
CA GLY H 5 -19.88 25.57 -1.48
C GLY H 5 -18.82 24.59 -1.68
N CYS H 6 -18.22 24.59 -2.86
CA CYS H 6 -17.08 23.83 -3.34
C CYS H 6 -17.14 23.97 -4.79
N PHE H 7 -16.03 24.34 -5.32
CA PHE H 7 -15.87 24.74 -6.68
C PHE H 7 -15.51 23.51 -7.48
N VAL H 8 -16.49 22.78 -7.91
CA VAL H 8 -16.41 21.52 -8.58
C VAL H 8 -16.73 21.61 -10.04
N GLY H 9 -17.16 22.74 -10.47
CA GLY H 9 -17.63 23.05 -11.78
C GLY H 9 -19.03 22.71 -12.11
N ALA H 10 -19.48 23.03 -13.28
CA ALA H 10 -20.76 22.75 -13.85
C ALA H 10 -20.77 21.39 -14.43
N ARG H 11 -21.84 20.67 -14.31
CA ARG H 11 -21.99 19.37 -14.85
C ARG H 11 -22.09 19.22 -16.37
N ASN H 12 -21.38 18.35 -16.99
CA ASN H 12 -21.57 18.02 -18.42
C ASN H 12 -22.84 17.25 -18.65
N ALA H 13 -23.65 17.60 -19.60
CA ALA H 13 -24.86 16.88 -19.89
C ALA H 13 -25.03 16.66 -21.40
N SER H 14 -26.17 16.26 -21.92
CA SER H 14 -26.40 16.16 -23.35
C SER H 14 -26.96 17.43 -23.94
N GLU H 15 -27.58 17.32 -25.07
CA GLU H 15 -28.12 18.42 -25.84
C GLU H 15 -29.28 19.12 -25.23
N PRO H 16 -29.33 20.42 -25.45
CA PRO H 16 -30.50 21.09 -24.92
C PRO H 16 -31.70 21.19 -25.84
N ARG H 17 -32.81 20.90 -25.21
CA ARG H 17 -34.10 20.97 -25.77
C ARG H 17 -34.69 22.12 -25.06
N LEU H 18 -35.27 23.01 -25.78
CA LEU H 18 -35.83 24.17 -25.15
C LEU H 18 -36.93 23.97 -24.15
N GLY H 19 -36.72 24.59 -22.99
CA GLY H 19 -37.70 24.59 -21.92
C GLY H 19 -37.59 23.44 -20.95
N SER H 20 -36.48 22.74 -20.94
CA SER H 20 -36.38 21.55 -20.10
C SER H 20 -34.92 21.28 -19.82
N SER H 21 -34.45 21.69 -18.67
CA SER H 21 -33.07 21.58 -18.29
C SER H 21 -32.33 20.26 -18.64
N SER H 22 -31.26 20.30 -19.40
CA SER H 22 -30.55 19.13 -19.75
C SER H 22 -29.66 18.64 -18.66
N ILE H 23 -29.22 19.52 -17.80
CA ILE H 23 -28.41 19.16 -16.71
C ILE H 23 -29.24 18.45 -15.75
N ALA H 24 -30.41 18.91 -15.51
CA ALA H 24 -31.29 18.25 -14.62
C ALA H 24 -31.61 16.93 -15.14
N ALA H 25 -31.94 16.80 -16.41
CA ALA H 25 -32.25 15.56 -17.07
C ALA H 25 -31.22 14.52 -16.91
N SER H 26 -29.99 14.89 -16.84
CA SER H 26 -28.95 13.96 -16.65
C SER H 26 -28.75 13.34 -15.31
N ARG H 27 -29.55 13.66 -14.33
CA ARG H 27 -29.57 13.03 -13.07
C ARG H 27 -30.91 12.49 -12.81
N THR H 28 -31.88 12.67 -13.65
CA THR H 28 -33.21 12.13 -13.37
C THR H 28 -33.48 10.92 -14.15
N ALA H 29 -33.29 9.76 -13.58
CA ALA H 29 -33.46 8.45 -14.20
C ALA H 29 -34.53 8.28 -15.26
N PRO H 30 -35.79 8.54 -14.98
CA PRO H 30 -36.75 8.57 -16.08
C PRO H 30 -36.42 9.54 -17.24
N ALA H 31 -35.65 10.60 -17.18
CA ALA H 31 -35.34 11.36 -18.35
C ALA H 31 -34.17 10.75 -19.02
N TYR H 32 -33.09 10.46 -18.35
CA TYR H 32 -31.96 9.84 -18.96
C TYR H 32 -32.24 8.48 -19.58
N LEU H 33 -33.13 7.69 -19.04
CA LEU H 33 -33.40 6.48 -19.70
C LEU H 33 -34.27 6.57 -20.88
N ARG H 34 -35.00 7.60 -21.07
CA ARG H 34 -35.75 7.83 -22.21
C ARG H 34 -34.76 8.18 -23.31
N GLU H 35 -33.76 8.99 -23.08
CA GLU H 35 -32.78 9.23 -24.11
C GLU H 35 -31.90 8.01 -24.41
N ALA H 36 -31.57 7.20 -23.42
CA ALA H 36 -30.87 5.95 -23.64
C ALA H 36 -31.66 4.97 -24.49
N GLN H 37 -32.93 4.80 -24.23
CA GLN H 37 -33.74 3.99 -25.09
C GLN H 37 -33.79 4.52 -26.53
N VAL H 38 -33.82 5.82 -26.74
CA VAL H 38 -33.81 6.29 -28.11
C VAL H 38 -32.49 5.90 -28.81
N LEU H 39 -31.37 6.08 -28.14
CA LEU H 39 -30.09 5.75 -28.73
C LEU H 39 -29.99 4.27 -28.97
N TYR H 40 -30.32 3.51 -27.98
CA TYR H 40 -30.38 2.10 -28.08
C TYR H 40 -31.25 1.56 -29.20
N GLU H 41 -32.34 2.15 -29.48
CA GLU H 41 -33.19 1.57 -30.46
C GLU H 41 -33.08 2.11 -31.74
N GLY H 42 -32.51 3.27 -31.88
CA GLY H 42 -32.38 3.97 -33.11
C GLY H 42 -33.62 4.60 -33.63
N SER H 43 -34.67 4.70 -32.87
CA SER H 43 -35.96 5.30 -33.21
C SER H 43 -36.64 5.78 -32.02
N THR H 44 -37.66 6.59 -32.24
CA THR H 44 -38.43 7.10 -31.14
C THR H 44 -39.69 6.29 -30.94
N ASP H 45 -39.85 5.23 -31.70
CA ASP H 45 -41.05 4.40 -31.69
C ASP H 45 -41.50 3.61 -30.50
N GLY H 46 -40.60 3.19 -29.67
CA GLY H 46 -40.90 2.48 -28.47
C GLY H 46 -41.02 3.38 -27.28
N LEU H 47 -41.10 4.68 -27.48
CA LEU H 47 -41.23 5.64 -26.39
C LEU H 47 -42.67 5.81 -26.10
N PRO H 48 -43.00 5.91 -24.82
CA PRO H 48 -44.34 6.02 -24.22
C PRO H 48 -45.17 6.95 -24.98
N LYS H 49 -46.34 6.51 -25.43
CA LYS H 49 -47.24 7.36 -26.20
C LYS H 49 -47.57 8.66 -25.47
N ASP H 50 -47.05 8.80 -24.25
CA ASP H 50 -47.30 9.99 -23.45
C ASP H 50 -46.26 11.07 -23.74
N THR H 51 -45.25 10.72 -24.53
CA THR H 51 -44.19 11.65 -24.88
C THR H 51 -44.74 12.89 -25.59
N PRO H 52 -44.24 14.07 -25.21
CA PRO H 52 -44.66 15.36 -25.77
C PRO H 52 -44.19 15.53 -27.23
N ALA H 53 -44.85 16.43 -27.95
CA ALA H 53 -44.52 16.69 -29.35
C ALA H 53 -43.08 17.19 -29.51
N ASP H 54 -42.67 18.11 -28.66
CA ASP H 54 -41.32 18.68 -28.71
C ASP H 54 -40.26 17.62 -28.43
N GLU H 55 -40.56 16.70 -27.52
CA GLU H 55 -39.62 15.64 -27.17
C GLU H 55 -39.43 14.66 -28.34
N ILE H 56 -40.55 14.21 -28.91
CA ILE H 56 -40.52 13.32 -30.00
C ILE H 56 -39.82 13.90 -31.16
N ALA H 57 -39.74 15.22 -31.34
CA ALA H 57 -39.04 15.72 -32.51
C ALA H 57 -37.61 16.15 -32.32
N HIS H 58 -37.19 16.28 -31.11
CA HIS H 58 -35.88 16.59 -30.73
C HIS H 58 -35.08 15.30 -30.85
N TYR H 59 -35.68 14.16 -30.59
CA TYR H 59 -35.07 12.88 -30.66
C TYR H 59 -34.88 12.52 -32.00
N LYS H 60 -35.81 12.79 -32.87
CA LYS H 60 -35.59 12.55 -34.22
C LYS H 60 -34.50 13.37 -34.75
N ALA H 61 -34.35 14.61 -34.38
CA ALA H 61 -33.24 15.39 -34.89
C ALA H 61 -31.93 14.85 -34.38
N MET H 62 -31.86 14.40 -33.17
CA MET H 62 -30.69 13.72 -32.68
C MET H 62 -30.34 12.50 -33.52
N LEU H 63 -31.25 11.65 -33.86
CA LEU H 63 -31.00 10.49 -34.64
C LEU H 63 -30.60 10.85 -36.00
N ALA H 64 -31.25 11.81 -36.65
CA ALA H 64 -30.85 12.17 -37.97
C ALA H 64 -29.48 12.67 -38.07
N GLU H 65 -28.95 13.24 -37.02
CA GLU H 65 -27.61 13.68 -37.10
C GLU H 65 -26.67 12.60 -36.93
N LEU H 66 -27.03 11.59 -36.22
CA LEU H 66 -26.18 10.50 -35.92
C LEU H 66 -26.23 9.56 -37.06
N GLN H 67 -27.28 9.54 -37.84
CA GLN H 67 -27.31 8.72 -39.00
C GLN H 67 -26.37 9.16 -40.05
N THR H 68 -26.00 10.42 -40.12
CA THR H 68 -25.02 10.91 -41.04
C THR H 68 -23.62 10.61 -40.57
N ARG H 69 -23.41 10.06 -39.42
CA ARG H 69 -22.05 9.74 -39.00
C ARG H 69 -21.99 8.27 -38.89
N ASN H 70 -22.81 7.60 -39.67
CA ASN H 70 -22.84 6.17 -39.68
C ASN H 70 -22.95 5.47 -38.33
N TYR H 71 -23.75 5.99 -37.45
CA TYR H 71 -24.00 5.38 -36.17
C TYR H 71 -24.88 4.16 -36.40
N ALA H 72 -24.56 3.08 -35.74
CA ALA H 72 -25.27 1.82 -35.75
C ALA H 72 -25.88 1.66 -34.43
N ALA H 73 -27.21 1.51 -34.33
CA ALA H 73 -27.98 1.38 -33.12
C ALA H 73 -27.68 0.08 -32.42
N CYS H 74 -27.88 -0.03 -31.14
CA CYS H 74 -27.58 -1.15 -30.30
C CYS H 74 -28.50 -2.28 -30.44
N ALA H 75 -29.78 -2.01 -30.58
CA ALA H 75 -30.75 -3.02 -30.81
C ALA H 75 -30.47 -3.56 -32.14
N GLY H 76 -30.65 -4.82 -32.23
CA GLY H 76 -30.39 -5.38 -33.52
C GLY H 76 -28.92 -5.49 -33.82
N CYS H 77 -28.33 -6.16 -32.92
CA CYS H 77 -27.09 -6.77 -32.69
C CYS H 77 -27.55 -7.41 -31.43
N HIS H 78 -27.92 -6.61 -30.46
CA HIS H 78 -28.36 -7.03 -29.15
C HIS H 78 -29.77 -7.22 -28.97
N GLN H 79 -30.57 -6.90 -29.94
CA GLN H 79 -32.10 -6.94 -29.99
C GLN H 79 -32.85 -5.86 -29.25
N VAL H 80 -34.13 -5.74 -29.35
CA VAL H 80 -34.81 -4.68 -28.67
C VAL H 80 -34.94 -5.02 -27.23
N ASN H 81 -34.97 -6.26 -26.91
CA ASN H 81 -34.97 -6.70 -25.58
C ASN H 81 -33.74 -7.21 -24.86
N GLY H 82 -32.45 -7.20 -25.30
CA GLY H 82 -31.27 -8.04 -24.79
C GLY H 82 -31.04 -9.49 -25.39
N GLY H 83 -29.92 -9.70 -24.88
CA GLY H 83 -29.45 -11.07 -24.96
C GLY H 83 -29.52 -11.48 -26.26
N GLY H 84 -28.67 -10.75 -26.91
CA GLY H 84 -28.22 -10.65 -28.23
C GLY H 84 -28.41 -11.70 -29.14
N ASN H 85 -27.31 -12.06 -29.71
CA ASN H 85 -27.28 -13.00 -30.69
C ASN H 85 -26.14 -13.96 -30.59
N LYS H 86 -26.38 -15.20 -30.31
CA LYS H 86 -25.34 -16.17 -30.40
C LYS H 86 -25.47 -16.44 -31.84
N ALA H 87 -24.46 -16.11 -32.61
CA ALA H 87 -24.32 -16.23 -34.09
C ALA H 87 -23.28 -15.22 -34.32
N ILE H 88 -23.55 -14.05 -33.84
CA ILE H 88 -22.75 -12.93 -33.94
C ILE H 88 -21.92 -12.72 -32.74
N ASN H 89 -22.09 -13.56 -31.74
CA ASN H 89 -21.55 -13.46 -30.40
C ASN H 89 -22.02 -12.19 -29.71
N ALA H 90 -23.17 -11.61 -30.05
CA ALA H 90 -23.57 -10.40 -29.41
C ALA H 90 -24.11 -10.55 -28.09
N THR H 91 -23.50 -9.87 -27.18
CA THR H 91 -23.89 -9.98 -25.78
C THR H 91 -25.34 -9.96 -25.37
N ASN H 92 -25.71 -10.92 -24.50
CA ASN H 92 -27.08 -11.09 -23.84
C ASN H 92 -27.14 -10.33 -22.50
N PHE H 93 -27.77 -9.19 -22.49
CA PHE H 93 -27.79 -8.33 -21.32
C PHE H 93 -28.77 -8.83 -20.27
N GLN H 94 -29.63 -9.74 -20.64
CA GLN H 94 -30.55 -10.33 -19.70
C GLN H 94 -29.85 -11.27 -18.74
N ASP H 95 -28.66 -11.69 -19.00
CA ASP H 95 -28.05 -12.68 -18.17
C ASP H 95 -27.35 -12.17 -16.92
N ALA H 96 -27.74 -12.73 -15.83
CA ALA H 96 -27.28 -12.41 -14.53
C ALA H 96 -25.86 -12.63 -14.25
N GLY H 97 -25.19 -13.61 -14.85
CA GLY H 97 -23.79 -13.93 -14.75
C GLY H 97 -23.02 -12.91 -15.47
N TRP H 98 -23.37 -12.52 -16.69
CA TRP H 98 -22.82 -11.37 -17.42
C TRP H 98 -23.01 -10.09 -16.53
N GLN H 99 -24.19 -9.81 -16.03
CA GLN H 99 -24.39 -8.62 -15.17
C GLN H 99 -23.60 -8.61 -13.91
N ALA H 100 -23.44 -9.72 -13.16
CA ALA H 100 -22.62 -9.74 -11.97
C ALA H 100 -21.15 -9.63 -12.29
N ASN H 101 -20.73 -10.04 -13.44
CA ASN H 101 -19.30 -9.99 -13.58
C ASN H 101 -18.80 -8.75 -14.33
N ASN H 102 -19.63 -7.71 -14.41
CA ASN H 102 -19.32 -6.40 -14.96
C ASN H 102 -19.57 -5.31 -13.93
N SER H 103 -18.66 -4.36 -13.71
CA SER H 103 -19.03 -3.14 -13.02
C SER H 103 -19.46 -2.11 -14.05
N SER H 104 -20.26 -1.22 -13.64
CA SER H 104 -20.74 -0.13 -14.48
C SER H 104 -19.63 0.79 -14.92
N PRO H 105 -18.76 1.24 -14.05
CA PRO H 105 -17.54 1.87 -14.52
C PRO H 105 -16.77 1.08 -15.55
N GLY H 106 -16.56 -0.22 -15.36
CA GLY H 106 -15.85 -1.01 -16.33
C GLY H 106 -16.57 -1.10 -17.66
N MET H 107 -17.87 -1.30 -17.64
CA MET H 107 -18.69 -1.41 -18.84
C MET H 107 -18.52 -0.24 -19.80
N VAL H 108 -18.47 0.97 -19.26
CA VAL H 108 -18.22 2.23 -19.93
C VAL H 108 -17.12 2.11 -20.99
N THR H 109 -15.92 1.65 -20.62
CA THR H 109 -14.79 1.68 -21.54
C THR H 109 -14.88 0.64 -22.63
N SER H 110 -15.55 -0.45 -22.39
CA SER H 110 -15.87 -1.40 -23.40
C SER H 110 -16.81 -0.84 -24.46
N ILE H 111 -17.80 -0.01 -24.16
CA ILE H 111 -18.53 0.79 -25.17
C ILE H 111 -17.69 1.89 -25.83
N VAL H 112 -16.87 2.63 -25.09
CA VAL H 112 -15.99 3.68 -25.62
C VAL H 112 -15.00 3.17 -26.66
N ASN H 113 -14.33 2.08 -26.38
CA ASN H 113 -13.21 1.50 -27.07
C ASN H 113 -13.60 0.44 -28.05
N GLY H 114 -14.82 -0.06 -27.94
CA GLY H 114 -15.23 -1.29 -28.55
C GLY H 114 -14.64 -2.57 -27.99
N LYS H 115 -15.13 -3.69 -28.38
CA LYS H 115 -14.69 -4.90 -27.80
C LYS H 115 -14.58 -5.88 -28.82
N GLY H 116 -13.43 -6.44 -28.93
CA GLY H 116 -12.91 -7.39 -29.83
C GLY H 116 -13.41 -7.87 -31.13
N LYS H 117 -13.22 -7.24 -32.27
CA LYS H 117 -13.66 -7.64 -33.66
C LYS H 117 -14.90 -6.98 -34.22
N VAL H 118 -15.99 -7.22 -33.51
CA VAL H 118 -17.32 -6.76 -33.86
C VAL H 118 -18.04 -5.67 -33.10
N MET H 119 -18.16 -5.67 -31.77
CA MET H 119 -18.74 -4.61 -31.00
C MET H 119 -17.93 -3.38 -31.30
N PRO H 120 -18.47 -2.36 -31.92
CA PRO H 120 -17.79 -1.15 -32.39
C PRO H 120 -17.38 -0.10 -31.36
N ALA H 121 -16.37 0.72 -31.61
CA ALA H 121 -16.08 1.81 -30.68
C ALA H 121 -17.09 2.97 -30.78
N TYR H 122 -17.50 3.55 -29.67
CA TYR H 122 -18.45 4.67 -29.76
C TYR H 122 -17.85 5.99 -29.30
N LYS H 123 -16.56 6.05 -29.03
CA LYS H 123 -15.91 7.29 -28.62
C LYS H 123 -16.01 8.46 -29.59
N ASP H 124 -16.03 8.19 -30.88
CA ASP H 124 -16.24 9.27 -31.79
C ASP H 124 -17.67 9.39 -32.24
N LYS H 125 -18.60 8.77 -31.61
CA LYS H 125 -19.94 8.88 -32.06
C LYS H 125 -20.78 9.50 -31.04
N LEU H 126 -20.53 9.17 -29.81
CA LEU H 126 -21.30 9.59 -28.73
C LEU H 126 -20.57 10.25 -27.67
N THR H 127 -21.18 11.08 -26.86
CA THR H 127 -20.46 11.69 -25.77
C THR H 127 -20.36 10.77 -24.57
N LEU H 128 -19.40 10.92 -23.71
CA LEU H 128 -19.28 10.12 -22.52
C LEU H 128 -20.48 10.19 -21.58
N GLN H 129 -21.22 11.26 -21.60
CA GLN H 129 -22.41 11.29 -20.87
C GLN H 129 -23.55 10.43 -21.48
N GLN H 130 -23.76 10.38 -22.82
CA GLN H 130 -24.63 9.50 -23.51
C GLN H 130 -24.17 7.99 -23.26
N ILE H 131 -22.87 7.61 -23.07
CA ILE H 131 -22.47 6.25 -22.74
C ILE H 131 -22.88 5.88 -21.34
N ASN H 132 -22.76 6.81 -20.40
CA ASN H 132 -23.24 6.63 -19.02
C ASN H 132 -24.72 6.28 -18.98
N TYR H 133 -25.56 7.00 -19.74
CA TYR H 133 -26.98 6.70 -19.85
C TYR H 133 -27.24 5.29 -20.37
N LEU H 134 -26.49 4.85 -21.35
CA LEU H 134 -26.66 3.52 -21.93
C LEU H 134 -26.25 2.40 -20.96
N VAL H 135 -25.27 2.63 -20.12
CA VAL H 135 -24.82 1.65 -19.13
C VAL H 135 -25.95 1.46 -18.11
N GLU H 136 -26.63 2.53 -17.77
CA GLU H 136 -27.79 2.51 -16.90
C GLU H 136 -29.00 1.75 -17.50
N TYR H 137 -29.28 1.97 -18.78
CA TYR H 137 -30.37 1.22 -19.47
C TYR H 137 -30.08 -0.29 -19.55
N ILE H 138 -28.82 -0.65 -19.80
CA ILE H 138 -28.42 -2.07 -19.97
C ILE H 138 -28.55 -2.78 -18.62
N ARG H 139 -28.50 -2.04 -17.54
CA ARG H 139 -28.63 -2.59 -16.25
C ARG H 139 -30.00 -3.07 -16.01
N ARG H 140 -30.97 -2.44 -16.59
CA ARG H 140 -32.32 -2.85 -16.38
C ARG H 140 -32.77 -4.00 -17.20
N PHE H 141 -31.93 -4.59 -18.01
CA PHE H 141 -32.29 -5.83 -18.75
C PHE H 141 -32.18 -7.10 -17.90
N GLU H 142 -31.53 -7.06 -16.73
CA GLU H 142 -31.24 -8.29 -15.97
C GLU H 142 -32.43 -9.18 -15.58
N LYS H 143 -32.30 -10.51 -15.73
CA LYS H 143 -33.33 -11.49 -15.32
C LYS H 143 -32.71 -12.39 -14.23
N LYS H 144 -33.43 -13.11 -13.39
CA LYS H 144 -32.84 -13.92 -12.30
C LYS H 144 -32.19 -15.19 -12.69
N ARG H 145 -31.42 -15.89 -11.78
CA ARG H 145 -30.66 -17.15 -11.97
C ARG H 145 -29.24 -16.79 -12.41
N MET I 1 -35.70 0.73 15.11
CA MET I 1 -35.68 0.94 16.56
C MET I 1 -35.06 -0.16 17.40
N THR I 2 -35.38 -1.40 17.19
CA THR I 2 -34.84 -2.53 17.97
C THR I 2 -33.33 -2.58 17.86
N ALA I 3 -32.77 -2.44 16.66
CA ALA I 3 -31.32 -2.44 16.45
C ALA I 3 -30.67 -1.28 17.19
N ILE I 4 -31.27 -0.08 17.09
CA ILE I 4 -30.65 1.12 17.73
C ILE I 4 -30.59 0.86 19.23
N LEU I 5 -31.70 0.34 19.77
CA LEU I 5 -31.81 0.12 21.23
C LEU I 5 -30.80 -0.94 21.67
N LEU I 6 -30.66 -2.00 20.88
CA LEU I 6 -29.72 -3.09 21.24
C LEU I 6 -28.30 -2.51 21.25
N ALA I 7 -27.93 -1.76 20.23
CA ALA I 7 -26.55 -1.25 20.15
C ALA I 7 -26.25 -0.29 21.32
N CYS I 8 -27.19 0.61 21.61
CA CYS I 8 -26.94 1.58 22.72
C CYS I 8 -26.84 0.83 24.04
N LEU I 9 -27.72 -0.15 24.23
CA LEU I 9 -27.77 -0.91 25.49
C LEU I 9 -26.47 -1.67 25.65
N PHE I 10 -25.93 -2.24 24.59
CA PHE I 10 -24.62 -2.93 24.68
C PHE I 10 -23.49 -1.95 25.01
N VAL I 11 -23.47 -0.74 24.44
CA VAL I 11 -22.41 0.23 24.85
C VAL I 11 -22.51 0.59 26.35
N LEU I 12 -23.69 0.94 26.81
CA LEU I 12 -23.88 1.23 28.25
C LEU I 12 -23.60 -0.01 29.11
N GLY I 13 -23.88 -1.22 28.62
CA GLY I 13 -23.59 -2.49 29.31
C GLY I 13 -22.11 -2.71 29.44
N GLY I 14 -21.32 -2.39 28.42
CA GLY I 14 -19.86 -2.47 28.57
C GLY I 14 -19.42 -1.53 29.67
N TYR I 15 -19.95 -0.30 29.66
CA TYR I 15 -19.54 0.56 30.81
C TYR I 15 -19.94 -0.05 32.17
N ALA I 16 -21.17 -0.56 32.31
CA ALA I 16 -21.72 -1.09 33.57
C ALA I 16 -20.92 -2.32 34.03
N ALA I 17 -20.53 -3.17 33.07
CA ALA I 17 -19.76 -4.40 33.34
C ALA I 17 -18.40 -4.02 33.89
N LEU I 18 -17.78 -3.02 33.28
CA LEU I 18 -16.45 -2.55 33.76
C LEU I 18 -16.61 -2.03 35.19
N TRP I 19 -17.68 -1.30 35.41
CA TRP I 19 -17.93 -0.77 36.78
C TRP I 19 -18.04 -1.94 37.78
N GLY I 20 -18.77 -3.00 37.44
CA GLY I 20 -18.94 -4.17 38.33
C GLY I 20 -17.64 -4.91 38.59
N ILE I 21 -16.82 -5.11 37.57
CA ILE I 21 -15.50 -5.76 37.81
C ILE I 21 -14.68 -4.88 38.76
N ILE I 22 -14.45 -3.68 38.32
CA ILE I 22 -13.68 -2.71 39.02
C ILE I 22 -14.24 -2.50 40.38
N LYS I 23 -15.31 -3.15 40.72
CA LYS I 23 -15.85 -2.98 42.04
C LYS I 23 -15.99 -4.31 42.70
N PHE I 24 -15.34 -5.33 42.17
CA PHE I 24 -15.44 -6.62 42.74
C PHE I 24 -14.06 -6.71 43.20
N VAL I 25 -13.21 -6.01 42.53
CA VAL I 25 -11.77 -5.92 42.92
C VAL I 25 -11.60 -4.99 44.13
N VAL I 26 -12.28 -3.90 44.21
CA VAL I 26 -12.19 -3.01 45.26
C VAL I 26 -12.79 -3.56 46.46
N ALA I 27 -13.92 -4.20 46.38
CA ALA I 27 -14.50 -4.78 47.51
C ALA I 27 -13.77 -5.95 48.05
N ASN I 28 -13.10 -6.76 47.26
CA ASN I 28 -12.40 -7.85 47.85
C ASN I 28 -10.94 -7.83 47.98
N THR I 29 -10.34 -6.67 47.88
CA THR I 29 -8.99 -6.53 48.15
C THR I 29 -8.94 -5.37 49.07
N LYS I 30 -9.85 -5.21 49.99
CA LYS I 30 -9.76 -4.05 50.83
C LYS I 30 -8.82 -4.09 52.00
N ASP I 31 -8.25 -5.23 52.22
CA ASP I 31 -7.26 -5.34 53.20
C ASP I 31 -5.85 -5.20 52.61
N ILE I 32 -5.69 -5.08 51.31
CA ILE I 32 -4.38 -5.03 50.78
C ILE I 32 -4.13 -3.72 50.07
N ALA I 33 -3.04 -3.07 50.39
CA ALA I 33 -2.64 -1.83 49.69
C ALA I 33 -2.13 -2.28 48.38
N ALA I 34 -2.37 -1.56 47.30
CA ALA I 34 -1.94 -2.04 46.00
C ALA I 34 -0.44 -2.28 45.87
N ASN I 35 0.34 -1.23 46.03
CA ASN I 35 1.82 -1.31 46.07
C ASN I 35 2.52 -2.59 46.47
N MET J 1 -18.79 -32.57 15.69
CA MET J 1 -18.30 -31.75 16.75
C MET J 1 -17.00 -32.24 17.29
N TRP J 2 -16.25 -32.96 16.50
CA TRP J 2 -14.96 -33.36 16.97
C TRP J 2 -14.05 -32.43 16.26
N ASN J 3 -14.54 -31.64 15.35
CA ASN J 3 -13.66 -30.69 14.73
C ASN J 3 -13.62 -29.45 15.60
N VAL J 4 -14.70 -29.21 16.31
CA VAL J 4 -14.75 -28.10 17.19
C VAL J 4 -14.12 -28.44 18.50
N VAL J 5 -13.80 -29.68 18.80
CA VAL J 5 -13.15 -30.05 20.02
C VAL J 5 -11.68 -30.17 19.74
N GLY J 6 -11.32 -30.58 18.56
CA GLY J 6 -10.00 -30.59 18.04
C GLY J 6 -9.46 -29.24 17.71
N GLN J 7 -10.23 -28.43 17.06
CA GLN J 7 -9.85 -27.08 16.74
C GLN J 7 -9.59 -26.29 17.97
N ILE J 8 -10.46 -26.30 18.92
CA ILE J 8 -10.29 -25.65 20.18
C ILE J 8 -8.98 -26.08 20.92
N ILE J 9 -8.59 -27.36 21.01
CA ILE J 9 -7.32 -27.80 21.55
C ILE J 9 -6.14 -27.06 20.91
N SER J 10 -6.08 -26.96 19.60
CA SER J 10 -5.11 -26.20 18.90
C SER J 10 -5.04 -24.78 19.22
N VAL J 11 -6.13 -24.08 19.19
CA VAL J 11 -6.23 -22.73 19.56
C VAL J 11 -5.78 -22.45 20.99
N LEU J 12 -6.07 -23.31 21.90
CA LEU J 12 -5.61 -23.22 23.23
C LEU J 12 -4.12 -23.40 23.35
N CYS J 13 -3.46 -24.29 22.59
CA CYS J 13 -2.04 -24.49 22.57
C CYS J 13 -1.47 -23.28 21.95
N PHE J 14 -2.08 -22.67 20.91
CA PHE J 14 -1.52 -21.46 20.35
C PHE J 14 -1.34 -20.30 21.37
N PHE J 15 -2.27 -20.14 22.29
CA PHE J 15 -2.35 -19.12 23.30
C PHE J 15 -1.29 -19.34 24.42
N ILE J 16 -1.00 -20.56 24.84
CA ILE J 16 0.03 -20.95 25.74
C ILE J 16 1.40 -20.79 25.10
N LEU J 17 1.56 -21.12 23.85
CA LEU J 17 2.81 -20.97 23.22
C LEU J 17 3.13 -19.55 23.13
N THR J 18 2.26 -18.72 22.62
CA THR J 18 2.49 -17.28 22.40
C THR J 18 2.53 -16.37 23.53
N VAL J 19 1.64 -16.54 24.46
CA VAL J 19 1.58 -15.70 25.62
C VAL J 19 2.59 -16.19 26.63
N GLY J 20 2.96 -17.44 26.56
CA GLY J 20 3.99 -17.99 27.38
C GLY J 20 5.31 -17.47 26.87
N THR J 21 5.47 -17.33 25.62
CA THR J 21 6.68 -16.82 25.00
C THR J 21 6.85 -15.33 25.16
N LEU J 22 5.79 -14.59 25.11
CA LEU J 22 5.85 -13.19 25.34
C LEU J 22 6.29 -12.92 26.79
N PHE J 23 5.72 -13.61 27.76
CA PHE J 23 6.09 -13.44 29.17
C PHE J 23 7.29 -14.24 29.50
N GLY J 24 8.03 -14.60 28.50
CA GLY J 24 9.24 -15.37 28.63
C GLY J 24 10.34 -14.47 28.20
N ILE J 25 10.07 -13.56 27.29
CA ILE J 25 10.99 -12.57 26.84
C ILE J 25 10.96 -11.41 27.80
N VAL J 26 9.93 -11.30 28.62
CA VAL J 26 9.82 -10.26 29.62
C VAL J 26 10.46 -10.72 30.87
N TYR J 27 10.70 -12.00 31.01
CA TYR J 27 11.35 -12.50 32.19
C TYR J 27 12.77 -12.73 31.92
N VAL J 28 13.17 -12.83 30.69
CA VAL J 28 14.55 -13.00 30.38
C VAL J 28 15.19 -11.66 30.13
N SER J 29 14.39 -10.63 29.96
CA SER J 29 14.85 -9.27 29.80
C SER J 29 14.98 -8.59 31.09
N HIS J 30 14.59 -9.23 32.17
CA HIS J 30 14.72 -8.72 33.48
C HIS J 30 15.93 -9.35 34.10
N LEU J 31 16.36 -10.50 33.61
CA LEU J 31 17.53 -11.14 34.14
C LEU J 31 18.75 -10.58 33.49
N LEU J 32 18.61 -9.91 32.37
CA LEU J 32 19.72 -9.33 31.68
C LEU J 32 19.94 -7.91 32.06
N SER J 33 19.34 -7.43 33.11
CA SER J 33 19.49 -6.06 33.41
C SER J 33 19.29 -5.78 34.85
N ARG J 34 19.08 -6.81 35.65
CA ARG J 34 18.72 -6.61 37.02
C ARG J 34 18.86 -7.86 37.86
N GLY J 35 18.88 -9.04 37.26
CA GLY J 35 18.94 -10.23 38.07
C GLY J 35 19.97 -11.17 37.56
N ASP K 8 20.14 -18.51 38.67
CA ASP K 8 19.19 -17.44 38.85
C ASP K 8 17.77 -17.83 38.46
N ILE K 9 17.64 -18.51 37.32
CA ILE K 9 16.38 -18.97 36.79
C ILE K 9 15.59 -19.70 37.86
N SER K 10 14.35 -19.30 38.13
CA SER K 10 13.58 -20.00 39.16
C SER K 10 13.17 -21.39 38.76
N LYS K 11 12.83 -22.19 39.76
CA LYS K 11 12.34 -23.54 39.55
C LYS K 11 11.07 -23.35 38.75
N VAL K 12 10.17 -22.52 39.23
CA VAL K 12 8.92 -22.26 38.55
C VAL K 12 9.03 -21.75 37.12
N ALA K 13 10.08 -21.04 36.73
CA ALA K 13 10.19 -20.60 35.35
C ALA K 13 10.84 -21.66 34.50
N TRP K 14 11.41 -22.68 35.13
CA TRP K 14 11.97 -23.82 34.43
C TRP K 14 10.87 -24.80 34.19
N ALA K 15 9.76 -24.70 34.90
CA ALA K 15 8.70 -25.64 34.72
C ALA K 15 7.63 -25.09 33.82
N TRP K 16 7.89 -23.97 33.19
CA TRP K 16 6.99 -23.43 32.18
C TRP K 16 7.71 -23.79 30.91
N PHE K 17 8.99 -23.48 30.87
CA PHE K 17 9.81 -23.81 29.76
C PHE K 17 9.76 -25.29 29.47
N GLY K 18 9.05 -26.05 30.28
CA GLY K 18 8.92 -27.46 30.05
C GLY K 18 7.58 -27.70 29.43
N VAL K 19 6.61 -26.85 29.69
CA VAL K 19 5.29 -27.00 29.13
C VAL K 19 5.27 -26.44 27.74
N LEU K 20 6.20 -25.55 27.42
CA LEU K 20 6.24 -24.99 26.11
C LEU K 20 6.90 -25.98 25.21
N LEU K 21 7.76 -26.84 25.72
CA LEU K 21 8.40 -27.81 24.90
C LEU K 21 7.58 -29.04 24.76
N ALA K 22 6.61 -29.26 25.63
CA ALA K 22 5.78 -30.44 25.46
C ALA K 22 4.73 -30.13 24.44
N ILE K 23 4.41 -28.88 24.24
CA ILE K 23 3.45 -28.47 23.25
C ILE K 23 4.12 -28.31 21.90
N CYS K 24 5.43 -28.31 21.87
CA CYS K 24 6.18 -28.16 20.67
C CYS K 24 6.54 -29.50 20.10
N LEU K 25 6.56 -30.55 20.88
CA LEU K 25 6.85 -31.84 20.30
C LEU K 25 5.63 -32.70 20.43
N ILE K 26 4.47 -32.12 20.28
CA ILE K 26 3.25 -32.87 20.33
C ILE K 26 2.68 -32.29 19.07
N GLY K 27 3.10 -31.08 18.77
CA GLY K 27 2.84 -30.54 17.49
C GLY K 27 3.73 -31.03 16.35
N ALA K 28 5.00 -31.23 16.60
CA ALA K 28 5.89 -31.70 15.56
C ALA K 28 5.87 -33.17 15.51
N PHE K 29 5.37 -33.83 16.51
CA PHE K 29 5.33 -35.25 16.45
C PHE K 29 4.14 -35.69 15.70
N GLY K 30 3.12 -34.87 15.62
CA GLY K 30 1.93 -35.25 14.92
C GLY K 30 1.86 -34.63 13.56
N ASN K 31 2.87 -33.85 13.21
CA ASN K 31 2.91 -33.18 11.94
C ASN K 31 3.84 -33.89 11.02
N TYR K 32 4.95 -34.36 11.54
CA TYR K 32 5.95 -35.01 10.72
C TYR K 32 5.93 -36.50 10.81
N VAL K 33 5.14 -37.11 11.67
CA VAL K 33 5.17 -38.54 11.74
C VAL K 33 4.31 -39.14 10.68
N PRO K 34 3.01 -38.82 10.64
CA PRO K 34 2.28 -39.35 9.51
C PRO K 34 2.84 -38.92 8.14
N LYS K 35 3.58 -37.84 7.98
CA LYS K 35 4.09 -37.56 6.65
C LYS K 35 5.09 -38.63 6.33
N LEU K 36 5.99 -38.89 7.25
CA LEU K 36 7.04 -39.85 7.03
C LEU K 36 6.77 -41.29 7.23
N PHE K 37 6.10 -41.68 8.28
CA PHE K 37 5.92 -43.10 8.54
C PHE K 37 4.69 -43.76 8.00
N VAL K 38 3.76 -42.97 7.47
CA VAL K 38 2.50 -43.45 6.92
C VAL K 38 1.72 -44.26 7.92
N LYS K 39 1.67 -43.73 9.12
CA LYS K 39 0.96 -44.30 10.23
C LYS K 39 0.35 -43.18 11.00
N MET K 40 -0.56 -43.57 11.84
CA MET K 40 -1.30 -42.72 12.67
C MET K 40 -1.95 -41.68 11.78
N LEU K 41 -2.68 -42.25 10.85
CA LEU K 41 -3.43 -41.61 9.77
C LEU K 41 -4.41 -40.50 10.15
N MET K 42 -4.92 -40.52 11.37
CA MET K 42 -5.70 -39.46 11.95
C MET K 42 -5.14 -38.07 11.76
N PHE K 43 -3.86 -37.89 11.94
CA PHE K 43 -3.25 -36.63 11.77
C PHE K 43 -2.65 -36.31 10.41
N LEU K 44 -2.69 -37.19 9.43
CA LEU K 44 -2.24 -36.94 8.05
C LEU K 44 -2.85 -35.79 7.19
N ASN K 45 -2.07 -35.02 6.43
CA ASN K 45 -2.59 -33.93 5.56
C ASN K 45 -1.83 -33.91 4.21
N UNK L 1 7.24 -13.11 16.77
CA UNK L 1 7.78 -12.19 15.79
C UNK L 1 8.89 -12.72 14.95
N UNK L 2 8.54 -13.86 14.36
CA UNK L 2 9.14 -14.75 13.32
C UNK L 2 8.73 -16.22 13.44
N UNK L 3 9.03 -17.03 12.46
CA UNK L 3 8.86 -18.47 12.45
C UNK L 3 9.66 -19.02 11.36
N UNK L 4 9.28 -20.20 10.84
CA UNK L 4 9.56 -21.21 9.94
C UNK L 4 9.32 -22.45 10.05
N UNK L 5 9.61 -23.30 9.22
CA UNK L 5 9.36 -24.69 9.33
C UNK L 5 10.04 -25.36 8.27
N UNK L 6 10.69 -26.43 8.59
CA UNK L 6 11.38 -27.23 7.71
C UNK L 6 10.29 -27.90 6.85
N UNK L 7 10.38 -27.83 5.56
CA UNK L 7 9.37 -28.43 4.70
C UNK L 7 9.69 -29.87 4.51
N UNK L 8 8.75 -30.78 4.58
CA UNK L 8 8.91 -32.23 4.40
C UNK L 8 7.90 -32.90 3.46
N UNK L 9 8.37 -33.78 2.64
CA UNK L 9 7.49 -34.47 1.71
C UNK L 9 6.90 -35.68 2.35
N UNK L 10 5.65 -35.92 2.16
CA UNK L 10 5.05 -37.15 2.61
C UNK L 10 5.59 -38.36 1.87
N UNK L 11 5.37 -39.49 2.47
CA UNK L 11 5.85 -40.68 1.91
C UNK L 11 4.72 -41.55 1.61
N UNK L 12 3.55 -41.00 1.32
CA UNK L 12 2.36 -41.83 1.05
C UNK L 12 2.53 -42.46 -0.31
N UNK L 13 2.10 -43.68 -0.51
CA UNK L 13 2.35 -44.32 -1.78
C UNK L 13 1.93 -43.60 -3.06
N UNK L 14 2.64 -43.83 -4.13
CA UNK L 14 2.30 -43.19 -5.37
C UNK L 14 0.88 -43.63 -5.83
N UNK L 15 0.03 -42.69 -6.22
CA UNK L 15 -1.30 -43.02 -6.68
C UNK L 15 -1.49 -44.19 -7.65
N UNK L 16 -2.51 -45.03 -7.49
CA UNK L 16 -2.68 -46.16 -8.38
C UNK L 16 -2.90 -45.81 -9.89
N UNK L 17 -2.53 -46.63 -10.86
CA UNK L 17 -2.69 -46.26 -12.30
C UNK L 17 -4.11 -46.24 -12.79
N UNK L 18 -4.52 -45.16 -13.41
CA UNK L 18 -5.87 -44.95 -13.92
C UNK L 18 -6.12 -45.34 -15.38
N UNK L 19 -6.35 -46.61 -15.67
CA UNK L 19 -6.66 -47.07 -17.05
C UNK L 19 -5.88 -46.43 -18.24
O1D 2GO M . 9.41 0.39 1.38
CGD 2GO M . 9.75 -0.37 2.19
O2D 2GO M . 10.90 -0.30 2.77
CED 2GO M . 11.87 0.62 2.19
CBD 2GO M . 8.95 -1.59 2.55
CAD 2GO M . 8.76 -2.65 1.76
OBD 2GO M . 9.52 -3.18 1.14
C3D 2GO M . 7.38 -2.85 1.65
C2D 2GO M . 6.51 -3.57 1.03
CMD 2GO M . 6.82 -4.69 0.08
C1D 2GO M . 5.34 -3.22 1.45
CHD 2GO M . 4.01 -3.58 1.02
C4D 2GO M . 6.77 -2.09 2.50
ND 2GO M . 5.63 -2.34 2.35
ZN 2GO M . 4.29 -1.37 3.68
NC 2GO M . 2.59 -2.20 2.45
C4C 2GO M . 2.75 -3.04 1.42
C3C 2GO M . 1.51 -3.35 0.85
CAC 2GO M . 1.32 -3.01 -0.65
CBC 2GO M . 1.82 -1.80 -1.07
C2C 2GO M . 0.52 -2.56 1.74
CMC 2GO M . -0.55 -3.42 2.39
C1C 2GO M . 1.35 -1.77 2.67
CHC 2GO M . 0.86 -0.85 3.53
NB 2GO M . 2.91 -0.08 4.68
C4B 2GO M . 1.53 -0.08 4.47
C3B 2GO M . 1.08 0.62 5.53
CAB 2GO M . -0.39 0.86 5.78
CBB 2GO M . -1.10 0.99 7.07
OBB 2GO M . -1.06 0.94 4.93
C2B 2GO M . 2.12 1.02 6.29
CMB 2GO M . 1.92 1.87 7.51
C1B 2GO M . 3.31 0.55 5.80
CHB 2GO M . 4.57 0.54 6.41
CHA 2GO M . 7.63 -1.36 3.15
C1A 2GO M . 7.22 -0.50 4.33
NA 2GO M . 6.05 -0.42 4.69
C4A 2GO M . 5.74 0.13 5.91
C3A 2GO M . 6.98 0.10 6.69
CMA 2GO M . 6.91 -1.11 7.54
C2A 2GO M . 8.00 0.25 5.35
CAA 2GO M . 8.62 1.59 5.01
CBA 2GO M . 9.92 1.88 5.75
CGA 2GO M . 10.39 3.28 5.65
O1A 2GO M . 10.30 4.03 6.53
O2A 2GO M . 10.84 3.59 4.42
C1 2GO M . 11.23 4.88 3.88
C2 2GO M . 11.35 4.56 2.45
C3 2GO M . 10.46 4.60 1.48
C4 2GO M . 9.08 5.15 1.65
C5 2GO M . 10.82 4.09 0.10
C6 2GO M . 11.18 5.20 -0.85
C7 2GO M . 11.50 4.80 -2.30
C8 2GO M . 12.03 5.83 -3.29
C9 2GO M . 12.25 5.26 -4.70
C10 2GO M . 13.26 6.60 -2.82
C11 2GO M . 13.72 7.59 -3.86
C12 2GO M . 12.90 8.85 -4.01
C13 2GO M . 12.44 9.68 -2.80
C14 2GO M . 11.42 10.73 -3.21
C15 2GO M . 13.53 10.30 -1.96
C16 2GO M . 14.57 11.21 -2.56
C17 2GO M . 15.48 11.94 -1.63
C18 2GO M . 16.47 11.11 -0.88
C20 2GO M . 17.16 9.99 -1.58
C19 2GO M . 17.37 11.77 0.13
MG BCL N . 37.25 -8.55 13.40
CHA BCL N . 35.25 -10.17 15.52
CHB BCL N . 38.87 -7.24 15.95
CHC BCL N . 39.03 -6.69 11.23
CHD BCL N . 35.04 -9.12 10.82
NA BCL N . 37.22 -8.78 15.44
C1A BCL N . 36.38 -9.46 16.06
C2A BCL N . 36.41 -9.25 17.44
C3A BCL N . 37.58 -8.40 17.70
C4A BCL N . 37.96 -8.11 16.32
CMA BCL N . 36.90 -7.29 18.47
CAA BCL N . 36.50 -10.58 18.05
CBA BCL N . 37.79 -10.86 18.72
CGA BCL N . 37.30 -11.67 19.86
O1A BCL N . 38.10 -11.84 20.61
O2A BCL N . 36.03 -12.27 20.02
NB BCL N . 38.80 -7.08 13.55
C1B BCL N . 39.37 -6.74 14.64
C2B BCL N . 40.39 -5.79 14.54
C3B BCL N . 40.41 -5.59 13.11
C4B BCL N . 39.40 -6.47 12.59
CMB BCL N . 41.22 -5.15 15.54
CAB BCL N . 41.39 -4.74 12.38
OBB BCL N . 41.96 -3.92 12.92
CBB BCL N . 41.77 -5.18 11.09
NC BCL N . 37.08 -7.93 11.47
C1C BCL N . 37.90 -7.17 10.81
C2C BCL N . 37.43 -6.86 9.44
C3C BCL N . 36.20 -7.66 9.35
C4C BCL N . 36.14 -8.22 10.68
CMC BCL N . 37.06 -5.39 9.27
CAC BCL N . 36.27 -8.84 8.42
CBC BCL N . 36.27 -8.73 6.95
ND BCL N . 35.44 -9.43 13.11
C1D BCL N . 34.67 -9.65 12.11
C2D BCL N . 33.51 -10.35 12.54
C3D BCL N . 33.77 -10.50 13.90
C4D BCL N . 34.90 -10.02 14.13
CMD BCL N . 32.26 -10.82 11.88
CAD BCL N . 33.26 -11.11 15.10
OBD BCL N . 32.23 -11.64 15.26
CBD BCL N . 34.13 -10.86 16.20
CGD BCL N . 33.38 -10.24 17.34
O1D BCL N . 33.13 -10.93 18.20
O2D BCL N . 32.96 -8.91 17.63
CED BCL N . 31.76 -8.37 17.40
C1 BCL N . 35.47 -13.57 20.32
C2 BCL N . 34.67 -14.30 19.25
C3 BCL N . 34.83 -15.59 19.07
C4 BCL N . 35.77 -16.26 20.00
C5 BCL N . 34.09 -16.42 18.03
C6 BCL N . 34.19 -17.95 18.09
C7 BCL N . 33.05 -18.59 17.30
C8 BCL N . 33.13 -20.10 17.19
C9 BCL N . 34.50 -20.29 16.71
C10 BCL N . 32.44 -20.74 16.03
C11 BCL N . 32.66 -22.26 15.84
C12 BCL N . 31.38 -22.78 15.20
C13 BCL N . 31.03 -24.24 14.81
C14 BCL N . 31.90 -25.45 15.10
C15 BCL N . 30.78 -24.13 13.35
C16 BCL N . 29.44 -24.68 12.95
C17 BCL N . 28.59 -23.79 12.07
C18 BCL N . 27.37 -24.53 11.61
C19 BCL N . 27.69 -25.40 10.45
C20 BCL N . 26.22 -23.70 11.18
MG BCL O . 38.80 7.85 8.52
CHA BCL O . 40.90 8.89 10.93
CHB BCL O . 36.39 9.82 9.79
CHC BCL O . 37.05 7.03 5.90
CHD BCL O . 41.54 6.54 6.85
NA BCL O . 38.57 9.07 10.17
C1A BCL O . 39.46 9.25 11.01
C2A BCL O . 38.98 9.93 12.16
C3A BCL O . 37.59 10.23 11.92
C4A BCL O . 37.46 9.67 10.55
CMA BCL O . 36.82 9.51 12.99
CAA BCL O . 39.94 11.03 12.53
CBA BCL O . 39.98 12.41 12.05
CGA BCL O . 39.36 12.68 10.74
O1A BCL O . 40.16 12.31 10.15
O2A BCL O . 38.09 13.04 10.20
NB BCL O . 36.95 8.40 7.86
C1B BCL O . 36.13 9.19 8.49
C2B BCL O . 34.89 9.39 7.84
C3B BCL O . 35.08 8.55 6.71
C4B BCL O . 36.38 7.95 6.83
CMB BCL O . 33.73 10.21 8.24
CAB BCL O . 34.14 8.31 5.69
OBB BCL O . 34.38 7.61 4.98
CBB BCL O . 32.83 8.74 5.50
NC BCL O . 39.12 6.77 6.81
C1C BCL O . 38.25 6.52 5.90
C2C BCL O . 38.72 5.72 4.78
C3C BCL O . 40.18 5.64 5.09
C4C BCL O . 40.21 6.35 6.35
CMC BCL O . 38.24 4.30 4.62
CAC BCL O . 41.26 6.24 4.17
CBC BCL O . 41.25 5.91 2.75
ND BCL O . 40.85 7.68 8.72
C1D BCL O . 41.84 7.14 8.06
C2D BCL O . 43.09 7.27 8.74
C3D BCL O . 42.65 7.97 9.89
C4D BCL O . 41.42 8.17 9.81
CMD BCL O . 44.47 6.87 8.60
CAD BCL O . 43.13 8.57 11.09
OBD BCL O . 44.29 8.52 11.50
CBD BCL O . 42.04 9.11 11.85
CGD BCL O . 41.99 8.28 13.12
O1D BCL O . 42.31 8.65 14.10
O2D BCL O . 41.63 6.97 13.47
CED BCL O . 40.56 6.62 14.27
C1 BCL O . 37.62 13.42 8.89
C2 BCL O . 37.42 12.58 7.67
C3 BCL O . 36.88 12.83 6.47
C4 BCL O . 36.20 14.10 6.10
C5 BCL O . 36.98 11.75 5.42
C6 BCL O . 36.06 11.68 4.25
C7 BCL O . 36.59 10.93 3.06
C8 BCL O . 37.27 9.61 3.04
C9 BCL O . 38.63 9.71 2.47
C10 BCL O . 36.47 8.83 2.07
C11 BCL O . 37.18 8.04 1.04
C12 BCL O . 36.13 7.69 0.07
C13 BCL O . 36.24 6.27 -0.45
C14 BCL O . 37.57 6.07 -1.10
C15 BCL O . 35.25 5.98 -1.53
C16 BCL O . 35.68 5.04 -2.63
C17 BCL O . 34.47 4.49 -3.29
C18 BCL O . 34.55 3.13 -3.98
C19 BCL O . 34.59 3.09 -5.46
C20 BCL O . 33.36 2.26 -3.56
MG BCL P . 50.05 -20.95 14.25
CHA BCL P . 51.45 -22.67 16.82
CHB BCL P . 48.23 -23.63 13.53
CHC BCL P . 49.42 -19.42 11.38
CHD BCL P . 52.15 -18.21 14.94
NA BCL P . 49.87 -22.86 15.00
C1A BCL P . 50.45 -23.31 16.02
C2A BCL P . 50.06 -24.65 16.31
C3A BCL P . 49.49 -25.13 15.03
C4A BCL P . 49.18 -23.82 14.44
CMA BCL P . 50.62 -25.88 14.45
CAA BCL P . 48.99 -24.51 17.29
CBA BCL P . 48.99 -25.60 18.25
CGA BCL P . 48.48 -26.82 17.62
O1A BCL P . 49.31 -27.64 17.56
O2A BCL P . 47.13 -27.02 17.11
NB BCL P . 48.95 -21.48 12.62
C1B BCL P . 48.24 -22.60 12.48
C2B BCL P . 47.52 -22.65 11.25
C3B BCL P . 47.86 -21.38 10.63
C4B BCL P . 48.77 -20.77 11.54
CMB BCL P . 46.61 -23.61 10.65
CAB BCL P . 47.40 -20.90 9.28
OBB BCL P . 47.98 -20.13 8.70
CBB BCL P . 46.18 -21.42 8.63
NC BCL P . 50.55 -19.14 13.37
C1C BCL P . 50.20 -18.72 12.17
C2C BCL P . 50.76 -17.39 11.74
C3C BCL P . 51.44 -16.95 13.00
C4C BCL P . 51.35 -18.23 13.77
CMC BCL P . 51.85 -17.57 10.73
CAC BCL P . 50.94 -15.83 13.93
CBC BCL P . 50.52 -14.48 13.45
ND BCL P . 51.50 -20.43 15.55
C1D BCL P . 52.20 -19.31 15.84
C2D BCL P . 53.12 -19.51 16.97
C3D BCL P . 52.69 -20.85 17.30
C4D BCL P . 51.83 -21.30 16.48
CMD BCL P . 54.14 -18.74 17.73
CAD BCL P . 52.97 -21.89 18.23
OBD BCL P . 53.78 -21.77 19.10
CBD BCL P . 52.15 -23.07 18.03
CGD BCL P . 53.08 -24.21 18.02
O1D BCL P . 54.13 -24.15 17.53
O2D BCL P . 52.74 -25.39 18.68
CED BCL P . 53.59 -26.52 18.91
MG BCL Q . 49.79 -12.08 11.44
CHA BCL Q . 46.49 -12.45 11.06
CHB BCL Q . 50.33 -14.29 8.93
CHC BCL Q . 52.96 -11.78 11.97
CHD BCL Q . 49.16 -10.36 14.31
NA BCL Q . 48.66 -13.26 10.22
C1A BCL Q . 47.41 -13.16 10.12
C2A BCL Q . 46.98 -13.99 9.10
C3A BCL Q . 48.04 -14.83 8.64
C4A BCL Q . 49.11 -14.16 9.37
CMA BCL Q . 47.61 -16.25 8.83
CAA BCL Q . 47.13 -13.01 8.12
CBA BCL Q . 45.72 -12.93 7.90
CGA BCL Q . 45.41 -12.94 6.53
O1A BCL Q . 46.14 -12.30 5.86
O2A BCL Q . 44.27 -13.58 6.04
NB BCL Q . 51.44 -12.97 10.57
C1B BCL Q . 51.48 -13.85 9.60
C2B BCL Q . 52.77 -14.24 9.13
C3B BCL Q . 53.55 -13.48 10.01
C4B BCL Q . 52.68 -12.70 10.86
CMB BCL Q . 53.14 -15.18 8.07
CAB BCL Q . 54.98 -13.52 9.97
OBB BCL Q . 55.52 -12.61 10.27
CBB BCL Q . 55.76 -14.60 9.39
NC BCL Q . 50.90 -11.17 12.88
C1C BCL Q . 52.18 -11.21 12.91
C2C BCL Q . 52.70 -10.63 14.16
C3C BCL Q . 51.49 -10.14 14.83
C4C BCL Q . 50.49 -10.65 13.91
CMC BCL Q . 53.34 -11.60 15.13
CAC BCL Q . 51.29 -8.64 15.01
CBC BCL Q . 52.34 -8.02 15.85
ND BCL Q . 48.20 -11.46 12.56
C1D BCL Q . 48.01 -10.75 13.63
C2D BCL Q . 46.62 -10.57 14.06
C3D BCL Q . 46.07 -11.24 12.95
C4D BCL Q . 46.98 -11.74 12.21
CMD BCL Q . 45.85 -9.85 15.12
CAD BCL Q . 44.81 -11.54 12.36
OBD BCL Q . 43.70 -11.35 12.82
CBD BCL Q . 45.03 -12.31 11.16
CGD BCL Q . 44.10 -13.44 11.02
O1D BCL Q . 43.40 -13.41 10.15
O2D BCL Q . 43.72 -14.53 11.76
CED BCL Q . 44.37 -15.71 11.82
C1 BCL Q . 43.45 -14.47 6.72
C2 BCL Q . 43.11 -15.81 6.07
C3 BCL Q . 43.28 -17.06 6.55
C4 BCL Q . 43.86 -17.41 7.86
C5 BCL Q . 42.89 -18.26 5.73
C6 BCL Q . 43.70 -19.48 6.05
C7 BCL Q . 43.20 -20.74 5.40
C8 BCL Q . 43.84 -21.15 4.09
C9 BCL Q . 43.06 -22.20 3.40
C10 BCL Q . 45.18 -21.80 4.30
C11 BCL Q . 46.27 -21.15 3.44
C12 BCL Q . 47.69 -21.72 3.32
C13 BCL Q . 48.79 -20.68 3.49
C14 BCL Q . 48.82 -19.44 2.60
C15 BCL Q . 50.06 -21.45 3.27
C16 BCL Q . 51.04 -20.87 4.25
C17 BCL Q . 50.52 -21.02 5.66
C18 BCL Q . 51.55 -20.55 6.71
C19 BCL Q . 52.26 -19.20 6.37
C20 BCL Q . 52.62 -21.61 6.96
MG BCL R . 34.95 -13.89 -11.32
CHA BCL R . 37.61 -12.12 -10.26
CHB BCL R . 33.74 -13.96 -8.31
CHC BCL R . 32.16 -15.12 -12.73
CHD BCL R . 36.04 -13.32 -14.49
NA BCL R . 35.58 -13.24 -9.47
C1A BCL R . 36.66 -12.62 -9.24
C2A BCL R . 36.83 -12.35 -7.81
C3A BCL R . 35.73 -13.16 -7.21
C4A BCL R . 34.95 -13.50 -8.38
CMA BCL R . 36.22 -14.35 -6.39
CAA BCL R . 36.77 -10.82 -7.56
CBA BCL R . 36.69 -10.26 -6.16
CGA BCL R . 38.01 -10.40 -5.53
O1A BCL R . 38.29 -11.19 -4.84
O2A BCL R . 39.11 -9.79 -5.96
NB BCL R . 33.16 -14.46 -10.61
C1B BCL R . 32.85 -14.46 -9.34
C2B BCL R . 31.58 -14.85 -9.15
C3B BCL R . 31.15 -15.24 -10.44
C4B BCL R . 32.15 -14.87 -11.32
CMB BCL R . 30.83 -15.00 -7.87
CAB BCL R . 29.78 -15.78 -10.74
OBB BCL R . 29.40 -16.40 -11.63
CBB BCL R . 28.82 -15.48 -9.83
NC BCL R . 34.22 -14.19 -13.24
C1C BCL R . 33.08 -14.81 -13.57
C2C BCL R . 32.85 -14.92 -15.00
C3C BCL R . 33.91 -13.99 -15.53
C4C BCL R . 34.77 -13.81 -14.31
CMC BCL R . 32.85 -16.26 -15.65
CAC BCL R . 33.38 -12.73 -16.23
CBC BCL R . 32.46 -11.83 -15.50
ND BCL R . 36.51 -12.90 -12.33
C1D BCL R . 36.90 -12.67 -13.52
C2D BCL R . 38.09 -11.97 -13.75
C3D BCL R . 38.30 -11.70 -12.37
C4D BCL R . 37.45 -12.30 -11.66
CMD BCL R . 38.79 -11.52 -14.97
CAD BCL R . 39.27 -11.10 -11.49
OBD BCL R . 40.19 -10.38 -11.76
CBD BCL R . 38.79 -11.32 -10.12
CGD BCL R . 39.79 -12.01 -9.24
O1D BCL R . 39.99 -11.68 -8.22
O2D BCL R . 40.77 -12.94 -9.22
CED BCL R . 40.99 -13.93 -10.06
C1 BCL R . 40.35 -9.63 -5.33
C2 BCL R . 41.17 -8.69 -6.08
C3 BCL R . 41.77 -7.72 -5.45
C4 BCL R . 41.67 -7.56 -4.00
C5 BCL R . 42.63 -6.78 -6.22
C6 BCL R . 41.97 -5.47 -6.46
MG BCL S . 45.91 -1.35 6.81
CHA BCL S . 45.28 -4.43 5.91
CHB BCL S . 43.63 -0.17 4.84
CHC BCL S . 47.23 1.64 7.35
CHD BCL S . 48.43 -2.50 8.88
NA BCL S . 44.59 -2.17 5.44
C1A BCL S . 44.45 -3.37 5.27
C2A BCL S . 43.34 -3.61 4.36
C3A BCL S . 42.68 -2.31 4.28
C4A BCL S . 43.71 -1.49 4.86
CMA BCL S . 42.29 -2.03 2.85
CAA BCL S . 42.41 -4.80 4.67
CBA BCL S . 41.51 -4.77 5.89
CGA BCL S . 40.95 -6.00 6.56
O1A BCL S . 40.83 -5.59 7.62
O2A BCL S . 40.47 -7.46 6.21
NB BCL S . 45.50 0.57 6.11
C1B BCL S . 44.53 0.88 5.38
C2B BCL S . 44.50 2.26 5.04
C3B BCL S . 45.52 2.78 5.78
C4B BCL S . 46.08 1.65 6.46
CMB BCL S . 43.47 2.98 4.19
CAB BCL S . 45.86 4.20 5.84
OBB BCL S . 46.75 4.66 6.32
CBB BCL S . 44.91 5.12 5.38
NC BCL S . 47.40 -0.55 7.98
C1C BCL S . 47.74 0.72 8.02
C2C BCL S . 48.94 0.99 8.83
C3C BCL S . 49.23 -0.27 9.48
C4C BCL S . 48.26 -1.10 8.75
CMC BCL S . 50.15 1.46 8.06
CAC BCL S . 48.80 -0.20 10.93
CBC BCL S . 49.88 0.04 11.90
ND BCL S . 46.82 -3.09 7.31
C1D BCL S . 47.70 -3.49 8.16
C2D BCL S . 47.92 -4.89 8.24
C3D BCL S . 46.90 -5.19 7.32
C4D BCL S . 46.26 -4.17 6.90
CMD BCL S . 48.81 -5.80 8.90
CAD BCL S . 46.28 -6.30 6.72
OBD BCL S . 46.54 -7.40 6.89
CBD BCL S . 45.25 -5.88 5.83
CGD BCL S . 45.52 -6.41 4.49
O1D BCL S . 44.80 -7.02 4.04
O2D BCL S . 46.43 -6.20 3.49
CED BCL S . 47.32 -7.02 2.89
C1 BCL S . 40.97 -8.62 5.35
C2 BCL S . 40.03 -9.79 4.98
C3 BCL S . 40.09 -11.08 4.32
C4 BCL S . 41.42 -11.22 3.73
C5 BCL S . 38.93 -12.18 4.17
C6 BCL S . 38.80 -13.80 3.83
C7 BCL S . 39.29 -14.78 2.66
C8 BCL S . 39.26 -16.40 2.72
C9 BCL S . 40.41 -17.25 3.21
C10 BCL S . 38.90 -17.21 1.49
C11 BCL S . 39.54 -18.58 1.14
C12 BCL S . 39.72 -18.86 -0.33
C13 BCL S . 40.38 -20.11 -0.94
C14 BCL S . 41.86 -20.21 -1.14
C15 BCL S . 39.95 -20.35 -2.34
MG BCL T . 21.96 -11.02 2.85
CHA BCL T . 22.53 -14.33 2.51
CHB BCL T . 20.36 -11.02 0.01
CHC BCL T . 20.52 -8.17 3.75
CHD BCL T . 23.39 -11.11 5.95
NA BCL T . 21.54 -12.40 1.48
C1A BCL T . 21.82 -13.62 1.45
C2A BCL T . 21.41 -14.32 0.21
C3A BCL T . 20.83 -13.23 -0.55
C4A BCL T . 20.90 -12.13 0.38
CMA BCL T . 21.83 -12.99 -1.59
CAA BCL T . 20.22 -15.19 0.30
CBA BCL T . 20.07 -15.92 1.58
CGA BCL T . 19.03 -15.15 2.25
O1A BCL T . 18.01 -15.20 1.74
O2A BCL T . 19.20 -14.34 3.40
NB BCL T . 20.62 -9.77 2.00
C1B BCL T . 20.05 -9.91 0.83
C2B BCL T . 19.10 -8.93 0.40
C3B BCL T . 19.22 -8.09 1.55
C4B BCL T . 20.13 -8.69 2.47
CMB BCL T . 18.32 -8.85 -0.83
CAB BCL T . 18.45 -6.95 1.83
OBB BCL T . 18.80 -6.34 2.75
CBB BCL T . 17.25 -6.71 1.05
NC BCL T . 22.10 -9.76 4.39
C1C BCL T . 21.48 -8.63 4.52
C2C BCL T . 21.89 -7.90 5.72
C3C BCL T . 22.97 -8.73 6.23
C4C BCL T . 22.78 -9.91 5.43
CMC BCL T . 22.46 -6.59 5.33
CAC BCL T . 22.73 -9.18 7.63
CBC BCL T . 22.78 -8.03 8.56
ND BCL T . 22.80 -12.38 4.09
C1D BCL T . 23.35 -12.35 5.27
C2D BCL T . 23.84 -13.63 5.70
C3D BCL T . 23.45 -14.42 4.55
C4D BCL T . 22.89 -13.64 3.70
CMD BCL T . 24.49 -14.08 6.94
CAD BCL T . 23.48 -15.72 3.94
OBD BCL T . 23.88 -16.75 4.42
CBD BCL T . 22.80 -15.76 2.68
CGD BCL T . 23.63 -16.49 1.75
O1D BCL T . 24.65 -16.07 1.60
O2D BCL T . 23.36 -17.67 1.05
CED BCL T . 24.35 -18.39 0.41
C1 BCL T . 18.14 -13.64 3.99
C2 BCL T . 18.28 -12.16 4.03
C3 BCL T . 17.23 -11.46 4.41
C4 BCL T . 15.98 -12.07 4.83
C5 BCL T . 17.23 -10.00 4.47
C6 BCL T . 16.68 -9.55 5.77
C7 BCL T . 17.83 -9.34 6.68
C8 BCL T . 17.51 -8.54 7.88
C9 BCL T . 17.86 -7.13 7.59
C10 BCL T . 18.46 -9.04 8.89
C11 BCL T . 19.01 -7.98 9.79
C12 BCL T . 19.05 -8.57 11.20
C13 BCL T . 19.92 -7.87 12.24
C14 BCL T . 19.52 -8.51 13.54
C15 BCL T . 19.67 -6.39 12.39
C16 BCL T . 20.92 -5.55 12.49
C17 BCL T . 20.41 -4.13 12.60
C18 BCL T . 21.41 -3.10 12.16
C19 BCL T . 22.73 -3.63 12.59
C20 BCL T . 21.16 -1.73 12.74
MG BCL U . 30.48 -11.25 0.58
CHA BCL U . 30.29 -13.69 -1.82
CHB BCL U . 27.60 -12.54 1.65
CHC BCL U . 30.91 -9.48 3.20
CHD BCL U . 33.55 -10.41 -0.48
NA BCL U . 29.12 -12.84 0.03
C1A BCL U . 29.15 -13.68 -0.95
C2A BCL U . 27.92 -14.45 -1.15
C3A BCL U . 27.06 -14.02 -0.07
C4A BCL U . 28.00 -13.09 0.58
CMA BCL U . 25.74 -13.53 -0.62
CAA BCL U . 27.81 -15.94 -1.28
CBA BCL U . 28.80 -16.80 -0.73
CGA BCL U . 28.65 -16.79 0.70
O1A BCL U . 29.56 -16.48 1.06
O2A BCL U . 27.78 -16.98 1.77
NB BCL U . 29.34 -11.00 2.28
C1B BCL U . 28.23 -11.58 2.52
C2B BCL U . 27.58 -11.26 3.70
C3B BCL U . 28.55 -10.37 4.24
C4B BCL U . 29.60 -10.23 3.25
CMB BCL U . 26.31 -11.76 4.25
CAB BCL U . 28.59 -9.66 5.50
OBB BCL U . 29.42 -9.05 5.59
CBB BCL U . 27.56 -9.60 6.45
NC BCL U . 31.99 -10.06 1.28
C1C BCL U . 31.90 -9.37 2.31
C2C BCL U . 33.02 -8.44 2.45
C3C BCL U . 33.98 -9.04 1.50
C4C BCL U . 33.08 -9.90 0.78
CMC BCL U . 32.73 -7.00 2.07
CAC BCL U . 35.12 -9.93 2.02
CBC BCL U . 36.14 -9.16 2.71
ND BCL U . 31.73 -11.92 -0.80
C1D BCL U . 32.90 -11.48 -1.18
C2D BCL U . 33.41 -12.21 -2.33
C3D BCL U . 32.31 -13.05 -2.47
C4D BCL U . 31.40 -12.80 -1.65
CMD BCL U . 34.62 -12.16 -3.13
CAD BCL U . 31.93 -14.06 -3.41
OBD BCL U . 32.49 -14.56 -4.26
CBD BCL U . 30.71 -14.52 -2.91
CGD BCL U . 29.83 -14.97 -3.92
O1D BCL U . 29.97 -16.08 -3.93
O2D BCL U . 28.86 -14.69 -4.79
CED BCL U . 27.86 -15.68 -5.29
C1 BCL U . 27.90 -16.49 3.13
C2 BCL U . 28.14 -15.19 3.84
C3 BCL U . 28.17 -14.97 5.24
C4 BCL U . 27.90 -15.94 6.31
C5 BCL U . 28.45 -13.67 5.96
C6 BCL U . 29.72 -13.66 6.79
C7 BCL U . 30.46 -12.37 6.73
C8 BCL U . 31.88 -12.40 7.30
C9 BCL U . 32.18 -11.02 7.67
C10 BCL U . 33.22 -12.54 6.55
C11 BCL U . 33.28 -13.28 5.29
C12 BCL U . 33.17 -12.61 3.97
C13 BCL U . 33.33 -13.36 2.63
C14 BCL U . 32.04 -13.86 2.08
C15 BCL U . 34.46 -14.28 2.27
C16 BCL U . 34.31 -14.73 0.80
C17 BCL U . 35.37 -15.64 0.14
C18 BCL U . 34.95 -16.78 -0.80
C19 BCL U . 35.86 -17.92 -1.14
C20 BCL U . 34.23 -16.36 -2.05
MG CLA V . -1.01 -1.41 14.76
CHA CLA V . 0.59 -2.37 11.77
CHB CLA V . -1.75 -4.63 15.28
CHC CLA V . -1.24 -0.72 18.08
CHD CLA V . 0.41 1.68 14.38
NA CLA V . -0.71 -3.17 13.68
C1A CLA V . -0.14 -3.37 12.57
C2A CLA V . -0.24 -4.78 12.04
C3A CLA V . -1.34 -5.26 12.95
C4A CLA V . -1.29 -4.28 14.07
CMA CLA V . -2.65 -5.35 12.19
CAA CLA V . 1.08 -5.59 11.93
CBA CLA V . 1.23 -7.03 11.34
CGA CLA V . 0.95 -8.22 12.19
O1A CLA V . 0.39 -8.17 13.23
O2A CLA V . 1.29 -9.53 11.82
NB CLA V . -1.34 -2.60 16.48
C1B CLA V . -1.74 -3.80 16.51
C2B CLA V . -2.01 -4.30 17.81
C3B CLA V . -1.88 -3.08 18.54
C4B CLA V . -1.50 -2.10 17.65
CMB CLA V . -2.43 -5.65 18.26
CAB CLA V . -1.97 -2.74 19.95
CBB CLA V . -2.28 -3.46 20.83
NC CLA V . -0.47 0.21 16.04
C1C CLA V . -0.71 0.38 17.33
C2C CLA V . -0.35 1.60 17.89
C3C CLA V . 0.12 2.33 16.78
C4C CLA V . -0.08 1.39 15.72
CMC CLA V . -0.49 2.14 19.29
CAC CLA V . 0.62 3.76 16.72
CBC CLA V . -0.59 4.48 16.21
ND CLA V . 0.38 -0.61 13.48
C1D CLA V . 0.73 0.74 13.33
C2D CLA V . 1.48 0.97 12.17
C3D CLA V . 1.40 -0.36 11.60
C4D CLA V . 0.66 -1.09 12.28
CMD CLA V . 2.31 2.08 11.64
CAD CLA V . 1.88 -1.14 10.50
OBD CLA V . 2.60 -0.76 9.61
CBD CLA V . 1.33 -2.51 10.44
CGD CLA V . 0.53 -2.64 9.15
O1D CLA V . -0.58 -2.61 9.04
O2D CLA V . 0.87 -2.51 7.81
CED CLA V . 0.38 -2.83 6.60
C1 CLA V . 0.98 -10.75 12.46
C2 CLA V . 1.59 -11.77 11.60
C3 CLA V . 1.00 -12.84 11.15
C4 CLA V . -0.40 -13.19 11.47
C5 CLA V . 1.78 -13.75 10.25
C6 CLA V . 1.80 -15.24 10.51
C7 CLA V . 2.29 -15.66 11.87
C8 CLA V . 1.54 -16.48 12.80
C9 CLA V . 0.27 -17.33 12.53
C10 CLA V . 2.28 -16.77 14.04
C11 CLA V . 2.14 -16.07 15.37
C12 CLA V . 2.44 -14.63 15.29
C13 CLA V . 1.73 -13.66 16.22
C14 CLA V . 2.25 -12.31 15.90
C15 CLA V . 1.84 -14.05 17.70
C16 CLA V . 1.14 -13.13 18.67
C17 CLA V . -0.01 -13.70 19.48
C18 CLA V . -0.36 -12.86 20.70
C19 CLA V . -1.83 -12.61 20.82
C20 CLA V . 0.22 -13.45 21.95
MG CLA W . 35.64 -22.48 -0.12
CHA CLA W . 33.45 -20.88 -2.20
CHB CLA W . 37.18 -23.62 -2.84
CHC CLA W . 38.38 -22.82 1.78
CHD CLA W . 34.60 -20.10 2.43
NA CLA W . 35.32 -22.43 -2.20
C1A CLA W . 34.36 -21.86 -2.78
C2A CLA W . 34.37 -21.98 -4.25
C3A CLA W . 35.42 -23.10 -4.38
C4A CLA W . 36.02 -23.10 -3.03
CMA CLA W . 34.93 -24.41 -4.92
CAA CLA W . 34.78 -20.67 -4.96
CBA CLA W . 36.24 -20.32 -4.69
CGA CLA W . 36.63 -18.91 -4.83
O1A CLA W . 35.88 -18.16 -5.16
O2A CLA W . 37.86 -18.33 -4.52
NB CLA W . 37.56 -23.06 -0.54
C1B CLA W . 38.01 -23.52 -1.67
C2B CLA W . 39.35 -23.99 -1.58
C3B CLA W . 39.61 -23.74 -0.19
C4B CLA W . 38.44 -23.21 0.40
CMB CLA W . 40.23 -24.62 -2.61
CAB CLA W . 40.76 -23.94 0.62
CBB CLA W . 41.74 -24.69 0.36
NC CLA W . 36.39 -21.64 1.73
C1C CLA W . 37.42 -21.92 2.40
C2C CLA W . 37.61 -21.28 3.66
C3C CLA W . 36.49 -20.52 3.87
C4C CLA W . 35.82 -20.82 2.64
CMC CLA W . 38.74 -21.43 4.56
CAC CLA W . 36.13 -19.61 5.00
CBC CLA W . 36.58 -18.20 4.91
ND CLA W . 34.50 -20.77 -0.01
C1D CLA W . 33.96 -20.02 1.14
C2D CLA W . 32.95 -19.10 0.79
C3D CLA W . 32.84 -19.50 -0.58
C4D CLA W . 33.52 -20.55 -0.84
CMD CLA W . 32.21 -18.00 1.42
CAD CLA W . 31.97 -19.25 -1.68
OBD CLA W . 31.16 -18.35 -1.81
CBD CLA W . 32.41 -20.07 -2.77
CGD CLA W . 31.29 -20.89 -3.22
O1D CLA W . 30.69 -21.64 -2.61
O2D CLA W . 30.91 -20.82 -4.48
CED CLA W . 30.34 -21.85 -5.17
C1 CLA W . 38.16 -17.00 -4.58
C2 CLA W . 39.43 -16.85 -3.85
C3 CLA W . 40.34 -15.96 -4.19
C4 CLA W . 40.15 -15.12 -5.40
C5 CLA W . 41.64 -15.81 -3.50
C6 CLA W . 41.85 -14.67 -2.55
C7 CLA W . 40.65 -13.78 -2.37
C8 CLA W . 40.27 -13.05 -1.22
C9 CLA W . 41.48 -12.86 -0.18
C10 CLA W . 39.14 -12.38 -1.01
C11 CLA W . 39.36 -10.95 -0.62
C12 CLA W . 38.12 -10.15 -0.48
C13 CLA W . 38.05 -8.69 -0.88
C14 CLA W . 37.36 -8.55 -2.20
C15 CLA W . 39.28 -7.74 -0.79
C16 CLA W . 39.85 -7.47 0.59
C17 CLA W . 40.83 -6.33 0.55
C18 CLA W . 42.29 -6.61 0.77
C19 CLA W . 42.80 -7.98 0.37
C20 CLA W . 43.25 -5.52 0.39
MG CLA X . 30.80 -2.39 16.48
CHA CLA X . 30.55 -2.18 19.85
CHB CLA X . 32.96 -4.79 16.84
CHC CLA X . 29.93 -3.49 13.37
CHD CLA X . 27.54 -0.78 16.32
NA CLA X . 31.60 -3.40 18.08
C1A CLA X . 31.50 -3.09 19.29
C2A CLA X . 32.46 -3.70 20.21
C3A CLA X . 33.38 -4.25 19.17
C4A CLA X . 32.63 -4.17 17.93
CMA CLA X . 34.77 -3.75 19.47
CAA CLA X . 32.04 -4.74 21.22
CBA CLA X . 31.07 -5.80 20.75
CGA CLA X . 30.27 -6.73 21.66
O1A CLA X . 30.41 -6.86 22.83
O2A CLA X . 29.26 -7.60 21.12
NB CLA X . 31.34 -3.95 15.21
C1B CLA X . 32.28 -4.79 15.52
C2B CLA X . 32.61 -5.71 14.53
C3B CLA X . 31.72 -5.22 13.51
C4B CLA X . 30.92 -4.25 14.06
CMB CLA X . 33.63 -6.78 14.49
CAB CLA X . 31.48 -5.82 12.18
CBB CLA X . 32.28 -6.55 11.55
NC CLA X . 29.09 -2.18 15.17
C1C CLA X . 28.93 -2.64 13.95
C2C CLA X . 27.76 -2.45 13.18
C3C CLA X . 27.03 -1.61 14.07
C4C CLA X . 27.96 -1.50 15.16
CMC CLA X . 27.39 -2.92 11.81
CAC CLA X . 25.65 -1.00 13.80
CBC CLA X . 25.84 0.12 12.83
ND CLA X . 29.26 -1.89 17.75
C1D CLA X . 28.24 -0.98 17.54
C2D CLA X . 27.86 -0.42 18.75
C3D CLA X . 28.80 -0.91 19.66
C4D CLA X . 29.57 -1.64 19.02
CMD CLA X . 26.75 0.49 19.15
CAD CLA X . 29.20 -0.88 21.05
OBD CLA X . 28.70 -0.21 21.92
CBD CLA X . 30.36 -1.69 21.24
CGD CLA X . 31.43 -0.99 21.98
O1D CLA X . 32.10 -0.19 21.60
O2D CLA X . 31.76 -1.28 23.24
CED CLA X . 32.43 -0.44 24.15
C1 CLA X . 28.54 -8.61 21.82
C1 LYC Y . 44.97 -6.35 13.69
C2 LYC Y . 45.37 -6.08 12.29
C3 LYC Y . 46.10 -4.87 11.98
C4 LYC Y . 44.96 -7.01 11.44
C5 LYC Y . 44.93 -7.19 10.02
C6 LYC Y . 43.52 -7.24 9.57
C7 LYC Y . 42.98 -8.63 9.32
C8 LYC Y . 43.74 -9.66 8.55
C9 LYC Y . 41.78 -8.87 9.74
C10 LYC Y . 41.27 -10.15 9.49
C11 LYC Y . 40.06 -10.39 9.70
C12 LYC Y . 39.36 -11.58 9.49
C13 LYC Y . 39.81 -12.71 8.74
C14 LYC Y . 38.17 -11.65 9.94
C15 LYC Y . 37.29 -12.72 9.71
C16 LYC Y . 36.04 -12.73 10.15
C17 LYC Y . 34.99 -13.76 9.88
C18 LYC Y . 35.22 -14.87 8.97
C19 LYC Y . 33.80 -13.74 10.42
C20 LYC Y . 32.75 -14.70 10.09
C21 LYC Y . 31.57 -14.67 10.66
C50 LYC Y . 30.39 -15.45 10.40
C51 LYC Y . 29.17 -15.27 10.88
C52 LYC Y . 28.86 -14.24 11.87
C53 LYC Y . 28.04 -16.07 10.44
C54 LYC Y . 26.79 -15.76 10.63
C55 LYC Y . 25.84 -16.60 9.97
C56 LYC Y . 24.55 -16.49 9.92
C57 LYC Y . 23.62 -15.57 10.60
C58 LYC Y . 23.92 -17.38 8.97
C59 LYC Y . 22.72 -17.14 8.64
C60 LYC Y . 22.03 -17.77 7.58
C61 LYC Y . 20.81 -17.70 7.07
C62 LYC Y . 20.44 -18.39 5.80
C63 LYC Y . 19.63 -17.05 7.74
C64 LYC Y . 19.02 -15.87 7.05
C65 LYC Y . 20.05 -14.77 7.10
C66 LYC Y . 19.66 -13.65 7.66
C67 LYC Y . 18.30 -13.57 8.14
C68 LYC Y . 20.50 -12.46 7.87
CA CA Z . 10.53 -7.58 -8.48
C1 85I AA . 18.51 -0.63 -14.01
O1 85I AA . 21.91 -1.88 -16.43
O2 85I AA . 21.06 -0.04 -17.53
C2 85I AA . 19.98 -0.59 -14.27
C3 85I AA . 23.53 1.21 -14.72
C4 85I AA . 23.03 1.24 -13.54
C5 85I AA . 23.92 0.32 -11.66
C6 85I AA . 23.27 0.15 -10.39
C7 85I AA . 23.95 -0.84 -9.52
C8 85I AA . 23.56 -0.50 -8.15
N 85I AA . 17.96 -1.99 -14.25
C 85I AA . 16.53 -2.12 -14.01
O 85I AA . 20.30 -0.69 -15.69
C9 85I AA . 24.56 -0.88 -7.18
O3 85I AA . 22.65 0.67 -15.69
O4 85I AA . 23.06 0.27 -12.52
O7 85I AA . 24.74 4.20 -14.83
C20 85I AA . 24.31 3.38 -14.13
C21 85I AA . 24.65 3.44 -12.70
C22 85I AA . 26.02 4.05 -12.43
C23 85I AA . 26.32 4.53 -10.93
C24 85I AA . 27.21 5.80 -10.79
C25 85I AA . 26.55 7.17 -10.32
C26 85I AA . 27.55 8.28 -9.88
C27 85I AA . 27.15 9.22 -8.74
C28 85I AA . 28.18 9.70 -7.61
C29 85I AA . 27.91 9.42 -6.06
C30 85I AA . 28.63 10.31 -5.00
C31 85I AA . 28.47 9.91 -3.52
C32 85I AA . 29.27 10.64 -2.35
C34 85I AA . 28.99 10.45 -0.94
C33 85I AA . 29.86 11.88 -2.51
O6 85I AA . 23.30 2.56 -14.48
P 85I AA . 21.59 -0.54 -16.29
O5 85I AA . 25.04 0.30 -11.92
C10 85I AA . 25.46 0.25 -6.87
C11 85I AA . 24.86 1.42 -6.18
C12 85I AA . 25.84 2.29 -5.46
C13 85I AA . 25.88 3.72 -5.95
C14 85I AA . 26.81 4.70 -5.21
C15 85I AA . 27.43 4.30 -3.84
C16 85I AA . 27.86 5.44 -2.98
C17 85I AA . 28.58 5.06 -1.74
C19 85I AA . 29.90 4.40 -1.91
C18 85I AA . 28.72 6.30 -1.05
C1 85I BA . 7.03 -3.24 30.01
O1 85I BA . 7.91 -0.51 27.29
O2 85I BA . 10.14 -1.54 27.55
C2 85I BA . 7.16 -3.21 28.52
C3 85I BA . 8.78 -3.12 24.28
C4 85I BA . 10.45 -3.40 24.11
C5 85I BA . 12.57 -4.27 23.53
C6 85I BA . 13.34 -5.39 22.99
C7 85I BA . 13.65 -6.25 24.16
C8 85I BA . 13.70 -7.65 23.76
N 85I BA . 6.57 -4.57 30.48
C 85I BA . 5.12 -4.79 30.20
O 85I BA . 8.45 -2.66 28.18
C9 85I BA . 14.43 -7.82 22.49
O3 85I BA . 8.63 -2.05 25.23
O4 85I BA . 11.24 -4.34 23.33
O7 85I BA . 6.61 -1.48 23.03
C20 85I BA . 6.84 -2.60 22.81
C21 85I BA . 5.75 -3.50 22.31
C22 85I BA . 4.68 -3.85 23.28
C23 85I BA . 4.95 -5.22 23.87
C24 85I BA . 3.84 -5.83 24.66
C25 85I BA . 4.24 -6.06 26.10
C26 85I BA . 3.64 -7.26 26.75
C27 85I BA . 2.46 -6.97 27.70
C28 85I BA . 2.75 -7.16 29.14
C29 85I BA . 1.92 -6.28 30.11
C30 85I BA . 0.80 -6.95 30.89
C31 85I BA . -0.20 -5.98 31.50
C32 85I BA . -1.41 -6.40 32.34
C34 85I BA . -1.91 -7.79 32.21
C33 85I BA . -1.58 -5.97 33.74
O6 85I BA . 8.10 -3.18 22.91
P 85I BA . 8.78 -1.66 27.02
O5 85I BA . 13.13 -3.45 24.16
C10 85I BA . 13.59 -8.47 21.56
C11 85I BA . 14.20 -9.62 20.88
C12 85I BA . 13.28 -10.18 19.84
C13 85I BA . 12.29 -11.17 20.35
C14 85I BA . 11.66 -12.12 19.31
C15 85I BA . 12.32 -13.52 19.26
C16 85I BA . 11.43 -14.76 19.35
C17 85I BA . 10.92 -15.44 18.10
C19 85I BA . 11.85 -15.57 16.89
C18 85I BA . 10.38 -16.80 18.46
C1 85I CA . 17.91 0.04 34.49
O1 85I CA . 19.02 -1.91 30.89
O2 85I CA . 17.15 -0.48 29.92
C2 85I CA . 18.17 0.01 33.01
C3 85I CA . 16.03 -3.69 30.40
C4 85I CA . 16.83 -4.92 29.57
C5 85I CA . 16.79 -5.68 27.32
C6 85I CA . 16.79 -7.17 27.33
C7 85I CA . 16.88 -7.78 25.94
C8 85I CA . 18.30 -8.15 25.54
N 85I CA . 16.48 -0.17 34.79
C 85I CA . 16.08 -1.60 34.83
O 85I CA . 17.26 -0.90 32.36
C9 85I CA . 18.42 -9.50 24.85
O3 85I CA . 16.70 -2.85 30.81
O4 85I CA . 17.52 -5.19 28.33
O7 85I CA . 14.44 -3.28 27.69
C20 85I CA . 14.04 -3.53 28.80
C21 85I CA . 12.63 -3.88 29.15
C22 85I CA . 11.75 -4.10 27.92
C23 85I CA . 11.56 -5.57 27.59
C24 85I CA . 10.28 -6.17 28.14
C25 85I CA . 9.48 -6.95 27.11
C26 85I CA . 8.61 -6.08 26.22
C27 85I CA . 7.95 -6.83 25.07
C28 85I CA . 8.61 -8.16 24.74
C29 85I CA . 9.09 -8.27 23.31
C30 85I CA . 7.97 -8.27 22.28
C31 85I CA . 8.19 -7.31 21.12
C32 85I CA . 8.02 -7.91 19.73
C34 85I CA . 9.21 -7.59 18.84
C33 85I CA . 6.73 -7.46 19.08
O6 85I CA . 14.82 -3.51 29.89
P 85I CA . 17.60 -1.48 30.91
O5 85I CA . 16.23 -4.99 26.51
C10 85I CA . 17.08 -10.13 24.51
C11 85I CA . 16.79 -11.41 25.30
C12 85I CA . 15.42 -12.00 25.02
C13 85I CA . 14.72 -11.40 23.82
C14 85I CA . 15.37 -11.71 22.49
C15 85I CA . 15.83 -13.16 22.37
C16 85I CA . 14.70 -14.16 22.18
C17 85I CA . 15.05 -15.41 21.40
C19 85I CA . 14.83 -16.67 22.23
C18 85I CA . 16.47 -15.37 20.86
C21 UNL DA . 30.34 14.05 -24.32
C20 UNL DA . 30.05 13.88 -25.78
C19 UNL DA . 28.62 13.97 -26.12
C18 UNL DA . 28.16 14.21 -27.53
C17 UNL DA . 27.92 12.94 -28.28
C16 UNL DA . 26.50 12.53 -28.53
C15 UNL DA . 26.36 11.67 -29.78
C14 UNL DA . 24.99 11.73 -30.41
C13 UNL DA . 25.06 11.77 -31.88
C12 UNL DA . 26.04 12.80 -32.39
C11 UNL DA . 25.82 13.33 -33.77
C10 UNL DA . 27.08 13.75 -34.50
C9 UNL DA . 28.23 14.24 -33.63
C8 UNL DA . 28.85 13.23 -32.68
C7 UNL DA . 30.02 13.65 -31.78
C6 UNL DA . 29.98 13.00 -30.37
C5 UNL DA . 31.26 12.47 -29.82
C4 UNL DA . 31.51 12.73 -28.35
C3 UNL DA . 32.33 11.70 -27.61
C2 UNL DA . 32.15 11.68 -26.12
C1 UNL DA . 33.37 11.31 -25.33
C UNL DA . 33.16 11.38 -23.86
C21 UNL EA . 38.45 11.68 -2.02
C20 UNL EA . 39.04 12.06 -0.69
C19 UNL EA . 38.81 13.50 -0.33
C18 UNL EA . 38.84 13.85 1.10
C17 UNL EA . 40.18 14.03 1.66
C16 UNL EA . 40.37 15.31 2.42
C15 UNL EA . 41.39 15.13 3.54
C14 UNL EA . 42.08 16.33 4.04
C13 UNL EA . 42.43 17.21 2.95
C12 UNL EA . 43.11 18.41 3.38
C11 UNL EA . 44.43 18.10 4.00
C10 UNL EA . 45.60 18.83 3.42
C9 UNL EA . 45.78 20.15 4.11
C8 UNL EA . 47.14 20.87 3.92
C7 UNL EA . 47.95 20.38 2.71
C6 UNL EA . 48.37 18.90 2.75
C5 UNL EA . 48.44 18.11 1.43
C4 UNL EA . 47.16 17.34 1.10
C3 UNL EA . 47.28 15.84 0.93
C2 UNL EA . 45.94 15.17 0.71
C1 UNL EA . 45.78 13.86 1.40
C UNL EA . 44.50 13.17 1.17
C21 UNL FA . 56.20 5.62 5.36
C20 UNL FA . 54.92 5.35 4.80
C19 UNL FA . 53.90 6.45 4.98
C18 UNL FA . 52.52 6.08 5.52
C17 UNL FA . 51.53 5.61 4.49
C16 UNL FA . 51.47 4.10 4.45
C15 UNL FA . 50.31 3.58 3.74
C14 UNL FA . 49.76 2.43 4.39
C13 UNL FA . 49.33 1.41 3.48
C12 UNL FA . 47.89 1.07 3.55
C11 UNL FA . 47.72 -0.34 3.74
C10 UNL FA . 46.81 -0.97 2.75
C9 UNL FA . 47.00 -2.42 2.62
C8 UNL FA . 46.30 -3.04 1.48
C7 UNL FA . 47.17 -3.48 0.36
C6 UNL FA . 46.48 -3.71 -0.94
C5 UNL FA . 47.01 -2.89 -2.12
C21 UNL GA . 36.04 -13.53 27.05
C20 UNL GA . 36.51 -14.98 26.63
C19 UNL GA . 35.55 -15.66 25.77
C18 UNL GA . 34.24 -14.98 25.77
C17 UNL GA . 33.93 -14.24 24.46
C16 UNL GA . 33.21 -15.12 23.48
C15 UNL GA . 33.53 -16.61 23.63
C14 UNL GA . 33.37 -17.42 22.38
C13 UNL GA . 33.15 -18.93 22.59
C12 UNL GA . 33.21 -19.81 21.32
C11 UNL GA . 33.51 -21.31 21.58
C10 UNL GA . 34.79 -21.86 20.98
C9 UNL GA . 34.73 -23.31 20.55
C8 UNL GA . 36.07 -23.96 20.50
C7 UNL GA . 36.13 -25.35 20.04
C6 UNL GA . 37.47 -25.91 20.35
C5 UNL GA . 37.73 -27.18 19.70
C4 UNL GA . 37.86 -28.37 20.66
C3 UNL GA . 38.74 -28.20 21.90
C2 UNL GA . 39.25 -29.48 22.50
C1 UNL GA . 38.50 -30.70 22.11
C UNL GA . 39.13 -31.96 22.60
C17 UNL HA . 32.99 -39.54 -3.15
C16 UNL HA . 31.80 -39.38 -4.06
C15 UNL HA . 32.15 -39.41 -5.53
C14 UNL HA . 33.41 -38.70 -5.90
C13 UNL HA . 33.29 -37.23 -5.59
C12 UNL HA . 33.80 -36.29 -6.62
C11 UNL HA . 34.92 -35.41 -6.08
C10 UNL HA . 34.73 -33.97 -6.20
C9 UNL HA . 35.02 -33.31 -4.88
C8 UNL HA . 36.03 -32.30 -4.97
C7 UNL HA . 36.93 -32.22 -3.80
C6 UNL HA . 38.02 -31.20 -3.95
C5 UNL HA . 39.42 -31.50 -3.39
C4 UNL HA . 40.46 -30.46 -3.82
C3 UNL HA . 41.64 -30.26 -2.90
C2 UNL HA . 42.15 -28.86 -2.88
C1 UNL HA . 43.61 -28.76 -2.48
C UNL HA . 44.03 -27.41 -2.00
C16 UNL IA . 12.01 -34.56 1.85
C15 UNL IA . 12.20 -33.90 3.12
C14 UNL IA . 13.16 -34.63 3.99
C13 UNL IA . 14.43 -33.86 4.41
C12 UNL IA . 15.01 -32.90 3.37
C11 UNL IA . 15.59 -31.60 3.84
C10 UNL IA . 15.14 -30.50 3.03
C9 UNL IA . 16.17 -30.10 2.09
C8 UNL IA . 17.46 -29.70 2.69
C7 UNL IA . 18.33 -30.79 3.13
C6 UNL IA . 19.80 -30.41 3.07
C5 UNL IA . 20.31 -29.74 4.24
C4 UNL IA . 21.68 -30.11 4.58
C3 UNL IA . 22.03 -29.72 5.95
C2 UNL IA . 23.35 -30.11 6.38
C1 UNL IA . 23.51 -30.44 7.83
C UNL IA . 24.90 -30.88 8.14
C21 UNL JA . 36.51 -35.19 0.51
C20 UNL JA . 37.02 -35.51 1.89
C19 UNL JA . 37.42 -34.41 2.85
C18 UNL JA . 38.65 -33.52 2.51
C17 UNL JA . 39.76 -33.32 3.59
C16 UNL JA . 39.60 -32.20 4.62
C15 UNL JA . 40.82 -31.97 5.52
C14 UNL JA . 41.81 -30.88 5.04
C13 UNL JA . 43.09 -30.67 5.93
C12 UNL JA . 43.37 -29.29 6.58
C11 UNL JA . 44.78 -28.69 6.27
C10 UNL JA . 45.29 -27.51 7.18
C9 UNL JA . 46.77 -27.06 7.01
C8 UNL JA . 47.09 -25.69 7.65
C7 UNL JA . 48.61 -25.26 7.80
C6 UNL JA . 49.29 -25.51 9.21
C5 UNL JA . 50.74 -24.98 9.40
C4 UNL JA . 50.93 -23.67 10.23
C3 UNL JA . 52.41 -23.19 10.37
C2 UNL JA . 52.83 -22.52 11.67
C1 UNL JA . 52.85 -23.42 12.83
C UNL JA . 54.20 -23.69 13.29
C21 UNL KA . 35.46 -29.41 17.62
C20 UNL KA . 36.41 -28.62 16.88
C19 UNL KA . 37.64 -29.45 16.77
C18 UNL KA . 37.66 -30.37 15.60
C17 UNL KA . 38.72 -31.46 15.75
C16 UNL KA . 39.64 -31.65 14.55
C15 UNL KA . 41.10 -31.57 14.94
C14 UNL KA . 41.76 -32.83 15.46
C13 UNL KA . 42.24 -32.75 16.92
C12 UNL KA . 43.73 -33.04 17.08
C11 UNL KA . 44.07 -33.96 18.24
C10 UNL KA . 43.04 -35.06 18.45
C9 UNL KA . 42.85 -35.53 19.90
C8 UNL KA . 43.61 -36.80 20.31
C7 UNL KA . 43.82 -37.02 21.83
C6 UNL KA . 43.13 -38.23 22.40
C5 UNL KA . 43.31 -38.48 23.91
C4 UNL KA . 42.10 -38.08 24.83
C3 UNL KA . 42.45 -37.98 26.32
C2 UNL KA . 41.67 -36.95 27.14
C1 UNL KA . 40.28 -36.69 26.62
C UNL KA . 39.42 -35.89 27.51
C21 UNL LA . 41.79 -0.18 -5.08
C20 UNL LA . 40.64 -1.16 -5.32
C19 UNL LA . 39.25 -0.47 -5.11
C18 UNL LA . 38.61 -0.81 -3.80
C17 UNL LA . 37.54 0.18 -3.27
C16 UNL LA . 37.73 0.65 -1.85
C15 UNL LA . 39.02 1.43 -1.56
C14 UNL LA . 39.17 1.95 -0.11
C13 UNL LA . 40.17 1.27 0.62
C12 UNL LA . 41.52 1.82 0.34
C11 UNL LA . 42.55 0.78 -0.03
C10 UNL LA . 43.96 1.15 0.30
C9 UNL LA . 44.25 2.59 0.17
C8 UNL LA . 45.69 2.89 0.28
C7 UNL LA . 46.04 3.76 1.46
C6 UNL LA . 45.69 5.22 1.28
C5 UNL LA . 46.78 6.17 1.75
C4 UNL LA . 46.38 7.51 2.40
C3 UNL LA . 47.55 8.43 2.78
C2 UNL LA . 47.41 9.92 2.37
C1 UNL LA . 48.77 10.66 2.33
C UNL LA . 48.70 12.17 2.12
C9 UNL MA . 39.68 10.43 6.78
C8 UNL MA . 40.88 10.79 7.63
C7 UNL MA . 41.80 11.72 7.01
C6 UNL MA . 41.77 11.50 5.60
C5 UNL MA . 42.13 10.11 5.36
C4 UNL MA . 43.37 9.78 6.00
C3 UNL MA . 44.33 9.12 5.11
C2 UNL MA . 44.10 9.49 3.71
C1 UNL MA . 44.21 10.94 3.37
C UNL MA . 45.63 11.48 3.51
C21 UNL NA . 15.57 16.18 -27.18
C20 UNL NA . 15.15 16.88 -26.05
C19 UNL NA . 15.44 18.35 -26.12
C18 UNL NA . 16.79 18.95 -25.67
C17 UNL NA . 17.03 18.96 -24.19
C16 UNL NA . 17.89 20.06 -23.69
C15 UNL NA . 17.97 20.12 -22.24
C14 UNL NA . 17.55 21.38 -21.61
C13 UNL NA . 18.27 21.65 -20.34
C12 UNL NA . 17.58 22.43 -19.28
C11 UNL NA . 18.46 22.62 -18.05
C10 UNL NA . 17.79 23.11 -16.73
C9 UNL NA . 16.61 22.36 -16.20
C8 UNL NA . 15.71 23.12 -15.20
C7 UNL NA . 16.43 23.79 -14.06
C6 UNL NA . 15.60 24.03 -12.83
C5 UNL NA . 16.28 24.84 -11.73
C4 UNL NA . 16.18 24.21 -10.33
C3 UNL NA . 16.90 24.85 -9.22
C2 UNL NA . 16.70 24.12 -7.95
C1 UNL NA . 17.28 24.82 -6.74
C UNL NA . 16.92 26.28 -6.65
C17 UNL OA . 22.14 20.53 -27.04
C16 UNL OA . 21.85 19.66 -25.89
C15 UNL OA . 22.34 20.28 -24.63
C14 UNL OA . 21.52 19.98 -23.41
C13 UNL OA . 22.30 19.34 -22.28
C12 UNL OA . 22.05 20.02 -20.93
C11 UNL OA . 23.21 19.97 -19.91
C10 UNL OA . 23.77 18.59 -19.76
C9 UNL OA . 25.07 18.45 -19.03
C8 UNL OA . 24.91 17.88 -17.70
C7 UNL OA . 25.45 18.76 -16.64
C6 UNL OA . 25.57 18.07 -15.30
C17 UNL PA . 25.20 18.44 -26.25
C16 UNL PA . 25.37 18.90 -24.84
C15 UNL PA . 26.72 18.64 -24.25
C14 UNL PA . 26.66 18.28 -22.81
C13 UNL PA . 27.88 17.62 -22.34
C12 UNL PA . 27.95 17.33 -20.86
C11 UNL PA . 29.32 16.97 -20.41
C10 UNL PA . 29.47 15.56 -19.97
C9 UNL PA . 30.38 15.32 -18.76
C8 UNL PA . 30.48 16.49 -17.70
C7 UNL PA . 30.65 16.06 -16.22
C6 UNL PA . 30.28 17.14 -15.16
MG CLA QA . 10.34 9.38 2.88
CHA CLA QA . 7.03 8.60 2.33
CHB CLA QA . 10.20 11.55 0.31
CHC CLA QA . 13.10 11.26 4.12
CHD CLA QA . 10.47 7.62 5.97
NA CLA QA . 8.83 9.95 1.51
C1A CLA QA . 7.69 9.49 1.39
C2A CLA QA . 6.96 10.10 0.22
C3A CLA QA . 8.14 10.65 -0.56
C4A CLA QA . 9.11 10.76 0.48
CMA CLA QA . 8.47 9.73 -1.65
CAA CLA QA . 5.74 11.05 0.53
CBA CLA QA . 4.96 11.34 -0.72
CGA CLA QA . 5.09 12.69 -1.29
O1A CLA QA . 6.03 13.15 -1.00
O2A CLA QA . 4.14 13.46 -2.09
NB CLA QA . 11.44 11.12 2.39
C1B CLA QA . 11.26 11.87 1.25
C2B CLA QA . 12.21 12.95 1.05
C3B CLA QA . 12.90 12.76 2.25
C4B CLA QA . 12.42 11.66 2.94
CMB CLA QA . 12.26 14.03 0.04
CAB CLA QA . 14.07 13.41 2.82
CBB CLA QA . 14.80 14.30 2.35
NC CLA QA . 11.51 9.50 4.65
C1C CLA QA . 12.62 10.20 4.96
C2C CLA QA . 13.24 9.88 6.16
C3C CLA QA . 12.42 8.84 6.62
C4C CLA QA . 11.41 8.66 5.66
CMC CLA QA . 14.32 10.40 6.99
CAC CLA QA . 12.57 8.12 7.90
CBC CLA QA . 13.42 6.95 7.71
ND CLA QA . 8.97 8.41 4.07
C1D CLA QA . 9.26 7.53 5.21
C2D CLA QA . 7.99 7.05 5.52
C3D CLA QA . 7.26 7.46 4.31
C4D CLA QA . 7.89 8.11 3.47
CMD CLA QA . 7.56 6.18 6.66
CAD CLA QA . 5.96 7.44 3.81
OBD CLA QA . 5.10 6.87 4.32
CBD CLA QA . 5.64 7.99 2.48
CGD CLA QA . 5.09 6.81 1.55
O1D CLA QA . 5.79 6.35 1.00
O2D CLA QA . 3.95 5.97 1.30
CED CLA QA . 3.49 5.22 0.32
C1 CLA QA . 4.24 14.59 -2.91
C2 CLA QA . 2.88 14.87 -3.45
C3 CLA QA . 2.64 15.02 -4.72
C4 CLA QA . 3.72 15.01 -5.72
C5 CLA QA . 1.23 15.28 -5.08
C6 CLA QA . 1.12 16.27 -6.19
C7 CLA QA . 1.16 17.69 -5.72
C8 CLA QA . 1.92 18.77 -6.30
C9 CLA QA . 2.59 18.49 -7.69
C10 CLA QA . 2.43 19.74 -5.49
C11 CLA QA . 3.80 19.77 -4.88
C12 CLA QA . 3.94 19.56 -3.41
C13 CLA QA . 5.37 19.15 -3.15
C14 CLA QA . 5.49 17.95 -2.28
C15 CLA QA . 6.31 20.25 -2.66
C16 CLA QA . 7.72 19.78 -2.86
C17 CLA QA . 8.60 20.78 -3.53
C18 CLA QA . 9.92 20.92 -2.83
C19 CLA QA . 11.06 20.42 -3.68
C20 CLA QA . 10.23 22.35 -2.48
C8 85N RA . 9.26 -19.25 29.91
C5 85N RA . 12.04 -17.98 29.27
C6 85N RA . 11.76 -18.98 30.38
O6 85N RA . 9.64 -11.65 37.08
N1 85N RA . 12.23 -11.58 42.80
C2 85N RA . 11.57 -17.62 26.69
C4 85N RA . 11.07 -18.01 28.09
C1 85N RA . 12.05 -18.79 25.87
C3 85N RA . 12.59 -16.48 26.69
C7 85N RA . 10.35 -18.92 30.94
C9 85N RA . 7.84 -19.19 30.39
C10 85N RA . 7.34 -17.91 31.05
C11 85N RA . 7.97 -17.59 32.40
C12 85N RA . 7.19 -16.62 33.27
C13 85N RA . 7.79 -16.33 34.65
C14 85N RA . 7.21 -15.12 35.27
C15 85N RA . 7.54 -14.93 36.74
O1 85N RA . 7.30 -15.73 37.57
O2 85N RA . 8.07 -13.74 36.99
C16 85N RA . 8.56 -13.46 38.32
C17 85N RA . 9.71 -12.45 38.30
O3 85N RA . 10.27 -12.09 39.31
C18 85N RA . 9.87 -11.96 40.66
C19 85N RA . 10.53 -13.02 41.51
C20 85N RA . 12.00 -12.72 41.83
C21 85N RA . 11.54 -10.35 42.29
C22 85N RA . 11.65 -11.95 44.13
C23 85N RA . 13.69 -11.32 42.96
C24 85N RA . 10.42 -14.37 40.82
O4 85N RA . 11.49 -14.98 40.56
O5 85N RA . 9.31 -14.77 40.56
C25 85N RA . 9.59 -10.36 36.82
O7 85N RA . 9.66 -9.55 37.68
C26 85N RA . 9.41 -10.17 35.36
C27 85N RA . 7.99 -10.34 34.93
C28 85N RA . 7.55 -11.73 34.54
C29 85N RA . 6.17 -11.82 33.92
C30 85N RA . 5.09 -12.48 34.74
C31 85N RA . 3.75 -11.86 34.61
C32 85N RA . 2.66 -12.84 34.45
C33 85N RA . 1.33 -12.23 34.17
C34 85N RA . 0.27 -12.39 35.23
C35 85N RA . -0.84 -11.34 35.17
C36 85N RA . -2.21 -11.65 35.83
C37 85N RA . -2.22 -12.42 37.15
C38 85N RA . -2.10 -13.93 36.89
C39 85N RA . -3.48 -12.15 37.97
MG CLA SA . 10.90 -17.97 5.47
CHA CLA SA . 13.06 -19.88 3.75
CHB CLA SA . 8.99 -20.63 6.11
CHC CLA SA . 9.32 -16.36 7.95
CHD CLA SA . 13.29 -15.47 5.50
NA CLA SA . 11.05 -19.98 5.14
C1A CLA SA . 11.88 -20.52 4.38
C2A CLA SA . 11.56 -21.92 4.12
C3A CLA SA . 10.23 -22.08 4.70
C4A CLA SA . 10.11 -20.82 5.45
CMA CLA SA . 9.28 -22.16 3.57
CAA CLA SA . 12.52 -22.88 4.70
CBA CLA SA . 12.33 -22.71 6.17
CGA CLA SA . 13.40 -23.35 6.85
O1A CLA SA . 14.36 -23.75 6.44
O2A CLA SA . 13.30 -23.55 8.21
NB CLA SA . 9.41 -18.44 6.88
C1B CLA SA . 8.66 -19.53 6.96
C2B CLA SA . 7.49 -19.49 7.84
C3B CLA SA . 7.70 -18.21 8.35
C4B CLA SA . 8.82 -17.68 7.69
CMB CLA SA . 6.46 -20.43 8.33
CAB CLA SA . 7.02 -17.47 9.40
CBB CLA SA . 5.85 -17.07 9.40
NC CLA SA . 11.30 -16.23 6.59
C1C CLA SA . 10.50 -15.70 7.48
C2C CLA SA . 10.94 -14.45 8.03
C3C CLA SA . 12.08 -14.18 7.27
C4C CLA SA . 12.20 -15.33 6.42
CMC CLA SA . 10.36 -13.54 9.07
CAC CLA SA . 12.96 -12.97 7.44
CBC CLA SA . 14.19 -13.16 8.25
ND CLA SA . 12.90 -17.80 4.89
C1D CLA SA . 13.57 -16.60 4.70
C2D CLA SA . 14.66 -16.78 3.75
C3D CLA SA . 14.41 -18.16 3.44
C4D CLA SA . 13.32 -18.52 3.94
CMD CLA SA . 15.75 -15.84 3.34
CAD CLA SA . 14.80 -19.24 2.59
OBD CLA SA . 15.74 -19.22 1.81
CBD CLA SA . 13.94 -20.39 2.68
CGD CLA SA . 13.29 -20.63 1.37
O1D CLA SA . 13.80 -20.80 0.46
O2D CLA SA . 12.01 -20.43 0.98
CED CLA SA . 11.26 -20.81 -0.13
C1 CLA SA . 14.18 -24.13 9.04
C2 CLA SA . 14.51 -22.90 9.70
C3 CLA SA . 14.88 -22.91 10.92
C4 CLA SA . 14.97 -24.21 11.64
C5 CLA SA . 15.28 -21.57 11.46
C6 CLA SA . 16.70 -21.59 10.96
FE HEC TA . -8.41 -8.86 -14.40
CHA HEC TA . -11.74 -8.26 -15.30
CHB HEC TA . -8.38 -10.94 -17.05
CHC HEC TA . -5.15 -9.13 -14.08
CHD HEC TA . -8.78 -6.75 -11.95
NA HEC TA . -9.82 -9.45 -15.92
C1A HEC TA . -11.09 -9.09 -16.17
C2A HEC TA . -11.67 -9.70 -17.33
C3A HEC TA . -10.68 -10.48 -17.94
C4A HEC TA . -9.54 -10.22 -16.97
CMA HEC TA . -10.71 -11.38 -19.18
CAA HEC TA . -13.02 -9.58 -17.93
CBA HEC TA . -13.04 -8.49 -18.89
CGA HEC TA . -14.33 -8.28 -19.50
O1A HEC TA . -14.51 -7.41 -20.17
O2A HEC TA . -15.27 -8.83 -19.25
NB HEC TA . -6.93 -10.07 -15.40
C1B HEC TA . -7.10 -10.84 -16.38
C2B HEC TA . -5.90 -11.47 -16.74
C3B HEC TA . -4.97 -10.87 -15.85
C4B HEC TA . -5.67 -9.98 -15.11
CMB HEC TA . -5.62 -12.41 -17.80
CAB HEC TA . -3.49 -10.97 -15.73
CBB HEC TA . -3.04 -10.71 -16.92
NC HEC TA . -7.02 -7.92 -13.12
C1C HEC TA . -5.76 -8.21 -13.15
C2C HEC TA . -5.06 -7.53 -12.19
C3C HEC TA . -6.19 -6.87 -11.62
C4C HEC TA . -7.36 -7.12 -12.23
CMC HEC TA . -3.58 -7.46 -11.91
CAC HEC TA . -6.10 -5.96 -10.46
CBC HEC TA . -5.27 -4.95 -10.49
ND HEC TA . -10.12 -7.68 -13.62
C1D HEC TA . -10.05 -6.87 -12.62
C2D HEC TA . -11.25 -6.18 -12.27
C3D HEC TA . -12.16 -6.68 -13.32
C4D HEC TA . -11.33 -7.58 -14.13
CMD HEC TA . -11.45 -5.16 -11.14
CAD HEC TA . -13.53 -6.18 -13.42
CBD HEC TA . -13.55 -4.99 -14.40
CGD HEC TA . -14.85 -4.30 -14.42
O1D HEC TA . -15.86 -4.74 -14.82
O2D HEC TA . -14.95 -3.35 -13.79
C21 UNL UA . 22.49 -25.87 11.36
C20 UNL UA . 22.55 -26.42 10.00
C19 UNL UA . 22.55 -25.38 8.90
C18 UNL UA . 21.99 -25.88 7.59
C17 UNL UA . 22.42 -25.16 6.35
C16 UNL UA . 21.28 -24.63 5.63
C15 UNL UA . 20.57 -23.75 6.63
C14 UNL UA . 21.44 -23.08 7.65
C13 UNL UA . 20.71 -22.10 8.47
C12 UNL UA . 21.60 -21.05 9.09
C11 UNL UA . 21.72 -21.03 10.62
C10 UNL UA . 23.16 -21.06 11.13
C9 UNL UA . 23.48 -20.08 12.27
C8 UNL UA . 24.80 -20.32 13.03
C7 UNL UA . 26.09 -19.72 12.42
C6 UNL UA . 27.36 -19.83 13.32
C5 UNL UA . 28.75 -19.64 12.65
C4 UNL UA . 29.81 -18.95 13.55
C11 84Q VA . 35.36 -8.46 -15.22
C21 84Q VA . 40.73 -7.41 -16.03
C31 84Q VA . 35.82 -4.77 -5.89
C4 84Q VA . 32.32 -9.90 -8.33
C5 84Q VA . 32.57 -10.28 -9.62
C6 84Q VA . 33.81 -9.87 -10.04
C7 84Q VA . 33.91 -9.98 -11.39
C8 84Q VA . 35.01 -9.25 -11.78
N 84Q VA . 30.44 -5.25 -23.46
C 84Q VA . 29.62 -11.25 -6.98
O 84Q VA . 35.24 -7.06 -18.13
C1 84Q VA . 30.86 -10.63 -6.73
O1 84Q VA . 34.92 -8.48 -19.77
C2 84Q VA . 31.32 -10.76 -5.34
O2 84Q VA . 37.63 -6.92 -21.40
C3 84Q VA . 31.76 -10.99 -7.59
O3 84Q VA . 38.74 -5.19 -20.57
O6 84Q VA . 34.59 -3.28 -21.97
P 84Q VA . 35.05 -4.25 -22.97
O5 84Q VA . 36.22 -3.80 -23.73
O7 84Q VA . 33.81 -4.19 -23.89
C32 84Q VA . 32.50 -3.97 -23.37
C33 84Q VA . 31.84 -5.26 -23.01
O4 84Q VA . 35.71 -5.85 -22.42
C16 84Q VA . 36.25 -6.57 -21.24
C17 84Q VA . 38.54 -6.35 -20.58
C18 84Q VA . 39.42 -7.34 -19.87
C19 84Q VA . 40.31 -6.95 -18.68
C20 84Q VA . 39.81 -7.41 -17.30
C22 84Q VA . 40.07 -6.67 -14.84
C23 84Q VA . 40.02 -7.35 -13.51
C24 84Q VA . 38.94 -6.92 -12.49
C25 84Q VA . 39.30 -6.82 -11.05
C26 84Q VA . 38.16 -7.03 -9.97
C27 84Q VA . 38.25 -6.21 -8.67
C28 84Q VA . 37.07 -6.27 -7.69
C29 84Q VA . 37.08 -5.33 -6.48
C30 84Q VA . 37.95 -5.64 -5.35
C15 84Q VA . 35.85 -8.09 -20.79
C14 84Q VA . 35.18 -8.15 -18.51
C13 84Q VA . 35.40 -9.25 -17.56
C12 84Q VA . 36.20 -8.81 -16.36
C10 84Q VA . 35.62 -9.12 -13.96
C9 84Q VA . 34.84 -8.62 -12.96
C13 UNL WA . 30.19 13.43 3.17
C12 UNL WA . 31.23 12.67 2.45
C11 UNL WA . 32.61 12.92 2.90
C10 UNL WA . 33.23 14.16 2.43
C9 UNL WA . 34.23 13.94 1.36
C8 UNL WA . 34.93 15.21 0.95
C7 UNL WA . 35.31 16.09 2.15
C6 UNL WA . 36.56 16.86 2.00
C5 UNL WA . 36.71 17.96 2.93
C4 UNL WA . 38.08 18.16 3.40
C3 UNL WA . 38.66 19.36 2.95
C2 UNL WA . 39.10 20.20 3.99
C1 UNL WA . 39.75 21.41 3.42
C UNL WA . 40.98 21.07 2.93
C17 UNL XA . 33.50 14.72 -19.14
C16 UNL XA . 33.51 13.39 -18.35
C15 UNL XA . 34.66 13.13 -17.40
C14 UNL XA . 34.40 13.30 -15.94
C13 UNL XA . 35.27 12.37 -15.09
C12 UNL XA . 35.26 12.43 -13.56
C11 UNL XA . 36.59 11.95 -12.92
C10 UNL XA . 37.19 12.67 -11.67
C9 UNL XA . 38.14 11.78 -10.92
C8 UNL XA . 39.42 12.36 -10.37
C7 UNL XA . 39.77 11.81 -9.04
C6 UNL XA . 38.57 11.12 -8.43
C8 85N YA . 2.18 24.75 -9.92
C5 85N YA . 2.31 23.84 -6.25
C6 85N YA . 1.92 23.78 -7.68
O6 85N YA . 1.86 29.55 -18.92
N1 85N YA . 0.61 36.38 -20.15
C2 85N YA . 1.64 24.76 -3.93
C4 85N YA . 1.76 24.98 -5.45
C1 85N YA . 2.71 25.50 -3.17
C3 85N YA . 1.68 23.29 -3.60
C7 85N YA . 2.33 24.96 -8.48
C9 85N YA . 3.26 25.38 -10.70
C10 85N YA . 2.91 26.73 -11.14
C11 85N YA . 3.84 27.25 -12.13
C12 85N YA . 3.52 28.64 -12.47
C13 85N YA . 3.19 28.84 -13.93
C14 85N YA . 3.78 30.08 -14.47
C15 85N YA . 3.82 30.09 -15.96
O1 85N YA . 4.62 30.65 -16.63
O2 85N YA . 2.82 29.42 -16.47
C16 85N YA . 1.65 30.21 -16.77
C17 85N YA . 1.94 30.76 -18.12
O3 85N YA . 1.06 31.80 -18.46
C18 85N YA . 1.52 32.63 -19.52
C19 85N YA . 0.62 33.80 -19.79
C20 85N YA . 1.38 35.12 -19.78
C21 85N YA . 0.47 37.25 -18.94
C22 85N YA . -0.75 36.04 -20.64
C23 85N YA . 1.30 37.14 -21.21
C24 85N YA . -0.54 33.87 -18.79
O4 85N YA . -0.71 34.93 -18.18
O5 85N YA . -1.24 32.86 -18.65
C25 85N YA . 3.00 28.90 -19.13
O7 85N YA . 4.05 29.27 -18.69
C26 85N YA . 2.76 27.68 -19.97
C27 85N YA . 4.01 27.01 -20.41
C28 85N YA . 3.81 26.23 -21.68
C29 85N YA . 4.15 24.77 -21.60
C30 85N YA . 4.56 24.18 -22.92
MG CLA ZA . 2.80 0.34 23.73
CHA CLA ZA . 1.71 1.55 26.76
CHB CLA ZA . 1.25 -2.46 24.35
CHC CLA ZA . 2.60 -0.25 20.42
CHD CLA ZA . 3.64 3.68 22.87
NA CLA ZA . 1.59 -0.31 25.29
C1A CLA ZA . 1.31 0.22 26.42
C2A CLA ZA . 0.65 -0.68 27.39
C3A CLA ZA . 0.48 -1.91 26.57
C4A CLA ZA . 1.10 -1.55 25.29
CMA CLA ZA . 1.14 -3.06 27.30
CAA CLA ZA . -0.73 -0.33 27.84
CBA CLA ZA . -1.22 -0.75 29.20
CGA CLA ZA . -2.26 -1.77 29.00
O1A CLA ZA . -3.27 -1.26 28.84
O2A CLA ZA . -2.33 -3.21 28.87
NB CLA ZA . 1.97 -1.14 22.49
C1B CLA ZA . 1.48 -2.24 22.93
C2B CLA ZA . 1.20 -3.23 21.97
C3B CLA ZA . 1.65 -2.60 20.81
C4B CLA ZA . 2.02 -1.28 21.22
CMB CLA ZA . 0.55 -4.57 22.05
CAB CLA ZA . 1.46 -3.13 19.47
CBB CLA ZA . 1.86 -4.25 19.01
NC CLA ZA . 3.04 1.50 21.94
C1C CLA ZA . 2.92 1.13 20.75
C2C CLA ZA . 3.22 2.12 19.71
C3C CLA ZA . 3.65 3.25 20.46
C4C CLA ZA . 3.43 2.73 21.77
CMC CLA ZA . 3.19 1.91 18.28
CAC CLA ZA . 4.04 4.64 20.11
CBC CLA ZA . 2.93 5.54 20.01
ND CLA ZA . 2.56 2.25 24.49
C1D CLA ZA . 3.26 3.42 24.21
C2D CLA ZA . 3.15 4.39 25.36
C3D CLA ZA . 2.63 3.52 26.35
C4D CLA ZA . 2.37 2.40 25.83
CMD CLA ZA . 3.66 5.76 25.69
CAD CLA ZA . 2.21 3.43 27.74
OBD CLA ZA . 2.30 4.26 28.60
CBD CLA ZA . 1.64 2.16 28.07
CGD CLA ZA . 2.35 1.55 29.24
O1D CLA ZA . 1.76 1.38 30.17
O2D CLA ZA . 3.65 1.03 29.32
CED CLA ZA . 4.01 0.01 30.14
C1 CLA ZA . -3.28 -3.73 27.97
C2 CLA ZA . -2.46 -4.52 27.07
C3 CLA ZA . -2.80 -4.69 25.87
C4 CLA ZA . -4.02 -4.11 25.32
C5 CLA ZA . -1.89 -5.45 25.02
C6 CLA ZA . -2.07 -6.92 24.82
C7 CLA ZA . -0.93 -7.35 23.93
C8 CLA ZA . -0.66 -7.68 22.65
C9 CLA ZA . -1.55 -7.36 21.40
C10 CLA ZA . -0.02 -9.04 22.54
C11 CLA ZA . 1.22 -8.48 21.92
C12 CLA ZA . 1.80 -9.21 20.76
C13 CLA ZA . 3.29 -8.93 20.51
C14 CLA ZA . 3.51 -7.91 19.46
C15 CLA ZA . 3.87 -10.13 19.87
C16 CLA ZA . 5.27 -10.49 20.17
C17 CLA ZA . 5.26 -11.68 21.12
C18 CLA ZA . 5.92 -12.91 20.57
C19 CLA ZA . 6.42 -13.72 21.71
C20 CLA ZA . 4.89 -13.67 19.83
C8 85N AB . 8.20 35.90 2.52
C5 85N AB . 5.65 36.53 5.03
C6 85N AB . 5.97 36.37 3.58
O6 85N AB . 16.13 37.83 9.86
N1 85N AB . 16.34 43.62 7.40
C2 85N AB . 3.19 37.11 5.35
C4 85N AB . 4.64 37.58 5.35
C1 85N AB . 2.49 37.46 6.64
C3 85N AB . 3.08 35.63 5.08
C7 85N AB . 7.04 35.36 3.29
C9 85N AB . 8.98 34.88 1.76
C10 85N AB . 10.43 34.79 2.16
C11 85N AB . 10.79 35.67 3.31
C12 85N AB . 12.05 35.28 4.01
C13 85N AB . 13.05 36.42 4.18
C14 85N AB . 13.10 36.93 5.58
C15 85N AB . 14.45 37.38 6.02
O1 85N AB . 14.96 38.42 5.73
O2 85N AB . 15.02 36.50 6.83
C16 85N AB . 16.05 37.01 7.69
C17 85N AB . 15.45 38.02 8.60
O3 85N AB . 15.73 39.28 8.06
C18 85N AB . 14.66 40.21 8.07
C19 85N AB . 15.11 41.56 8.55
C20 85N AB . 16.17 42.11 7.59
C21 85N AB . 16.30 44.32 8.72
C22 85N AB . 17.66 43.87 6.76
C23 85N AB . 15.26 44.16 6.53
C24 85N AB . 15.68 41.45 9.96
O4 85N AB . 16.02 40.33 10.36
O5 85N AB . 15.78 42.49 10.63
C25 85N AB . 15.53 37.10 10.80
O7 85N AB . 15.74 37.24 11.98
C26 85N AB . 14.65 36.08 10.20
C27 85N AB . 15.41 34.98 9.60
C28 85N AB . 15.09 33.65 10.21
C29 85N AB . 14.26 32.79 9.34
C30 85N AB . 15.03 32.20 8.21
C31 85N AB . 14.38 32.38 6.88
C32 85N AB . 15.32 32.81 5.82
C33 85N AB . 15.90 31.70 5.02
C34 85N AB . 17.08 32.08 4.23
C35 85N AB . 17.83 30.88 3.73
C36 85N AB . 18.49 31.04 2.40
C37 85N AB . 19.68 30.14 2.15
C38 85N AB . 20.39 30.51 0.88
C39 85N AB . 19.29 28.69 2.14
O1D 2GO BB . -4.25 3.02 7.44
CGD 2GO BB . -4.45 4.14 7.35
O2D 2GO BB . -4.95 4.85 8.32
CED 2GO BB . -5.56 4.10 9.40
CBD 2GO BB . -4.18 4.84 6.02
CAD 2GO BB . -4.91 4.94 4.98
OBD 2GO BB . -5.95 5.22 5.15
C3D 2GO BB . -4.27 4.48 3.73
C2D 2GO BB . -4.34 4.23 2.43
CMD 2GO BB . -5.52 4.40 1.52
C1D 2GO BB . -3.15 3.78 2.07
CHD 2GO BB . -2.71 3.10 0.98
C4D 2GO BB . -3.05 4.29 4.11
ND 2GO BB . -2.42 3.92 3.08
ZN 2GO BB . -0.35 3.77 3.40
NC 2GO BB . -0.36 2.82 1.39
C4C 2GO BB . -1.47 2.58 0.65
C3C 2GO BB . -1.23 1.81 -0.66
CAC 2GO BB . -1.80 0.37 -0.72
CBC 2GO BB . -1.54 -0.37 -1.96
C2C 2GO BB . 0.35 2.15 -0.74
CMC 2GO BB . 0.83 3.15 -1.79
C1C 2GO BB . 0.75 2.45 0.69
CHC 2GO BB . 1.96 2.24 1.17
NB 2GO BB . 1.58 3.15 3.56
C4B 2GO BB . 2.42 2.57 2.49
C3B 2GO BB . 3.70 2.71 2.96
CAB 2GO BB . 4.91 2.11 2.31
CBB 2GO BB . 6.28 2.68 2.31
OBB 2GO BB . 4.85 1.20 1.82
C2B 2GO BB . 3.68 3.38 4.13
CMB 2GO BB . 4.92 3.62 4.94
C1B 2GO BB . 2.39 3.72 4.55
CHB 2GO BB . 1.96 4.56 5.65
CHA 2GO BB . -2.85 4.56 5.42
C1A 2GO BB . -1.50 4.75 6.04
NA 2GO BB . -0.47 4.52 5.40
C4A 2GO BB . 0.68 4.81 6.02
C3A 2GO BB . 0.26 5.76 7.07
CMA 2GO BB . 0.55 7.14 6.52
C2A 2GO BB . -1.16 5.31 7.38
CAA 2GO BB . -1.42 4.53 8.68
CBA 2GO BB . -1.00 5.25 9.92
CGA 2GO BB . -1.12 4.46 11.14
O1A 2GO BB . -0.37 4.48 12.00
O2A 2GO BB . -2.20 3.76 11.16
C1 2GO BB . -2.47 2.83 12.26
C2 2GO BB . -3.60 1.97 11.87
C3 2GO BB . -3.55 0.92 11.10
C4 2GO BB . -2.25 0.35 10.59
C5 2GO BB . -4.80 0.21 10.60
C6 2GO BB . -5.22 -1.06 11.29
C7 2GO BB . -6.62 -1.56 10.91
C8 2GO BB . -7.29 -2.73 11.60
C9 2GO BB . -8.52 -3.19 10.85
C10 2GO BB . -7.71 -2.50 13.05
C11 2GO BB . -8.18 -3.71 13.82
C12 2GO BB . -7.29 -4.95 13.75
C13 2GO BB . -5.93 -5.01 14.43
C14 2GO BB . -5.33 -6.39 14.68
C15 2GO BB . -6.25 -4.26 15.65
C16 2GO BB . -5.65 -4.11 16.97
C17 2GO BB . -6.65 -4.25 18.09
C18 2GO BB . -7.15 -3.06 18.88
C20 2GO BB . -8.09 -2.19 18.08
C19 2GO BB . -6.16 -2.29 19.61
MG BCL CB . -17.52 27.02 23.40
CHA BCL CB . -15.34 28.61 21.43
CHB BCL CB . -16.38 28.63 26.01
CHC BCL CB . -19.37 25.03 25.25
CHD BCL CB . -18.13 24.84 20.75
NA BCL CB . -16.08 28.43 23.69
C1A BCL CB . -15.51 29.07 22.79
C2A BCL CB . -14.78 30.23 23.31
C3A BCL CB . -14.69 29.88 24.77
C4A BCL CB . -15.74 28.87 24.85
CMA BCL CB . -13.34 29.36 25.09
CAA BCL CB . -15.55 31.50 23.07
CBA BCL CB . -14.85 32.60 23.72
CGA BCL CB . -14.11 33.38 22.74
O1A BCL CB . -14.04 34.38 23.13
O2A BCL CB . -13.60 33.09 21.41
NB BCL CB . -17.79 26.79 25.46
C1B BCL CB . -17.30 27.55 26.38
C2B BCL CB . -17.84 27.31 27.70
C3B BCL CB . -18.73 26.19 27.45
C4B BCL CB . -18.65 26.00 26.05
CMB BCL CB . -17.43 27.98 28.95
CAB BCL CB . -19.54 25.40 28.43
OBB BCL CB . -20.53 24.95 28.14
CBB BCL CB . -19.08 25.26 29.80
NC BCL CB . -18.53 25.28 23.10
C1C BCL CB . -19.16 24.60 24.03
C2C BCL CB . -19.74 23.35 23.52
C3C BCL CB . -19.34 23.40 22.12
C4C BCL CB . -18.60 24.59 22.05
CMC BCL CB . -19.23 21.97 23.96
CAC BCL CB . -20.59 23.55 21.31
CBC BCL CB . -20.78 22.67 20.19
ND BCL CB . -16.98 26.70 21.42
C1D BCL CB . -17.20 25.84 20.47
C2D BCL CB . -16.42 26.09 19.32
C3D BCL CB . -15.78 27.28 19.74
C4D BCL CB . -16.06 27.48 20.91
CMD BCL CB . -16.32 25.48 17.94
CAD BCL CB . -14.77 28.23 19.33
OBD BCL CB . -14.25 28.35 18.23
CBD BCL CB . -14.53 29.19 20.38
CGD BCL CB . -13.08 29.41 20.55
O1D BCL CB . -12.64 30.31 20.08
O2D BCL CB . -12.08 28.86 21.32
CED BCL CB . -11.52 27.63 21.29
C1 BCL CB . -13.53 33.97 20.22
C2 BCL CB . -14.22 33.44 18.98
C3 BCL CB . -14.98 34.28 18.31
C4 BCL CB . -15.07 35.65 18.80
C5 BCL CB . -15.77 33.89 17.13
C6 BCL CB . -15.66 34.71 15.86
C7 BCL CB . -16.60 34.12 14.81
C8 BCL CB . -16.53 34.79 13.46
C9 BCL CB . -16.60 36.25 13.61
C10 BCL CB . -17.63 34.46 12.49
C11 BCL CB . -17.30 35.03 11.11
C12 BCL CB . -18.46 35.58 10.29
C13 BCL CB . -18.39 35.44 8.76
C14 BCL CB . -19.52 36.13 8.05
C15 BCL CB . -18.41 33.98 8.31
C16 BCL CB . -18.31 33.84 6.80
C17 BCL CB . -18.25 32.36 6.38
C18 BCL CB . -18.44 32.15 4.89
C19 BCL CB . -19.86 32.21 4.52
C20 BCL CB . -17.96 30.86 4.38
MG BCL DB . -16.28 13.77 34.55
CHA BCL DB . -15.67 15.44 37.22
CHB BCL DB . -13.15 12.47 34.61
CHC BCL DB . -17.00 11.80 32.02
CHD BCL DB . -19.60 14.72 34.64
NA BCL DB . -14.64 13.93 35.72
C1A BCL DB . -14.53 14.69 36.66
C2A BCL DB . -13.13 14.85 37.14
C3A BCL DB . -12.38 14.16 36.08
C4A BCL DB . -13.47 13.42 35.43
CMA BCL DB . -11.57 15.12 35.27
CAA BCL DB . -12.92 14.24 38.51
CBA BCL DB . -12.25 12.85 38.58
CGA BCL DB . -13.05 11.72 38.09
O1A BCL DB . -14.12 11.95 38.36
O2A BCL DB . -12.82 10.45 37.39
NB BCL DB . -15.20 12.34 33.46
C1B BCL DB . -13.93 11.95 33.56
C2B BCL DB . -13.49 10.90 32.70
C3B BCL DB . -14.68 10.74 32.00
C4B BCL DB . -15.63 11.66 32.47
CMB BCL DB . -12.21 10.13 32.56
CAB BCL DB . -14.87 9.79 30.92
OBB BCL DB . -15.73 9.71 30.28
CBB BCL DB . -13.92 8.83 30.54
NC BCL DB . -17.93 13.40 33.43
C1C BCL DB . -18.00 12.57 32.42
C2C BCL DB . -19.35 12.43 31.87
C3C BCL DB . -20.10 13.18 32.87
C4C BCL DB . -19.07 13.79 33.67
CMC BCL DB . -19.64 13.03 30.47
CAC BCL DB . -21.09 12.42 33.65
CBC BCL DB . -22.05 11.93 32.69
ND BCL DB . -17.59 14.87 35.70
C1D BCL DB . -18.81 15.25 35.67
C2D BCL DB . -19.14 16.12 36.76
C3D BCL DB . -17.81 16.14 37.33
C4D BCL DB . -17.01 15.44 36.69
CMD BCL DB . -20.32 16.84 37.27
CAD BCL DB . -17.04 16.78 38.34
OBD BCL DB . -17.53 17.44 39.16
CBD BCL DB . -15.67 16.38 38.33
CGD BCL DB . -14.90 17.60 38.06
O1D BCL DB . -14.54 18.22 38.88
O2D BCL DB . -14.35 18.20 36.93
CED BCL DB . -14.33 19.52 36.60
C1 BCL DB . -13.81 10.01 36.49
C2 BCL DB . -13.73 8.66 36.00
C3 BCL DB . -14.53 7.87 35.32
C4 BCL DB . -13.90 6.57 35.26
C5 BCL DB . -15.91 8.10 34.74
C6 BCL DB . -16.21 7.60 33.37
C7 BCL DB . -17.64 7.19 33.04
C8 BCL DB . -18.55 8.27 32.59
C9 BCL DB . -19.17 8.82 33.83
C10 BCL DB . -19.71 7.96 31.63
C11 BCL DB . -19.41 7.31 30.34
C12 BCL DB . -20.63 6.81 29.66
C13 BCL DB . -21.47 7.56 28.68
C14 BCL DB . -22.76 7.93 29.27
C15 BCL DB . -21.70 6.57 27.58
C16 BCL DB . -22.48 7.21 26.46
C17 BCL DB . -23.65 6.42 25.91
C18 BCL DB . -23.47 6.21 24.41
C19 BCL DB . -23.08 7.45 23.73
C20 BCL DB . -24.68 5.58 23.74
MG BCL EB . -29.78 40.06 23.73
CHA BCL EB . -29.51 43.33 24.17
CHB BCL EB . -30.17 40.46 20.47
CHC BCL EB . -30.64 36.84 23.48
CHD BCL EB . -29.58 39.52 27.14
NA BCL EB . -29.88 41.63 22.48
C1A BCL EB . -29.70 42.83 22.80
C2A BCL EB . -29.74 43.73 21.68
C3A BCL EB . -30.10 42.86 20.55
C4A BCL EB . -30.08 41.57 21.18
CMA BCL EB . -31.42 43.21 19.97
CAA BCL EB . -28.34 44.04 21.64
CBA BCL EB . -28.15 45.47 21.43
CGA BCL EB . -28.61 45.66 20.07
O1A BCL EB . -29.42 46.48 19.86
O2A BCL EB . -28.08 44.89 19.00
NB BCL EB . -30.40 38.79 22.15
C1B BCL EB . -30.49 39.12 20.89
C2B BCL EB . -30.83 38.08 19.96
C3B BCL EB . -30.94 36.94 20.88
C4B BCL EB . -30.67 37.52 22.20
CMB BCL EB . -31.01 38.10 18.49
CAB BCL EB . -31.33 35.54 20.54
OBB BCL EB . -31.83 34.84 21.25
CBB BCL EB . -31.01 34.84 19.26
NC BCL EB . -30.09 38.49 25.05
C1C BCL EB . -30.50 37.29 24.72
C2C BCL EB . -30.63 36.33 25.91
C3C BCL EB . -30.24 37.24 27.02
C4C BCL EB . -29.98 38.46 26.28
CMC BCL EB . -31.95 35.63 26.09
CAC BCL EB . -28.87 37.04 27.68
CBC BCL EB . -28.48 35.70 28.14
ND BCL EB . -29.60 41.15 25.45
C1D BCL EB . -29.52 40.90 26.73
C2D BCL EB . -29.29 42.07 27.53
C3D BCL EB . -29.39 43.03 26.42
C4D BCL EB . -29.48 42.44 25.31
CMD BCL EB . -29.17 42.52 28.95
CAD BCL EB . -29.26 44.40 26.13
OBD BCL EB . -29.11 45.19 27.03
CBD BCL EB . -29.33 44.68 24.71
CGD BCL EB . -30.35 45.68 24.52
O1D BCL EB . -31.42 45.70 24.92
O2D BCL EB . -29.99 46.82 23.88
CED BCL EB . -30.78 47.97 23.76
MG BCL FB . -28.13 32.10 28.55
CHA BCL FB . -26.47 30.74 26.17
CHB BCL FB . -30.91 32.15 26.80
CHC BCL FB . -29.71 33.42 31.25
CHD BCL FB . -25.22 32.99 30.26
NA BCL FB . -28.64 31.44 26.75
C1A BCL FB . -27.90 30.81 26.03
C2A BCL FB . -28.60 30.33 24.90
C3A BCL FB . -29.87 31.13 24.91
C4A BCL FB . -29.84 31.65 26.25
CMA BCL FB . -29.89 32.25 23.88
CAA BCL FB . -28.91 28.89 24.95
CBA BCL FB . -29.47 28.84 23.61
CGA BCL FB . -28.95 27.83 22.73
O1A BCL FB . -28.75 26.85 23.27
O2A BCL FB . -28.78 27.93 21.31
NB BCL FB . -30.11 32.67 29.02
C1B BCL FB . -31.13 32.65 28.17
C2B BCL FB . -32.39 33.07 28.71
C3B BCL FB . -31.98 33.48 30.00
C4B BCL FB . -30.60 33.18 30.12
CMB BCL FB . -33.70 33.10 28.04
CAB BCL FB . -32.87 34.05 30.95
OBB BCL FB . -32.45 34.16 31.97
CBB BCL FB . -34.24 34.50 30.77
NC BCL FB . -27.59 33.03 30.35
C1C BCL FB . -28.39 33.62 31.22
C2C BCL FB . -27.79 34.31 32.36
C3C BCL FB . -26.40 33.90 32.18
C4C BCL FB . -26.47 33.21 30.88
CMC BCL FB . -27.80 35.79 32.51
CAC BCL FB . -25.87 33.04 33.34
CBC BCL FB . -25.78 33.67 34.65
ND BCL FB . -26.11 31.94 28.35
C1D BCL FB . -25.08 32.34 28.97
C2D BCL FB . -23.94 31.87 28.32
C3D BCL FB . -24.52 31.31 27.15
C4D BCL FB . -25.76 31.41 27.22
CMD BCL FB . -22.50 32.01 28.50
CAD BCL FB . -24.22 30.63 25.94
OBD BCL FB . -23.11 30.41 25.53
CBD BCL FB . -25.43 30.30 25.23
CGD BCL FB . -25.48 30.86 23.82
O1D BCL FB . -25.48 30.10 22.98
O2D BCL FB . -25.42 32.14 23.34
CED BCL FB . -25.57 32.53 22.01
C1 BCL FB . -28.22 28.97 20.63
C2 BCL FB . -29.00 29.00 19.38
C3 BCL FB . -29.33 30.21 18.99
C4 BCL FB . -28.86 31.38 19.77
C5 BCL FB . -30.07 30.37 17.71
C6 BCL FB . -31.31 31.19 17.80
C7 BCL FB . -31.71 31.42 16.38
C8 BCL FB . -33.10 30.99 16.31
C9 BCL FB . -33.36 30.44 14.96
C10 BCL FB . -33.96 32.18 16.66
C11 BCL FB . -35.23 31.77 17.43
C12 BCL FB . -35.02 31.23 18.83
C13 BCL FB . -35.84 31.79 19.95
C14 BCL FB . -36.35 30.73 20.87
C15 BCL FB . -36.95 32.72 19.56
C16 BCL FB . -37.16 33.32 20.98
C17 BCL FB . -36.09 34.34 21.23
C18 BCL FB . -35.92 34.68 22.73
C19 BCL FB . -37.26 34.95 23.41
C20 BCL FB . -34.89 35.77 23.09
MG BCL GB . -34.78 12.48 11.18
CHA BCL GB . -35.16 13.02 14.39
CHB BCL GB . -31.94 14.21 11.13
CHC BCL GB . -34.25 11.27 8.13
CHD BCL GB . -37.51 10.23 11.37
NA BCL GB . -33.70 13.57 12.57
C1A BCL GB . -34.10 13.71 13.65
C2A BCL GB . -33.26 14.60 14.28
C3A BCL GB . -32.26 15.18 13.35
C4A BCL GB . -32.60 14.24 12.28
CMA BCL GB . -32.47 16.69 13.02
CAA BCL GB . -32.48 13.62 14.88
CBA BCL GB . -32.45 14.58 15.90
CGA BCL GB . -31.27 14.65 16.67
O1A BCL GB . -30.37 14.04 16.34
O2A BCL GB . -31.47 15.44 17.79
NB BCL GB . -33.27 12.68 9.78
C1B BCL GB . -32.24 13.48 9.90
C2B BCL GB . -31.31 13.47 8.80
C3B BCL GB . -31.99 12.56 7.90
C4B BCL GB . -33.20 12.19 8.57
CMB BCL GB . -29.97 14.24 8.71
CAB BCL GB . -31.44 12.24 6.52
OBB BCL GB . -31.96 12.03 5.53
CBB BCL GB . -30.13 12.08 6.19
NC BCL GB . -35.73 11.12 9.95
C1C BCL GB . -35.34 10.87 8.70
C2C BCL GB . -36.22 9.90 7.96
C3C BCL GB . -37.07 9.42 9.10
C4C BCL GB . -36.71 10.35 10.20
CMC BCL GB . -37.12 10.49 6.93
CAC BCL GB . -36.73 7.96 9.34
CBC BCL GB . -35.35 7.67 9.80
ND BCL GB . -36.15 11.66 12.55
C1D BCL GB . -37.12 10.81 12.58
C2D BCL GB . -37.73 10.66 13.86
C3D BCL GB . -36.81 11.55 14.56
C4D BCL GB . -36.07 12.12 13.74
CMD BCL GB . -38.79 9.84 14.45
CAD BCL GB . -36.57 12.18 15.85
OBD BCL GB . -37.17 11.83 16.83
CBD BCL GB . -35.48 13.13 15.82
CGD BCL GB . -35.92 14.49 16.28
O1D BCL GB . -35.28 15.09 16.94
O2D BCL GB . -37.11 15.22 16.16
CED BCL GB . -37.26 16.49 15.71
C1 BCL GB . -32.62 15.04 18.51
C2 BCL GB . -32.57 15.51 19.89
C3 BCL GB . -32.99 15.20 21.14
C4 BCL GB . -32.51 16.04 22.22
C5 BCL GB . -33.84 14.15 21.65
C6 BCL GB . -33.59 13.81 23.12
C7 BCL GB . -32.69 12.58 23.32
C8 BCL GB . -33.17 11.38 24.15
C9 BCL GB . -32.20 11.05 25.25
C10 BCL GB . -33.10 10.09 23.37
C11 BCL GB . -33.50 8.96 24.28
C12 BCL GB . -33.91 7.70 23.44
C13 BCL GB . -35.35 7.59 23.03
C14 BCL GB . -36.18 7.69 24.31
C15 BCL GB . -35.62 6.29 22.27
C16 BCL GB . -36.92 5.71 22.78
C17 BCL GB . -37.91 5.11 21.82
C18 BCL GB . -38.37 3.91 22.67
C19 BCL GB . -37.12 3.09 22.89
C20 BCL GB . -39.50 2.96 22.25
MG BCL HB . -25.03 21.09 32.27
CHA BCL HB . -26.39 22.22 29.42
CHB BCL HB . -24.60 18.15 30.93
CHC BCL HB . -24.35 19.92 35.36
CHD BCL HB . -25.69 24.07 33.77
NA BCL HB . -25.42 20.24 30.39
C1A BCL HB . -25.92 20.83 29.42
C2A BCL HB . -26.07 19.94 28.26
C3A BCL HB . -25.26 18.81 28.69
C4A BCL HB . -25.12 19.04 30.10
CMA BCL HB . -25.74 17.49 28.22
CAA BCL HB . -25.44 20.54 27.01
CBA BCL HB . -24.00 20.82 27.27
CGA BCL HB . -23.43 21.67 26.20
O1A BCL HB . -22.37 21.85 25.96
O2A BCL HB . -24.08 22.32 25.23
NB BCL HB . -24.56 19.24 33.09
C1B BCL HB . -24.41 18.17 32.38
C2B BCL HB . -24.07 16.99 33.12
C3B BCL HB . -24.00 17.52 34.47
C4B BCL HB . -24.32 18.92 34.33
CMB BCL HB . -23.85 15.60 32.58
CAB BCL HB . -23.71 16.71 35.71
OBB BCL HB . -24.07 16.94 36.81
CBB BCL HB . -23.05 15.48 35.47
NC BCL HB . -24.97 21.83 34.17
C1C BCL HB . -24.68 21.17 35.24
C2C BCL HB . -24.70 21.94 36.45
C3C BCL HB . -25.01 23.29 35.97
C4C BCL HB . -25.23 22.98 34.56
CMC BCL HB . -25.77 21.54 37.41
CAC BCL HB . -23.93 24.34 36.13
CBC BCL HB . -23.70 24.85 37.52
ND BCL HB . -25.89 22.86 31.81
C1D BCL HB . -26.07 24.01 32.40
C2D BCL HB . -26.64 25.01 31.54
C3D BCL HB . -26.77 24.21 30.36
C4D BCL HB . -26.29 23.05 30.57
CMD BCL HB . -27.09 26.38 31.62
CAD BCL HB . -27.22 24.27 28.97
OBD BCL HB . -27.72 25.22 28.40
CBD BCL HB . -26.99 23.01 28.33
CGD BCL HB . -28.22 22.41 27.78
O1D BCL HB . -28.22 22.08 26.77
O2D BCL HB . -29.45 21.93 28.24
CED BCL HB . -30.63 22.54 28.21
C1 BCL HB . -23.81 22.48 23.85
C2 BCL HB . -25.15 23.05 23.73
C3 BCL HB . -26.20 22.97 23.01
C4 BCL HB . -27.23 23.77 23.63
C5 BCL HB . -26.45 22.37 21.72
C6 BCL HB . -25.85 23.36 20.76
C7 BCL HB . -26.69 23.84 19.65
C8 BCL HB . -25.98 23.75 18.34
C9 BCL HB . -25.02 24.83 17.93
C10 BCL HB . -27.01 23.75 17.26
C11 BCL HB . -27.96 24.87 17.30
C12 BCL HB . -29.20 24.42 16.58
C13 BCL HB . -29.64 25.32 15.48
C14 BCL HB . -29.74 26.72 15.96
C15 BCL HB . -31.03 24.95 15.11
C16 BCL HB . -31.55 25.83 14.02
C17 BCL HB . -32.49 24.96 13.24
C18 BCL HB . -33.88 25.51 13.22
C19 BCL HB . -34.11 26.29 14.44
C20 BCL HB . -34.94 24.49 13.01
MG BCL IB . -15.68 15.64 8.50
CHA BCL IB . -17.50 17.79 6.33
CHB BCL IB . -16.69 13.19 6.42
CHC BCL IB . -13.28 13.94 9.62
CHD BCL IB . -14.59 18.44 10.20
NA BCL IB . -16.89 15.50 6.74
C1A BCL IB . -17.55 16.35 6.09
C2A BCL IB . -18.50 15.90 5.02
C3A BCL IB . -18.26 14.46 5.17
C4A BCL IB . -17.18 14.37 6.15
CMA BCL IB . -19.56 13.84 5.62
CAA BCL IB . -18.42 16.33 3.53
CBA BCL IB . -17.05 16.56 2.83
CGA BCL IB . -15.78 16.31 3.57
O1A BCL IB . -15.43 15.26 3.58
O2A BCL IB . -14.83 16.85 4.48
NB BCL IB . -15.04 13.69 8.05
C1B BCL IB . -15.52 12.89 7.19
C2B BCL IB . -14.81 11.64 7.16
C3B BCL IB . -13.77 11.90 8.09
C4B BCL IB . -14.03 13.23 8.56
CMB BCL IB . -14.99 10.44 6.38
CAB BCL IB . -12.61 11.09 8.41
OBB BCL IB . -12.06 11.20 9.29
CBB BCL IB . -11.95 10.21 7.52
NC BCL IB . -14.22 16.02 9.91
C1C BCL IB . -13.33 15.15 10.23
C2C BCL IB . -12.44 15.72 11.23
C3C BCL IB . -13.06 17.05 11.53
C4C BCL IB . -14.01 17.14 10.47
CMC BCL IB . -12.17 14.90 12.47
CAC BCL IB . -12.20 18.28 11.55
CBC BCL IB . -11.18 18.36 12.63
ND BCL IB . -15.89 17.66 8.32
C1D BCL IB . -15.47 18.62 9.10
C2D BCL IB . -15.96 19.88 8.62
C3D BCL IB . -16.77 19.47 7.56
C4D BCL IB . -16.74 18.25 7.49
CMD BCL IB . -15.87 21.30 9.07
CAD BCL IB . -17.63 20.07 6.53
OBD BCL IB . -17.91 21.28 6.40
CBD BCL IB . -18.14 19.00 5.68
CGD BCL IB . -19.61 19.01 5.38
O1D BCL IB . -20.27 18.62 6.16
O2D BCL IB . -20.43 19.43 4.29
CED BCL IB . -21.79 19.45 4.20
C1 BCL IB . -13.52 16.55 4.99
C2 BCL IB . -13.04 15.66 6.12
C3 BCL IB . -11.89 15.01 5.86
C4 BCL IB . -11.27 15.26 4.52
C5 BCL IB . -11.09 14.01 6.65
C6 BCL IB . -9.81 14.59 7.05
C7 BCL IB . -9.93 15.61 8.14
C8 BCL IB . -8.61 16.18 8.58
C9 BCL IB . -7.73 15.11 9.21
C10 BCL IB . -8.78 17.21 9.63
C11 BCL IB . -7.69 18.21 9.79
C12 BCL IB . -7.97 19.00 11.09
C13 BCL IB . -6.94 19.36 12.18
C14 BCL IB . -5.57 19.69 11.61
C15 BCL IB . -7.03 18.55 13.50
C16 BCL IB . -6.04 17.53 14.00
C17 BCL IB . -6.05 17.48 15.53
C18 BCL IB . -5.24 16.38 16.19
C19 BCL IB . -6.22 15.63 17.01
C20 BCL IB . -4.04 16.62 17.09
MG BCL JB . -22.84 17.29 13.26
CHA BCL JB . -25.31 17.11 10.73
CHB BCL JB . -20.62 17.75 10.94
CHC BCL JB . -20.79 18.20 15.67
CHD BCL JB . -25.35 17.29 15.53
NA BCL JB . -22.91 17.41 11.14
C1A BCL JB . -23.92 17.25 10.33
C2A BCL JB . -23.48 17.28 8.93
C3A BCL JB . -22.02 17.43 9.00
C4A BCL JB . -21.82 17.60 10.43
CMA BCL JB . -21.41 16.23 8.30
CAA BCL JB . -24.25 18.07 7.88
CBA BCL JB . -23.61 19.29 7.37
CGA BCL JB . -23.41 20.28 8.38
O1A BCL JB . -24.35 20.42 8.95
O2A BCL JB . -22.35 21.07 8.74
NB BCL JB . -20.91 17.96 13.29
C1B BCL JB . -20.15 18.04 12.28
C2B BCL JB . -18.87 18.45 12.53
C3B BCL JB . -18.90 18.60 13.94
C4B BCL JB . -20.25 18.25 14.34
CMB BCL JB . -17.79 18.67 11.52
CAB BCL JB . -17.75 19.03 14.72
OBB BCL JB . -18.01 19.26 15.73
CBB BCL JB . -16.41 19.24 14.23
NC BCL JB . -22.98 17.62 15.29
C1C BCL JB . -21.99 17.94 16.04
C2C BCL JB . -22.36 17.97 17.46
C3C BCL JB . -23.82 17.83 17.37
C4C BCL JB . -24.00 17.61 15.95
CMC BCL JB . -21.77 16.81 18.20
CAC BCL JB . -24.47 19.12 17.77
CBC BCL JB . -24.06 19.53 19.11
ND BCL JB . -24.91 17.20 13.21
C1D BCL JB . -25.80 17.21 14.15
C2D BCL JB . -27.14 17.04 13.80
C3D BCL JB . -26.85 16.99 12.37
C4D BCL JB . -25.61 17.15 12.12
CMD BCL JB . -28.42 16.94 14.53
CAD BCL JB . -27.51 16.92 11.08
OBD BCL JB . -28.65 16.81 10.96
CBD BCL JB . -26.59 17.01 9.99
CGD BCL JB . -26.56 15.87 9.07
O1D BCL JB . -26.22 14.82 9.42
O2D BCL JB . -26.91 15.98 7.77
CED BCL JB . -26.94 15.06 6.79
C1 BCL JB . -21.06 20.90 9.03
C2 BCL JB . -20.29 21.36 10.22
C3 BCL JB . -19.32 22.27 10.54
C4 BCL JB . -18.76 23.36 9.76
C5 BCL JB . -18.78 22.27 11.96
C6 BCL JB . -19.41 23.17 13.01
C7 BCL JB . -19.10 22.58 14.35
C8 BCL JB . -19.80 23.15 15.59
C9 BCL JB . -19.23 22.48 16.78
C10 BCL JB . -21.31 23.11 15.56
C11 BCL JB . -21.93 21.82 15.05
C12 BCL JB . -23.42 21.96 14.98
C13 BCL JB . -24.18 20.94 14.06
C14 BCL JB . -23.59 20.64 12.66
C15 BCL JB . -25.60 21.49 14.13
C16 BCL JB . -26.80 20.79 13.57
C17 BCL JB . -27.92 21.71 13.20
C18 BCL JB . -28.86 21.15 12.12
C19 BCL JB . -29.94 22.08 11.79
C20 BCL JB . -29.61 19.98 12.66
MG CLA KB . 14.67 15.85 9.27
CHA CLA KB . 17.88 16.77 10.18
CHB CLA KB . 15.14 17.54 6.38
CHC CLA KB . 12.33 14.05 7.75
CHD CLA KB . 14.77 13.41 11.76
NA CLA KB . 16.26 16.88 8.41
C1A CLA KB . 17.41 17.19 8.89
C2A CLA KB . 18.17 18.21 8.15
C3A CLA KB . 17.27 18.51 7.00
C4A CLA KB . 16.17 17.56 7.24
CMA CLA KB . 16.80 19.94 7.12
CAA CLA KB . 19.51 17.76 7.65
CBA CLA KB . 20.48 18.87 7.33
CGA CLA KB . 20.66 18.78 5.86
O1A CLA KB . 20.98 17.74 5.45
O2A CLA KB . 20.40 19.72 4.82
NB CLA KB . 13.94 15.77 7.29
C1B CLA KB . 14.12 16.55 6.27
C2B CLA KB . 13.23 16.39 5.13
C3B CLA KB . 12.41 15.33 5.61
C4B CLA KB . 12.91 15.08 6.93
CMB CLA KB . 13.13 17.03 3.78
CAB CLA KB . 11.31 14.59 4.96
CBB CLA KB . 10.57 15.15 4.10
NC CLA KB . 13.73 13.95 9.67
C1C CLA KB . 12.84 13.38 8.98
C2C CLA KB . 12.32 12.17 9.51
C3C CLA KB . 13.01 12.04 10.69
C4C CLA KB . 13.83 13.18 10.67
CMC CLA KB . 11.21 11.31 9.00
CAC CLA KB . 12.91 10.95 11.71
CBC CLA KB . 14.16 10.19 11.75
ND CLA KB . 16.07 15.09 10.51
C1D CLA KB . 15.78 14.37 11.72
C2D CLA KB . 16.89 14.53 12.64
C3D CLA KB . 17.65 15.55 11.96
C4D CLA KB . 17.12 15.85 10.92
CMD CLA KB . 17.25 14.06 13.99
CAD CLA KB . 18.85 16.43 12.03
OBD CLA KB . 19.58 16.58 12.86
CBD CLA KB . 19.11 17.21 10.87
CGD CLA KB . 19.40 18.62 11.20
O1D CLA KB . 20.30 19.21 11.03
O2D CLA KB . 18.50 19.46 11.73
CED CLA KB . 18.16 20.70 11.33
C1 CLA KB . 19.98 19.23 3.53
C2 CLA KB . 18.49 19.46 3.26
C3 CLA KB . 17.82 18.54 2.60
C4 CLA KB . 18.63 17.40 2.20
C5 CLA KB . 16.34 18.59 2.31
C6 CLA KB . 15.80 19.67 1.41
C7 CLA KB . 14.41 20.17 1.60
C8 CLA KB . 13.57 18.98 1.13
C9 CLA KB . 13.97 18.19 0.17
C10 CLA KB . 12.22 19.21 0.67
C11 CLA KB . 11.33 20.11 1.41
C12 CLA KB . 10.17 19.16 1.45
C13 CLA KB . 9.01 19.60 2.34
C14 CLA KB . 8.23 18.37 2.62
C15 CLA KB . 8.29 20.57 1.46
C16 CLA KB . 7.03 21.11 2.01
C17 CLA KB . 7.16 22.54 1.54
C18 CLA KB . 5.86 23.29 1.47
C19 CLA KB . 6.10 24.49 0.62
C20 CLA KB . 4.97 22.37 0.74
MG CLA LB . -30.81 25.97 9.08
CHA CLA LB . -30.22 22.66 7.96
CHB CLA LB . -34.01 25.42 8.43
CHC CLA LB . -31.42 28.41 11.13
CHD CLA LB . -27.57 25.69 10.54
NA CLA LB . -31.89 24.41 8.27
C1A CLA LB . -31.53 23.27 7.85
C2A CLA LB . -32.60 22.41 7.36
C3A CLA LB . -33.73 23.35 7.20
C4A CLA LB . -33.19 24.48 8.01
CMA CLA LB . -34.12 23.62 5.72
CAA CLA LB . -32.85 21.17 8.35
CBA CLA LB . -33.36 21.59 9.73
CGA CLA LB . -33.29 20.65 10.92
O1A CLA LB . -32.82 19.63 10.78
O2A CLA LB . -33.67 20.92 12.24
NB CLA LB . -32.57 26.80 9.76
C1B CLA LB . -33.74 26.47 9.38
C2B CLA LB . -34.77 27.31 9.97
C3B CLA LB . -33.94 28.17 10.79
C4B CLA LB . -32.62 27.75 10.60
CMB CLA LB . -36.28 27.28 9.82
CAB CLA LB . -34.24 29.23 11.71
CBB CLA LB . -35.36 29.59 12.07
NC CLA LB . -29.68 26.88 10.64
C1C CLA LB . -30.05 27.95 11.24
C2C CLA LB . -29.06 28.44 12.19
C3C CLA LB . -27.91 27.65 11.96
C4C CLA LB . -28.40 26.78 10.94
CMC CLA LB . -29.10 29.56 13.15
CAC CLA LB . -26.59 27.75 12.67
CBC CLA LB . -26.24 26.71 13.65
ND CLA LB . -29.39 24.47 9.40
C1D CLA LB . -27.99 24.61 9.75
C2D CLA LB . -27.19 23.40 9.54
C3D CLA LB . -28.17 22.70 8.80
C4D CLA LB . -29.21 23.43 8.61
CMD CLA LB . -25.80 22.89 9.80
CAD CLA LB . -28.36 21.47 8.01
OBD CLA LB . -27.62 20.50 7.87
CBD CLA LB . -29.70 21.39 7.48
CGD CLA LB . -29.52 21.16 6.00
O1D CLA LB . -28.93 21.83 5.31
O2D CLA LB . -30.01 20.34 5.10
CED CLA LB . -29.26 19.46 4.29
C1 CLA LB . -33.26 20.30 13.42
C2 CLA LB . -33.66 21.12 14.59
C3 CLA LB . -34.26 20.65 15.63
C4 CLA LB . -34.66 19.24 15.60
C5 CLA LB . -34.60 21.54 16.73
C6 CLA LB . -33.68 21.62 17.88
C7 CLA LB . -32.39 20.80 17.74
C8 CLA LB . -31.49 20.73 18.87
C9 CLA LB . -31.40 21.74 19.94
C10 CLA LB . -29.89 20.53 18.43
C11 CLA LB . -29.76 19.25 19.18
C12 CLA LB . -28.36 18.74 18.99
C13 CLA LB . -27.86 17.50 19.72
C14 CLA LB . -28.29 16.19 19.00
C15 CLA LB . -28.14 17.58 21.26
C16 CLA LB . -27.46 18.69 22.03
C17 CLA LB . -27.39 18.30 23.44
C18 CLA LB . -28.45 18.89 24.33
C19 CLA LB . -29.57 19.73 23.76
C20 CLA LB . -28.90 17.96 25.33
MG CLA MB . -9.02 22.70 24.09
CHA CLA MB . -6.59 24.82 24.94
CHB CLA MB . -11.20 25.35 24.10
CHC CLA MB . -11.18 21.26 21.90
CHD CLA MB . -6.60 20.37 22.88
NA CLA MB . -8.93 24.74 24.48
C1A CLA MB . -7.92 25.40 24.88
C2A CLA MB . -8.21 26.70 25.47
C3A CLA MB . -9.65 26.81 25.27
C4A CLA MB . -9.99 25.55 24.53
CMA CLA MB . -10.18 26.87 26.67
CAA CLA MB . -7.42 27.85 24.84
CBA CLA MB . -7.75 27.58 23.39
CGA CLA MB . -7.08 28.45 22.45
O1A CLA MB . -6.78 29.47 22.87
O2A CLA MB . -6.70 28.19 21.07
NB CLA MB . -10.87 23.23 23.09
C1B CLA MB . -11.65 24.22 23.30
C2B CLA MB . -12.91 24.22 22.61
C3B CLA MB . -12.86 22.98 21.90
C4B CLA MB . -11.63 22.51 22.35
CMB CLA MB . -13.89 25.36 22.59
CAB CLA MB . -13.79 22.22 20.99
CBB CLA MB . -15.04 22.43 20.86
NC CLA MB . -8.92 21.13 22.63
C1C CLA MB . -9.85 20.74 21.82
C2C CLA MB . -9.48 19.65 20.97
C3C CLA MB . -8.11 19.39 21.28
C4C CLA MB . -7.91 20.35 22.29
CMC CLA MB . -10.28 18.84 20.02
CAC CLA MB . -7.15 18.38 20.69
CBC CLA MB . -7.42 17.01 21.10
ND CLA MB . -6.99 22.59 23.74
C1D CLA MB . -6.15 21.50 23.59
C2D CLA MB . -4.84 21.86 24.10
C3D CLA MB . -5.06 23.20 24.59
C4D CLA MB . -6.26 23.47 24.46
CMD CLA MB . -3.56 21.09 24.06
CAD CLA MB . -4.44 24.31 25.30
OBD CLA MB . -3.31 24.38 25.65
CBD CLA MB . -5.38 25.40 25.52
CGD CLA MB . -5.38 25.74 26.94
O1D CLA MB . -5.82 25.07 27.69
O2D CLA MB . -4.86 26.80 27.55
CED CLA MB . -4.42 26.91 28.87
C1 CLA MB . -6.94 29.18 20.06
MG CLA NB . -9.22 17.90 -3.06
CHA CLA NB . -12.58 18.57 -3.64
CHB CLA NB . -8.68 19.47 -6.06
CHC CLA NB . -5.98 17.89 -2.43
CHD CLA NB . -9.89 17.21 0.23
NA CLA NB . -10.39 18.88 -4.50
C1A CLA NB . -11.61 19.02 -4.63
C2A CLA NB . -12.12 19.62 -5.92
C3A CLA NB . -10.93 19.41 -6.77
C4A CLA NB . -9.89 19.25 -5.69
CMA CLA NB . -11.12 18.35 -7.82
CAA CLA NB . -12.67 21.03 -5.84
CBA CLA NB . -11.70 21.85 -5.06
CGA CLA NB . -12.00 23.24 -4.74
O1A CLA NB . -13.03 23.65 -4.72
O2A CLA NB . -11.10 24.25 -4.36
NB CLA NB . -7.57 18.70 -4.10
C1B CLA NB . -7.48 19.10 -5.29
C2B CLA NB . -6.14 19.30 -5.73
C3B CLA NB . -5.41 18.75 -4.65
C4B CLA NB . -6.36 18.46 -3.73
CMB CLA NB . -5.50 19.79 -6.97
CAB CLA NB . -3.96 18.80 -4.48
CBB CLA NB . -3.18 18.15 -5.16
NC CLA NB . -8.11 17.64 -1.24
C1C CLA NB . -6.81 17.59 -1.18
C2C CLA NB . -6.32 17.27 0.17
C3C CLA NB . -7.54 17.09 0.93
C4C CLA NB . -8.52 17.29 -0.08
CMC CLA NB . -4.98 17.19 0.76
CAC CLA NB . -7.67 16.76 2.39
CBC CLA NB . -7.91 18.08 3.06
ND CLA NB . -10.91 18.11 -1.87
C1D CLA NB . -11.01 17.40 -0.63
C2D CLA NB . -12.41 17.30 -0.31
C3D CLA NB . -12.95 17.72 -1.56
C4D CLA NB . -12.08 18.03 -2.42
CMD CLA NB . -13.22 16.79 0.86
CAD CLA NB . -14.19 17.94 -2.19
OBD CLA NB . -15.23 17.73 -1.65
CBD CLA NB . -14.04 18.43 -3.57
CGD CLA NB . -14.60 17.45 -4.52
O1D CLA NB . -15.62 17.03 -4.40
O2D CLA NB . -13.99 16.82 -5.61
CED CLA NB . -14.32 15.59 -6.13
C1 CLA NB . -11.45 25.53 -3.89
C2 CLA NB . -11.49 25.45 -2.44
C3 CLA NB . -10.50 25.78 -1.69
C4 CLA NB . -9.29 26.30 -2.35
C5 CLA NB . -10.64 25.63 -0.22
C6 CLA NB . -12.05 26.08 0.06
CA CA OB . -14.74 1.66 -0.18
FE1 SF4 PB . 13.95 14.39 25.44
FE2 SF4 PB . 13.92 12.08 26.82
FE3 SF4 PB . 13.50 14.44 28.10
FE4 SF4 PB . 15.92 13.80 27.16
S1 SF4 PB . 14.82 12.71 28.79
S2 SF4 PB . 14.87 15.81 26.97
S3 SF4 PB . 15.43 12.64 25.24
S4 SF4 PB . 12.17 13.50 26.48
C1 85I QB . -21.01 -3.43 8.54
O1 85I QB . -25.14 -2.89 10.08
O2 85I QB . -25.29 -5.42 9.74
C2 85I QB . -22.26 -3.10 9.27
C3 85I QB . -23.37 -3.74 12.49
C4 85I QB . -23.44 -4.16 14.00
C5 85I QB . -22.84 -3.01 16.00
C6 85I QB . -23.38 -2.35 17.22
C7 85I QB . -22.30 -2.04 18.25
C8 85I QB . -22.20 -3.09 19.33
N 85I QB . -21.30 -3.88 7.15
C 85I QB . -20.82 -2.94 6.12
O 85I QB . -23.20 -4.22 9.20
C9 85I QB . -21.45 -2.63 20.58
O3 85I QB . -23.90 -4.40 11.65
O4 85I QB . -23.82 -3.47 15.21
O7 85I QB . -23.94 -1.06 13.86
C20 85I QB . -23.08 -1.38 13.09
C21 85I QB . -21.77 -0.66 12.91
C22 85I QB . -21.93 0.80 12.57
C23 85I QB . -21.82 1.72 13.78
C24 85I QB . -20.50 2.48 13.85
C25 85I QB . -19.74 2.27 15.15
C26 85I QB . -20.17 3.19 16.29
C27 85I QB . -19.09 3.43 17.33
C28 85I QB . -18.69 2.20 18.12
C29 85I QB . -18.95 2.31 19.60
C30 85I QB . -18.42 3.60 20.23
C31 85I QB . -18.09 3.48 21.71
C32 85I QB . -17.77 4.77 22.42
C34 85I QB . -16.62 4.61 23.41
C33 85I QB . -18.99 5.36 23.11
O6 85I QB . -23.17 -2.43 12.26
P 85I QB . -24.50 -4.24 10.12
O5 85I QB . -21.68 -3.14 15.73
C10 85I QB . -20.69 -3.74 21.29
C11 85I QB . -20.41 -3.46 22.75
C12 85I QB . -19.77 -2.10 23.00
C13 85I QB . -19.13 -1.96 24.38
C14 85I QB . -17.86 -1.11 24.37
C15 85I QB . -17.68 -0.29 25.65
C16 85I QB . -16.35 0.45 25.71
C17 85I QB . -16.11 1.25 26.98
C19 85I QB . -14.81 2.05 26.90
C18 85I QB . -16.11 0.36 28.21
C1 85I RB . 14.26 24.32 10.67
O1 85I RB . 13.70 21.08 12.97
O2 85I RB . 11.92 22.54 14.06
C2 85I RB . 13.74 22.92 10.85
C3 85I RB . 10.88 20.16 11.40
C4 85I RB . 11.31 19.73 10.11
C5 85I RB . 10.82 18.34 8.25
C6 85I RB . 11.99 19.04 7.64
C7 85I RB . 11.63 19.78 6.35
C8 85I RB . 12.80 20.58 5.77
N 85I RB . 15.68 24.31 10.24
C 85I RB . 15.87 23.94 8.82
O 85I RB . 12.57 22.92 11.70
C9 85I RB . 12.56 22.07 5.74
O3 85I RB . 11.31 20.78 12.29
O4 85I RB . 10.34 19.01 9.30
O7 85I RB . 9.07 21.59 13.32
C20 85I RB . 8.69 21.30 12.21
C21 85I RB . 7.44 21.84 11.57
C22 85I RB . 6.53 22.55 12.55
C23 85I RB . 5.07 22.54 12.12
C24 85I RB . 4.51 23.91 11.81
C25 85I RB . 4.33 24.19 10.32
C26 85I RB . 2.94 23.84 9.79
C27 85I RB . 2.51 24.69 8.60
C28 85I RB . 2.09 23.87 7.39
C29 85I RB . 2.24 24.60 6.07
C30 85I RB . 1.34 24.08 4.97
C31 85I RB . 0.72 25.18 4.11
C32 85I RB . 0.55 24.84 2.63
C34 85I RB . 0.97 25.99 1.73
C33 85I RB . -0.88 24.42 2.32
O6 85I RB . 9.34 20.46 11.39
P 85I RB . 12.43 21.84 12.87
O5 85I RB . 10.36 17.30 7.87
C10 85I RB . 13.68 22.89 6.38
C11 85I RB . 14.34 23.87 5.43
C12 85I RB . 15.75 23.45 5.02
C13 85I RB . 16.85 24.23 5.73
C14 85I RB . 17.88 24.83 4.79
C15 85I RB . 19.27 24.20 4.92
C16 85I RB . 20.38 25.22 5.18
C17 85I RB . 21.55 25.17 4.23
C19 85I RB . 22.88 25.22 4.97
C18 85I RB . 21.50 23.96 3.32
C1 85I SB . 12.35 27.26 20.85
O1 85I SB . 7.98 27.25 19.98
O2 85I SB . 10.19 26.06 19.55
C2 85I SB . 11.14 27.71 21.60
C3 85I SB . 8.81 27.21 17.32
C4 85I SB . 9.79 26.38 16.64
C5 85I SB . 9.59 25.35 14.51
C6 85I SB . 10.32 25.11 13.22
C7 85I SB . 9.60 25.70 12.01
C8 85I SB . 10.48 25.76 10.77
N 85I SB . 12.97 28.39 20.11
C 85I SB . 12.92 29.68 20.86
O 85I SB . 10.15 28.26 20.69
C9 85I SB . 10.51 24.48 9.97
O3 85I SB . 9.52 28.17 18.23
O4 85I SB . 10.24 26.23 15.27
O7 85I SB . 7.57 27.48 14.83
C20 85I SB . 7.06 27.51 15.91
C21 85I SB . 5.58 27.37 16.16
C22 85I SB . 4.81 26.86 14.96
C23 85I SB . 4.00 27.95 14.26
C24 85I SB . 4.14 27.95 12.75
C25 85I SB . 2.92 28.47 12.02
C26 85I SB . 2.89 28.14 10.53
C27 85I SB . 1.90 28.97 9.74
C28 85I SB . 2.50 29.69 8.53
C29 85I SB . 1.70 29.52 7.25
C30 85I SB . 1.72 30.74 6.35
C31 85I SB . 3.13 31.16 5.93
C32 85I SB . 3.32 31.39 4.44
C34 85I SB . 2.33 30.61 3.60
C33 85I SB . 3.26 32.87 4.08
O6 85I SB . 7.72 27.66 17.06
P 85I SB . 9.41 27.32 19.64
O5 85I SB . 8.56 24.82 14.83
C10 85I SB . 10.12 24.66 8.51
C11 85I SB . 9.55 23.40 7.85
C12 85I SB . 8.06 23.48 7.57
C13 85I SB . 7.62 22.66 6.38
C14 85I SB . 6.76 21.44 6.75
C15 85I SB . 5.80 21.01 5.66
C16 85I SB . 5.56 19.51 5.61
C17 85I SB . 4.11 19.07 5.53
C19 85I SB . 3.36 19.80 4.44
C18 85I SB . 4.00 17.56 5.34
C11 84Q TB . -36.47 6.97 13.67
C21 84Q TB . -39.17 6.90 18.30
C31 84Q TB . -29.20 10.39 18.86
C4 84Q TB . -29.63 10.69 12.40
C5 84Q TB . -31.14 10.76 12.28
C6 84Q TB . -31.88 10.36 13.56
C7 84Q TB . -32.72 9.11 13.40
C8 84Q TB . -34.13 9.24 13.98
N 84Q TB . -37.64 -3.68 11.17
C 84Q TB . -26.89 13.36 12.10
O 84Q TB . -37.06 3.63 11.78
C1 84Q TB . -28.02 12.52 11.54
O1 84Q TB . -39.03 3.03 12.66
C2 84Q TB . -27.48 11.36 10.73
O2 84Q TB . -39.75 2.31 15.35
C3 84Q TB . -28.97 12.04 12.64
O3 84Q TB . -41.51 1.79 16.64
O6 84Q TB . -39.70 -1.98 15.62
P 84Q TB . -39.73 -1.31 14.30
O5 84Q TB . -40.52 -1.91 13.20
O7 84Q TB . -38.23 -1.12 13.82
C32 84Q TB . -37.80 -1.63 12.53
C33 84Q TB . -37.76 -3.13 12.55
O4 84Q TB . -40.27 0.24 14.60
C16 84Q TB . -39.52 1.29 14.57
C17 84Q TB . -40.80 2.61 16.12
C18 84Q TB . -40.97 4.11 16.24
C19 84Q TB . -39.92 4.76 17.13
C20 84Q TB . -40.15 6.25 17.32
C22 84Q TB . -38.13 7.77 17.62
C23 84Q TB . -37.07 8.30 18.59
C24 84Q TB . -35.94 9.04 17.90
C25 84Q TB . -34.64 9.06 18.69
C26 84Q TB . -33.95 10.41 18.73
C27 84Q TB . -32.51 10.36 19.19
C28 84Q TB . -31.53 11.11 18.29
C29 84Q TB . -30.21 11.52 18.93
C30 84Q TB . -30.40 11.97 20.37
C15 84Q TB . -38.74 1.78 13.30
C14 84Q TB . -38.00 3.87 12.48
C13 84Q TB . -38.18 5.13 13.27
C12 84Q TB . -36.92 5.56 14.02
C10 84Q TB . -36.02 7.79 14.87
C9 84Q TB . -34.53 8.09 14.89
C21 UNL UB . -33.40 -11.95 24.24
C20 UNL UB . -32.99 -13.17 23.69
C19 UNL UB . -34.11 -13.93 23.12
C18 UNL UB . -33.77 -15.38 23.24
C17 UNL UB . -34.84 -16.34 22.84
C16 UNL UB . -34.65 -17.09 21.61
C15 UNL UB . -35.53 -18.25 21.47
C14 UNL UB . -34.82 -19.52 21.15
C13 UNL UB . -35.73 -20.73 20.96
C12 UNL UB . -34.99 -22.00 20.50
C11 UNL UB . -35.18 -22.46 19.10
C10 UNL UB . -34.00 -23.08 18.46
C9 UNL UB . -33.74 -22.54 17.08
C8 UNL UB . -32.51 -21.67 16.95
C7 UNL UB . -32.75 -20.21 17.11
C6 UNL UB . -31.70 -19.45 17.89
C5 UNL UB . -31.94 -19.26 19.42
C4 UNL UB . -31.11 -18.20 20.13
C3 UNL UB . -31.14 -18.29 21.61
C2 UNL UB . -30.25 -17.26 22.29
C1 UNL UB . -30.93 -16.34 23.26
C UNL UB . -30.13 -15.73 24.42
C21 UNL VB . -23.27 7.59 40.27
C20 UNL VB . -23.49 7.37 41.70
C19 UNL VB . -23.00 6.03 42.19
C18 UNL VB . -22.89 5.91 43.71
C17 UNL VB . -23.83 6.84 44.49
C16 UNL VB . -23.52 7.01 45.96
C15 UNL VB . -22.77 5.87 46.63
C14 UNL VB . -21.59 6.23 47.52
C13 UNL VB . -20.38 5.34 47.41
C12 UNL VB . -19.41 5.76 46.31
C11 UNL VB . -19.67 5.34 44.92
C10 UNL VB . -18.50 5.70 44.04
C9 UNL VB . -18.48 5.09 42.64
C8 UNL VB . -19.14 5.96 41.64
C7 UNL VB . -18.35 6.13 40.38
C6 UNL VB . -18.81 5.34 39.20
C5 UNL VB . -18.61 5.95 37.83
C4 UNL VB . -18.69 4.92 36.70
C3 UNL VB . -19.77 5.14 35.67
C2 UNL VB . -20.31 3.94 34.97
C1 UNL VB . -20.70 4.14 33.50
C UNL VB . -22.18 3.90 33.15
C21 UNL WB . -33.29 16.56 28.14
C20 UNL WB . -31.94 16.58 28.68
C19 UNL WB . -31.47 17.94 29.02
C18 UNL WB . -30.51 17.92 30.09
C17 UNL WB . -29.26 18.54 29.72
C16 UNL WB . -28.76 19.27 30.85
C15 UNL WB . -28.16 18.41 31.83
C14 UNL WB . -28.64 18.72 33.06
C13 UNL WB . -27.64 18.67 33.98
C12 UNL WB . -27.95 17.83 35.10
C11 UNL WB . -28.33 18.56 36.30
C10 UNL WB . -28.75 17.72 37.29
C9 UNL WB . -28.28 18.17 38.56
C8 UNL WB . -27.40 17.16 39.20
C7 UNL WB . -27.29 17.24 40.65
C6 UNL WB . -26.14 16.43 41.16
C5 UNL WB . -26.50 15.25 41.85
C4 UNL WB . -26.30 15.39 43.32
C3 UNL WB . -27.52 14.90 44.05
C2 UNL WB . -27.25 14.48 45.44
C1 UNL WB . -26.88 15.60 46.37
C UNL WB . -26.98 15.15 47.72
C21 UNL XB . -12.08 37.57 17.69
C20 UNL XB . -12.23 38.14 16.31
C19 UNL XB . -13.49 38.95 16.13
C18 UNL XB . -13.99 38.98 14.72
C17 UNL XB . -15.48 39.14 14.59
C16 UNL XB . -15.92 40.47 14.02
C15 UNL XB . -17.39 40.58 13.74
C14 UNL XB . -17.81 41.98 13.47
C13 UNL XB . -19.27 42.18 13.32
C12 UNL XB . -19.63 43.20 12.29
C11 UNL XB . -19.99 44.54 12.89
C10 UNL XB . -19.27 45.72 12.27
C9 UNL XB . -19.74 47.07 12.74
C8 UNL XB . -20.58 47.79 11.74
C7 UNL XB . -19.79 48.84 10.99
C6 UNL XB . -20.62 49.90 10.29
C5 UNL XB . -19.84 51.10 9.83
C4 UNL XB . -20.71 52.23 9.29
C3 UNL XB . -20.32 53.61 9.76
C2 UNL XB . -21.48 54.50 10.12
C1 UNL XB . -21.23 55.93 9.79
C UNL XB . -20.01 56.11 8.97
C21 UNL YB . -38.81 30.58 9.26
C20 UNL YB . -39.42 30.55 7.91
C19 UNL YB . -38.40 30.30 6.76
C18 UNL YB . -38.96 30.71 5.38
C17 UNL YB . -37.97 30.76 4.22
C16 UNL YB . -38.07 29.68 3.12
C15 UNL YB . -36.90 29.71 2.18
C14 UNL YB . -36.98 28.87 0.84
C13 UNL YB . -38.01 29.36 -0.10
C12 UNL YB . -37.94 28.97 -1.53
C11 UNL YB . -37.64 30.15 -2.43
C10 UNL YB . -38.78 30.78 -3.30
C9 UNL YB . -38.79 30.53 -4.84
C8 UNL YB . -38.65 31.75 -5.85
C7 UNL YB . -37.28 32.40 -5.92
C6 UNL YB . -37.11 33.63 -5.08
C16 UNL ZB . -19.44 27.08 -14.94
C15 UNL ZB . -18.10 26.63 -14.72
C14 UNL ZB . -17.88 26.52 -13.29
C13 UNL ZB . -18.24 27.78 -12.45
C12 UNL ZB . -17.64 27.78 -11.03
C11 UNL ZB . -18.59 27.55 -9.82
C10 UNL ZB . -18.50 26.20 -9.02
C9 UNL ZB . -19.76 25.92 -8.15
C8 UNL ZB . -19.92 26.32 -6.70
C7 UNL ZB . -20.75 27.57 -6.48
C6 UNL ZB . -21.59 27.70 -5.28
C5 UNL ZB . -21.00 28.37 -4.09
C4 UNL ZB . -20.93 29.80 -4.27
C3 UNL ZB . -20.33 30.42 -3.18
C2 UNL ZB . -21.26 31.22 -2.52
C1 UNL ZB . -20.64 32.48 -1.98
C UNL ZB . -20.99 33.57 -2.75
C21 UNL AC . -35.29 35.24 1.31
C20 UNL AC . -35.17 35.97 2.61
C19 UNL AC . -34.09 37.05 2.65
C18 UNL AC . -33.34 37.34 3.95
C17 UNL AC . -33.99 36.82 5.19
C16 UNL AC . -33.34 37.23 6.49
C15 UNL AC . -34.34 37.39 7.61
C14 UNL AC . -33.89 36.93 8.98
C13 UNL AC . -33.43 37.98 9.97
C12 UNL AC . -34.35 38.20 11.17
C11 UNL AC . -34.31 37.20 12.33
C10 UNL AC . -34.37 37.77 13.75
C9 UNL AC . -34.63 36.77 14.94
C8 UNL AC . -34.04 37.20 16.26
C7 UNL AC . -34.62 38.45 16.98
C6 UNL AC . -34.77 38.33 18.51
C5 UNL AC . -34.35 39.52 19.35
C4 UNL AC . -34.36 39.18 20.82
C3 UNL AC . -33.80 40.15 21.85
C2 UNL AC . -33.86 39.54 23.24
C1 UNL AC . -33.40 40.39 24.38
C UNL AC . -34.02 41.74 24.38
C21 UNL BC . -21.54 41.44 10.46
C20 UNL BC . -22.20 42.63 10.04
C19 UNL BC . -23.40 42.29 9.23
C18 UNL BC . -24.18 43.42 8.75
C17 UNL BC . -25.37 43.82 9.59
C16 UNL BC . -26.68 43.14 9.23
C15 UNL BC . -27.61 43.03 10.37
C14 UNL BC . -28.50 44.26 10.49
C13 UNL BC . -28.35 45.00 11.74
C12 UNL BC . -29.66 45.39 12.41
C11 UNL BC . -29.52 46.51 13.41
C10 UNL BC . -28.41 47.47 13.13
C9 UNL BC . -28.18 47.82 11.65
C8 UNL BC . -26.81 47.51 11.17
C7 UNL BC . -25.96 48.75 10.99
C6 UNL BC . -26.63 49.83 10.14
C5 UNL BC . -26.54 51.17 10.75
C4 UNL BC . -25.76 52.20 9.94
C3 UNL BC . -25.97 53.63 10.37
C2 UNL BC . -27.19 54.31 9.86
C1 UNL BC . -27.34 55.75 10.37
C UNL BC . -26.03 56.55 10.40
C21 UNL CC . -29.80 14.22 24.02
C20 UNL CC . -29.32 14.12 25.33
C19 UNL CC . -28.97 12.70 25.70
C18 UNL CC . -28.96 11.77 24.51
C17 UNL CC . -27.86 10.73 24.47
C16 UNL CC . -26.71 11.00 25.35
C15 UNL CC . -25.45 10.37 24.94
C14 UNL CC . -24.37 10.82 25.80
C13 UNL CC . -24.71 12.04 26.72
C12 UNL CC . -23.72 12.29 27.82
C11 UNL CC . -24.38 12.37 29.08
C10 UNL CC . -25.76 12.89 29.01
C9 UNL CC . -26.11 13.81 30.10
C8 UNL CC . -27.24 13.42 31.03
C7 UNL CC . -27.22 14.23 32.27
C6 UNL CC . -27.71 13.59 33.52
C5 UNL CC . -26.69 13.02 34.51
C4 UNL CC . -26.78 13.68 35.86
C3 UNL CC . -26.37 12.88 37.06
C2 UNL CC . -26.57 13.69 38.35
C1 UNL CC . -26.38 12.94 39.67
C UNL CC . -25.09 12.27 39.83
C9 UNL DC . -23.49 10.47 36.62
C8 UNL DC . -23.52 11.67 37.54
C7 UNL DC . -22.25 11.84 38.25
C6 UNL DC . -21.15 11.16 37.60
C5 UNL DC . -20.02 12.02 37.34
C4 UNL DC . -19.19 12.08 38.52
C3 UNL DC . -18.05 11.29 38.40
C2 UNL DC . -17.08 11.92 37.58
C1 UNL DC . -16.81 11.18 36.34
C UNL DC . -18.00 10.93 35.67
C21 UNL EC . -21.70 -24.24 14.19
C20 UNL EC . -20.49 -24.34 14.77
C19 UNL EC . -20.68 -25.04 16.06
C18 UNL EC . -20.94 -24.11 17.19
C17 UNL EC . -20.81 -24.70 18.51
C16 UNL EC . -20.44 -23.72 19.57
C15 UNL EC . -18.99 -23.48 19.60
C14 UNL EC . -18.52 -22.23 20.17
C13 UNL EC . -17.86 -22.39 21.55
C12 UNL EC . -16.37 -22.05 21.57
C11 UNL EC . -15.80 -21.42 22.86
C10 UNL EC . -14.34 -21.77 23.16
C9 UNL EC . -13.20 -20.74 22.87
C8 UNL EC . -11.96 -20.90 23.76
C7 UNL EC . -10.58 -20.63 23.15
C6 UNL EC . -9.95 -19.26 23.43
C5 UNL EC . -9.37 -18.98 24.80
C4 UNL EC . -8.75 -17.59 24.93
C3 UNL EC . -8.01 -17.26 26.21
C2 UNL EC . -6.77 -16.44 25.99
C1 UNL EC . -6.97 -14.96 26.32
C UNL EC . -6.34 -14.53 27.53
C17 UNL FC . -21.92 -22.38 21.39
C16 UNL FC . -21.09 -21.39 22.17
C15 UNL FC . -21.87 -20.29 22.76
C14 UNL FC . -21.21 -19.69 23.96
C13 UNL FC . -20.83 -18.26 23.79
C12 UNL FC . -21.99 -17.28 24.00
C11 UNL FC . -21.61 -15.94 24.55
C10 UNL FC . -20.21 -15.88 25.03
C9 UNL FC . -19.70 -14.50 25.09
C8 UNL FC . -19.22 -14.07 26.44
C7 UNL FC . -19.94 -12.86 26.96
C6 UNL FC . -19.82 -12.57 28.43
C17 UNL GC . -27.61 -22.32 23.46
C16 UNL GC . -26.95 -21.06 22.94
C15 UNL GC . -26.37 -20.19 24.03
C14 UNL GC . -27.07 -18.91 24.30
C13 UNL GC . -26.15 -17.71 24.18
C12 UNL GC . -25.94 -16.87 25.41
C11 UNL GC . -26.78 -15.58 25.47
C10 UNL GC . -26.11 -14.44 24.81
C9 UNL GC . -26.02 -13.20 25.60
C8 UNL GC . -24.73 -13.17 26.39
C7 UNL GC . -24.45 -11.99 27.38
C6 UNL GC . -23.08 -12.12 28.08
C1 LYC HC . -21.88 28.50 30.13
C2 LYC HC . -22.73 27.35 30.25
C3 LYC HC . -22.68 26.66 31.55
C4 LYC HC . -23.36 27.23 29.08
C5 LYC HC . -24.26 26.37 28.29
C6 LYC HC . -23.80 25.92 26.92
C7 LYC HC . -24.48 26.39 25.64
C8 LYC HC . -25.87 26.83 25.76
C9 LYC HC . -24.08 26.54 24.36
C10 LYC HC . -22.90 26.25 23.67
C11 LYC HC . -22.47 26.41 22.42
C12 LYC HC . -22.88 26.99 21.21
C13 LYC HC . -24.18 27.57 21.07
C14 LYC HC . -22.23 27.08 20.09
C15 LYC HC . -21.01 26.69 19.41
C16 LYC HC . -21.12 27.07 18.19
C17 LYC HC . -20.55 27.03 16.84
C18 LYC HC . -21.65 27.20 15.90
C19 LYC HC . -19.32 26.88 16.44
C20 LYC HC . -18.51 26.82 15.23
C21 LYC HC . -18.50 26.56 13.96
C50 LYC HC . -17.15 26.65 13.40
C51 LYC HC . -16.31 26.48 12.33
C52 LYC HC . -14.90 26.64 12.70
C53 LYC HC . -16.38 26.19 10.88
C54 LYC HC . -15.35 25.67 10.17
C55 LYC HC . -15.48 25.32 8.76
C56 LYC HC . -14.58 24.93 7.85
C57 LYC HC . -13.17 24.87 8.31
C58 LYC HC . -15.04 24.48 6.51
C59 LYC HC . -14.66 23.32 6.04
C60 LYC HC . -15.07 22.64 4.80
C61 LYC HC . -14.42 21.88 3.91
C62 LYC HC . -15.22 21.30 2.86
C63 LYC HC . -12.95 21.61 3.80
C64 LYC HC . -12.63 20.24 4.19
C65 LYC HC . -12.73 20.05 5.66
C66 LYC HC . -11.88 19.56 6.56
C67 LYC HC . -10.54 19.11 6.23
C68 LYC HC . -12.31 19.53 7.95
FE HEC IC . -22.27 -4.30 -28.36
CHA HEC IC . -20.61 -6.48 -26.67
CHB HEC IC . -23.07 -2.49 -25.71
CHC HEC IC . -23.69 -1.77 -30.37
CHD HEC IC . -22.14 -6.21 -31.08
NA HEC IC . -21.84 -4.46 -26.32
C1A HEC IC . -21.20 -5.43 -25.79
C2A HEC IC . -21.17 -5.30 -24.36
C3A HEC IC . -21.88 -4.07 -24.13
C4A HEC IC . -22.29 -3.67 -25.45
CMA HEC IC . -22.17 -3.36 -22.85
CAA HEC IC . -20.56 -6.12 -23.32
CBA HEC IC . -19.26 -5.60 -23.11
CGA HEC IC . -18.50 -6.11 -22.02
O1A HEC IC . -17.61 -5.63 -21.64
O2A HEC IC . -18.56 -7.05 -21.51
NB HEC IC . -23.26 -2.40 -28.10
C1B HEC IC . -23.44 -1.86 -26.94
C2B HEC IC . -24.05 -0.63 -26.99
C3B HEC IC . -24.17 -0.47 -28.43
C4B HEC IC . -23.70 -1.61 -28.96
CMB HEC IC . -24.42 0.24 -25.86
CAB HEC IC . -24.80 0.61 -29.18
CBB HEC IC . -24.47 1.87 -28.60
NC HEC IC . -22.81 -4.02 -30.35
C1C HEC IC . -23.43 -2.96 -31.01
C2C HEC IC . -23.62 -3.16 -32.44
C3C HEC IC . -23.08 -4.45 -32.52
C4C HEC IC . -22.64 -4.95 -31.29
CMC HEC IC . -24.18 -2.19 -33.39
CAC HEC IC . -22.99 -5.41 -33.55
CBC HEC IC . -22.69 -4.91 -34.80
ND HEC IC . -21.38 -6.21 -28.88
C1D HEC IC . -21.46 -6.79 -30.06
C2D HEC IC . -20.76 -8.03 -30.02
C3D HEC IC . -20.30 -8.06 -28.70
C4D HEC IC . -20.79 -6.93 -28.00
CMD HEC IC . -20.45 -8.98 -31.08
CAD HEC IC . -19.54 -9.13 -28.10
CBD HEC IC . -18.20 -8.58 -27.72
CGD HEC IC . -17.14 -9.55 -27.48
O1D HEC IC . -16.90 -9.98 -26.43
O2D HEC IC . -16.50 -10.05 -28.30
C11 UNL JC . -14.03 21.99 -1.09
C10 UNL JC . -12.74 21.25 -0.76
C9 UNL JC . -11.55 22.17 -0.52
C8 UNL JC . -10.22 21.58 -0.98
C7 UNL JC . -9.30 21.18 0.17
C6 UNL JC . -7.89 21.74 0.04
C5 UNL JC . -7.14 21.79 1.36
C4 UNL JC . -5.65 21.54 1.22
C13 UNL KC . -16.17 1.44 44.15
C12 UNL KC . -15.25 2.12 43.17
C11 UNL KC . -15.90 2.58 41.92
C10 UNL KC . -15.13 2.28 40.70
C9 UNL KC . -15.43 3.27 39.70
C8 UNL KC . -14.83 3.07 38.38
C7 UNL KC . -15.70 2.52 37.38
C6 UNL KC . -15.50 3.19 36.17
C5 UNL KC . -16.13 2.56 34.96
C4 UNL KC . -15.09 2.37 33.98
C3 UNL KC . -14.56 3.60 33.41
C2 UNL KC . -14.45 3.56 31.94
C1 UNL KC . -13.34 4.35 31.35
C UNL KC . -12.18 3.50 31.12
C17 UNL LC . -27.72 -8.49 27.64
C16 UNL LC . -27.52 -7.75 28.94
C15 UNL LC . -28.20 -6.41 29.04
C14 UNL LC . -27.32 -5.25 28.79
C13 UNL LC . -27.74 -4.01 29.48
C12 UNL LC . -27.48 -3.94 30.93
C11 UNL LC . -27.90 -2.61 31.51
C10 UNL LC . -26.83 -1.59 31.39
C9 UNL LC . -27.20 -0.32 31.96
C8 UNL LC . -27.55 -0.46 33.42
C7 UNL LC . -27.03 0.66 34.34
C6 UNL LC . -26.67 0.24 35.78
C8 85N MC . 1.69 -23.24 16.48
C5 85N MC . 3.79 -20.44 16.36
C6 85N MC . 2.40 -20.91 16.49
O6 85N MC . -4.87 -31.13 17.67
N1 85N MC . -0.40 -36.50 19.36
C2 85N MC . 5.47 -18.98 17.54
C4 85N MC . 4.04 -19.16 17.06
C1 85N MC . 5.52 -18.14 18.80
C3 85N MC . 6.35 -18.39 16.46
C7 85N MC . 2.11 -22.09 15.67
C9 85N MC . 0.47 -22.98 17.23
C10 85N MC . -0.34 -24.17 17.46
C11 85N MC . 0.41 -25.29 18.05
C12 85N MC . -0.48 -26.40 18.44
C13 85N MC . 0.25 -27.54 19.10
C14 85N MC . -0.03 -28.83 18.44
C15 85N MC . -1.29 -29.47 18.90
O1 85N MC . -1.49 -30.01 19.94
O2 85N MC . -2.22 -29.42 17.97
C16 85N MC . -2.55 -30.66 17.32
C17 85N MC . -3.53 -31.34 18.19
O3 85N MC . -3.20 -32.68 18.02
C18 85N MC . -2.28 -33.20 18.97
C19 85N MC . -1.56 -34.39 18.38
C20 85N MC . -0.54 -34.98 19.35
C21 85N MC . -0.54 -37.00 17.98
C22 85N MC . -1.47 -37.09 20.20
C23 85N MC . 0.91 -36.93 19.91
C24 85N MC . -0.82 -33.94 17.13
O4 85N MC . 0.02 -34.70 16.67
O5 85N MC . -1.06 -32.82 16.67
C25 85N MC . -5.05 -31.12 16.35
O7 85N MC . -4.43 -31.78 15.58
C26 85N MC . -6.12 -30.20 15.90
C27 85N MC . -6.62 -30.51 14.54
C28 85N MC . -7.31 -29.35 13.90
C29 85N MC . -8.68 -29.65 13.32
C30 85N MC . -9.20 -31.03 13.59
#